data_1Q51
#
_entry.id   1Q51
#
_cell.length_a   90.401
_cell.length_b   139.389
_cell.length_c   142.041
_cell.angle_alpha   90.00
_cell.angle_beta   97.31
_cell.angle_gamma   90.00
#
_symmetry.space_group_name_H-M   'P 1 21 1'
#
loop_
_entity.id
_entity.type
_entity.pdbx_description
1 polymer menB
2 non-polymer 'ACETOACETYL-COENZYME A'
3 water water
#
_entity_poly.entity_id   1
_entity_poly.type   'polypeptide(L)'
_entity_poly.pdbx_seq_one_letter_code
;MVAPAGEQGRSSTALSDNPFDAKAWRLVDGFDDLTDITYHRHVDDATVRVAFNRPEVRNAFRPHTVDELYRVLDHARMSP
DVGVVLLTGNGPSPKDGGWAFCSGGDQRIRGRSGYQYASGDTADTVDVARAGRLHILEVQRLIRFMPKVVICLVNGWAAG
GGHSLHVVCDLTLASREYARFKQTDADVGSFDGGYGSAYLARQVGQKFAREIFFLGRTYTAEQMHQMGAVNAVAEHAELE
TVGLQWAAEINAKSPQAQRMLKFAFNLLDDGLVGQQLFAGEATRLAYMTDEAVEGRDAFLQKRPPDWSPFPRYF
;
_entity_poly.pdbx_strand_id   A,B,C,D,E,F,G,H,I,J,K,L
#
loop_
_chem_comp.id
_chem_comp.type
_chem_comp.name
_chem_comp.formula
CAA non-polymer 'ACETOACETYL-COENZYME A' 'C25 H40 N7 O18 P3 S'
#
# COMPACT_ATOMS: atom_id res chain seq x y z
N ASN A 18 -58.39 -25.35 -39.61
CA ASN A 18 -57.45 -25.64 -38.47
C ASN A 18 -56.00 -25.92 -38.90
N PRO A 19 -55.06 -25.11 -38.39
CA PRO A 19 -53.64 -25.24 -38.78
C PRO A 19 -53.05 -26.61 -38.40
N PHE A 20 -53.55 -27.18 -37.29
CA PHE A 20 -53.04 -28.46 -36.76
C PHE A 20 -53.36 -29.68 -37.62
N ASP A 21 -52.31 -30.33 -38.13
CA ASP A 21 -52.44 -31.58 -38.85
C ASP A 21 -51.99 -32.74 -37.95
N ALA A 22 -52.98 -33.41 -37.35
CA ALA A 22 -52.72 -34.54 -36.43
C ALA A 22 -51.81 -35.64 -36.97
N LYS A 23 -51.92 -35.93 -38.26
CA LYS A 23 -51.09 -36.98 -38.84
C LYS A 23 -49.60 -36.66 -38.81
N ALA A 24 -49.22 -35.39 -38.63
CA ALA A 24 -47.81 -35.00 -38.71
C ALA A 24 -47.07 -35.09 -37.36
N TRP A 25 -47.84 -35.24 -36.28
CA TRP A 25 -47.30 -35.10 -34.93
C TRP A 25 -47.53 -36.33 -34.03
N ARG A 26 -46.53 -36.65 -33.21
CA ARG A 26 -46.69 -37.66 -32.16
C ARG A 26 -46.37 -37.00 -30.82
N LEU A 27 -47.05 -37.45 -29.77
CA LEU A 27 -46.78 -36.96 -28.43
C LEU A 27 -45.36 -37.31 -27.97
N VAL A 28 -44.83 -36.49 -27.07
CA VAL A 28 -43.49 -36.73 -26.56
C VAL A 28 -43.63 -37.55 -25.30
N ASP A 29 -42.79 -38.57 -25.15
CA ASP A 29 -42.89 -39.49 -24.01
C ASP A 29 -42.56 -38.75 -22.73
N GLY A 30 -43.41 -38.93 -21.72
CA GLY A 30 -43.09 -38.43 -20.38
C GLY A 30 -43.86 -37.18 -20.02
N PHE A 31 -44.78 -36.79 -20.88
CA PHE A 31 -45.52 -35.54 -20.67
C PHE A 31 -47.03 -35.73 -20.70
N ASP A 32 -47.49 -36.88 -20.24
CA ASP A 32 -48.92 -37.19 -20.25
C ASP A 32 -49.68 -36.42 -19.17
N ASP A 33 -48.96 -35.87 -18.18
CA ASP A 33 -49.57 -35.02 -17.15
C ASP A 33 -49.83 -33.54 -17.57
N LEU A 34 -49.49 -33.16 -18.80
CA LEU A 34 -49.63 -31.76 -19.25
C LEU A 34 -51.11 -31.37 -19.34
N THR A 35 -51.50 -30.29 -18.67
CA THR A 35 -52.87 -29.76 -18.78
C THR A 35 -53.01 -28.47 -19.61
N ASP A 36 -52.07 -27.51 -19.47
CA ASP A 36 -52.19 -26.20 -20.13
C ASP A 36 -51.34 -26.02 -21.38
N ILE A 37 -50.61 -27.06 -21.76
CA ILE A 37 -49.65 -26.96 -22.86
C ILE A 37 -49.71 -28.30 -23.56
N THR A 38 -49.53 -28.34 -24.89
CA THR A 38 -49.26 -29.62 -25.54
C THR A 38 -47.89 -29.63 -26.18
N TYR A 39 -47.36 -30.84 -26.36
CA TYR A 39 -45.98 -31.04 -26.78
C TYR A 39 -45.89 -32.22 -27.73
N HIS A 40 -45.57 -31.96 -28.99
CA HIS A 40 -45.49 -32.97 -30.01
C HIS A 40 -44.12 -32.94 -30.68
N ARG A 41 -43.68 -34.09 -31.15
CA ARG A 41 -42.52 -34.19 -31.99
C ARG A 41 -43.05 -34.57 -33.36
N HIS A 42 -42.47 -34.03 -34.41
CA HIS A 42 -42.92 -34.35 -35.75
C HIS A 42 -42.54 -35.79 -36.11
N VAL A 43 -43.33 -36.41 -36.98
CA VAL A 43 -43.15 -37.83 -37.30
C VAL A 43 -41.85 -38.13 -38.02
N ASP A 44 -41.35 -37.16 -38.81
CA ASP A 44 -40.07 -37.31 -39.50
C ASP A 44 -38.97 -36.32 -39.12
N ASP A 45 -39.36 -35.04 -38.98
CA ASP A 45 -38.41 -33.92 -38.91
C ASP A 45 -37.94 -33.69 -37.52
N ALA A 46 -36.79 -33.03 -37.41
CA ALA A 46 -36.22 -32.63 -36.12
C ALA A 46 -36.90 -31.34 -35.61
N THR A 47 -38.21 -31.41 -35.45
CA THR A 47 -39.03 -30.26 -35.09
C THR A 47 -40.08 -30.60 -34.07
N VAL A 48 -40.26 -29.76 -33.04
CA VAL A 48 -41.29 -29.94 -32.03
C VAL A 48 -42.34 -28.86 -32.10
N ARG A 49 -43.53 -29.18 -31.59
CA ARG A 49 -44.66 -28.26 -31.57
C ARG A 49 -45.04 -28.07 -30.11
N VAL A 50 -44.94 -26.83 -29.65
CA VAL A 50 -45.21 -26.50 -28.26
C VAL A 50 -46.33 -25.46 -28.34
N ALA A 51 -47.41 -25.70 -27.59
CA ALA A 51 -48.63 -24.95 -27.84
C ALA A 51 -49.40 -24.67 -26.58
N PHE A 52 -49.80 -23.41 -26.39
CA PHE A 52 -50.74 -23.13 -25.31
C PHE A 52 -52.03 -23.93 -25.57
N ASN A 53 -52.60 -24.45 -24.49
CA ASN A 53 -53.77 -25.32 -24.60
C ASN A 53 -54.89 -24.91 -23.66
N ARG A 54 -55.18 -23.62 -23.58
CA ARG A 54 -56.36 -23.14 -22.87
C ARG A 54 -57.13 -22.20 -23.81
N PRO A 55 -57.57 -22.72 -24.95
CA PRO A 55 -58.31 -21.88 -25.91
C PRO A 55 -59.54 -21.18 -25.33
N GLU A 56 -60.14 -21.72 -24.25
CA GLU A 56 -61.35 -21.13 -23.64
C GLU A 56 -61.06 -19.78 -23.03
N VAL A 57 -59.80 -19.53 -22.66
CA VAL A 57 -59.43 -18.23 -22.08
C VAL A 57 -58.43 -17.49 -22.96
N ARG A 58 -58.53 -17.73 -24.27
CA ARG A 58 -57.70 -17.04 -25.26
C ARG A 58 -56.22 -17.35 -25.00
N ASN A 59 -56.00 -18.60 -24.55
CA ASN A 59 -54.67 -19.14 -24.29
C ASN A 59 -53.82 -18.32 -23.35
N ALA A 60 -54.46 -17.64 -22.41
CA ALA A 60 -53.81 -16.96 -21.30
C ALA A 60 -53.03 -17.94 -20.47
N PHE A 61 -51.88 -17.51 -19.94
CA PHE A 61 -51.07 -18.39 -19.10
C PHE A 61 -51.24 -18.07 -17.62
N ARG A 62 -51.48 -19.11 -16.82
CA ARG A 62 -51.52 -18.98 -15.36
C ARG A 62 -50.18 -19.57 -14.87
N PRO A 63 -49.82 -19.37 -13.61
CA PRO A 63 -48.52 -19.86 -13.13
C PRO A 63 -48.26 -21.34 -13.49
N HIS A 64 -49.28 -22.19 -13.43
CA HIS A 64 -49.11 -23.61 -13.81
C HIS A 64 -48.78 -23.76 -15.30
N THR A 65 -49.37 -22.91 -16.15
CA THR A 65 -49.01 -22.88 -17.59
C THR A 65 -47.51 -22.57 -17.82
N VAL A 66 -47.01 -21.54 -17.14
CA VAL A 66 -45.60 -21.17 -17.27
C VAL A 66 -44.68 -22.31 -16.82
N ASP A 67 -45.01 -22.95 -15.70
CA ASP A 67 -44.29 -24.14 -15.24
C ASP A 67 -44.17 -25.15 -16.34
N GLU A 68 -45.29 -25.48 -16.97
CA GLU A 68 -45.26 -26.53 -18.00
C GLU A 68 -44.53 -26.01 -19.24
N LEU A 69 -44.79 -24.75 -19.60
CA LEU A 69 -44.11 -24.17 -20.78
C LEU A 69 -42.58 -24.22 -20.59
N TYR A 70 -42.11 -23.81 -19.41
CA TYR A 70 -40.70 -23.93 -19.09
C TYR A 70 -40.15 -25.37 -19.19
N ARG A 71 -40.82 -26.33 -18.53
CA ARG A 71 -40.34 -27.73 -18.55
C ARG A 71 -40.25 -28.24 -19.98
N VAL A 72 -41.29 -27.96 -20.76
CA VAL A 72 -41.36 -28.42 -22.14
C VAL A 72 -40.26 -27.80 -23.02
N LEU A 73 -40.13 -26.47 -22.97
CA LEU A 73 -39.07 -25.79 -23.73
C LEU A 73 -37.69 -26.24 -23.29
N ASP A 74 -37.54 -26.45 -21.98
CA ASP A 74 -36.28 -26.95 -21.41
C ASP A 74 -35.98 -28.34 -21.96
N HIS A 75 -37.01 -29.19 -22.01
CA HIS A 75 -36.83 -30.53 -22.56
C HIS A 75 -36.44 -30.46 -24.04
N ALA A 76 -37.08 -29.56 -24.77
CA ALA A 76 -36.73 -29.45 -26.19
C ALA A 76 -35.30 -28.94 -26.37
N ARG A 77 -34.88 -28.05 -25.48
CA ARG A 77 -33.52 -27.53 -25.53
C ARG A 77 -32.49 -28.64 -25.37
N MET A 78 -32.78 -29.57 -24.47
CA MET A 78 -31.84 -30.67 -24.19
C MET A 78 -32.00 -31.88 -25.11
N SER A 79 -32.95 -31.84 -26.04
CA SER A 79 -33.14 -32.92 -27.01
C SER A 79 -32.20 -32.80 -28.22
N PRO A 80 -31.18 -33.65 -28.28
CA PRO A 80 -30.12 -33.53 -29.28
C PRO A 80 -30.62 -33.72 -30.72
N ASP A 81 -31.80 -34.30 -30.84
CA ASP A 81 -32.37 -34.71 -32.13
C ASP A 81 -33.47 -33.71 -32.56
N VAL A 82 -33.60 -32.61 -31.83
CA VAL A 82 -34.55 -31.53 -32.13
C VAL A 82 -33.75 -30.27 -32.54
N GLY A 83 -34.03 -29.76 -33.72
CA GLY A 83 -33.36 -28.57 -34.22
C GLY A 83 -34.17 -27.28 -34.09
N VAL A 84 -35.50 -27.39 -34.13
CA VAL A 84 -36.41 -26.24 -34.25
C VAL A 84 -37.61 -26.40 -33.32
N VAL A 85 -38.00 -25.31 -32.68
CA VAL A 85 -39.18 -25.32 -31.82
C VAL A 85 -40.22 -24.42 -32.49
N LEU A 86 -41.41 -24.96 -32.70
CA LEU A 86 -42.52 -24.21 -33.23
C LEU A 86 -43.43 -23.92 -32.03
N LEU A 87 -43.57 -22.64 -31.72
CA LEU A 87 -44.30 -22.21 -30.55
C LEU A 87 -45.59 -21.54 -31.01
N THR A 88 -46.72 -22.04 -30.52
CA THR A 88 -48.00 -21.70 -31.08
C THR A 88 -49.10 -21.87 -30.03
N GLY A 89 -50.35 -21.74 -30.48
CA GLY A 89 -51.50 -21.80 -29.57
C GLY A 89 -52.53 -22.70 -30.22
N ASN A 90 -53.14 -23.57 -29.42
CA ASN A 90 -54.18 -24.44 -29.97
C ASN A 90 -55.52 -23.72 -30.00
N GLY A 91 -56.40 -24.08 -30.94
CA GLY A 91 -57.76 -23.57 -30.95
C GLY A 91 -58.68 -24.29 -31.92
N PRO A 92 -59.86 -23.72 -32.19
CA PRO A 92 -60.28 -22.41 -31.67
C PRO A 92 -60.94 -22.52 -30.32
N SER A 93 -61.48 -21.42 -29.81
CA SER A 93 -62.21 -21.47 -28.55
C SER A 93 -63.50 -22.29 -28.74
N PRO A 94 -63.71 -23.33 -27.92
CA PRO A 94 -64.96 -24.10 -28.02
C PRO A 94 -66.15 -23.22 -27.61
N LYS A 95 -65.91 -22.15 -26.85
CA LYS A 95 -66.99 -21.25 -26.43
C LYS A 95 -67.46 -20.32 -27.55
N ASP A 96 -66.52 -19.67 -28.25
CA ASP A 96 -66.91 -18.63 -29.22
C ASP A 96 -66.26 -18.71 -30.61
N GLY A 97 -65.44 -19.72 -30.83
CA GLY A 97 -64.84 -19.93 -32.14
C GLY A 97 -63.65 -19.02 -32.45
N GLY A 98 -63.25 -18.19 -31.47
CA GLY A 98 -62.18 -17.24 -31.67
C GLY A 98 -60.80 -17.89 -31.52
N TRP A 99 -59.82 -17.32 -32.21
CA TRP A 99 -58.48 -17.86 -32.23
C TRP A 99 -57.48 -17.05 -31.42
N ALA A 100 -56.58 -17.75 -30.71
CA ALA A 100 -55.54 -17.09 -29.94
C ALA A 100 -54.19 -17.82 -29.99
N PHE A 101 -53.11 -17.08 -30.16
CA PHE A 101 -51.79 -17.60 -29.83
C PHE A 101 -51.68 -17.60 -28.30
N CYS A 102 -51.78 -16.42 -27.71
CA CYS A 102 -51.61 -16.26 -26.27
C CYS A 102 -52.06 -14.88 -25.88
N SER A 103 -52.87 -14.77 -24.83
CA SER A 103 -53.42 -13.47 -24.44
C SER A 103 -52.70 -12.88 -23.23
N GLY A 104 -51.55 -13.42 -22.88
CA GLY A 104 -50.82 -12.99 -21.70
C GLY A 104 -51.20 -13.67 -20.41
N GLY A 105 -50.88 -13.02 -19.30
CA GLY A 105 -51.08 -13.57 -17.99
C GLY A 105 -52.55 -13.67 -17.69
N ASP A 106 -52.95 -14.80 -17.09
CA ASP A 106 -54.31 -15.02 -16.61
C ASP A 106 -54.69 -14.01 -15.55
N GLN A 107 -55.75 -13.27 -15.80
CA GLN A 107 -56.19 -12.16 -14.94
C GLN A 107 -57.42 -12.52 -14.10
N LEU A 134 -43.31 -13.31 -13.13
CA LEU A 134 -41.86 -13.29 -13.35
C LEU A 134 -41.28 -14.64 -13.78
N HIS A 135 -42.06 -15.72 -13.64
CA HIS A 135 -41.63 -17.02 -14.11
C HIS A 135 -41.57 -16.91 -15.66
N ILE A 136 -42.41 -16.07 -16.25
CA ILE A 136 -42.40 -15.89 -17.72
C ILE A 136 -41.11 -15.19 -18.25
N LEU A 137 -40.48 -14.35 -17.43
CA LEU A 137 -39.18 -13.82 -17.77
C LEU A 137 -38.15 -14.93 -17.95
N GLU A 138 -38.25 -15.96 -17.11
CA GLU A 138 -37.44 -17.19 -17.23
C GLU A 138 -37.69 -17.91 -18.53
N VAL A 139 -38.93 -17.93 -18.97
CA VAL A 139 -39.22 -18.62 -20.24
C VAL A 139 -38.64 -17.84 -21.39
N GLN A 140 -38.83 -16.52 -21.33
CA GLN A 140 -38.23 -15.59 -22.30
C GLN A 140 -36.74 -15.88 -22.46
N ARG A 141 -36.03 -16.03 -21.34
CA ARG A 141 -34.60 -16.30 -21.36
C ARG A 141 -34.26 -17.67 -21.91
N LEU A 142 -35.10 -18.67 -21.60
CA LEU A 142 -34.91 -20.00 -22.17
C LEU A 142 -35.04 -19.98 -23.69
N ILE A 143 -36.04 -19.25 -24.21
CA ILE A 143 -36.13 -19.14 -25.67
C ILE A 143 -34.91 -18.39 -26.27
N ARG A 144 -34.51 -17.33 -25.58
CA ARG A 144 -33.43 -16.48 -26.06
C ARG A 144 -32.11 -17.23 -26.07
N PHE A 145 -31.86 -18.03 -25.02
CA PHE A 145 -30.54 -18.65 -24.89
C PHE A 145 -30.44 -20.01 -25.52
N MET A 146 -31.57 -20.65 -25.86
CA MET A 146 -31.46 -22.03 -26.34
C MET A 146 -30.77 -22.03 -27.68
N PRO A 147 -29.85 -22.97 -27.87
CA PRO A 147 -29.07 -23.10 -29.11
C PRO A 147 -29.85 -23.66 -30.29
N LYS A 148 -31.15 -23.37 -30.36
CA LYS A 148 -31.95 -23.79 -31.51
C LYS A 148 -32.89 -22.64 -31.89
N VAL A 149 -33.28 -22.59 -33.16
CA VAL A 149 -34.25 -21.61 -33.65
C VAL A 149 -35.67 -21.85 -33.11
N VAL A 150 -36.24 -20.82 -32.48
CA VAL A 150 -37.64 -20.82 -32.04
C VAL A 150 -38.47 -19.94 -32.95
N ILE A 151 -39.46 -20.56 -33.61
CA ILE A 151 -40.41 -19.91 -34.50
C ILE A 151 -41.74 -19.79 -33.78
N CYS A 152 -42.21 -18.55 -33.61
CA CYS A 152 -43.55 -18.34 -33.09
C CYS A 152 -44.54 -18.38 -34.24
N LEU A 153 -45.57 -19.21 -34.11
CA LEU A 153 -46.62 -19.26 -35.14
C LEU A 153 -47.83 -18.62 -34.51
N VAL A 154 -48.06 -17.35 -34.87
CA VAL A 154 -49.14 -16.57 -34.27
C VAL A 154 -50.37 -16.87 -35.06
N ASN A 155 -51.25 -17.67 -34.43
CA ASN A 155 -52.43 -18.25 -35.09
C ASN A 155 -53.69 -17.55 -34.62
N GLY A 156 -53.56 -16.52 -33.81
CA GLY A 156 -54.70 -15.78 -33.31
C GLY A 156 -54.20 -14.55 -32.57
N TRP A 157 -54.98 -14.06 -31.61
CA TRP A 157 -54.58 -13.01 -30.71
C TRP A 157 -53.22 -13.30 -30.09
N ALA A 158 -52.39 -12.26 -30.04
CA ALA A 158 -51.12 -12.28 -29.36
C ALA A 158 -51.13 -10.96 -28.60
N ALA A 159 -51.47 -11.00 -27.30
CA ALA A 159 -51.63 -9.80 -26.48
C ALA A 159 -50.87 -9.90 -25.20
N GLY A 160 -50.48 -8.72 -24.69
CA GLY A 160 -49.68 -8.58 -23.49
C GLY A 160 -48.47 -9.51 -23.51
N GLY A 161 -48.34 -10.31 -22.45
CA GLY A 161 -47.25 -11.28 -22.34
C GLY A 161 -47.13 -12.16 -23.55
N GLY A 162 -48.25 -12.45 -24.18
CA GLY A 162 -48.26 -13.32 -25.34
C GLY A 162 -47.63 -12.64 -26.52
N HIS A 163 -47.87 -11.32 -26.63
CA HIS A 163 -47.22 -10.50 -27.64
C HIS A 163 -45.70 -10.56 -27.40
N SER A 164 -45.32 -10.36 -26.14
CA SER A 164 -43.92 -10.35 -25.78
C SER A 164 -43.23 -11.70 -26.03
N LEU A 165 -43.92 -12.83 -25.85
CA LEU A 165 -43.35 -14.11 -26.25
C LEU A 165 -43.03 -14.14 -27.72
N HIS A 166 -43.91 -13.62 -28.54
CA HIS A 166 -43.69 -13.65 -29.98
C HIS A 166 -42.46 -12.74 -30.32
N VAL A 167 -42.33 -11.63 -29.62
CA VAL A 167 -41.24 -10.71 -29.87
C VAL A 167 -39.88 -11.38 -29.65
N VAL A 168 -39.76 -12.15 -28.56
CA VAL A 168 -38.46 -12.72 -28.20
C VAL A 168 -38.08 -13.95 -29.04
N CYS A 169 -39.05 -14.57 -29.72
CA CYS A 169 -38.71 -15.71 -30.56
C CYS A 169 -37.84 -15.25 -31.72
N ASP A 170 -37.07 -16.17 -32.28
CA ASP A 170 -36.14 -15.87 -33.36
C ASP A 170 -36.86 -15.44 -34.62
N LEU A 171 -37.94 -16.15 -34.94
CA LEU A 171 -38.72 -15.84 -36.12
C LEU A 171 -40.17 -15.86 -35.79
N THR A 172 -41.00 -15.18 -36.60
CA THR A 172 -42.44 -15.19 -36.41
C THR A 172 -43.14 -15.36 -37.75
N LEU A 173 -44.01 -16.38 -37.83
CA LEU A 173 -44.91 -16.54 -38.98
C LEU A 173 -46.32 -16.28 -38.46
N ALA A 174 -47.17 -15.62 -39.24
CA ALA A 174 -48.47 -15.19 -38.71
C ALA A 174 -49.64 -15.56 -39.62
N SER A 175 -50.75 -15.95 -39.01
CA SER A 175 -51.95 -16.23 -39.75
C SER A 175 -52.59 -14.99 -40.35
N ARG A 176 -52.77 -15.02 -41.67
CA ARG A 176 -53.26 -13.83 -42.38
C ARG A 176 -54.61 -13.39 -41.83
N GLU A 177 -55.52 -14.34 -41.69
CA GLU A 177 -56.87 -13.97 -41.34
C GLU A 177 -57.10 -13.84 -39.86
N TYR A 178 -56.24 -14.46 -39.04
CA TYR A 178 -56.55 -14.44 -37.61
C TYR A 178 -55.50 -13.84 -36.69
N ALA A 179 -54.26 -13.68 -37.15
CA ALA A 179 -53.23 -13.09 -36.26
C ALA A 179 -53.70 -11.67 -35.87
N ARG A 180 -53.72 -11.39 -34.57
CA ARG A 180 -53.97 -10.04 -34.12
C ARG A 180 -52.93 -9.69 -33.05
N PHE A 181 -52.19 -8.62 -33.30
CA PHE A 181 -51.13 -8.20 -32.40
C PHE A 181 -51.59 -6.99 -31.63
N LYS A 182 -51.58 -7.06 -30.30
CA LYS A 182 -52.08 -5.97 -29.48
C LYS A 182 -51.33 -5.95 -28.17
N GLN A 183 -50.60 -4.87 -27.94
CA GLN A 183 -49.85 -4.71 -26.72
C GLN A 183 -50.65 -3.88 -25.72
N THR A 184 -51.33 -4.64 -24.86
CA THR A 184 -52.35 -4.15 -23.95
C THR A 184 -51.80 -3.77 -22.57
N ASP A 185 -50.52 -4.07 -22.30
CA ASP A 185 -49.91 -3.87 -20.97
C ASP A 185 -50.36 -2.57 -20.25
N ALA A 186 -50.13 -1.42 -20.88
CA ALA A 186 -50.38 -0.12 -20.23
C ALA A 186 -51.87 0.13 -19.91
N ASP A 187 -52.75 -0.58 -20.61
CA ASP A 187 -54.19 -0.54 -20.33
C ASP A 187 -54.47 -0.95 -18.88
N VAL A 188 -53.77 -1.98 -18.41
CA VAL A 188 -53.97 -2.51 -17.07
C VAL A 188 -52.90 -2.06 -16.03
N GLY A 189 -52.07 -1.07 -16.40
CA GLY A 189 -51.07 -0.56 -15.48
C GLY A 189 -49.81 -1.40 -15.38
N SER A 190 -49.64 -2.30 -16.33
CA SER A 190 -48.46 -3.16 -16.45
C SER A 190 -47.52 -2.73 -17.62
N PHE A 191 -46.35 -3.34 -17.69
CA PHE A 191 -45.44 -3.13 -18.83
C PHE A 191 -44.41 -4.23 -18.84
N ASP A 192 -44.08 -4.74 -20.01
CA ASP A 192 -42.85 -5.51 -20.20
C ASP A 192 -41.75 -4.51 -20.63
N GLY A 193 -40.85 -4.22 -19.70
CA GLY A 193 -39.81 -3.22 -19.89
C GLY A 193 -38.53 -3.89 -20.36
N GLY A 194 -38.65 -5.11 -20.88
CA GLY A 194 -37.50 -5.88 -21.29
C GLY A 194 -37.49 -6.24 -22.75
N TYR A 195 -37.54 -7.54 -23.02
CA TYR A 195 -37.56 -7.99 -24.40
C TYR A 195 -38.82 -7.55 -25.13
N GLY A 196 -39.94 -7.50 -24.39
CA GLY A 196 -41.21 -7.19 -25.03
C GLY A 196 -41.16 -5.86 -25.77
N SER A 197 -40.42 -4.89 -25.20
CA SER A 197 -40.42 -3.51 -25.68
C SER A 197 -39.09 -3.14 -26.35
N ALA A 198 -38.01 -3.15 -25.58
CA ALA A 198 -36.70 -2.77 -26.13
C ALA A 198 -36.27 -3.67 -27.26
N TYR A 199 -36.59 -4.97 -27.17
CA TYR A 199 -36.16 -5.86 -28.27
C TYR A 199 -37.05 -5.73 -29.49
N LEU A 200 -38.32 -5.41 -29.27
CA LEU A 200 -39.21 -5.12 -30.38
C LEU A 200 -38.68 -3.92 -31.19
N ALA A 201 -38.17 -2.89 -30.50
CA ALA A 201 -37.57 -1.75 -31.19
C ALA A 201 -36.39 -2.16 -32.08
N ARG A 202 -35.72 -3.27 -31.78
CA ARG A 202 -34.63 -3.71 -32.67
C ARG A 202 -35.12 -4.59 -33.79
N GLN A 203 -36.45 -4.65 -33.97
CA GLN A 203 -37.05 -5.35 -35.07
C GLN A 203 -37.76 -4.35 -35.98
N VAL A 204 -38.59 -3.50 -35.38
CA VAL A 204 -39.43 -2.57 -36.10
C VAL A 204 -38.89 -1.11 -36.06
N GLY A 205 -37.86 -0.88 -35.24
CA GLY A 205 -37.31 0.44 -35.05
C GLY A 205 -38.03 1.18 -33.94
N GLN A 206 -37.40 2.25 -33.43
CA GLN A 206 -37.93 2.95 -32.27
C GLN A 206 -39.27 3.65 -32.46
N LYS A 207 -39.60 4.15 -33.64
CA LYS A 207 -40.88 4.84 -33.74
C LYS A 207 -42.02 3.82 -33.67
N PHE A 208 -41.94 2.75 -34.48
CA PHE A 208 -43.01 1.79 -34.52
C PHE A 208 -43.19 1.04 -33.19
N ALA A 209 -42.09 0.73 -32.50
CA ALA A 209 -42.19 0.05 -31.22
C ALA A 209 -42.86 0.91 -30.19
N ARG A 210 -42.50 2.19 -30.12
CA ARG A 210 -43.14 3.07 -29.17
C ARG A 210 -44.63 3.16 -29.48
N GLU A 211 -44.96 3.28 -30.75
CA GLU A 211 -46.38 3.32 -31.15
C GLU A 211 -47.16 2.07 -30.68
N ILE A 212 -46.57 0.89 -30.92
CA ILE A 212 -47.20 -0.37 -30.57
C ILE A 212 -47.57 -0.32 -29.10
N PHE A 213 -46.62 0.05 -28.23
CA PHE A 213 -46.89 0.10 -26.80
C PHE A 213 -47.73 1.28 -26.27
N PHE A 214 -47.46 2.51 -26.75
CA PHE A 214 -48.11 3.71 -26.23
C PHE A 214 -49.61 3.74 -26.56
N LEU A 215 -49.99 3.31 -27.76
CA LEU A 215 -51.40 3.33 -28.17
C LEU A 215 -52.14 2.02 -27.91
N GLY A 216 -51.42 0.88 -27.92
CA GLY A 216 -52.03 -0.40 -27.69
C GLY A 216 -53.06 -0.82 -28.74
N ARG A 217 -52.83 -0.44 -29.99
CA ARG A 217 -53.74 -0.77 -31.06
C ARG A 217 -53.55 -2.20 -31.51
N THR A 218 -54.51 -2.65 -32.28
CA THR A 218 -54.50 -4.01 -32.79
C THR A 218 -53.95 -3.93 -34.18
N TYR A 219 -52.98 -4.81 -34.49
CA TYR A 219 -52.43 -4.90 -35.85
C TYR A 219 -52.65 -6.28 -36.43
N THR A 220 -52.79 -6.31 -37.76
CA THR A 220 -52.88 -7.57 -38.48
C THR A 220 -51.49 -8.13 -38.75
N ALA A 221 -51.48 -9.38 -39.22
CA ALA A 221 -50.28 -10.03 -39.67
C ALA A 221 -49.49 -9.21 -40.69
N GLU A 222 -50.20 -8.69 -41.70
CA GLU A 222 -49.56 -7.98 -42.80
C GLU A 222 -48.95 -6.64 -42.33
N GLN A 223 -49.62 -5.97 -41.41
CA GLN A 223 -49.11 -4.73 -40.89
C GLN A 223 -47.83 -4.97 -40.08
N MET A 224 -47.83 -6.01 -39.22
CA MET A 224 -46.63 -6.36 -38.47
C MET A 224 -45.54 -6.86 -39.38
N HIS A 225 -45.94 -7.46 -40.50
CA HIS A 225 -44.96 -7.87 -41.50
C HIS A 225 -44.29 -6.61 -42.14
N GLN A 226 -45.10 -5.60 -42.49
CA GLN A 226 -44.55 -4.33 -43.02
C GLN A 226 -43.64 -3.64 -42.03
N MET A 227 -43.99 -3.72 -40.76
CA MET A 227 -43.20 -3.07 -39.71
C MET A 227 -41.88 -3.76 -39.44
N GLY A 228 -41.84 -5.08 -39.66
CA GLY A 228 -40.61 -5.83 -39.44
C GLY A 228 -40.61 -6.84 -38.30
N ALA A 229 -41.76 -7.01 -37.63
CA ALA A 229 -41.86 -7.94 -36.49
C ALA A 229 -42.34 -9.33 -36.88
N VAL A 230 -42.91 -9.45 -38.08
CA VAL A 230 -43.38 -10.74 -38.60
C VAL A 230 -42.61 -11.05 -39.86
N ASN A 231 -41.97 -12.21 -39.90
CA ASN A 231 -41.21 -12.64 -41.04
C ASN A 231 -42.04 -12.90 -42.26
N ALA A 232 -43.16 -13.57 -42.09
CA ALA A 232 -44.02 -13.86 -43.22
C ALA A 232 -45.43 -14.16 -42.78
N VAL A 233 -46.35 -14.03 -43.74
CA VAL A 233 -47.78 -14.19 -43.50
C VAL A 233 -48.23 -15.47 -44.23
N ALA A 234 -49.02 -16.28 -43.56
CA ALA A 234 -49.51 -17.50 -44.19
C ALA A 234 -51.02 -17.64 -44.04
N GLU A 235 -51.63 -18.32 -45.01
CA GLU A 235 -53.04 -18.72 -44.93
C GLU A 235 -53.22 -19.49 -43.61
N HIS A 236 -54.26 -19.16 -42.86
CA HIS A 236 -54.46 -19.72 -41.54
C HIS A 236 -54.25 -21.22 -41.51
N ALA A 237 -54.91 -21.94 -42.45
CA ALA A 237 -54.87 -23.40 -42.44
C ALA A 237 -53.49 -23.90 -42.83
N GLU A 238 -52.71 -23.06 -43.50
CA GLU A 238 -51.36 -23.47 -43.90
C GLU A 238 -50.26 -23.05 -42.89
N LEU A 239 -50.65 -22.44 -41.78
CA LEU A 239 -49.68 -21.82 -40.86
C LEU A 239 -48.64 -22.79 -40.37
N GLU A 240 -49.05 -23.97 -39.92
CA GLU A 240 -48.10 -24.94 -39.41
C GLU A 240 -47.35 -25.62 -40.55
N THR A 241 -47.99 -25.76 -41.70
CA THR A 241 -47.34 -26.36 -42.88
C THR A 241 -46.17 -25.50 -43.28
N VAL A 242 -46.37 -24.16 -43.26
CA VAL A 242 -45.32 -23.23 -43.62
C VAL A 242 -44.29 -23.26 -42.51
N GLY A 243 -44.74 -23.25 -41.26
CA GLY A 243 -43.83 -23.45 -40.16
C GLY A 243 -42.90 -24.64 -40.37
N LEU A 244 -43.47 -25.80 -40.75
CA LEU A 244 -42.66 -27.01 -40.90
C LEU A 244 -41.68 -26.89 -42.03
N GLN A 245 -42.07 -26.14 -43.06
CA GLN A 245 -41.21 -25.98 -44.23
C GLN A 245 -40.01 -25.05 -43.85
N TRP A 246 -40.30 -23.98 -43.10
CA TRP A 246 -39.27 -23.10 -42.54
C TRP A 246 -38.34 -23.94 -41.66
N ALA A 247 -38.93 -24.70 -40.73
CA ALA A 247 -38.16 -25.63 -39.89
C ALA A 247 -37.22 -26.53 -40.72
N ALA A 248 -37.76 -27.11 -41.80
CA ALA A 248 -36.97 -28.04 -42.61
C ALA A 248 -35.81 -27.33 -43.31
N GLU A 249 -36.02 -26.12 -43.76
CA GLU A 249 -34.90 -25.36 -44.35
C GLU A 249 -33.85 -25.06 -43.30
N ILE A 250 -34.28 -24.71 -42.09
CA ILE A 250 -33.34 -24.50 -41.01
C ILE A 250 -32.57 -25.78 -40.69
N ASN A 251 -33.28 -26.91 -40.58
CA ASN A 251 -32.65 -28.18 -40.20
C ASN A 251 -31.80 -28.78 -41.31
N ALA A 252 -31.89 -28.26 -42.52
CA ALA A 252 -31.04 -28.73 -43.63
C ALA A 252 -29.65 -28.08 -43.66
N LYS A 253 -29.34 -27.22 -42.69
CA LYS A 253 -28.03 -26.57 -42.67
C LYS A 253 -27.20 -27.10 -41.50
N SER A 254 -25.93 -26.72 -41.46
CA SER A 254 -25.03 -27.18 -40.42
C SER A 254 -25.52 -26.69 -39.09
N PRO A 255 -25.90 -27.61 -38.21
CA PRO A 255 -26.41 -27.19 -36.91
C PRO A 255 -25.41 -26.36 -36.11
N GLN A 256 -24.13 -26.67 -36.26
CA GLN A 256 -23.05 -25.93 -35.65
C GLN A 256 -23.10 -24.45 -36.07
N ALA A 257 -23.20 -24.23 -37.38
CA ALA A 257 -23.31 -22.89 -37.94
C ALA A 257 -24.57 -22.17 -37.45
N GLN A 258 -25.68 -22.89 -37.30
CA GLN A 258 -26.94 -22.28 -36.88
C GLN A 258 -26.85 -21.79 -35.45
N ARG A 259 -26.29 -22.63 -34.60
CA ARG A 259 -25.96 -22.33 -33.23
C ARG A 259 -25.14 -21.03 -33.13
N MET A 260 -24.03 -20.98 -33.85
CA MET A 260 -23.11 -19.85 -33.82
C MET A 260 -23.80 -18.56 -34.31
N LEU A 261 -24.60 -18.70 -35.37
CA LEU A 261 -25.36 -17.56 -35.89
C LEU A 261 -26.35 -16.99 -34.87
N LYS A 262 -27.15 -17.84 -34.25
CA LYS A 262 -28.12 -17.38 -33.26
C LYS A 262 -27.41 -16.55 -32.17
N PHE A 263 -26.29 -17.08 -31.68
CA PHE A 263 -25.53 -16.38 -30.64
C PHE A 263 -24.82 -15.12 -31.19
N ALA A 264 -24.40 -15.14 -32.45
CA ALA A 264 -23.86 -13.94 -33.06
C ALA A 264 -24.94 -12.85 -33.13
N PHE A 265 -26.18 -13.24 -33.48
CA PHE A 265 -27.24 -12.26 -33.53
C PHE A 265 -27.57 -11.73 -32.12
N ASN A 266 -27.54 -12.60 -31.11
CA ASN A 266 -27.81 -12.17 -29.73
C ASN A 266 -26.72 -11.26 -29.11
N LEU A 267 -25.49 -11.45 -29.58
CA LEU A 267 -24.30 -11.13 -28.80
C LEU A 267 -24.30 -9.75 -28.20
N LEU A 268 -24.14 -8.71 -29.04
CA LEU A 268 -23.96 -7.39 -28.47
C LEU A 268 -25.20 -6.95 -27.72
N ASP A 269 -26.38 -7.24 -28.26
CA ASP A 269 -27.61 -6.85 -27.59
C ASP A 269 -27.68 -7.38 -26.17
N ASP A 270 -27.17 -8.59 -25.96
CA ASP A 270 -27.20 -9.21 -24.65
C ASP A 270 -25.95 -9.02 -23.82
N GLY A 271 -25.08 -8.10 -24.23
CA GLY A 271 -23.95 -7.72 -23.39
C GLY A 271 -23.11 -8.95 -23.02
N LEU A 272 -22.70 -9.00 -21.77
CA LEU A 272 -21.83 -10.07 -21.29
C LEU A 272 -22.51 -11.47 -21.40
N VAL A 273 -23.85 -11.52 -21.28
CA VAL A 273 -24.58 -12.79 -21.45
C VAL A 273 -24.45 -13.29 -22.88
N GLY A 274 -24.61 -12.37 -23.84
CA GLY A 274 -24.45 -12.68 -25.26
C GLY A 274 -23.01 -13.12 -25.52
N GLN A 275 -22.05 -12.43 -24.91
CA GLN A 275 -20.67 -12.84 -25.11
C GLN A 275 -20.44 -14.22 -24.49
N GLN A 276 -21.00 -14.44 -23.29
CA GLN A 276 -20.85 -15.74 -22.62
C GLN A 276 -21.27 -16.90 -23.50
N LEU A 277 -22.41 -16.74 -24.14
CA LEU A 277 -22.99 -17.84 -24.90
C LEU A 277 -22.24 -18.07 -26.19
N PHE A 278 -21.86 -16.99 -26.86
CA PHE A 278 -21.12 -17.12 -28.10
C PHE A 278 -19.75 -17.71 -27.82
N ALA A 279 -19.07 -17.09 -26.85
CA ALA A 279 -17.75 -17.52 -26.44
C ALA A 279 -17.78 -19.00 -25.98
N GLY A 280 -18.84 -19.38 -25.28
CA GLY A 280 -19.01 -20.76 -24.87
C GLY A 280 -18.97 -21.71 -26.04
N GLU A 281 -19.56 -21.33 -27.17
CA GLU A 281 -19.52 -22.16 -28.34
C GLU A 281 -18.15 -22.18 -28.95
N ALA A 282 -17.46 -21.06 -28.87
CA ALA A 282 -16.10 -20.95 -29.39
C ALA A 282 -15.16 -21.86 -28.56
N THR A 283 -15.34 -21.82 -27.24
CA THR A 283 -14.61 -22.72 -26.35
C THR A 283 -14.84 -24.19 -26.76
N ARG A 284 -16.09 -24.60 -26.92
CA ARG A 284 -16.41 -25.93 -27.45
C ARG A 284 -15.67 -26.26 -28.76
N LEU A 285 -15.68 -25.35 -29.71
CA LEU A 285 -15.01 -25.59 -30.96
C LEU A 285 -13.52 -25.82 -30.75
N ALA A 286 -12.93 -25.01 -29.87
CA ALA A 286 -11.50 -25.08 -29.58
C ALA A 286 -11.12 -26.43 -28.96
N TYR A 287 -11.98 -26.96 -28.10
CA TYR A 287 -11.76 -28.22 -27.39
C TYR A 287 -11.57 -29.41 -28.34
N MET A 288 -12.23 -29.33 -29.49
CA MET A 288 -12.18 -30.38 -30.48
C MET A 288 -10.86 -30.38 -31.30
N THR A 289 -10.09 -29.29 -31.25
CA THR A 289 -8.87 -29.19 -32.10
C THR A 289 -7.67 -29.99 -31.55
N ASP A 290 -6.69 -30.23 -32.43
CA ASP A 290 -5.46 -30.94 -32.07
C ASP A 290 -4.67 -30.18 -31.00
N GLU A 291 -4.59 -28.84 -31.18
CA GLU A 291 -3.93 -27.95 -30.24
C GLU A 291 -4.44 -28.14 -28.81
N ALA A 292 -5.75 -28.19 -28.64
CA ALA A 292 -6.34 -28.35 -27.32
C ALA A 292 -6.16 -29.75 -26.75
N VAL A 293 -6.00 -30.74 -27.63
CA VAL A 293 -5.70 -32.11 -27.19
C VAL A 293 -4.29 -32.13 -26.59
N GLU A 294 -3.34 -31.54 -27.32
CA GLU A 294 -1.96 -31.38 -26.85
C GLU A 294 -1.86 -30.76 -25.45
N GLY A 295 -2.60 -29.67 -25.22
CA GLY A 295 -2.60 -29.01 -23.93
C GLY A 295 -3.16 -29.90 -22.83
N ARG A 296 -4.18 -30.67 -23.18
CA ARG A 296 -4.85 -31.61 -22.29
C ARG A 296 -3.95 -32.79 -21.93
N ASP A 297 -3.28 -33.32 -22.94
CA ASP A 297 -2.35 -34.45 -22.82
C ASP A 297 -1.25 -34.10 -21.83
N ALA A 298 -0.52 -33.03 -22.14
CA ALA A 298 0.63 -32.58 -21.38
C ALA A 298 0.33 -32.28 -19.92
N PHE A 299 -0.91 -31.92 -19.61
CA PHE A 299 -1.28 -31.72 -18.21
C PHE A 299 -1.34 -33.06 -17.46
N LEU A 300 -2.05 -34.02 -18.05
CA LEU A 300 -2.19 -35.38 -17.52
C LEU A 300 -0.86 -36.12 -17.44
N GLN A 301 -0.06 -35.99 -18.50
CA GLN A 301 1.26 -36.62 -18.60
C GLN A 301 2.39 -35.86 -17.87
N LYS A 302 2.05 -34.80 -17.15
CA LYS A 302 3.02 -34.01 -16.36
C LYS A 302 4.18 -33.37 -17.14
N ARG A 303 4.12 -33.42 -18.48
CA ARG A 303 5.16 -32.87 -19.36
C ARG A 303 4.86 -31.43 -19.81
N PRO A 304 5.84 -30.74 -20.39
CA PRO A 304 5.56 -29.44 -21.03
C PRO A 304 4.85 -29.66 -22.37
N PRO A 305 3.87 -28.82 -22.72
CA PRO A 305 3.20 -28.93 -24.01
C PRO A 305 4.05 -28.42 -25.16
N ASP A 306 3.88 -29.01 -26.33
CA ASP A 306 4.55 -28.53 -27.53
C ASP A 306 3.59 -27.87 -28.52
N TRP A 307 3.79 -26.57 -28.75
CA TRP A 307 2.89 -25.77 -29.57
C TRP A 307 3.45 -25.52 -30.97
N SER A 308 4.58 -26.16 -31.29
CA SER A 308 5.26 -25.90 -32.58
C SER A 308 4.51 -26.35 -33.87
N PRO A 309 3.75 -27.46 -33.84
CA PRO A 309 2.96 -27.86 -35.02
C PRO A 309 1.85 -26.86 -35.41
N PHE A 310 1.36 -26.07 -34.45
CA PHE A 310 0.23 -25.16 -34.67
C PHE A 310 0.64 -23.71 -34.86
N PRO A 311 0.31 -23.13 -36.00
CA PRO A 311 0.83 -21.79 -36.34
C PRO A 311 0.02 -20.64 -35.71
N ARG A 312 0.61 -19.45 -35.74
CA ARG A 312 -0.03 -18.24 -35.25
C ARG A 312 -0.78 -17.55 -36.38
N TYR A 313 -2.01 -18.00 -36.61
CA TYR A 313 -2.91 -17.44 -37.62
C TYR A 313 -3.19 -15.96 -37.37
N PHE A 314 -3.38 -15.20 -38.45
CA PHE A 314 -3.60 -13.75 -38.34
C PHE A 314 -4.76 -13.18 -39.17
N ASN B 18 -56.44 23.99 -43.19
CA ASN B 18 -55.54 24.30 -41.98
C ASN B 18 -55.75 23.29 -40.86
N PRO B 19 -54.68 22.61 -40.47
CA PRO B 19 -54.71 21.60 -39.40
C PRO B 19 -55.23 22.14 -38.06
N PHE B 20 -54.97 23.42 -37.77
CA PHE B 20 -55.34 24.05 -36.49
C PHE B 20 -56.83 24.30 -36.33
N ASP B 21 -57.41 23.69 -35.31
CA ASP B 21 -58.80 23.88 -34.96
C ASP B 21 -58.86 24.73 -33.68
N ALA B 22 -59.07 26.04 -33.84
CA ALA B 22 -59.13 26.98 -32.71
C ALA B 22 -60.05 26.51 -31.58
N LYS B 23 -61.19 25.96 -31.93
CA LYS B 23 -62.21 25.51 -30.97
C LYS B 23 -61.68 24.51 -29.96
N ALA B 24 -60.61 23.83 -30.33
CA ALA B 24 -60.08 22.74 -29.50
C ALA B 24 -59.05 23.19 -28.43
N TRP B 25 -58.57 24.41 -28.55
CA TRP B 25 -57.42 24.88 -27.79
C TRP B 25 -57.63 26.16 -26.96
N ARG B 26 -56.97 26.21 -25.82
CA ARG B 26 -56.97 27.35 -24.93
C ARG B 26 -55.55 27.77 -24.69
N LEU B 27 -55.27 29.06 -24.68
CA LEU B 27 -53.98 29.58 -24.25
C LEU B 27 -53.58 29.11 -22.85
N VAL B 28 -52.28 28.91 -22.63
CA VAL B 28 -51.79 28.54 -21.30
C VAL B 28 -51.43 29.81 -20.56
N ASP B 29 -51.87 29.90 -19.32
CA ASP B 29 -51.63 31.06 -18.44
C ASP B 29 -50.16 31.31 -18.27
N GLY B 30 -49.73 32.56 -18.47
CA GLY B 30 -48.38 32.95 -18.13
C GLY B 30 -47.45 32.98 -19.31
N PHE B 31 -48.01 32.83 -20.51
CA PHE B 31 -47.21 32.78 -21.73
C PHE B 31 -47.61 33.83 -22.77
N ASP B 32 -48.08 34.98 -22.29
CA ASP B 32 -48.47 36.14 -23.12
C ASP B 32 -47.33 36.76 -23.91
N ASP B 33 -46.13 36.65 -23.36
CA ASP B 33 -44.96 37.26 -23.98
C ASP B 33 -44.36 36.43 -25.13
N LEU B 34 -44.91 35.26 -25.41
CA LEU B 34 -44.33 34.40 -26.44
C LEU B 34 -44.43 35.06 -27.83
N THR B 35 -43.32 35.10 -28.55
CA THR B 35 -43.38 35.61 -29.93
C THR B 35 -43.14 34.54 -30.98
N ASP B 36 -42.24 33.59 -30.70
CA ASP B 36 -41.72 32.68 -31.71
C ASP B 36 -42.36 31.29 -31.66
N ILE B 37 -43.21 31.09 -30.66
CA ILE B 37 -43.74 29.78 -30.31
C ILE B 37 -45.14 30.03 -29.82
N THR B 38 -46.08 29.13 -30.12
CA THR B 38 -47.40 29.15 -29.47
C THR B 38 -47.60 27.93 -28.57
N TYR B 39 -48.45 28.09 -27.56
CA TYR B 39 -48.60 27.13 -26.50
C TYR B 39 -50.06 27.04 -26.04
N HIS B 40 -50.70 25.95 -26.38
CA HIS B 40 -52.10 25.74 -26.03
C HIS B 40 -52.28 24.47 -25.22
N ARG B 41 -53.31 24.48 -24.41
CA ARG B 41 -53.79 23.32 -23.69
C ARG B 41 -55.13 22.97 -24.34
N HIS B 42 -55.39 21.68 -24.50
CA HIS B 42 -56.66 21.20 -25.05
C HIS B 42 -57.83 21.52 -24.12
N VAL B 43 -59.00 21.82 -24.69
CA VAL B 43 -60.19 22.16 -23.89
C VAL B 43 -60.56 21.03 -22.90
N ASP B 44 -60.42 19.78 -23.32
CA ASP B 44 -60.81 18.62 -22.49
C ASP B 44 -59.64 17.74 -22.10
N ASP B 45 -58.80 17.40 -23.08
CA ASP B 45 -57.79 16.34 -22.88
C ASP B 45 -56.48 16.81 -22.26
N ALA B 46 -55.77 15.85 -21.66
CA ALA B 46 -54.46 16.08 -21.07
C ALA B 46 -53.35 16.23 -22.14
N THR B 47 -53.53 17.18 -23.05
CA THR B 47 -52.66 17.31 -24.18
C THR B 47 -52.36 18.79 -24.41
N VAL B 48 -51.12 19.08 -24.79
CA VAL B 48 -50.75 20.43 -25.17
C VAL B 48 -50.27 20.51 -26.60
N ARG B 49 -50.27 21.71 -27.16
CA ARG B 49 -49.88 21.97 -28.52
C ARG B 49 -48.79 23.03 -28.46
N VAL B 50 -47.61 22.64 -28.92
CA VAL B 50 -46.43 23.50 -28.92
C VAL B 50 -45.97 23.61 -30.37
N ALA B 51 -45.88 24.85 -30.86
CA ALA B 51 -45.70 25.06 -32.28
C ALA B 51 -44.78 26.21 -32.57
N PHE B 52 -43.91 26.02 -33.55
CA PHE B 52 -43.12 27.12 -34.06
C PHE B 52 -44.07 28.13 -34.72
N ASN B 53 -43.77 29.41 -34.51
CA ASN B 53 -44.67 30.48 -34.91
C ASN B 53 -43.92 31.52 -35.72
N ARG B 54 -43.08 31.05 -36.63
CA ARG B 54 -42.37 31.93 -37.52
C ARG B 54 -42.57 31.44 -38.97
N PRO B 55 -43.82 31.31 -39.42
CA PRO B 55 -44.06 30.73 -40.76
C PRO B 55 -43.47 31.52 -41.94
N GLU B 56 -43.19 32.82 -41.76
CA GLU B 56 -42.56 33.65 -42.79
C GLU B 56 -41.18 33.15 -43.14
N VAL B 57 -40.52 32.49 -42.20
CA VAL B 57 -39.15 32.03 -42.42
C VAL B 57 -39.07 30.49 -42.35
N ARG B 58 -40.16 29.84 -42.78
CA ARG B 58 -40.28 28.39 -42.77
C ARG B 58 -40.04 27.83 -41.37
N ASN B 59 -40.47 28.58 -40.38
CA ASN B 59 -40.40 28.20 -38.98
C ASN B 59 -38.99 27.88 -38.49
N ALA B 60 -38.00 28.59 -39.04
CA ALA B 60 -36.65 28.44 -38.54
C ALA B 60 -36.56 28.94 -37.11
N PHE B 61 -35.69 28.33 -36.33
CA PHE B 61 -35.50 28.81 -34.97
C PHE B 61 -34.26 29.66 -34.81
N ARG B 62 -34.44 30.83 -34.20
CA ARG B 62 -33.34 31.69 -33.79
C ARG B 62 -33.13 31.47 -32.30
N PRO B 63 -32.00 31.90 -31.74
CA PRO B 63 -31.75 31.70 -30.31
C PRO B 63 -32.94 32.05 -29.41
N HIS B 64 -33.66 33.12 -29.72
CA HIS B 64 -34.87 33.44 -28.95
C HIS B 64 -35.98 32.37 -29.03
N THR B 65 -36.12 31.74 -30.20
CA THR B 65 -37.09 30.65 -30.41
C THR B 65 -36.77 29.47 -29.49
N VAL B 66 -35.50 29.09 -29.45
CA VAL B 66 -35.06 27.97 -28.64
C VAL B 66 -35.33 28.25 -27.16
N ASP B 67 -35.00 29.47 -26.72
CA ASP B 67 -35.29 29.89 -25.36
C ASP B 67 -36.76 29.65 -25.03
N GLU B 68 -37.64 30.16 -25.90
CA GLU B 68 -39.07 30.00 -25.72
C GLU B 68 -39.50 28.52 -25.79
N LEU B 69 -38.98 27.77 -26.76
CA LEU B 69 -39.28 26.35 -26.93
C LEU B 69 -38.94 25.56 -25.65
N TYR B 70 -37.72 25.77 -25.15
CA TYR B 70 -37.28 25.20 -23.90
C TYR B 70 -38.24 25.48 -22.75
N ARG B 71 -38.50 26.76 -22.51
CA ARG B 71 -39.40 27.21 -21.45
C ARG B 71 -40.76 26.49 -21.51
N VAL B 72 -41.32 26.48 -22.72
CA VAL B 72 -42.65 25.92 -22.96
C VAL B 72 -42.65 24.40 -22.71
N LEU B 73 -41.69 23.68 -23.29
CA LEU B 73 -41.58 22.26 -23.14
C LEU B 73 -41.30 21.90 -21.68
N ASP B 74 -40.46 22.69 -21.03
CA ASP B 74 -40.15 22.50 -19.61
C ASP B 74 -41.42 22.66 -18.78
N HIS B 75 -42.22 23.66 -19.13
CA HIS B 75 -43.45 23.87 -18.41
C HIS B 75 -44.36 22.65 -18.59
N ALA B 76 -44.46 22.16 -19.82
CA ALA B 76 -45.31 21.01 -20.13
C ALA B 76 -44.83 19.76 -19.38
N ARG B 77 -43.50 19.61 -19.26
CA ARG B 77 -42.91 18.52 -18.48
C ARG B 77 -43.38 18.53 -17.02
N MET B 78 -43.43 19.73 -16.44
CA MET B 78 -43.78 19.92 -15.03
C MET B 78 -45.28 20.02 -14.78
N SER B 79 -46.11 19.98 -15.82
CA SER B 79 -47.57 20.03 -15.64
C SER B 79 -48.14 18.66 -15.41
N PRO B 80 -48.59 18.39 -14.18
CA PRO B 80 -49.00 17.03 -13.82
C PRO B 80 -50.31 16.62 -14.51
N ASP B 81 -51.04 17.58 -15.06
CA ASP B 81 -52.29 17.31 -15.73
C ASP B 81 -52.12 17.22 -17.29
N VAL B 82 -50.88 17.13 -17.75
CA VAL B 82 -50.55 17.03 -19.16
C VAL B 82 -49.85 15.70 -19.40
N GLY B 83 -50.43 14.88 -20.26
CA GLY B 83 -49.85 13.59 -20.58
C GLY B 83 -49.06 13.53 -21.88
N VAL B 84 -49.45 14.36 -22.87
CA VAL B 84 -48.89 14.28 -24.22
C VAL B 84 -48.56 15.66 -24.77
N VAL B 85 -47.43 15.78 -25.45
CA VAL B 85 -47.08 17.00 -26.14
C VAL B 85 -47.21 16.77 -27.65
N LEU B 86 -47.96 17.64 -28.30
CA LEU B 86 -47.98 17.70 -29.75
C LEU B 86 -47.04 18.83 -30.15
N LEU B 87 -46.00 18.49 -30.87
CA LEU B 87 -45.00 19.44 -31.33
C LEU B 87 -45.19 19.65 -32.84
N THR B 88 -45.49 20.88 -33.23
CA THR B 88 -45.76 21.15 -34.63
C THR B 88 -45.29 22.53 -35.06
N GLY B 89 -45.71 22.96 -36.25
CA GLY B 89 -45.42 24.28 -36.78
C GLY B 89 -46.69 24.92 -37.28
N ASN B 90 -46.85 26.22 -37.01
CA ASN B 90 -47.98 26.99 -37.50
C ASN B 90 -47.72 27.41 -38.92
N GLY B 91 -48.80 27.69 -39.65
CA GLY B 91 -48.71 28.10 -41.04
C GLY B 91 -50.09 28.37 -41.61
N PRO B 92 -50.17 28.63 -42.91
CA PRO B 92 -49.00 28.61 -43.81
C PRO B 92 -48.22 29.95 -43.79
N SER B 93 -47.20 30.07 -44.62
CA SER B 93 -46.45 31.32 -44.78
C SER B 93 -47.36 32.40 -45.40
N PRO B 94 -47.47 33.56 -44.73
CA PRO B 94 -48.31 34.65 -45.27
C PRO B 94 -47.65 35.25 -46.51
N LYS B 95 -46.36 35.01 -46.70
CA LYS B 95 -45.66 35.49 -47.89
C LYS B 95 -45.88 34.64 -49.14
N ASP B 96 -45.80 33.31 -49.03
CA ASP B 96 -45.91 32.49 -50.22
C ASP B 96 -46.80 31.24 -50.13
N GLY B 97 -47.53 31.11 -49.02
CA GLY B 97 -48.46 29.99 -48.84
C GLY B 97 -47.82 28.63 -48.53
N GLY B 98 -46.50 28.60 -48.38
CA GLY B 98 -45.79 27.35 -48.13
C GLY B 98 -45.91 26.89 -46.68
N TRP B 99 -45.81 25.58 -46.49
CA TRP B 99 -45.99 24.98 -45.17
C TRP B 99 -44.69 24.48 -44.58
N ALA B 100 -44.48 24.75 -43.30
CA ALA B 100 -43.26 24.30 -42.64
C ALA B 100 -43.55 23.82 -41.24
N PHE B 101 -42.92 22.72 -40.88
CA PHE B 101 -42.87 22.35 -39.48
C PHE B 101 -41.77 23.19 -38.86
N CYS B 102 -40.55 23.09 -39.40
CA CYS B 102 -39.34 23.76 -38.89
C CYS B 102 -38.22 23.50 -39.86
N SER B 103 -37.54 24.55 -40.27
CA SER B 103 -36.48 24.43 -41.27
C SER B 103 -35.12 24.51 -40.62
N GLY B 104 -35.06 24.38 -39.31
CA GLY B 104 -33.76 24.38 -38.64
C GLY B 104 -33.35 25.75 -38.15
N GLY B 105 -32.05 25.91 -37.90
CA GLY B 105 -31.49 27.12 -37.35
C GLY B 105 -31.59 28.28 -38.31
N ASP B 106 -32.01 29.41 -37.77
CA ASP B 106 -32.17 30.64 -38.52
C ASP B 106 -30.78 31.09 -39.00
N GLN B 107 -30.61 31.14 -40.32
CA GLN B 107 -29.30 31.41 -40.96
C GLN B 107 -29.20 32.85 -41.50
N THR B 125 -16.45 38.78 -25.49
CA THR B 125 -15.96 37.43 -25.18
C THR B 125 -16.93 36.62 -24.29
N VAL B 126 -17.67 37.32 -23.42
CA VAL B 126 -18.79 36.73 -22.68
C VAL B 126 -19.98 36.55 -23.65
N ASP B 127 -20.12 37.49 -24.58
CA ASP B 127 -21.11 37.45 -25.65
C ASP B 127 -20.96 36.24 -26.60
N VAL B 128 -19.70 35.86 -26.87
CA VAL B 128 -19.34 34.79 -27.83
C VAL B 128 -19.73 33.36 -27.37
N ALA B 129 -19.52 33.05 -26.09
CA ALA B 129 -19.91 31.75 -25.50
C ALA B 129 -21.42 31.62 -25.35
N ARG B 130 -22.07 32.74 -25.00
CA ARG B 130 -23.52 32.84 -24.88
C ARG B 130 -24.21 32.87 -26.24
N ALA B 131 -23.48 33.23 -27.28
CA ALA B 131 -24.05 33.41 -28.62
C ALA B 131 -24.15 32.09 -29.39
N GLY B 132 -23.01 31.45 -29.64
CA GLY B 132 -22.96 30.12 -30.26
C GLY B 132 -23.48 29.07 -29.30
N ARG B 133 -24.72 28.59 -29.49
CA ARG B 133 -25.34 27.81 -28.39
C ARG B 133 -25.62 26.28 -28.39
N LEU B 134 -26.16 25.57 -29.44
CA LEU B 134 -26.45 24.17 -29.08
C LEU B 134 -27.46 24.21 -27.93
N HIS B 135 -28.18 25.32 -27.83
CA HIS B 135 -29.29 25.41 -26.91
C HIS B 135 -30.31 24.37 -27.45
N ILE B 136 -30.32 24.11 -28.76
CA ILE B 136 -31.21 23.09 -29.33
C ILE B 136 -30.97 21.65 -28.85
N LEU B 137 -29.71 21.33 -28.58
CA LEU B 137 -29.35 20.05 -28.02
C LEU B 137 -30.01 19.88 -26.67
N GLU B 138 -30.18 20.98 -25.95
CA GLU B 138 -30.85 20.97 -24.65
C GLU B 138 -32.32 20.69 -24.82
N VAL B 139 -32.87 21.24 -25.90
CA VAL B 139 -34.28 20.98 -26.21
C VAL B 139 -34.47 19.50 -26.55
N GLN B 140 -33.58 18.96 -27.38
CA GLN B 140 -33.57 17.55 -27.73
C GLN B 140 -33.59 16.67 -26.48
N ARG B 141 -32.71 16.96 -25.52
CA ARG B 141 -32.64 16.26 -24.25
C ARG B 141 -33.92 16.36 -23.40
N LEU B 142 -34.49 17.55 -23.36
CA LEU B 142 -35.75 17.78 -22.71
C LEU B 142 -36.85 16.86 -23.30
N ILE B 143 -36.96 16.80 -24.62
CA ILE B 143 -37.95 15.92 -25.24
C ILE B 143 -37.66 14.44 -24.92
N ARG B 144 -36.38 14.10 -24.97
CA ARG B 144 -35.96 12.75 -24.77
C ARG B 144 -36.24 12.27 -23.34
N PHE B 145 -36.03 13.16 -22.36
CA PHE B 145 -36.05 12.76 -20.96
C PHE B 145 -37.38 12.99 -20.29
N MET B 146 -38.24 13.83 -20.86
CA MET B 146 -39.52 14.07 -20.19
C MET B 146 -40.38 12.81 -20.14
N PRO B 147 -40.98 12.58 -18.98
CA PRO B 147 -41.75 11.36 -18.74
C PRO B 147 -43.15 11.45 -19.36
N LYS B 148 -43.24 12.04 -20.53
CA LYS B 148 -44.48 12.05 -21.29
C LYS B 148 -44.17 11.86 -22.77
N VAL B 149 -45.16 11.42 -23.52
CA VAL B 149 -45.00 11.11 -24.91
C VAL B 149 -45.04 12.40 -25.74
N VAL B 150 -44.02 12.59 -26.57
CA VAL B 150 -43.97 13.74 -27.47
C VAL B 150 -44.19 13.28 -28.90
N ILE B 151 -45.32 13.69 -29.48
CA ILE B 151 -45.62 13.44 -30.90
C ILE B 151 -45.33 14.66 -31.77
N CYS B 152 -44.44 14.50 -32.72
CA CYS B 152 -44.18 15.56 -33.69
C CYS B 152 -45.22 15.42 -34.82
N LEU B 153 -45.89 16.53 -35.11
CA LEU B 153 -46.83 16.58 -36.20
C LEU B 153 -46.15 17.37 -37.31
N VAL B 154 -45.64 16.63 -38.30
CA VAL B 154 -44.92 17.27 -39.40
C VAL B 154 -45.90 17.77 -40.46
N ASN B 155 -46.17 19.08 -40.39
CA ASN B 155 -47.19 19.76 -41.20
C ASN B 155 -46.65 20.37 -42.47
N GLY B 156 -45.34 20.23 -42.69
CA GLY B 156 -44.67 20.91 -43.78
C GLY B 156 -43.21 20.53 -43.83
N TRP B 157 -42.37 21.38 -44.40
CA TRP B 157 -40.93 21.18 -44.39
C TRP B 157 -40.43 20.82 -42.99
N ALA B 158 -39.59 19.80 -42.93
CA ALA B 158 -38.83 19.47 -41.73
C ALA B 158 -37.40 19.32 -42.20
N ALA B 159 -36.61 20.38 -42.06
CA ALA B 159 -35.23 20.43 -42.59
C ALA B 159 -34.20 20.75 -41.52
N GLY B 160 -32.96 20.29 -41.74
CA GLY B 160 -31.86 20.45 -40.79
C GLY B 160 -32.28 20.13 -39.35
N GLY B 161 -32.04 21.06 -38.45
CA GLY B 161 -32.39 20.90 -37.05
C GLY B 161 -33.84 20.58 -36.81
N GLY B 162 -34.68 21.02 -37.74
CA GLY B 162 -36.10 20.76 -37.68
C GLY B 162 -36.36 19.29 -37.96
N HIS B 163 -35.61 18.72 -38.90
CA HIS B 163 -35.66 17.30 -39.15
C HIS B 163 -35.23 16.52 -37.88
N SER B 164 -34.12 16.96 -37.29
CA SER B 164 -33.62 16.32 -36.08
C SER B 164 -34.57 16.38 -34.89
N LEU B 165 -35.29 17.49 -34.76
CA LEU B 165 -36.35 17.55 -33.75
C LEU B 165 -37.41 16.46 -33.96
N HIS B 166 -37.80 16.23 -35.20
CA HIS B 166 -38.79 15.21 -35.49
C HIS B 166 -38.22 13.83 -35.10
N VAL B 167 -36.94 13.61 -35.45
CA VAL B 167 -36.29 12.33 -35.18
C VAL B 167 -36.34 11.98 -33.70
N VAL B 168 -35.99 12.93 -32.84
CA VAL B 168 -35.89 12.69 -31.39
C VAL B 168 -37.27 12.56 -30.70
N CYS B 169 -38.34 13.07 -31.31
CA CYS B 169 -39.66 12.90 -30.69
C CYS B 169 -40.01 11.40 -30.63
N ASP B 170 -40.87 11.04 -29.69
CA ASP B 170 -41.28 9.64 -29.50
C ASP B 170 -42.02 9.10 -30.71
N LEU B 171 -42.95 9.88 -31.25
CA LEU B 171 -43.79 9.46 -32.36
C LEU B 171 -43.81 10.59 -33.37
N THR B 172 -44.07 10.25 -34.65
CA THR B 172 -44.24 11.23 -35.71
C THR B 172 -45.43 10.93 -36.58
N LEU B 173 -46.31 11.92 -36.71
CA LEU B 173 -47.43 11.88 -37.66
C LEU B 173 -47.17 12.94 -38.72
N ALA B 174 -47.44 12.66 -39.98
CA ALA B 174 -47.01 13.60 -41.01
C ALA B 174 -48.12 13.90 -42.07
N SER B 175 -48.15 15.17 -42.51
CA SER B 175 -49.10 15.64 -43.51
C SER B 175 -48.82 14.97 -44.85
N ARG B 176 -49.84 14.31 -45.41
CA ARG B 176 -49.64 13.57 -46.65
C ARG B 176 -49.22 14.53 -47.75
N GLU B 177 -49.96 15.62 -47.86
CA GLU B 177 -49.80 16.54 -48.96
C GLU B 177 -48.55 17.39 -48.80
N TYR B 178 -48.18 17.70 -47.55
CA TYR B 178 -47.22 18.78 -47.31
C TYR B 178 -45.97 18.46 -46.50
N ALA B 179 -45.96 17.34 -45.76
CA ALA B 179 -44.74 16.97 -45.06
C ALA B 179 -43.60 16.77 -46.08
N ARG B 180 -42.48 17.45 -45.86
CA ARG B 180 -41.28 17.23 -46.64
C ARG B 180 -40.10 17.06 -45.69
N PHE B 181 -39.38 15.94 -45.81
CA PHE B 181 -38.25 15.61 -44.95
C PHE B 181 -36.97 15.78 -45.75
N LYS B 182 -36.06 16.60 -45.26
CA LYS B 182 -34.85 16.96 -46.00
C LYS B 182 -33.75 17.22 -45.00
N GLN B 183 -32.74 16.38 -45.03
CA GLN B 183 -31.64 16.58 -44.12
C GLN B 183 -30.51 17.32 -44.85
N THR B 184 -30.50 18.63 -44.70
CA THR B 184 -29.65 19.53 -45.48
C THR B 184 -28.33 19.90 -44.81
N ASP B 185 -28.11 19.44 -43.58
CA ASP B 185 -26.92 19.80 -42.80
C ASP B 185 -25.63 19.85 -43.64
N ALA B 186 -25.31 18.76 -44.31
CA ALA B 186 -24.05 18.65 -45.03
C ALA B 186 -23.90 19.60 -46.22
N ASP B 187 -25.03 20.10 -46.74
CA ASP B 187 -25.01 21.13 -47.77
C ASP B 187 -24.31 22.39 -47.29
N VAL B 188 -24.52 22.76 -46.02
CA VAL B 188 -23.95 23.98 -45.45
C VAL B 188 -22.70 23.75 -44.59
N GLY B 189 -22.17 22.53 -44.59
CA GLY B 189 -20.99 22.25 -43.80
C GLY B 189 -21.25 21.94 -42.33
N SER B 190 -22.51 21.72 -42.00
CA SER B 190 -22.91 21.34 -40.65
C SER B 190 -23.27 19.84 -40.57
N PHE B 191 -23.55 19.35 -39.36
CA PHE B 191 -24.05 17.98 -39.16
C PHE B 191 -24.59 17.82 -37.75
N ASP B 192 -25.68 17.06 -37.60
CA ASP B 192 -26.12 16.61 -36.32
C ASP B 192 -25.53 15.22 -36.15
N GLY B 193 -24.48 15.13 -35.34
CA GLY B 193 -23.84 13.86 -35.14
C GLY B 193 -24.40 13.12 -33.96
N GLY B 194 -25.58 13.51 -33.48
CA GLY B 194 -26.16 12.92 -32.30
C GLY B 194 -27.47 12.24 -32.60
N TYR B 195 -28.55 12.70 -31.98
CA TYR B 195 -29.85 12.06 -32.15
C TYR B 195 -30.34 12.20 -33.59
N GLY B 196 -30.06 13.34 -34.23
CA GLY B 196 -30.49 13.56 -35.60
C GLY B 196 -30.10 12.43 -36.54
N SER B 197 -28.91 11.84 -36.34
CA SER B 197 -28.40 10.85 -37.28
C SER B 197 -28.36 9.43 -36.67
N ALA B 198 -27.60 9.26 -35.59
CA ALA B 198 -27.47 7.96 -34.95
C ALA B 198 -28.78 7.40 -34.47
N TYR B 199 -29.65 8.26 -33.95
CA TYR B 199 -30.95 7.78 -33.48
C TYR B 199 -31.89 7.50 -34.65
N LEU B 200 -31.80 8.32 -35.70
CA LEU B 200 -32.53 8.03 -36.92
C LEU B 200 -32.25 6.61 -37.41
N ALA B 201 -30.97 6.20 -37.40
CA ALA B 201 -30.60 4.82 -37.76
C ALA B 201 -31.29 3.74 -36.92
N ARG B 202 -31.73 4.08 -35.72
CA ARG B 202 -32.42 3.09 -34.89
C ARG B 202 -33.91 3.12 -35.14
N GLN B 203 -34.33 3.89 -36.13
CA GLN B 203 -35.70 3.89 -36.56
C GLN B 203 -35.82 3.27 -37.98
N VAL B 204 -34.97 3.71 -38.90
CA VAL B 204 -35.04 3.29 -40.31
C VAL B 204 -33.93 2.31 -40.71
N GLY B 205 -33.04 1.99 -39.77
CA GLY B 205 -31.87 1.15 -40.08
C GLY B 205 -30.71 1.98 -40.69
N GLN B 206 -29.51 1.38 -40.66
CA GLN B 206 -28.30 2.10 -41.03
C GLN B 206 -28.22 2.49 -42.50
N LYS B 207 -28.75 1.67 -43.40
CA LYS B 207 -28.67 2.01 -44.82
C LYS B 207 -29.49 3.26 -45.14
N PHE B 208 -30.75 3.24 -44.71
CA PHE B 208 -31.65 4.35 -44.98
C PHE B 208 -31.17 5.69 -44.33
N ALA B 209 -30.69 5.56 -43.10
CA ALA B 209 -30.29 6.71 -42.34
C ALA B 209 -29.09 7.40 -42.99
N ARG B 210 -28.13 6.60 -43.47
CA ARG B 210 -26.96 7.11 -44.15
C ARG B 210 -27.37 7.76 -45.46
N GLU B 211 -28.31 7.14 -46.16
CA GLU B 211 -28.82 7.74 -47.39
C GLU B 211 -29.43 9.13 -47.15
N ILE B 212 -30.30 9.22 -46.14
CA ILE B 212 -30.98 10.46 -45.79
C ILE B 212 -29.99 11.60 -45.59
N PHE B 213 -28.92 11.37 -44.82
CA PHE B 213 -27.91 12.42 -44.58
C PHE B 213 -26.91 12.63 -45.75
N PHE B 214 -26.41 11.55 -46.34
CA PHE B 214 -25.32 11.58 -47.31
C PHE B 214 -25.78 12.29 -48.58
N LEU B 215 -27.00 12.01 -49.05
CA LEU B 215 -27.60 12.62 -50.25
C LEU B 215 -28.43 13.90 -50.01
N GLY B 216 -29.06 14.03 -48.85
CA GLY B 216 -29.85 15.20 -48.51
C GLY B 216 -31.06 15.42 -49.40
N ARG B 217 -31.64 14.31 -49.87
CA ARG B 217 -32.83 14.35 -50.72
C ARG B 217 -34.07 14.69 -49.92
N THR B 218 -35.11 15.09 -50.63
CA THR B 218 -36.40 15.42 -50.05
C THR B 218 -37.29 14.16 -50.09
N TYR B 219 -37.87 13.81 -48.96
CA TYR B 219 -38.79 12.66 -48.86
C TYR B 219 -40.18 13.11 -48.44
N THR B 220 -41.19 12.44 -48.98
CA THR B 220 -42.57 12.68 -48.57
C THR B 220 -42.88 11.93 -47.26
N ALA B 221 -44.05 12.24 -46.70
CA ALA B 221 -44.56 11.50 -45.55
C ALA B 221 -44.63 10.00 -45.80
N GLU B 222 -45.16 9.59 -46.96
CA GLU B 222 -45.36 8.16 -47.27
C GLU B 222 -44.02 7.43 -47.36
N GLN B 223 -43.03 8.12 -47.92
CA GLN B 223 -41.66 7.61 -48.04
C GLN B 223 -41.03 7.34 -46.69
N MET B 224 -41.09 8.34 -45.81
CA MET B 224 -40.59 8.20 -44.46
C MET B 224 -41.37 7.19 -43.65
N HIS B 225 -42.65 7.08 -43.93
CA HIS B 225 -43.46 6.05 -43.29
C HIS B 225 -42.95 4.65 -43.67
N GLN B 226 -42.71 4.44 -44.97
CA GLN B 226 -42.19 3.20 -45.51
C GLN B 226 -40.81 2.89 -44.92
N MET B 227 -39.99 3.92 -44.72
CA MET B 227 -38.65 3.71 -44.11
C MET B 227 -38.63 3.41 -42.61
N GLY B 228 -39.63 3.95 -41.90
CA GLY B 228 -39.85 3.68 -40.48
C GLY B 228 -39.69 4.84 -39.54
N ALA B 229 -39.53 6.06 -40.05
CA ALA B 229 -39.34 7.27 -39.22
C ALA B 229 -40.66 7.99 -38.98
N VAL B 230 -41.64 7.76 -39.84
CA VAL B 230 -42.97 8.33 -39.62
C VAL B 230 -43.97 7.21 -39.28
N ASN B 231 -44.67 7.36 -38.15
CA ASN B 231 -45.64 6.40 -37.66
C ASN B 231 -46.86 6.25 -38.55
N ALA B 232 -47.46 7.38 -38.90
CA ALA B 232 -48.59 7.36 -39.80
C ALA B 232 -48.68 8.69 -40.57
N VAL B 233 -49.43 8.63 -41.67
CA VAL B 233 -49.62 9.72 -42.59
C VAL B 233 -51.08 10.11 -42.49
N ALA B 234 -51.33 11.41 -42.47
CA ALA B 234 -52.69 11.88 -42.35
C ALA B 234 -52.92 12.97 -43.37
N GLU B 235 -54.19 13.09 -43.79
CA GLU B 235 -54.62 14.23 -44.61
C GLU B 235 -54.25 15.51 -43.87
N HIS B 236 -53.71 16.49 -44.61
CA HIS B 236 -53.19 17.71 -44.03
C HIS B 236 -54.13 18.35 -43.03
N ALA B 237 -55.39 18.53 -43.42
CA ALA B 237 -56.36 19.21 -42.59
C ALA B 237 -56.78 18.37 -41.39
N GLU B 238 -56.49 17.06 -41.41
CA GLU B 238 -56.80 16.17 -40.27
C GLU B 238 -55.57 15.88 -39.39
N LEU B 239 -54.45 16.51 -39.68
CA LEU B 239 -53.20 16.18 -38.97
C LEU B 239 -53.29 16.31 -37.44
N GLU B 240 -53.89 17.39 -36.96
CA GLU B 240 -53.98 17.63 -35.54
C GLU B 240 -55.13 16.84 -34.93
N THR B 241 -56.15 16.58 -35.73
CA THR B 241 -57.26 15.73 -35.33
C THR B 241 -56.73 14.32 -35.05
N VAL B 242 -55.90 13.80 -35.96
CA VAL B 242 -55.28 12.48 -35.78
C VAL B 242 -54.31 12.52 -34.61
N GLY B 243 -53.48 13.58 -34.54
CA GLY B 243 -52.66 13.88 -33.36
C GLY B 243 -53.41 13.76 -32.05
N LEU B 244 -54.59 14.36 -31.99
CA LEU B 244 -55.40 14.39 -30.77
C LEU B 244 -56.01 13.05 -30.43
N GLN B 245 -56.38 12.30 -31.47
CA GLN B 245 -56.87 10.95 -31.30
C GLN B 245 -55.74 10.01 -30.77
N TRP B 246 -54.54 10.08 -31.36
CA TRP B 246 -53.37 9.37 -30.83
C TRP B 246 -53.10 9.75 -29.38
N ALA B 247 -53.10 11.06 -29.10
CA ALA B 247 -52.91 11.56 -27.74
C ALA B 247 -53.93 10.93 -26.77
N ALA B 248 -55.21 10.88 -27.18
CA ALA B 248 -56.26 10.39 -26.31
C ALA B 248 -56.09 8.90 -26.04
N GLU B 249 -55.64 8.14 -27.04
CA GLU B 249 -55.34 6.73 -26.81
C GLU B 249 -54.20 6.55 -25.81
N ILE B 250 -53.17 7.39 -25.90
CA ILE B 250 -52.07 7.33 -24.95
C ILE B 250 -52.55 7.70 -23.55
N ASN B 251 -53.31 8.79 -23.46
CA ASN B 251 -53.82 9.26 -22.18
C ASN B 251 -54.83 8.34 -21.50
N ALA B 252 -55.40 7.41 -22.26
CA ALA B 252 -56.36 6.44 -21.75
C ALA B 252 -55.71 5.28 -20.99
N LYS B 253 -54.37 5.17 -21.04
CA LYS B 253 -53.66 4.11 -20.36
C LYS B 253 -53.06 4.59 -19.04
N SER B 254 -52.57 3.66 -18.25
CA SER B 254 -51.95 3.99 -16.97
C SER B 254 -50.72 4.89 -17.20
N PRO B 255 -50.75 6.11 -16.67
CA PRO B 255 -49.61 7.04 -16.83
C PRO B 255 -48.29 6.49 -16.27
N GLN B 256 -48.36 5.73 -15.20
CA GLN B 256 -47.19 5.10 -14.62
C GLN B 256 -46.55 4.13 -15.62
N ALA B 257 -47.37 3.26 -16.20
CA ALA B 257 -46.89 2.37 -17.25
C ALA B 257 -46.27 3.14 -18.43
N GLN B 258 -46.93 4.22 -18.88
CA GLN B 258 -46.43 4.94 -20.06
C GLN B 258 -45.05 5.53 -19.82
N ARG B 259 -44.90 6.14 -18.64
CA ARG B 259 -43.62 6.62 -18.12
C ARG B 259 -42.54 5.50 -18.14
N MET B 260 -42.82 4.37 -17.50
CA MET B 260 -41.88 3.25 -17.42
C MET B 260 -41.49 2.80 -18.81
N LEU B 261 -42.52 2.68 -19.66
CA LEU B 261 -42.36 2.31 -21.06
C LEU B 261 -41.40 3.23 -21.82
N LYS B 262 -41.61 4.55 -21.72
CA LYS B 262 -40.75 5.48 -22.46
C LYS B 262 -39.30 5.32 -22.03
N PHE B 263 -39.11 5.25 -20.73
CA PHE B 263 -37.77 5.06 -20.19
C PHE B 263 -37.18 3.67 -20.53
N ALA B 264 -38.01 2.64 -20.63
CA ALA B 264 -37.50 1.34 -21.07
C ALA B 264 -37.05 1.40 -22.53
N PHE B 265 -37.81 2.10 -23.36
CA PHE B 265 -37.40 2.23 -24.74
C PHE B 265 -36.09 3.00 -24.84
N ASN B 266 -35.93 4.05 -24.03
CA ASN B 266 -34.73 4.89 -24.07
C ASN B 266 -33.51 4.17 -23.51
N LEU B 267 -33.74 3.24 -22.59
CA LEU B 267 -32.74 2.81 -21.61
C LEU B 267 -31.34 2.46 -22.14
N LEU B 268 -31.22 1.39 -22.94
CA LEU B 268 -29.87 0.97 -23.35
C LEU B 268 -29.26 1.95 -24.33
N ASP B 269 -30.05 2.44 -25.28
CA ASP B 269 -29.55 3.46 -26.21
C ASP B 269 -28.90 4.65 -25.50
N ASP B 270 -29.45 5.04 -24.33
CA ASP B 270 -28.94 6.20 -23.60
C ASP B 270 -27.99 5.84 -22.47
N GLY B 271 -27.47 4.62 -22.47
CA GLY B 271 -26.41 4.27 -21.54
C GLY B 271 -26.79 4.59 -20.09
N LEU B 272 -25.84 5.15 -19.35
CA LEU B 272 -26.05 5.47 -17.92
C LEU B 272 -27.19 6.46 -17.69
N VAL B 273 -27.44 7.33 -18.68
CA VAL B 273 -28.52 8.28 -18.53
C VAL B 273 -29.85 7.54 -18.64
N GLY B 274 -29.91 6.58 -19.56
CA GLY B 274 -31.09 5.77 -19.78
C GLY B 274 -31.34 5.00 -18.50
N GLN B 275 -30.30 4.42 -17.92
CA GLN B 275 -30.48 3.71 -16.68
C GLN B 275 -30.88 4.64 -15.56
N GLN B 276 -30.24 5.81 -15.49
CA GLN B 276 -30.60 6.76 -14.42
C GLN B 276 -32.08 7.08 -14.40
N LEU B 277 -32.66 7.28 -15.56
CA LEU B 277 -34.05 7.70 -15.60
C LEU B 277 -35.01 6.55 -15.35
N PHE B 278 -34.72 5.38 -15.90
CA PHE B 278 -35.56 4.21 -15.66
C PHE B 278 -35.48 3.82 -14.19
N ALA B 279 -34.24 3.78 -13.67
CA ALA B 279 -33.99 3.40 -12.28
C ALA B 279 -34.67 4.39 -11.35
N GLY B 280 -34.64 5.66 -11.74
CA GLY B 280 -35.28 6.70 -10.95
C GLY B 280 -36.77 6.46 -10.78
N GLU B 281 -37.41 5.95 -11.83
CA GLU B 281 -38.81 5.60 -11.70
C GLU B 281 -38.97 4.34 -10.83
N ALA B 282 -38.02 3.40 -10.90
CA ALA B 282 -38.07 2.22 -10.04
C ALA B 282 -37.94 2.65 -8.59
N THR B 283 -37.04 3.61 -8.34
CA THR B 283 -36.85 4.12 -6.98
C THR B 283 -38.16 4.72 -6.44
N ARG B 284 -38.80 5.57 -7.22
CA ARG B 284 -40.10 6.13 -6.84
C ARG B 284 -41.13 5.03 -6.54
N LEU B 285 -41.19 3.99 -7.36
CA LEU B 285 -42.15 2.91 -7.10
C LEU B 285 -41.85 2.22 -5.77
N ALA B 286 -40.58 1.97 -5.50
CA ALA B 286 -40.17 1.31 -4.25
C ALA B 286 -40.54 2.15 -3.02
N TYR B 287 -40.39 3.46 -3.13
CA TYR B 287 -40.67 4.40 -2.05
C TYR B 287 -42.10 4.28 -1.52
N MET B 288 -43.03 3.94 -2.41
CA MET B 288 -44.44 3.81 -2.08
C MET B 288 -44.80 2.50 -1.34
N THR B 289 -43.89 1.52 -1.33
CA THR B 289 -44.20 0.21 -0.77
C THR B 289 -44.13 0.17 0.76
N ASP B 290 -44.68 -0.90 1.36
CA ASP B 290 -44.67 -1.06 2.82
C ASP B 290 -43.25 -1.26 3.34
N GLU B 291 -42.48 -2.06 2.60
CA GLU B 291 -41.09 -2.32 2.91
C GLU B 291 -40.30 -1.03 3.09
N ALA B 292 -40.44 -0.11 2.15
CA ALA B 292 -39.73 1.16 2.19
C ALA B 292 -40.23 2.08 3.31
N VAL B 293 -41.49 1.94 3.71
CA VAL B 293 -41.97 2.71 4.87
C VAL B 293 -41.36 2.17 6.17
N GLU B 294 -41.33 0.85 6.32
CA GLU B 294 -40.59 0.21 7.43
C GLU B 294 -39.17 0.75 7.61
N GLY B 295 -38.41 0.79 6.51
CA GLY B 295 -37.04 1.27 6.55
C GLY B 295 -36.93 2.73 6.95
N ARG B 296 -37.89 3.52 6.49
CA ARG B 296 -37.97 4.95 6.76
C ARG B 296 -38.35 5.21 8.20
N ASP B 297 -39.30 4.42 8.71
CA ASP B 297 -39.79 4.49 10.09
C ASP B 297 -38.66 4.23 11.07
N ALA B 298 -38.08 3.04 10.94
CA ALA B 298 -37.00 2.59 11.81
C ALA B 298 -35.80 3.52 11.87
N PHE B 299 -35.56 4.32 10.82
CA PHE B 299 -34.48 5.32 10.88
C PHE B 299 -34.86 6.47 11.82
N LEU B 300 -36.06 7.02 11.63
CA LEU B 300 -36.59 8.11 12.46
C LEU B 300 -36.80 7.68 13.93
N GLN B 301 -37.34 6.48 14.13
CA GLN B 301 -37.57 5.92 15.47
C GLN B 301 -36.31 5.29 16.13
N LYS B 302 -35.15 5.44 15.50
CA LYS B 302 -33.88 4.93 16.03
C LYS B 302 -33.81 3.42 16.33
N ARG B 303 -34.82 2.67 15.89
CA ARG B 303 -34.88 1.22 16.11
C ARG B 303 -34.29 0.41 14.93
N PRO B 304 -34.04 -0.89 15.10
CA PRO B 304 -33.70 -1.75 13.96
C PRO B 304 -34.94 -2.05 13.12
N PRO B 305 -34.81 -2.01 11.79
CA PRO B 305 -35.92 -2.37 10.88
C PRO B 305 -36.25 -3.87 10.90
N ASP B 306 -37.54 -4.20 10.71
CA ASP B 306 -37.98 -5.59 10.61
C ASP B 306 -38.43 -5.96 9.19
N TRP B 307 -37.66 -6.83 8.54
CA TRP B 307 -37.88 -7.21 7.14
C TRP B 307 -38.62 -8.55 6.99
N SER B 308 -39.07 -9.12 8.11
CA SER B 308 -39.73 -10.44 8.10
C SER B 308 -41.08 -10.54 7.33
N PRO B 309 -41.93 -9.50 7.36
CA PRO B 309 -43.19 -9.53 6.60
C PRO B 309 -43.01 -9.61 5.07
N PHE B 310 -41.90 -9.09 4.56
CA PHE B 310 -41.66 -8.97 3.12
C PHE B 310 -40.72 -10.05 2.56
N PRO B 311 -41.23 -10.82 1.61
CA PRO B 311 -40.53 -12.02 1.12
C PRO B 311 -39.40 -11.70 0.13
N ARG B 312 -38.53 -12.70 -0.11
CA ARG B 312 -37.50 -12.60 -1.12
C ARG B 312 -37.99 -13.17 -2.44
N TYR B 313 -38.70 -12.34 -3.20
CA TYR B 313 -39.21 -12.68 -4.54
C TYR B 313 -38.08 -13.07 -5.49
N PHE B 314 -38.38 -13.98 -6.42
CA PHE B 314 -37.37 -14.52 -7.33
C PHE B 314 -37.82 -14.61 -8.80
N ASN C 18 -25.88 -4.01 -70.37
CA ASN C 18 -24.65 -3.92 -69.50
C ASN C 18 -24.57 -2.60 -68.72
N PRO C 19 -24.54 -2.71 -67.38
CA PRO C 19 -24.42 -1.50 -66.54
C PRO C 19 -23.16 -0.66 -66.80
N PHE C 20 -22.09 -1.29 -67.29
CA PHE C 20 -20.82 -0.61 -67.44
C PHE C 20 -20.78 0.30 -68.69
N ASP C 21 -20.54 1.58 -68.46
CA ASP C 21 -20.37 2.54 -69.53
C ASP C 21 -18.89 2.93 -69.64
N ALA C 22 -18.19 2.30 -70.60
CA ALA C 22 -16.77 2.52 -70.80
C ALA C 22 -16.38 4.00 -70.99
N LYS C 23 -17.20 4.78 -71.68
CA LYS C 23 -16.92 6.20 -71.90
C LYS C 23 -16.81 7.01 -70.61
N ALA C 24 -17.37 6.49 -69.52
CA ALA C 24 -17.39 7.25 -68.26
C ALA C 24 -16.15 7.04 -67.37
N TRP C 25 -15.34 6.06 -67.71
CA TRP C 25 -14.27 5.60 -66.84
C TRP C 25 -12.87 5.57 -67.47
N ARG C 26 -11.86 5.80 -66.63
CA ARG C 26 -10.45 5.77 -67.01
C ARG C 26 -9.73 4.87 -66.03
N LEU C 27 -8.77 4.08 -66.51
CA LEU C 27 -7.96 3.27 -65.62
C LEU C 27 -7.14 4.14 -64.66
N VAL C 28 -6.90 3.64 -63.47
CA VAL C 28 -6.09 4.38 -62.53
C VAL C 28 -4.63 3.94 -62.72
N ASP C 29 -3.72 4.92 -62.72
CA ASP C 29 -2.28 4.68 -62.92
C ASP C 29 -1.75 3.76 -61.85
N GLY C 30 -0.97 2.77 -62.27
CA GLY C 30 -0.21 1.97 -61.34
C GLY C 30 -0.85 0.63 -61.05
N PHE C 31 -1.94 0.30 -61.74
CA PHE C 31 -2.69 -0.92 -61.45
C PHE C 31 -2.84 -1.83 -62.69
N ASP C 32 -1.82 -1.78 -63.56
CA ASP C 32 -1.80 -2.59 -64.80
C ASP C 32 -1.71 -4.10 -64.53
N ASP C 33 -1.17 -4.46 -63.36
CA ASP C 33 -0.98 -5.85 -62.99
C ASP C 33 -2.22 -6.53 -62.41
N LEU C 34 -3.32 -5.79 -62.25
CA LEU C 34 -4.57 -6.36 -61.67
C LEU C 34 -5.16 -7.49 -62.53
N THR C 35 -5.45 -8.64 -61.92
CA THR C 35 -6.10 -9.72 -62.67
C THR C 35 -7.51 -10.01 -62.22
N ASP C 36 -7.78 -9.90 -60.91
CA ASP C 36 -9.02 -10.36 -60.31
C ASP C 36 -10.01 -9.22 -60.01
N ILE C 37 -9.55 -7.98 -60.21
CA ILE C 37 -10.28 -6.78 -59.78
C ILE C 37 -10.02 -5.72 -60.84
N THR C 38 -11.00 -4.85 -61.14
CA THR C 38 -10.71 -3.69 -61.98
C THR C 38 -10.93 -2.43 -61.19
N TYR C 39 -10.29 -1.34 -61.64
CA TYR C 39 -10.19 -0.12 -60.90
C TYR C 39 -10.16 1.09 -61.86
N HIS C 40 -11.20 1.90 -61.81
CA HIS C 40 -11.36 3.03 -62.69
C HIS C 40 -11.66 4.24 -61.87
N ARG C 41 -11.21 5.37 -62.37
CA ARG C 41 -11.59 6.68 -61.90
C ARG C 41 -12.56 7.29 -62.94
N HIS C 42 -13.59 7.98 -62.48
CA HIS C 42 -14.54 8.65 -63.36
C HIS C 42 -13.87 9.79 -64.15
N VAL C 43 -14.33 10.01 -65.38
CA VAL C 43 -13.75 11.02 -66.25
C VAL C 43 -13.79 12.40 -65.65
N ASP C 44 -14.87 12.70 -64.93
CA ASP C 44 -15.09 14.02 -64.36
C ASP C 44 -15.26 14.00 -62.84
N ASP C 45 -15.97 13.03 -62.31
CA ASP C 45 -16.38 13.09 -60.91
C ASP C 45 -15.39 12.47 -59.90
N ALA C 46 -15.52 12.86 -58.64
CA ALA C 46 -14.68 12.34 -57.55
C ALA C 46 -15.09 10.92 -57.13
N THR C 47 -15.18 10.02 -58.10
CA THR C 47 -15.72 8.71 -57.84
C THR C 47 -14.88 7.65 -58.53
N VAL C 48 -14.74 6.50 -57.86
CA VAL C 48 -14.06 5.36 -58.45
C VAL C 48 -14.97 4.14 -58.56
N ARG C 49 -14.59 3.23 -59.46
CA ARG C 49 -15.33 2.02 -59.70
C ARG C 49 -14.40 0.87 -59.37
N VAL C 50 -14.82 0.03 -58.44
CA VAL C 50 -14.01 -1.08 -57.95
C VAL C 50 -14.84 -2.33 -58.15
N ALA C 51 -14.35 -3.26 -58.95
CA ALA C 51 -15.18 -4.36 -59.42
C ALA C 51 -14.48 -5.70 -59.37
N PHE C 52 -15.15 -6.72 -58.83
CA PHE C 52 -14.70 -8.09 -58.99
C PHE C 52 -14.65 -8.40 -60.49
N ASN C 53 -13.57 -9.04 -60.90
CA ASN C 53 -13.33 -9.33 -62.31
C ASN C 53 -13.12 -10.82 -62.61
N ARG C 54 -13.91 -11.69 -61.98
CA ARG C 54 -13.88 -13.13 -62.25
C ARG C 54 -15.28 -13.63 -62.58
N PRO C 55 -15.93 -13.03 -63.57
CA PRO C 55 -17.31 -13.41 -63.91
C PRO C 55 -17.52 -14.92 -64.20
N GLU C 56 -16.49 -15.62 -64.67
CA GLU C 56 -16.58 -17.10 -64.92
C GLU C 56 -16.89 -17.92 -63.67
N VAL C 57 -16.52 -17.40 -62.50
CA VAL C 57 -16.79 -18.11 -61.25
C VAL C 57 -17.75 -17.33 -60.33
N ARG C 58 -18.69 -16.60 -60.95
CA ARG C 58 -19.67 -15.77 -60.25
C ARG C 58 -18.99 -14.79 -59.34
N ASN C 59 -17.83 -14.29 -59.80
CA ASN C 59 -17.05 -13.27 -59.10
C ASN C 59 -16.66 -13.65 -57.65
N ALA C 60 -16.42 -14.95 -57.43
CA ALA C 60 -15.88 -15.42 -56.15
C ALA C 60 -14.47 -14.86 -55.92
N PHE C 61 -14.13 -14.59 -54.66
CA PHE C 61 -12.77 -14.15 -54.37
C PHE C 61 -11.90 -15.30 -53.88
N ARG C 62 -10.72 -15.41 -54.47
CA ARG C 62 -9.67 -16.26 -53.92
C ARG C 62 -8.68 -15.31 -53.18
N PRO C 63 -7.75 -15.87 -52.39
CA PRO C 63 -6.79 -15.04 -51.66
C PRO C 63 -6.15 -13.90 -52.48
N HIS C 64 -5.77 -14.16 -53.71
CA HIS C 64 -5.19 -13.12 -54.57
C HIS C 64 -6.20 -12.01 -54.89
N THR C 65 -7.49 -12.34 -54.95
CA THR C 65 -8.56 -11.33 -55.18
C THR C 65 -8.63 -10.35 -53.99
N VAL C 66 -8.68 -10.95 -52.79
CA VAL C 66 -8.70 -10.18 -51.53
C VAL C 66 -7.51 -9.20 -51.47
N ASP C 67 -6.31 -9.71 -51.78
CA ASP C 67 -5.08 -8.91 -51.84
C ASP C 67 -5.27 -7.68 -52.73
N GLU C 68 -5.75 -7.91 -53.94
CA GLU C 68 -5.97 -6.83 -54.87
C GLU C 68 -7.07 -5.88 -54.42
N LEU C 69 -8.16 -6.45 -53.93
CA LEU C 69 -9.28 -5.65 -53.43
C LEU C 69 -8.84 -4.71 -52.29
N TYR C 70 -8.08 -5.26 -51.33
CA TYR C 70 -7.46 -4.44 -50.29
C TYR C 70 -6.61 -3.31 -50.84
N ARG C 71 -5.65 -3.62 -51.71
CA ARG C 71 -4.74 -2.61 -52.30
C ARG C 71 -5.50 -1.48 -52.95
N VAL C 72 -6.47 -1.87 -53.77
CA VAL C 72 -7.27 -0.95 -54.54
C VAL C 72 -8.11 -0.05 -53.61
N LEU C 73 -8.86 -0.66 -52.68
CA LEU C 73 -9.67 0.10 -51.72
C LEU C 73 -8.82 1.00 -50.83
N ASP C 74 -7.65 0.51 -50.45
CA ASP C 74 -6.68 1.30 -49.70
C ASP C 74 -6.19 2.50 -50.50
N HIS C 75 -5.94 2.29 -51.78
CA HIS C 75 -5.51 3.39 -52.64
C HIS C 75 -6.61 4.45 -52.69
N ALA C 76 -7.84 4.01 -52.90
CA ALA C 76 -8.99 4.91 -52.97
C ALA C 76 -9.16 5.70 -51.66
N ARG C 77 -8.99 5.00 -50.54
CA ARG C 77 -9.03 5.64 -49.23
C ARG C 77 -8.05 6.81 -49.12
N MET C 78 -6.84 6.64 -49.67
CA MET C 78 -5.75 7.62 -49.60
C MET C 78 -5.74 8.63 -50.72
N SER C 79 -6.65 8.50 -51.69
CA SER C 79 -6.76 9.48 -52.77
C SER C 79 -7.61 10.66 -52.36
N PRO C 80 -6.97 11.81 -52.22
CA PRO C 80 -7.63 13.01 -51.68
C PRO C 80 -8.69 13.57 -52.61
N ASP C 81 -8.65 13.19 -53.87
CA ASP C 81 -9.61 13.72 -54.81
C ASP C 81 -10.72 12.72 -55.18
N VAL C 82 -10.83 11.66 -54.38
CA VAL C 82 -11.89 10.65 -54.51
C VAL C 82 -12.83 10.75 -53.30
N GLY C 83 -14.11 10.96 -53.54
CA GLY C 83 -15.05 11.08 -52.45
C GLY C 83 -15.91 9.84 -52.24
N VAL C 84 -16.17 9.07 -53.30
CA VAL C 84 -17.11 7.95 -53.22
C VAL C 84 -16.53 6.75 -53.93
N VAL C 85 -16.70 5.57 -53.35
CA VAL C 85 -16.32 4.33 -53.99
C VAL C 85 -17.58 3.55 -54.40
N LEU C 86 -17.64 3.21 -55.68
CA LEU C 86 -18.64 2.27 -56.17
C LEU C 86 -18.00 0.90 -56.23
N LEU C 87 -18.59 -0.03 -55.48
CA LEU C 87 -18.12 -1.39 -55.39
C LEU C 87 -19.13 -2.30 -56.08
N THR C 88 -18.67 -3.04 -57.09
CA THR C 88 -19.58 -3.84 -57.88
C THR C 88 -18.86 -5.08 -58.45
N GLY C 89 -19.50 -5.74 -59.41
CA GLY C 89 -18.90 -6.89 -60.05
C GLY C 89 -19.11 -6.75 -61.54
N ASN C 90 -18.09 -7.16 -62.32
CA ASN C 90 -18.17 -7.15 -63.76
C ASN C 90 -18.87 -8.39 -64.23
N GLY C 91 -19.44 -8.33 -65.42
CA GLY C 91 -20.13 -9.44 -66.05
C GLY C 91 -20.62 -9.10 -67.45
N PRO C 92 -21.37 -10.01 -68.08
CA PRO C 92 -21.85 -11.25 -67.46
C PRO C 92 -20.81 -12.37 -67.57
N SER C 93 -21.16 -13.56 -67.08
CA SER C 93 -20.33 -14.73 -67.26
C SER C 93 -20.21 -15.07 -68.76
N PRO C 94 -18.99 -15.24 -69.26
CA PRO C 94 -18.80 -15.58 -70.69
C PRO C 94 -19.22 -17.04 -70.92
N LYS C 95 -19.28 -17.82 -69.86
CA LYS C 95 -19.65 -19.23 -69.96
C LYS C 95 -21.18 -19.44 -70.02
N ASP C 96 -21.95 -18.72 -69.20
CA ASP C 96 -23.39 -18.97 -69.16
C ASP C 96 -24.31 -17.72 -69.12
N GLY C 97 -23.71 -16.53 -69.25
CA GLY C 97 -24.47 -15.28 -69.31
C GLY C 97 -25.05 -14.81 -67.98
N GLY C 98 -24.73 -15.52 -66.91
CA GLY C 98 -25.24 -15.20 -65.58
C GLY C 98 -24.51 -14.05 -64.94
N TRP C 99 -25.20 -13.33 -64.06
CA TRP C 99 -24.69 -12.08 -63.50
C TRP C 99 -24.34 -12.26 -62.03
N ALA C 100 -23.23 -11.68 -61.61
CA ALA C 100 -22.82 -11.76 -60.19
C ALA C 100 -22.14 -10.50 -59.70
N PHE C 101 -22.53 -10.06 -58.52
CA PHE C 101 -21.72 -9.07 -57.83
C PHE C 101 -20.50 -9.83 -57.24
N CYS C 102 -20.76 -10.86 -56.45
CA CYS C 102 -19.73 -11.61 -55.77
C CYS C 102 -20.37 -12.77 -55.04
N SER C 103 -19.84 -13.97 -55.25
CA SER C 103 -20.44 -15.16 -54.64
C SER C 103 -19.70 -15.67 -53.43
N GLY C 104 -18.78 -14.85 -52.90
CA GLY C 104 -18.04 -15.22 -51.73
C GLY C 104 -16.70 -15.89 -52.00
N GLY C 105 -16.18 -16.56 -50.97
CA GLY C 105 -14.88 -17.18 -51.03
C GLY C 105 -14.85 -18.27 -52.08
N ASP C 106 -13.81 -18.25 -52.93
CA ASP C 106 -13.62 -19.29 -53.93
C ASP C 106 -13.41 -20.64 -53.25
N GLN C 107 -14.27 -21.59 -53.61
CA GLN C 107 -14.35 -22.89 -52.94
C GLN C 107 -13.74 -24.02 -53.80
N LEU C 134 -9.89 -14.83 -43.86
CA LEU C 134 -9.73 -13.78 -42.86
C LEU C 134 -9.14 -12.45 -43.40
N HIS C 135 -8.50 -12.52 -44.57
CA HIS C 135 -8.02 -11.32 -45.21
C HIS C 135 -9.29 -10.47 -45.56
N ILE C 136 -10.43 -11.13 -45.83
CA ILE C 136 -11.69 -10.44 -46.13
C ILE C 136 -12.26 -9.58 -44.98
N LEU C 137 -12.03 -10.01 -43.75
CA LEU C 137 -12.39 -9.25 -42.58
C LEU C 137 -11.67 -7.93 -42.59
N GLU C 138 -10.44 -7.94 -43.06
CA GLU C 138 -9.65 -6.73 -43.19
C GLU C 138 -10.23 -5.77 -44.23
N VAL C 139 -10.73 -6.34 -45.32
CA VAL C 139 -11.38 -5.53 -46.33
C VAL C 139 -12.65 -4.91 -45.75
N GLN C 140 -13.42 -5.70 -45.01
CA GLN C 140 -14.61 -5.18 -44.34
C GLN C 140 -14.26 -3.94 -43.49
N ARG C 141 -13.19 -4.03 -42.73
CA ARG C 141 -12.77 -2.95 -41.85
C ARG C 141 -12.31 -1.74 -42.64
N LEU C 142 -11.67 -1.97 -43.77
CA LEU C 142 -11.25 -0.89 -44.67
C LEU C 142 -12.46 -0.12 -45.19
N ILE C 143 -13.48 -0.85 -45.65
CA ILE C 143 -14.72 -0.26 -46.09
C ILE C 143 -15.39 0.50 -44.93
N ARG C 144 -15.41 -0.13 -43.77
CA ARG C 144 -16.07 0.45 -42.60
C ARG C 144 -15.41 1.72 -42.09
N PHE C 145 -14.07 1.76 -42.08
CA PHE C 145 -13.33 2.85 -41.47
C PHE C 145 -12.92 3.97 -42.44
N MET C 146 -12.99 3.73 -43.74
CA MET C 146 -12.52 4.75 -44.66
C MET C 146 -13.47 5.93 -44.63
N PRO C 147 -12.88 7.12 -44.62
CA PRO C 147 -13.63 8.37 -44.46
C PRO C 147 -14.32 8.81 -45.73
N LYS C 148 -14.83 7.87 -46.51
CA LYS C 148 -15.65 8.18 -47.67
C LYS C 148 -16.77 7.16 -47.82
N VAL C 149 -17.80 7.54 -48.56
CA VAL C 149 -18.99 6.72 -48.75
C VAL C 149 -18.71 5.56 -49.75
N VAL C 150 -18.96 4.33 -49.32
CA VAL C 150 -18.86 3.18 -50.20
C VAL C 150 -20.27 2.67 -50.53
N ILE C 151 -20.60 2.72 -51.83
CA ILE C 151 -21.87 2.22 -52.34
C ILE C 151 -21.65 0.89 -53.03
N CYS C 152 -22.30 -0.16 -52.52
CA CYS C 152 -22.30 -1.41 -53.21
C CYS C 152 -23.37 -1.35 -54.34
N LEU C 153 -22.94 -1.63 -55.57
CA LEU C 153 -23.88 -1.79 -56.70
C LEU C 153 -24.04 -3.30 -56.95
N VAL C 154 -25.14 -3.87 -56.43
CA VAL C 154 -25.37 -5.29 -56.59
C VAL C 154 -25.99 -5.54 -57.96
N ASN C 155 -25.15 -5.99 -58.87
CA ASN C 155 -25.52 -6.20 -60.27
C ASN C 155 -25.89 -7.65 -60.57
N GLY C 156 -25.83 -8.53 -59.57
CA GLY C 156 -26.12 -9.95 -59.78
C GLY C 156 -26.18 -10.71 -58.48
N TRP C 157 -25.85 -12.00 -58.48
CA TRP C 157 -25.74 -12.73 -57.21
C TRP C 157 -24.81 -12.05 -56.21
N ALA C 158 -25.27 -12.01 -54.96
CA ALA C 158 -24.50 -11.56 -53.82
C ALA C 158 -24.69 -12.65 -52.79
N ALA C 159 -23.72 -13.55 -52.67
CA ALA C 159 -23.88 -14.72 -51.81
C ALA C 159 -22.69 -14.87 -50.88
N GLY C 160 -22.90 -15.54 -49.75
CA GLY C 160 -21.86 -15.73 -48.76
C GLY C 160 -21.14 -14.44 -48.44
N GLY C 161 -19.80 -14.50 -48.49
CA GLY C 161 -18.96 -13.33 -48.22
C GLY C 161 -19.30 -12.13 -49.09
N GLY C 162 -19.80 -12.41 -50.29
CA GLY C 162 -20.18 -11.37 -51.22
C GLY C 162 -21.41 -10.67 -50.69
N HIS C 163 -22.31 -11.44 -50.07
CA HIS C 163 -23.48 -10.84 -49.41
C HIS C 163 -23.01 -9.93 -48.23
N SER C 164 -22.04 -10.45 -47.46
CA SER C 164 -21.49 -9.75 -46.31
C SER C 164 -20.80 -8.44 -46.71
N LEU C 165 -20.12 -8.42 -47.86
CA LEU C 165 -19.51 -7.22 -48.40
C LEU C 165 -20.55 -6.12 -48.70
N HIS C 166 -21.68 -6.50 -49.27
CA HIS C 166 -22.79 -5.61 -49.50
C HIS C 166 -23.29 -5.05 -48.16
N VAL C 167 -23.48 -5.94 -47.16
CA VAL C 167 -24.03 -5.49 -45.90
C VAL C 167 -23.18 -4.36 -45.28
N VAL C 168 -21.84 -4.51 -45.35
CA VAL C 168 -20.96 -3.62 -44.62
C VAL C 168 -20.79 -2.26 -45.36
N CYS C 169 -21.09 -2.21 -46.65
CA CYS C 169 -21.01 -0.95 -47.36
C CYS C 169 -22.01 0.02 -46.75
N ASP C 170 -21.73 1.30 -46.88
CA ASP C 170 -22.61 2.37 -46.40
C ASP C 170 -23.97 2.36 -47.06
N LEU C 171 -23.99 2.15 -48.37
CA LEU C 171 -25.23 2.17 -49.14
C LEU C 171 -25.23 1.03 -50.14
N THR C 172 -26.41 0.63 -50.55
CA THR C 172 -26.57 -0.41 -51.54
C THR C 172 -27.62 -0.09 -52.59
N LEU C 173 -27.23 -0.13 -53.86
CA LEU C 173 -28.17 0.00 -54.98
C LEU C 173 -28.20 -1.37 -55.69
N ALA C 174 -29.36 -1.87 -56.07
CA ALA C 174 -29.43 -3.24 -56.62
C ALA C 174 -30.21 -3.37 -57.93
N SER C 175 -29.68 -4.17 -58.84
CA SER C 175 -30.32 -4.39 -60.12
C SER C 175 -31.66 -5.09 -59.97
N ARG C 176 -32.70 -4.48 -60.55
CA ARG C 176 -34.04 -5.02 -60.39
C ARG C 176 -34.11 -6.45 -60.94
N GLU C 177 -33.61 -6.62 -62.15
CA GLU C 177 -33.73 -7.86 -62.88
C GLU C 177 -32.81 -8.94 -62.35
N TYR C 178 -31.59 -8.56 -61.95
CA TYR C 178 -30.56 -9.56 -61.68
C TYR C 178 -29.96 -9.63 -60.28
N ALA C 179 -30.21 -8.64 -59.42
CA ALA C 179 -29.67 -8.71 -58.06
C ALA C 179 -30.32 -9.92 -57.41
N ARG C 180 -29.52 -10.77 -56.78
CA ARG C 180 -30.03 -11.93 -56.03
C ARG C 180 -29.26 -12.02 -54.74
N PHE C 181 -29.96 -11.97 -53.61
CA PHE C 181 -29.34 -11.99 -52.31
C PHE C 181 -29.53 -13.38 -51.65
N LYS C 182 -28.42 -14.03 -51.32
CA LYS C 182 -28.51 -15.34 -50.69
C LYS C 182 -27.41 -15.53 -49.70
N GLN C 183 -27.76 -15.68 -48.43
CA GLN C 183 -26.76 -16.00 -47.40
C GLN C 183 -26.66 -17.50 -47.23
N THR C 184 -25.69 -18.07 -47.93
CA THR C 184 -25.48 -19.51 -47.98
C THR C 184 -24.49 -20.03 -46.93
N ASP C 185 -23.92 -19.16 -46.11
CA ASP C 185 -22.89 -19.58 -45.15
C ASP C 185 -23.21 -20.92 -44.45
N ALA C 186 -24.39 -21.00 -43.82
CA ALA C 186 -24.74 -22.16 -43.01
C ALA C 186 -24.88 -23.47 -43.81
N ASP C 187 -25.18 -23.37 -45.10
CA ASP C 187 -25.22 -24.54 -45.99
C ASP C 187 -23.90 -25.28 -45.98
N VAL C 188 -22.82 -24.51 -45.94
CA VAL C 188 -21.46 -25.08 -46.07
C VAL C 188 -20.73 -25.27 -44.73
N GLY C 189 -21.41 -24.97 -43.63
CA GLY C 189 -20.83 -25.10 -42.31
C GLY C 189 -20.02 -23.88 -41.86
N SER C 190 -20.14 -22.80 -42.63
CA SER C 190 -19.50 -21.54 -42.28
C SER C 190 -20.50 -20.51 -41.72
N PHE C 191 -19.98 -19.32 -41.36
CA PHE C 191 -20.80 -18.23 -40.81
C PHE C 191 -19.99 -16.96 -40.69
N ASP C 192 -20.57 -15.84 -41.13
CA ASP C 192 -20.03 -14.54 -40.82
C ASP C 192 -20.75 -14.09 -39.54
N GLY C 193 -20.03 -14.15 -38.43
CA GLY C 193 -20.63 -13.85 -37.15
C GLY C 193 -20.37 -12.41 -36.74
N GLY C 194 -20.02 -11.57 -37.71
CA GLY C 194 -19.66 -10.19 -37.42
C GLY C 194 -20.54 -9.22 -38.16
N TYR C 195 -19.97 -8.46 -39.09
CA TYR C 195 -20.71 -7.47 -39.84
C TYR C 195 -21.78 -8.07 -40.73
N GLY C 196 -21.47 -9.20 -41.36
CA GLY C 196 -22.43 -9.88 -42.22
C GLY C 196 -23.77 -10.18 -41.58
N SER C 197 -23.77 -10.47 -40.28
CA SER C 197 -25.00 -10.84 -39.60
C SER C 197 -25.48 -9.77 -38.61
N ALA C 198 -24.66 -9.50 -37.59
CA ALA C 198 -25.08 -8.55 -36.55
C ALA C 198 -25.32 -7.20 -37.13
N TYR C 199 -24.55 -6.76 -38.12
CA TYR C 199 -24.77 -5.42 -38.67
C TYR C 199 -25.99 -5.41 -39.63
N LEU C 200 -26.24 -6.54 -40.27
CA LEU C 200 -27.43 -6.70 -41.10
C LEU C 200 -28.64 -6.41 -40.25
N ALA C 201 -28.63 -6.95 -39.02
CA ALA C 201 -29.73 -6.76 -38.08
C ALA C 201 -29.98 -5.30 -37.79
N ARG C 202 -28.95 -4.46 -37.91
CA ARG C 202 -29.13 -3.03 -37.66
C ARG C 202 -29.60 -2.31 -38.91
N GLN C 203 -29.85 -3.04 -39.98
CA GLN C 203 -30.47 -2.53 -41.19
C GLN C 203 -31.92 -3.01 -41.33
N VAL C 204 -32.12 -4.33 -41.24
CA VAL C 204 -33.42 -4.95 -41.49
C VAL C 204 -34.16 -5.33 -40.20
N GLY C 205 -33.49 -5.23 -39.06
CA GLY C 205 -34.07 -5.66 -37.80
C GLY C 205 -33.76 -7.11 -37.48
N GLN C 206 -33.93 -7.48 -36.22
CA GLN C 206 -33.52 -8.82 -35.79
C GLN C 206 -34.30 -9.99 -36.39
N LYS C 207 -35.59 -9.82 -36.68
CA LYS C 207 -36.36 -10.94 -37.24
C LYS C 207 -35.93 -11.22 -38.67
N PHE C 208 -35.87 -10.18 -39.50
CA PHE C 208 -35.49 -10.41 -40.89
C PHE C 208 -34.08 -10.96 -41.00
N ALA C 209 -33.15 -10.39 -40.24
CA ALA C 209 -31.75 -10.77 -40.40
C ALA C 209 -31.59 -12.24 -40.01
N ARG C 210 -32.22 -12.66 -38.92
CA ARG C 210 -32.22 -14.10 -38.55
C ARG C 210 -32.77 -14.95 -39.68
N GLU C 211 -33.87 -14.51 -40.26
CA GLU C 211 -34.47 -15.22 -41.38
C GLU C 211 -33.51 -15.42 -42.52
N ILE C 212 -32.87 -14.31 -42.94
CA ILE C 212 -31.93 -14.32 -44.04
C ILE C 212 -30.82 -15.40 -43.82
N PHE C 213 -30.24 -15.47 -42.63
CA PHE C 213 -29.17 -16.45 -42.37
C PHE C 213 -29.67 -17.85 -42.07
N PHE C 214 -30.72 -18.00 -41.26
CA PHE C 214 -31.19 -19.34 -40.86
C PHE C 214 -31.75 -20.16 -42.03
N LEU C 215 -32.48 -19.52 -42.93
CA LEU C 215 -33.09 -20.21 -44.07
C LEU C 215 -32.20 -20.19 -45.31
N GLY C 216 -31.39 -19.16 -45.45
CA GLY C 216 -30.56 -19.05 -46.65
C GLY C 216 -31.32 -18.93 -47.97
N ARG C 217 -32.51 -18.35 -47.95
CA ARG C 217 -33.24 -18.21 -49.20
C ARG C 217 -32.70 -17.08 -50.06
N THR C 218 -33.14 -17.08 -51.32
CA THR C 218 -32.74 -16.09 -52.28
C THR C 218 -33.78 -14.98 -52.29
N TYR C 219 -33.30 -13.75 -52.26
CA TYR C 219 -34.19 -12.60 -52.26
C TYR C 219 -33.88 -11.73 -53.45
N THR C 220 -34.90 -11.05 -53.96
CA THR C 220 -34.69 -10.08 -55.05
C THR C 220 -34.33 -8.71 -54.48
N ALA C 221 -33.94 -7.81 -55.39
CA ALA C 221 -33.64 -6.45 -55.05
C ALA C 221 -34.81 -5.80 -54.29
N GLU C 222 -36.03 -6.04 -54.76
CA GLU C 222 -37.23 -5.35 -54.22
C GLU C 222 -37.55 -5.86 -52.81
N GLN C 223 -37.36 -7.15 -52.60
CA GLN C 223 -37.55 -7.76 -51.31
C GLN C 223 -36.56 -7.20 -50.27
N MET C 224 -35.30 -7.12 -50.64
CA MET C 224 -34.28 -6.54 -49.79
C MET C 224 -34.50 -5.08 -49.54
N HIS C 225 -35.03 -4.37 -50.54
CA HIS C 225 -35.41 -2.95 -50.38
C HIS C 225 -36.54 -2.80 -49.35
N GLN C 226 -37.54 -3.69 -49.41
CA GLN C 226 -38.67 -3.68 -48.46
C GLN C 226 -38.14 -3.92 -47.05
N MET C 227 -37.18 -4.85 -46.94
CA MET C 227 -36.63 -5.25 -45.64
C MET C 227 -35.74 -4.18 -45.01
N GLY C 228 -35.04 -3.40 -45.84
CA GLY C 228 -34.21 -2.31 -45.34
C GLY C 228 -32.74 -2.35 -45.67
N ALA C 229 -32.30 -3.40 -46.38
CA ALA C 229 -30.88 -3.60 -46.69
C ALA C 229 -30.46 -2.99 -48.03
N VAL C 230 -31.43 -2.66 -48.86
CA VAL C 230 -31.15 -2.09 -50.16
C VAL C 230 -31.76 -0.69 -50.20
N ASN C 231 -30.94 0.30 -50.46
CA ASN C 231 -31.43 1.68 -50.52
C ASN C 231 -32.40 1.93 -51.64
N ALA C 232 -32.04 1.50 -52.84
CA ALA C 232 -32.95 1.58 -53.98
C ALA C 232 -32.71 0.49 -55.02
N VAL C 233 -33.69 0.32 -55.89
CA VAL C 233 -33.61 -0.63 -56.99
C VAL C 233 -33.52 0.16 -58.27
N ALA C 234 -32.70 -0.33 -59.19
CA ALA C 234 -32.52 0.35 -60.47
C ALA C 234 -32.59 -0.66 -61.60
N GLU C 235 -33.02 -0.20 -62.78
CA GLU C 235 -32.97 -1.02 -63.98
C GLU C 235 -31.54 -1.45 -64.18
N HIS C 236 -31.35 -2.73 -64.46
CA HIS C 236 -30.03 -3.32 -64.59
C HIS C 236 -29.05 -2.47 -65.40
N ALA C 237 -29.49 -2.01 -66.57
CA ALA C 237 -28.66 -1.26 -67.49
C ALA C 237 -28.33 0.12 -66.95
N GLU C 238 -29.12 0.58 -65.98
CA GLU C 238 -28.92 1.92 -65.40
C GLU C 238 -28.29 1.90 -64.00
N LEU C 239 -27.89 0.72 -63.52
CA LEU C 239 -27.37 0.57 -62.16
C LEU C 239 -26.20 1.48 -61.84
N GLU C 240 -25.23 1.55 -62.76
CA GLU C 240 -24.04 2.37 -62.53
C GLU C 240 -24.31 3.86 -62.83
N THR C 241 -25.25 4.12 -63.75
CA THR C 241 -25.74 5.48 -63.98
C THR C 241 -26.37 6.04 -62.69
N VAL C 242 -27.21 5.21 -62.04
CA VAL C 242 -27.81 5.61 -60.77
C VAL C 242 -26.75 5.76 -59.69
N GLY C 243 -25.84 4.79 -59.62
CA GLY C 243 -24.72 4.85 -58.71
C GLY C 243 -23.97 6.16 -58.84
N LEU C 244 -23.78 6.61 -60.08
CA LEU C 244 -23.01 7.83 -60.35
C LEU C 244 -23.76 9.07 -59.94
N GLN C 245 -25.08 9.00 -60.05
CA GLN C 245 -25.94 10.12 -59.69
C GLN C 245 -25.91 10.23 -58.16
N TRP C 246 -26.06 9.09 -57.48
CA TRP C 246 -25.95 9.05 -56.01
C TRP C 246 -24.59 9.61 -55.55
N ALA C 247 -23.51 9.15 -56.21
CA ALA C 247 -22.15 9.59 -55.90
C ALA C 247 -22.00 11.10 -56.09
N ALA C 248 -22.57 11.63 -57.16
CA ALA C 248 -22.53 13.08 -57.43
C ALA C 248 -23.27 13.89 -56.35
N GLU C 249 -24.41 13.41 -55.89
CA GLU C 249 -25.13 14.12 -54.83
C GLU C 249 -24.31 14.09 -53.54
N ILE C 250 -23.70 12.94 -53.22
CA ILE C 250 -22.80 12.84 -52.07
C ILE C 250 -21.62 13.79 -52.20
N ASN C 251 -20.99 13.81 -53.37
CA ASN C 251 -19.81 14.65 -53.57
C ASN C 251 -20.11 16.14 -53.67
N ALA C 252 -21.38 16.51 -53.83
CA ALA C 252 -21.75 17.94 -53.87
C ALA C 252 -21.92 18.59 -52.48
N LYS C 253 -21.76 17.80 -51.42
CA LYS C 253 -21.85 18.30 -50.04
C LYS C 253 -20.47 18.51 -49.44
N SER C 254 -20.43 19.19 -48.29
CA SER C 254 -19.19 19.39 -47.55
C SER C 254 -18.53 18.06 -47.22
N PRO C 255 -17.33 17.83 -47.76
CA PRO C 255 -16.56 16.59 -47.49
C PRO C 255 -16.32 16.36 -46.01
N GLN C 256 -16.01 17.44 -45.30
CA GLN C 256 -15.85 17.43 -43.85
C GLN C 256 -17.09 16.86 -43.13
N ALA C 257 -18.25 17.43 -43.45
CA ALA C 257 -19.51 16.97 -42.90
C ALA C 257 -19.77 15.48 -43.22
N GLN C 258 -19.47 15.04 -44.45
CA GLN C 258 -19.75 13.67 -44.86
C GLN C 258 -18.93 12.68 -44.03
N ARG C 259 -17.65 12.99 -43.89
CA ARG C 259 -16.69 12.30 -43.05
C ARG C 259 -17.21 12.18 -41.59
N MET C 260 -17.60 13.30 -40.98
CA MET C 260 -18.10 13.27 -39.61
C MET C 260 -19.38 12.45 -39.49
N LEU C 261 -20.25 12.57 -40.48
CA LEU C 261 -21.49 11.85 -40.49
C LEU C 261 -21.26 10.36 -40.53
N LYS C 262 -20.36 9.92 -41.41
CA LYS C 262 -20.09 8.49 -41.53
C LYS C 262 -19.64 7.93 -40.19
N PHE C 263 -18.70 8.63 -39.57
CA PHE C 263 -18.14 8.18 -38.30
C PHE C 263 -19.18 8.32 -37.17
N ALA C 264 -20.09 9.29 -37.27
CA ALA C 264 -21.18 9.41 -36.31
C ALA C 264 -22.14 8.21 -36.41
N PHE C 265 -22.41 7.77 -37.63
CA PHE C 265 -23.26 6.62 -37.84
C PHE C 265 -22.61 5.34 -37.34
N ASN C 266 -21.30 5.21 -37.52
CA ASN C 266 -20.56 4.03 -37.03
C ASN C 266 -20.40 4.05 -35.52
N LEU C 267 -20.37 5.25 -34.93
CA LEU C 267 -19.73 5.39 -33.62
C LEU C 267 -20.11 4.31 -32.57
N LEU C 268 -21.37 4.35 -32.10
CA LEU C 268 -21.74 3.60 -30.93
C LEU C 268 -21.69 2.11 -31.28
N ASP C 269 -22.22 1.72 -32.43
CA ASP C 269 -22.10 0.34 -32.93
C ASP C 269 -20.67 -0.24 -32.89
N ASP C 270 -19.69 0.59 -33.20
CA ASP C 270 -18.27 0.21 -33.20
C ASP C 270 -17.52 0.47 -31.89
N GLY C 271 -18.22 0.84 -30.82
CA GLY C 271 -17.59 0.96 -29.51
C GLY C 271 -16.37 1.89 -29.52
N LEU C 272 -15.29 1.46 -28.85
CA LEU C 272 -14.09 2.29 -28.76
C LEU C 272 -13.47 2.64 -30.12
N VAL C 273 -13.64 1.74 -31.09
CA VAL C 273 -13.11 1.96 -32.42
C VAL C 273 -13.90 3.07 -33.10
N GLY C 274 -15.24 3.00 -32.95
CA GLY C 274 -16.11 4.04 -33.44
C GLY C 274 -15.76 5.38 -32.79
N GLN C 275 -15.59 5.37 -31.47
CA GLN C 275 -15.19 6.60 -30.78
C GLN C 275 -13.82 7.07 -31.30
N GLN C 276 -12.88 6.14 -31.48
CA GLN C 276 -11.54 6.51 -31.93
C GLN C 276 -11.58 7.30 -33.24
N LEU C 277 -12.32 6.77 -34.19
CA LEU C 277 -12.42 7.39 -35.51
C LEU C 277 -13.18 8.72 -35.49
N PHE C 278 -14.29 8.79 -34.78
CA PHE C 278 -15.02 10.04 -34.69
C PHE C 278 -14.22 11.12 -33.94
N ALA C 279 -13.70 10.73 -32.78
CA ALA C 279 -12.85 11.62 -31.98
C ALA C 279 -11.62 12.08 -32.76
N GLY C 280 -11.03 11.19 -33.54
CA GLY C 280 -9.89 11.54 -34.37
C GLY C 280 -10.22 12.68 -35.33
N GLU C 281 -11.42 12.65 -35.91
CA GLU C 281 -11.85 13.76 -36.73
C GLU C 281 -12.05 15.04 -35.92
N ALA C 282 -12.56 14.93 -34.69
CA ALA C 282 -12.74 16.07 -33.80
C ALA C 282 -11.39 16.69 -33.47
N THR C 283 -10.42 15.83 -33.18
CA THR C 283 -9.07 16.25 -32.91
C THR C 283 -8.50 17.07 -34.08
N ARG C 284 -8.70 16.58 -35.30
CA ARG C 284 -8.26 17.27 -36.52
C ARG C 284 -8.90 18.66 -36.62
N LEU C 285 -10.19 18.73 -36.38
CA LEU C 285 -10.90 20.00 -36.40
C LEU C 285 -10.32 20.96 -35.37
N ALA C 286 -10.01 20.46 -34.18
CA ALA C 286 -9.49 21.28 -33.11
C ALA C 286 -8.12 21.88 -33.47
N TYR C 287 -7.31 21.08 -34.14
CA TYR C 287 -5.97 21.47 -34.51
C TYR C 287 -5.95 22.74 -35.39
N MET C 288 -7.00 22.90 -36.19
CA MET C 288 -7.14 24.02 -37.11
C MET C 288 -7.52 25.35 -36.43
N THR C 289 -8.04 25.30 -35.19
CA THR C 289 -8.52 26.50 -34.49
C THR C 289 -7.39 27.41 -33.97
N ASP C 290 -7.76 28.65 -33.64
CA ASP C 290 -6.81 29.64 -33.08
C ASP C 290 -6.29 29.17 -31.71
N GLU C 291 -7.21 28.67 -30.89
CA GLU C 291 -6.91 28.13 -29.58
C GLU C 291 -5.78 27.09 -29.63
N ALA C 292 -5.90 26.13 -30.53
CA ALA C 292 -4.85 25.10 -30.64
C ALA C 292 -3.52 25.63 -31.19
N VAL C 293 -3.57 26.70 -31.98
CA VAL C 293 -2.35 27.35 -32.46
C VAL C 293 -1.62 27.99 -31.27
N GLU C 294 -2.36 28.73 -30.44
CA GLU C 294 -1.82 29.30 -29.21
C GLU C 294 -1.12 28.27 -28.33
N GLY C 295 -1.74 27.11 -28.14
CA GLY C 295 -1.16 26.06 -27.33
C GLY C 295 0.13 25.52 -27.91
N ARG C 296 0.15 25.40 -29.25
CA ARG C 296 1.32 24.90 -29.97
C ARG C 296 2.46 25.92 -30.01
N ASP C 297 2.11 27.21 -30.13
CA ASP C 297 3.10 28.29 -30.15
C ASP C 297 3.83 28.38 -28.82
N ALA C 298 3.05 28.52 -27.74
CA ALA C 298 3.57 28.62 -26.38
C ALA C 298 4.48 27.46 -25.97
N PHE C 299 4.28 26.27 -26.55
CA PHE C 299 5.16 25.14 -26.26
C PHE C 299 6.54 25.35 -26.89
N LEU C 300 6.55 25.69 -28.19
CA LEU C 300 7.78 25.96 -28.94
C LEU C 300 8.52 27.20 -28.42
N GLN C 301 7.76 28.25 -28.09
CA GLN C 301 8.30 29.51 -27.56
C GLN C 301 8.62 29.48 -26.05
N LYS C 302 8.50 28.30 -25.43
CA LYS C 302 8.76 28.08 -23.99
C LYS C 302 8.02 29.00 -23.00
N ARG C 303 6.99 29.71 -23.48
CA ARG C 303 6.19 30.62 -22.65
C ARG C 303 4.90 29.94 -22.13
N PRO C 304 4.21 30.54 -21.14
CA PRO C 304 2.87 30.06 -20.76
C PRO C 304 1.83 30.46 -21.81
N PRO C 305 0.85 29.58 -22.09
CA PRO C 305 -0.20 29.88 -23.07
C PRO C 305 -1.23 30.84 -22.49
N ASP C 306 -1.83 31.66 -23.35
CA ASP C 306 -2.90 32.58 -22.93
C ASP C 306 -4.25 32.14 -23.52
N TRP C 307 -5.18 31.76 -22.65
CA TRP C 307 -6.47 31.21 -23.06
C TRP C 307 -7.60 32.23 -22.99
N SER C 308 -7.25 33.47 -22.63
CA SER C 308 -8.25 34.52 -22.40
C SER C 308 -9.12 34.96 -23.59
N PRO C 309 -8.59 35.00 -24.82
CA PRO C 309 -9.43 35.33 -25.99
C PRO C 309 -10.51 34.29 -26.31
N PHE C 310 -10.34 33.04 -25.86
CA PHE C 310 -11.24 31.93 -26.19
C PHE C 310 -12.19 31.57 -25.06
N PRO C 311 -13.49 31.67 -25.33
CA PRO C 311 -14.51 31.54 -24.27
C PRO C 311 -14.82 30.09 -23.90
N ARG C 312 -15.47 29.93 -22.76
CA ARG C 312 -15.94 28.62 -22.33
C ARG C 312 -17.38 28.40 -22.79
N TYR C 313 -17.51 27.97 -24.05
CA TYR C 313 -18.80 27.61 -24.66
C TYR C 313 -19.55 26.53 -23.87
N PHE C 314 -20.88 26.62 -23.87
CA PHE C 314 -21.72 25.68 -23.11
C PHE C 314 -22.92 25.08 -23.85
N ASN D 18 -9.41 -24.78 10.52
CA ASN D 18 -10.59 -25.05 9.62
C ASN D 18 -11.68 -23.99 9.69
N PRO D 19 -12.01 -23.39 8.55
CA PRO D 19 -12.99 -22.28 8.50
C PRO D 19 -14.40 -22.73 8.93
N PHE D 20 -14.73 -24.00 8.67
CA PHE D 20 -16.05 -24.59 8.95
C PHE D 20 -16.37 -24.74 10.44
N ASP D 21 -17.40 -24.05 10.89
CA ASP D 21 -17.91 -24.24 12.26
C ASP D 21 -19.22 -25.03 12.24
N ALA D 22 -19.12 -26.33 12.52
CA ALA D 22 -20.26 -27.25 12.47
C ALA D 22 -21.47 -26.81 13.28
N LYS D 23 -21.23 -26.20 14.44
CA LYS D 23 -22.32 -25.72 15.29
C LYS D 23 -23.22 -24.65 14.63
N ALA D 24 -22.71 -24.00 13.58
CA ALA D 24 -23.39 -22.84 13.01
C ALA D 24 -24.40 -23.27 11.93
N TRP D 25 -24.29 -24.53 11.49
CA TRP D 25 -24.93 -24.96 10.26
C TRP D 25 -25.78 -26.21 10.45
N ARG D 26 -26.91 -26.27 9.74
CA ARG D 26 -27.74 -27.48 9.67
C ARG D 26 -27.96 -27.86 8.22
N LEU D 27 -28.07 -29.17 7.95
CA LEU D 27 -28.31 -29.67 6.61
C LEU D 27 -29.66 -29.18 6.11
N VAL D 28 -29.81 -29.04 4.80
CA VAL D 28 -31.09 -28.64 4.24
C VAL D 28 -31.84 -29.93 3.87
N ASP D 29 -33.13 -29.96 4.23
CA ASP D 29 -34.01 -31.07 3.97
C ASP D 29 -34.09 -31.35 2.48
N GLY D 30 -33.93 -32.61 2.10
CA GLY D 30 -34.20 -33.01 0.74
C GLY D 30 -32.95 -33.23 -0.07
N PHE D 31 -31.78 -33.09 0.57
CA PHE D 31 -30.50 -33.16 -0.15
C PHE D 31 -29.53 -34.19 0.41
N ASP D 32 -30.07 -35.30 0.90
CA ASP D 32 -29.26 -36.33 1.50
C ASP D 32 -28.52 -37.17 0.45
N ASP D 33 -28.96 -37.10 -0.80
CA ASP D 33 -28.27 -37.80 -1.89
C ASP D 33 -27.02 -37.06 -2.49
N LEU D 34 -26.70 -35.88 -1.96
CA LEU D 34 -25.58 -35.07 -2.47
C LEU D 34 -24.23 -35.76 -2.21
N THR D 35 -23.43 -35.89 -3.25
CA THR D 35 -22.11 -36.49 -3.07
C THR D 35 -20.94 -35.49 -3.29
N ASP D 36 -21.08 -34.62 -4.30
CA ASP D 36 -19.99 -33.69 -4.69
C ASP D 36 -20.08 -32.28 -4.12
N ILE D 37 -21.16 -32.00 -3.39
CA ILE D 37 -21.52 -30.67 -2.93
C ILE D 37 -22.11 -30.84 -1.56
N THR D 38 -21.89 -29.89 -0.65
CA THR D 38 -22.67 -29.84 0.58
C THR D 38 -23.51 -28.55 0.65
N TYR D 39 -24.62 -28.64 1.37
CA TYR D 39 -25.62 -27.60 1.42
C TYR D 39 -26.18 -27.47 2.81
N HIS D 40 -25.86 -26.37 3.48
CA HIS D 40 -26.29 -26.11 4.83
C HIS D 40 -27.06 -24.79 4.86
N ARG D 41 -27.93 -24.66 5.85
CA ARG D 41 -28.63 -23.46 6.18
C ARG D 41 -28.12 -23.08 7.57
N HIS D 42 -27.86 -21.81 7.81
CA HIS D 42 -27.39 -21.37 9.13
C HIS D 42 -28.46 -21.60 10.19
N VAL D 43 -28.05 -21.87 11.41
CA VAL D 43 -29.00 -22.06 12.51
C VAL D 43 -29.92 -20.88 12.77
N ASP D 44 -29.45 -19.65 12.58
CA ASP D 44 -30.28 -18.46 12.86
C ASP D 44 -30.50 -17.59 11.63
N ASP D 45 -29.43 -17.37 10.86
CA ASP D 45 -29.42 -16.34 9.80
C ASP D 45 -30.00 -16.81 8.48
N ALA D 46 -30.52 -15.85 7.70
CA ALA D 46 -31.01 -16.08 6.34
C ALA D 46 -29.84 -16.26 5.32
N THR D 47 -28.99 -17.26 5.58
CA THR D 47 -27.74 -17.49 4.87
C THR D 47 -27.56 -18.97 4.67
N VAL D 48 -27.11 -19.40 3.49
CA VAL D 48 -26.81 -20.81 3.22
C VAL D 48 -25.34 -20.95 2.85
N ARG D 49 -24.83 -22.16 3.01
CA ARG D 49 -23.43 -22.50 2.71
C ARG D 49 -23.47 -23.54 1.65
N VAL D 50 -22.91 -23.23 0.48
CA VAL D 50 -22.84 -24.14 -0.64
C VAL D 50 -21.37 -24.39 -0.95
N ALA D 51 -20.96 -25.65 -1.01
CA ALA D 51 -19.54 -25.93 -1.02
C ALA D 51 -19.18 -27.14 -1.83
N PHE D 52 -18.13 -27.00 -2.62
CA PHE D 52 -17.54 -28.12 -3.32
C PHE D 52 -17.05 -29.15 -2.28
N ASN D 53 -17.30 -30.43 -2.55
CA ASN D 53 -17.00 -31.48 -1.59
C ASN D 53 -16.19 -32.61 -2.19
N ARG D 54 -15.17 -32.25 -2.98
CA ARG D 54 -14.24 -33.21 -3.52
C ARG D 54 -12.82 -32.75 -3.21
N PRO D 55 -12.48 -32.58 -1.94
CA PRO D 55 -11.19 -31.98 -1.58
C PRO D 55 -9.99 -32.86 -2.03
N GLU D 56 -10.21 -34.17 -2.26
CA GLU D 56 -9.17 -35.08 -2.79
C GLU D 56 -8.66 -34.71 -4.17
N VAL D 57 -9.50 -34.03 -4.95
CA VAL D 57 -9.11 -33.60 -6.29
C VAL D 57 -9.12 -32.06 -6.41
N ARG D 58 -8.77 -31.41 -5.31
CA ARG D 58 -8.66 -29.94 -5.30
C ARG D 58 -10.00 -29.30 -5.66
N ASN D 59 -11.08 -29.98 -5.29
CA ASN D 59 -12.44 -29.54 -5.52
C ASN D 59 -12.81 -29.25 -6.97
N ALA D 60 -12.23 -30.03 -7.87
CA ALA D 60 -12.57 -30.01 -9.29
C ALA D 60 -14.00 -30.49 -9.46
N PHE D 61 -14.69 -29.91 -10.44
CA PHE D 61 -16.08 -30.30 -10.73
C PHE D 61 -16.18 -31.18 -11.95
N ARG D 62 -16.86 -32.32 -11.78
CA ARG D 62 -17.15 -33.21 -12.89
C ARG D 62 -18.61 -32.94 -13.24
N PRO D 63 -19.12 -33.44 -14.38
CA PRO D 63 -20.49 -33.11 -14.77
C PRO D 63 -21.51 -33.38 -13.65
N HIS D 64 -21.33 -34.45 -12.86
CA HIS D 64 -22.24 -34.69 -11.75
C HIS D 64 -22.19 -33.57 -10.67
N THR D 65 -21.02 -32.98 -10.45
CA THR D 65 -20.85 -31.85 -9.51
C THR D 65 -21.66 -30.63 -9.97
N VAL D 66 -21.57 -30.35 -11.26
CA VAL D 66 -22.27 -29.19 -11.84
C VAL D 66 -23.79 -29.35 -11.67
N ASP D 67 -24.29 -30.54 -12.03
CA ASP D 67 -25.69 -30.93 -11.75
C ASP D 67 -26.08 -30.60 -10.32
N GLU D 68 -25.30 -31.07 -9.37
CA GLU D 68 -25.65 -30.84 -7.96
C GLU D 68 -25.56 -29.37 -7.59
N LEU D 69 -24.51 -28.71 -8.07
CA LEU D 69 -24.29 -27.29 -7.79
C LEU D 69 -25.48 -26.48 -8.30
N TYR D 70 -25.87 -26.72 -9.55
CA TYR D 70 -27.08 -26.13 -10.11
C TYR D 70 -28.32 -26.32 -9.25
N ARG D 71 -28.66 -27.58 -8.96
CA ARG D 71 -29.84 -27.91 -8.15
C ARG D 71 -29.82 -27.16 -6.82
N VAL D 72 -28.65 -27.12 -6.20
CA VAL D 72 -28.53 -26.53 -4.87
C VAL D 72 -28.69 -25.01 -4.93
N LEU D 73 -27.98 -24.38 -5.87
CA LEU D 73 -28.07 -22.93 -6.04
C LEU D 73 -29.48 -22.53 -6.42
N ASP D 74 -30.12 -23.32 -7.29
CA ASP D 74 -31.50 -23.09 -7.71
C ASP D 74 -32.44 -23.15 -6.52
N HIS D 75 -32.28 -24.20 -5.69
CA HIS D 75 -33.08 -24.30 -4.47
C HIS D 75 -32.90 -23.03 -3.61
N ALA D 76 -31.65 -22.57 -3.47
CA ALA D 76 -31.39 -21.39 -2.64
C ALA D 76 -32.02 -20.15 -3.27
N ARG D 77 -31.99 -20.09 -4.59
CA ARG D 77 -32.65 -19.01 -5.29
C ARG D 77 -34.14 -18.93 -4.93
N MET D 78 -34.78 -20.10 -4.85
CA MET D 78 -36.22 -20.16 -4.70
C MET D 78 -36.65 -20.21 -3.24
N SER D 79 -35.68 -20.18 -2.31
CA SER D 79 -35.99 -20.15 -0.88
C SER D 79 -36.20 -18.72 -0.38
N PRO D 80 -37.44 -18.39 -0.04
CA PRO D 80 -37.80 -17.00 0.27
C PRO D 80 -37.23 -16.52 1.58
N ASP D 81 -36.75 -17.43 2.42
CA ASP D 81 -36.18 -16.99 3.69
C ASP D 81 -34.64 -17.04 3.67
N VAL D 82 -34.07 -17.22 2.48
CA VAL D 82 -32.62 -17.15 2.28
C VAL D 82 -32.24 -15.85 1.58
N GLY D 83 -31.38 -15.05 2.21
CA GLY D 83 -30.97 -13.78 1.61
C GLY D 83 -29.63 -13.81 0.90
N VAL D 84 -28.72 -14.66 1.38
CA VAL D 84 -27.33 -14.67 0.93
C VAL D 84 -26.83 -16.08 0.74
N VAL D 85 -26.05 -16.29 -0.32
CA VAL D 85 -25.41 -17.57 -0.55
C VAL D 85 -23.90 -17.38 -0.34
N LEU D 86 -23.33 -18.28 0.45
CA LEU D 86 -21.92 -18.32 0.69
C LEU D 86 -21.43 -19.53 -0.10
N LEU D 87 -20.63 -19.27 -1.12
CA LEU D 87 -20.13 -20.34 -1.96
C LEU D 87 -18.63 -20.55 -1.64
N THR D 88 -18.28 -21.79 -1.38
CA THR D 88 -16.94 -22.14 -0.92
C THR D 88 -16.58 -23.56 -1.27
N GLY D 89 -15.47 -24.00 -0.72
CA GLY D 89 -14.99 -25.35 -0.96
C GLY D 89 -14.64 -25.95 0.39
N ASN D 90 -14.97 -27.22 0.56
CA ASN D 90 -14.60 -27.94 1.77
C ASN D 90 -13.14 -28.38 1.71
N GLY D 91 -12.53 -28.55 2.88
CA GLY D 91 -11.19 -29.12 2.95
C GLY D 91 -10.73 -29.35 4.37
N PRO D 92 -9.44 -29.68 4.56
CA PRO D 92 -8.46 -29.77 3.47
C PRO D 92 -8.44 -31.11 2.76
N SER D 93 -7.53 -31.32 1.81
CA SER D 93 -7.41 -32.63 1.18
C SER D 93 -6.92 -33.67 2.20
N PRO D 94 -7.64 -34.78 2.32
CA PRO D 94 -7.20 -35.87 3.20
C PRO D 94 -5.91 -36.54 2.71
N LYS D 95 -5.61 -36.41 1.42
CA LYS D 95 -4.37 -36.94 0.83
C LYS D 95 -3.13 -36.10 1.16
N ASP D 96 -3.20 -34.78 0.99
CA ASP D 96 -1.98 -33.95 1.13
C ASP D 96 -2.11 -32.69 1.98
N GLY D 97 -3.28 -32.44 2.55
CA GLY D 97 -3.45 -31.31 3.45
C GLY D 97 -3.64 -29.97 2.74
N GLY D 98 -3.61 -30.01 1.40
CA GLY D 98 -3.79 -28.82 0.58
C GLY D 98 -5.23 -28.33 0.52
N TRP D 99 -5.39 -27.00 0.42
CA TRP D 99 -6.70 -26.37 0.44
C TRP D 99 -7.12 -25.85 -0.95
N ALA D 100 -8.40 -26.01 -1.26
CA ALA D 100 -8.92 -25.59 -2.55
C ALA D 100 -10.34 -25.07 -2.41
N PHE D 101 -10.63 -23.98 -3.12
CA PHE D 101 -11.99 -23.53 -3.33
C PHE D 101 -12.52 -24.44 -4.43
N CYS D 102 -11.84 -24.45 -5.58
CA CYS D 102 -12.27 -25.23 -6.72
C CYS D 102 -11.24 -25.03 -7.82
N SER D 103 -10.82 -26.15 -8.43
CA SER D 103 -9.74 -26.14 -9.41
C SER D 103 -10.26 -26.20 -10.85
N GLY D 104 -11.55 -25.96 -11.03
CA GLY D 104 -12.15 -26.05 -12.36
C GLY D 104 -12.64 -27.45 -12.75
N GLY D 105 -12.74 -27.68 -14.06
CA GLY D 105 -13.28 -28.91 -14.59
C GLY D 105 -12.38 -30.10 -14.31
N ASP D 106 -13.00 -31.19 -13.86
CA ASP D 106 -12.31 -32.47 -13.65
C ASP D 106 -11.71 -32.92 -14.97
N GLN D 107 -10.39 -33.11 -14.99
CA GLN D 107 -9.70 -33.49 -16.22
C GLN D 107 -9.17 -34.95 -16.22
N LEU D 134 -20.09 -26.93 -20.36
CA LEU D 134 -21.12 -25.94 -20.67
C LEU D 134 -22.28 -25.88 -19.67
N HIS D 135 -22.46 -26.94 -18.89
CA HIS D 135 -23.43 -26.91 -17.82
C HIS D 135 -22.97 -25.83 -16.82
N ILE D 136 -21.65 -25.62 -16.68
CA ILE D 136 -21.09 -24.59 -15.78
C ILE D 136 -21.49 -23.14 -16.17
N LEU D 137 -21.65 -22.89 -17.46
CA LEU D 137 -22.08 -21.57 -17.94
C LEU D 137 -23.50 -21.29 -17.42
N GLU D 138 -24.30 -22.36 -17.28
CA GLU D 138 -25.63 -22.26 -16.68
C GLU D 138 -25.55 -21.90 -15.23
N VAL D 139 -24.57 -22.45 -14.53
CA VAL D 139 -24.40 -22.12 -13.12
C VAL D 139 -23.98 -20.66 -13.00
N GLN D 140 -23.05 -20.22 -13.88
CA GLN D 140 -22.61 -18.81 -13.92
C GLN D 140 -23.83 -17.92 -14.00
N ARG D 141 -24.70 -18.20 -14.95
CA ARG D 141 -25.93 -17.40 -15.10
C ARG D 141 -26.88 -17.46 -13.93
N LEU D 142 -27.08 -18.66 -13.35
CA LEU D 142 -27.86 -18.81 -12.10
C LEU D 142 -27.33 -17.89 -11.00
N ILE D 143 -26.01 -17.80 -10.85
CA ILE D 143 -25.45 -16.91 -9.82
C ILE D 143 -25.68 -15.45 -10.19
N ARG D 144 -25.46 -15.16 -11.47
CA ARG D 144 -25.56 -13.80 -12.01
C ARG D 144 -26.99 -13.29 -11.87
N PHE D 145 -27.99 -14.13 -12.18
CA PHE D 145 -29.35 -13.62 -12.27
C PHE D 145 -30.13 -13.77 -10.96
N MET D 146 -29.60 -14.49 -9.98
CA MET D 146 -30.40 -14.71 -8.79
C MET D 146 -30.54 -13.43 -7.98
N PRO D 147 -31.76 -13.13 -7.54
CA PRO D 147 -32.04 -11.90 -6.79
C PRO D 147 -31.54 -11.91 -5.38
N LYS D 148 -30.33 -12.44 -5.17
CA LYS D 148 -29.72 -12.52 -3.84
C LYS D 148 -28.24 -12.37 -4.08
N VAL D 149 -27.54 -11.92 -3.05
CA VAL D 149 -26.09 -11.74 -3.10
C VAL D 149 -25.40 -13.07 -2.90
N VAL D 150 -24.52 -13.41 -3.83
CA VAL D 150 -23.65 -14.58 -3.70
C VAL D 150 -22.21 -14.13 -3.35
N ILE D 151 -21.72 -14.59 -2.19
CA ILE D 151 -20.35 -14.30 -1.71
C ILE D 151 -19.53 -15.54 -1.87
N CYS D 152 -18.49 -15.46 -2.70
CA CYS D 152 -17.56 -16.55 -2.82
C CYS D 152 -16.53 -16.40 -1.70
N LEU D 153 -16.31 -17.48 -0.95
CA LEU D 153 -15.28 -17.53 0.09
C LEU D 153 -14.20 -18.44 -0.45
N VAL D 154 -13.12 -17.82 -0.95
CA VAL D 154 -12.05 -18.57 -1.55
C VAL D 154 -11.08 -18.97 -0.46
N ASN D 155 -11.16 -20.27 -0.13
CA ASN D 155 -10.47 -20.85 1.02
C ASN D 155 -9.21 -21.57 0.62
N GLY D 156 -8.93 -21.59 -0.67
CA GLY D 156 -7.79 -22.33 -1.18
C GLY D 156 -7.57 -21.96 -2.64
N TRP D 157 -7.01 -22.88 -3.41
CA TRP D 157 -6.87 -22.73 -4.84
C TRP D 157 -8.20 -22.43 -5.50
N ALA D 158 -8.18 -21.45 -6.40
CA ALA D 158 -9.29 -21.17 -7.30
C ALA D 158 -8.64 -21.01 -8.67
N ALA D 159 -8.79 -22.06 -9.46
CA ALA D 159 -8.12 -22.16 -10.75
C ALA D 159 -9.08 -22.57 -11.84
N GLY D 160 -8.72 -22.24 -13.07
CA GLY D 160 -9.60 -22.42 -14.22
C GLY D 160 -11.03 -22.00 -13.95
N GLY D 161 -11.96 -22.93 -14.19
CA GLY D 161 -13.37 -22.67 -14.03
C GLY D 161 -13.69 -22.22 -12.61
N GLY D 162 -12.84 -22.68 -11.67
CA GLY D 162 -13.02 -22.35 -10.27
C GLY D 162 -12.73 -20.87 -10.06
N HIS D 163 -11.73 -20.36 -10.78
CA HIS D 163 -11.42 -18.94 -10.75
C HIS D 163 -12.60 -18.16 -11.33
N SER D 164 -13.10 -18.59 -12.48
CA SER D 164 -14.24 -17.95 -13.11
C SER D 164 -15.52 -17.96 -12.29
N LEU D 165 -15.79 -19.01 -11.50
CA LEU D 165 -16.90 -18.95 -10.56
C LEU D 165 -16.74 -17.83 -9.55
N HIS D 166 -15.53 -17.65 -9.04
CA HIS D 166 -15.27 -16.60 -8.04
C HIS D 166 -15.57 -15.23 -8.69
N VAL D 167 -15.12 -15.07 -9.93
CA VAL D 167 -15.22 -13.79 -10.64
C VAL D 167 -16.69 -13.37 -10.81
N VAL D 168 -17.57 -14.36 -11.04
CA VAL D 168 -18.95 -14.07 -11.37
C VAL D 168 -19.76 -13.85 -10.11
N CYS D 169 -19.23 -14.20 -8.95
CA CYS D 169 -20.00 -13.95 -7.73
C CYS D 169 -20.02 -12.44 -7.48
N ASP D 170 -21.03 -11.98 -6.75
CA ASP D 170 -21.20 -10.61 -6.41
C ASP D 170 -20.04 -10.08 -5.58
N LEU D 171 -19.61 -10.86 -4.58
CA LEU D 171 -18.54 -10.47 -3.67
C LEU D 171 -17.61 -11.65 -3.48
N THR D 172 -16.35 -11.37 -3.13
CA THR D 172 -15.33 -12.39 -2.82
C THR D 172 -14.58 -12.04 -1.54
N LEU D 173 -14.58 -12.97 -0.60
CA LEU D 173 -13.73 -12.88 0.59
C LEU D 173 -12.71 -14.01 0.48
N ALA D 174 -11.44 -13.73 0.80
CA ALA D 174 -10.37 -14.69 0.53
C ALA D 174 -9.52 -14.97 1.74
N SER D 175 -9.21 -16.26 1.92
CA SER D 175 -8.24 -16.72 2.92
C SER D 175 -6.84 -16.13 2.71
N ARG D 176 -6.37 -15.37 3.70
CA ARG D 176 -5.05 -14.74 3.61
C ARG D 176 -3.95 -15.76 3.36
N GLU D 177 -3.93 -16.84 4.16
CA GLU D 177 -2.85 -17.83 4.10
C GLU D 177 -3.01 -18.76 2.91
N TYR D 178 -4.25 -19.06 2.50
CA TYR D 178 -4.42 -20.15 1.52
C TYR D 178 -5.11 -19.82 0.19
N ALA D 179 -5.78 -18.67 0.08
CA ALA D 179 -6.38 -18.36 -1.22
C ALA D 179 -5.28 -18.18 -2.26
N ARG D 180 -5.39 -18.91 -3.37
CA ARG D 180 -4.46 -18.83 -4.49
C ARG D 180 -5.29 -18.73 -5.76
N PHE D 181 -5.08 -17.65 -6.51
CA PHE D 181 -5.84 -17.44 -7.74
C PHE D 181 -4.93 -17.68 -8.93
N LYS D 182 -5.37 -18.53 -9.84
CA LYS D 182 -4.54 -18.90 -10.96
C LYS D 182 -5.44 -19.18 -12.13
N GLN D 183 -5.29 -18.40 -13.21
CA GLN D 183 -6.08 -18.72 -14.41
C GLN D 183 -5.32 -19.55 -15.42
N THR D 184 -5.54 -20.86 -15.33
CA THR D 184 -4.74 -21.83 -16.05
C THR D 184 -5.26 -22.16 -17.43
N ASP D 185 -6.45 -21.69 -17.77
CA ASP D 185 -7.10 -22.09 -19.01
C ASP D 185 -6.16 -22.18 -20.24
N ALA D 186 -5.44 -21.12 -20.56
CA ALA D 186 -4.60 -21.13 -21.75
C ALA D 186 -3.47 -22.20 -21.74
N ASP D 187 -3.04 -22.62 -20.53
CA ASP D 187 -2.10 -23.74 -20.37
C ASP D 187 -2.59 -24.98 -21.10
N VAL D 188 -3.88 -25.28 -20.93
CA VAL D 188 -4.43 -26.51 -21.51
C VAL D 188 -5.20 -26.30 -22.84
N GLY D 189 -5.11 -25.09 -23.40
CA GLY D 189 -5.74 -24.81 -24.69
C GLY D 189 -7.22 -24.47 -24.60
N SER D 190 -7.68 -24.20 -23.39
CA SER D 190 -9.03 -23.72 -23.13
C SER D 190 -9.07 -22.19 -22.82
N PHE D 191 -10.27 -21.63 -22.69
CA PHE D 191 -10.44 -20.25 -22.27
C PHE D 191 -11.89 -20.02 -21.86
N ASP D 192 -12.11 -19.26 -20.79
CA ASP D 192 -13.42 -18.70 -20.51
C ASP D 192 -13.43 -17.32 -21.19
N GLY D 193 -14.17 -17.21 -22.30
CA GLY D 193 -14.22 -15.98 -23.04
C GLY D 193 -15.41 -15.16 -22.62
N GLY D 194 -16.01 -15.53 -21.46
CA GLY D 194 -17.22 -14.87 -20.98
C GLY D 194 -17.00 -14.12 -19.69
N TYR D 195 -17.78 -14.44 -18.68
CA TYR D 195 -17.67 -13.73 -17.41
C TYR D 195 -16.28 -13.91 -16.80
N GLY D 196 -15.66 -15.08 -17.00
CA GLY D 196 -14.36 -15.35 -16.41
C GLY D 196 -13.29 -14.31 -16.77
N SER D 197 -13.34 -13.82 -18.00
CA SER D 197 -12.35 -12.85 -18.48
C SER D 197 -12.91 -11.43 -18.64
N ALA D 198 -13.92 -11.27 -19.50
CA ALA D 198 -14.49 -9.96 -19.78
C ALA D 198 -15.04 -9.29 -18.53
N TYR D 199 -15.69 -10.06 -17.66
CA TYR D 199 -16.23 -9.47 -16.46
C TYR D 199 -15.16 -9.23 -15.38
N LEU D 200 -14.14 -10.08 -15.38
CA LEU D 200 -12.97 -9.81 -14.53
C LEU D 200 -12.35 -8.42 -14.86
N ALA D 201 -12.30 -8.07 -16.14
CA ALA D 201 -11.79 -6.73 -16.56
C ALA D 201 -12.63 -5.60 -15.98
N ARG D 202 -13.89 -5.91 -15.66
CA ARG D 202 -14.76 -4.92 -15.05
C ARG D 202 -14.64 -4.81 -13.54
N GLN D 203 -13.66 -5.53 -12.98
CA GLN D 203 -13.36 -5.44 -11.56
C GLN D 203 -11.94 -4.87 -11.41
N VAL D 204 -10.98 -5.43 -12.17
CA VAL D 204 -9.56 -5.09 -12.00
C VAL D 204 -9.01 -4.20 -13.11
N GLY D 205 -9.84 -3.92 -14.11
CA GLY D 205 -9.43 -3.13 -15.26
C GLY D 205 -8.82 -4.02 -16.33
N GLN D 206 -8.73 -3.49 -17.54
CA GLN D 206 -8.28 -4.25 -18.68
C GLN D 206 -6.80 -4.71 -18.62
N LYS D 207 -5.90 -3.93 -18.03
CA LYS D 207 -4.49 -4.38 -18.01
C LYS D 207 -4.33 -5.56 -17.07
N PHE D 208 -4.81 -5.44 -15.84
CA PHE D 208 -4.62 -6.55 -14.90
C PHE D 208 -5.31 -7.81 -15.38
N ALA D 209 -6.51 -7.70 -15.93
CA ALA D 209 -7.26 -8.90 -16.32
C ALA D 209 -6.53 -9.60 -17.44
N ARG D 210 -6.00 -8.84 -18.39
CA ARG D 210 -5.23 -9.45 -19.49
C ARG D 210 -4.01 -10.19 -18.90
N GLU D 211 -3.29 -9.54 -17.99
CA GLU D 211 -2.16 -10.17 -17.32
C GLU D 211 -2.57 -11.48 -16.67
N ILE D 212 -3.66 -11.46 -15.91
CA ILE D 212 -4.09 -12.65 -15.16
C ILE D 212 -4.24 -13.82 -16.13
N PHE D 213 -4.89 -13.62 -17.27
CA PHE D 213 -5.07 -14.69 -18.24
C PHE D 213 -3.87 -15.06 -19.13
N PHE D 214 -3.18 -14.06 -19.63
CA PHE D 214 -2.07 -14.27 -20.56
C PHE D 214 -0.90 -14.95 -19.92
N LEU D 215 -0.49 -14.52 -18.72
CA LEU D 215 0.63 -15.22 -18.05
C LEU D 215 0.22 -16.43 -17.18
N GLY D 216 -0.99 -16.44 -16.63
CA GLY D 216 -1.44 -17.59 -15.85
C GLY D 216 -0.65 -17.78 -14.57
N ARG D 217 -0.21 -16.68 -13.97
CA ARG D 217 0.48 -16.68 -12.70
C ARG D 217 -0.46 -16.93 -11.52
N THR D 218 0.14 -17.26 -10.39
CA THR D 218 -0.59 -17.52 -9.17
C THR D 218 -0.55 -16.25 -8.35
N TYR D 219 -1.73 -15.81 -7.88
CA TYR D 219 -1.87 -14.60 -7.06
C TYR D 219 -2.37 -14.94 -5.64
N THR D 220 -1.92 -14.17 -4.66
CA THR D 220 -2.40 -14.29 -3.30
C THR D 220 -3.71 -13.49 -3.10
N ALA D 221 -4.37 -13.72 -1.97
CA ALA D 221 -5.54 -12.98 -1.61
C ALA D 221 -5.24 -11.48 -1.62
N GLU D 222 -4.10 -11.08 -1.07
CA GLU D 222 -3.84 -9.65 -0.88
C GLU D 222 -3.54 -8.98 -2.23
N GLN D 223 -2.86 -9.69 -3.14
CA GLN D 223 -2.66 -9.19 -4.48
C GLN D 223 -4.01 -8.97 -5.20
N MET D 224 -4.92 -9.96 -5.15
CA MET D 224 -6.21 -9.81 -5.80
C MET D 224 -7.05 -8.76 -5.15
N HIS D 225 -6.88 -8.60 -3.86
CA HIS D 225 -7.49 -7.49 -3.15
C HIS D 225 -6.99 -6.13 -3.68
N GLN D 226 -5.68 -5.99 -3.91
CA GLN D 226 -5.12 -4.73 -4.41
C GLN D 226 -5.60 -4.48 -5.84
N MET D 227 -5.77 -5.56 -6.61
CA MET D 227 -6.18 -5.41 -8.00
C MET D 227 -7.67 -5.05 -8.13
N GLY D 228 -8.46 -5.50 -7.16
CA GLY D 228 -9.88 -5.19 -7.17
C GLY D 228 -10.83 -6.37 -7.33
N ALA D 229 -10.33 -7.59 -7.39
CA ALA D 229 -11.19 -8.73 -7.63
C ALA D 229 -11.60 -9.41 -6.29
N VAL D 230 -10.89 -9.06 -5.22
CA VAL D 230 -11.21 -9.55 -3.89
C VAL D 230 -11.64 -8.44 -2.99
N ASN D 231 -12.83 -8.55 -2.41
CA ASN D 231 -13.35 -7.55 -1.49
C ASN D 231 -12.54 -7.37 -0.22
N ALA D 232 -12.24 -8.48 0.45
CA ALA D 232 -11.42 -8.42 1.64
C ALA D 232 -10.73 -9.74 1.91
N VAL D 233 -9.74 -9.66 2.80
CA VAL D 233 -8.90 -10.76 3.12
C VAL D 233 -9.18 -11.11 4.58
N ALA D 234 -9.26 -12.40 4.86
CA ALA D 234 -9.55 -12.86 6.23
C ALA D 234 -8.56 -13.93 6.65
N GLU D 235 -8.28 -13.98 7.96
CA GLU D 235 -7.57 -15.12 8.55
C GLU D 235 -8.31 -16.38 8.10
N HIS D 236 -7.57 -17.37 7.61
CA HIS D 236 -8.16 -18.62 7.14
C HIS D 236 -9.26 -19.16 8.05
N ALA D 237 -8.94 -19.30 9.32
CA ALA D 237 -9.82 -19.87 10.32
C ALA D 237 -11.07 -19.03 10.54
N GLU D 238 -10.99 -17.73 10.20
CA GLU D 238 -12.13 -16.83 10.39
C GLU D 238 -12.91 -16.52 9.08
N LEU D 239 -12.53 -17.15 7.98
CA LEU D 239 -13.12 -16.86 6.67
C LEU D 239 -14.63 -16.96 6.68
N GLU D 240 -15.18 -18.03 7.28
CA GLU D 240 -16.62 -18.24 7.26
C GLU D 240 -17.31 -17.40 8.28
N THR D 241 -16.63 -17.12 9.38
CA THR D 241 -17.16 -16.17 10.34
C THR D 241 -17.27 -14.77 9.73
N VAL D 242 -16.27 -14.37 8.94
CA VAL D 242 -16.30 -13.04 8.28
C VAL D 242 -17.40 -13.09 7.22
N GLY D 243 -17.50 -14.23 6.51
CA GLY D 243 -18.54 -14.44 5.51
C GLY D 243 -19.92 -14.21 6.12
N LEU D 244 -20.14 -14.79 7.31
CA LEU D 244 -21.45 -14.69 8.00
C LEU D 244 -21.72 -13.27 8.45
N GLN D 245 -20.69 -12.60 8.94
CA GLN D 245 -20.86 -11.20 9.34
C GLN D 245 -21.26 -10.34 8.12
N TRP D 246 -20.60 -10.55 6.98
CA TRP D 246 -20.94 -9.82 5.76
C TRP D 246 -22.38 -10.18 5.38
N ALA D 247 -22.70 -11.48 5.43
CA ALA D 247 -24.07 -11.89 5.13
C ALA D 247 -25.09 -11.17 6.03
N ALA D 248 -24.80 -11.14 7.34
CA ALA D 248 -25.69 -10.48 8.30
C ALA D 248 -25.90 -9.03 7.96
N GLU D 249 -24.83 -8.32 7.65
CA GLU D 249 -24.96 -6.89 7.26
C GLU D 249 -25.83 -6.74 5.99
N ILE D 250 -25.65 -7.62 5.00
CA ILE D 250 -26.50 -7.63 3.82
C ILE D 250 -27.99 -7.89 4.17
N ASN D 251 -28.25 -8.96 4.93
CA ASN D 251 -29.59 -9.31 5.37
C ASN D 251 -30.27 -8.31 6.31
N ALA D 252 -29.52 -7.40 6.91
CA ALA D 252 -30.14 -6.39 7.76
C ALA D 252 -30.76 -5.21 6.98
N LYS D 253 -30.64 -5.23 5.64
CA LYS D 253 -31.13 -4.12 4.83
C LYS D 253 -32.38 -4.58 4.10
N SER D 254 -33.10 -3.63 3.51
CA SER D 254 -34.32 -3.93 2.79
C SER D 254 -34.02 -4.91 1.69
N PRO D 255 -34.65 -6.08 1.72
CA PRO D 255 -34.42 -7.09 0.68
C PRO D 255 -34.77 -6.56 -0.73
N GLN D 256 -35.87 -5.82 -0.83
CA GLN D 256 -36.30 -5.18 -2.09
C GLN D 256 -35.17 -4.30 -2.68
N ALA D 257 -34.63 -3.43 -1.82
CA ALA D 257 -33.51 -2.56 -2.18
C ALA D 257 -32.31 -3.39 -2.68
N GLN D 258 -31.97 -4.48 -2.00
CA GLN D 258 -30.79 -5.26 -2.38
C GLN D 258 -30.96 -5.91 -3.75
N ARG D 259 -32.15 -6.47 -3.98
CA ARG D 259 -32.56 -7.03 -5.26
C ARG D 259 -32.41 -5.99 -6.38
N MET D 260 -33.05 -4.85 -6.23
CA MET D 260 -32.96 -3.77 -7.22
C MET D 260 -31.48 -3.43 -7.47
N LEU D 261 -30.72 -3.34 -6.40
CA LEU D 261 -29.34 -2.93 -6.51
C LEU D 261 -28.51 -3.91 -7.32
N LYS D 262 -28.65 -5.18 -7.01
CA LYS D 262 -27.92 -6.18 -7.76
C LYS D 262 -28.23 -6.08 -9.23
N PHE D 263 -29.50 -6.02 -9.60
CA PHE D 263 -29.84 -5.91 -10.99
C PHE D 263 -29.43 -4.52 -11.59
N ALA D 264 -29.35 -3.48 -10.77
CA ALA D 264 -28.86 -2.19 -11.26
C ALA D 264 -27.38 -2.31 -11.56
N PHE D 265 -26.65 -3.08 -10.76
CA PHE D 265 -25.23 -3.27 -11.07
C PHE D 265 -25.02 -4.16 -12.31
N ASN D 266 -25.90 -5.13 -12.51
CA ASN D 266 -25.75 -5.99 -13.68
C ASN D 266 -26.17 -5.33 -14.98
N LEU D 267 -27.08 -4.36 -14.86
CA LEU D 267 -27.94 -3.97 -15.98
C LEU D 267 -27.21 -3.74 -17.29
N LEU D 268 -26.42 -2.65 -17.40
CA LEU D 268 -25.86 -2.27 -18.71
C LEU D 268 -24.89 -3.34 -19.23
N ASP D 269 -24.07 -3.85 -18.31
CA ASP D 269 -23.13 -4.92 -18.61
C ASP D 269 -23.80 -6.13 -19.30
N ASP D 270 -25.04 -6.40 -18.89
CA ASP D 270 -25.79 -7.56 -19.36
C ASP D 270 -26.79 -7.19 -20.49
N GLY D 271 -26.73 -5.96 -21.00
CA GLY D 271 -27.57 -5.58 -22.14
C GLY D 271 -29.04 -5.87 -21.92
N LEU D 272 -29.70 -6.50 -22.89
CA LEU D 272 -31.12 -6.74 -22.82
C LEU D 272 -31.50 -7.68 -21.66
N VAL D 273 -30.59 -8.57 -21.28
CA VAL D 273 -30.83 -9.45 -20.16
C VAL D 273 -30.80 -8.66 -18.86
N GLY D 274 -29.87 -7.71 -18.80
CA GLY D 274 -29.74 -6.86 -17.63
C GLY D 274 -30.99 -6.04 -17.50
N GLN D 275 -31.45 -5.49 -18.62
CA GLN D 275 -32.66 -4.68 -18.57
C GLN D 275 -33.86 -5.56 -18.21
N GLN D 276 -33.94 -6.74 -18.83
CA GLN D 276 -35.05 -7.63 -18.54
C GLN D 276 -35.25 -7.89 -17.05
N LEU D 277 -34.13 -8.12 -16.34
CA LEU D 277 -34.22 -8.43 -14.93
C LEU D 277 -34.52 -7.23 -14.07
N PHE D 278 -33.88 -6.10 -14.36
CA PHE D 278 -34.17 -4.90 -13.59
C PHE D 278 -35.61 -4.47 -13.83
N ALA D 279 -36.01 -4.47 -15.11
CA ALA D 279 -37.35 -4.05 -15.49
C ALA D 279 -38.40 -4.98 -14.85
N GLY D 280 -38.10 -6.29 -14.83
CA GLY D 280 -38.98 -7.24 -14.20
C GLY D 280 -39.26 -6.88 -12.76
N GLU D 281 -38.24 -6.47 -12.02
CA GLU D 281 -38.44 -6.00 -10.66
C GLU D 281 -39.30 -4.71 -10.63
N ALA D 282 -39.13 -3.84 -11.62
CA ALA D 282 -39.91 -2.61 -11.66
C ALA D 282 -41.38 -2.96 -11.91
N THR D 283 -41.60 -3.94 -12.77
CA THR D 283 -42.94 -4.40 -13.11
C THR D 283 -43.63 -4.93 -11.82
N ARG D 284 -42.91 -5.74 -11.05
CA ARG D 284 -43.37 -6.24 -9.78
C ARG D 284 -43.77 -5.09 -8.85
N LEU D 285 -42.90 -4.10 -8.71
CA LEU D 285 -43.20 -2.95 -7.89
C LEU D 285 -44.48 -2.23 -8.33
N ALA D 286 -44.64 -2.03 -9.65
CA ALA D 286 -45.80 -1.36 -10.22
C ALA D 286 -47.09 -2.12 -9.90
N TYR D 287 -47.04 -3.45 -9.94
CA TYR D 287 -48.20 -4.30 -9.73
C TYR D 287 -48.84 -4.07 -8.37
N MET D 288 -48.02 -3.70 -7.39
CA MET D 288 -48.49 -3.52 -6.01
C MET D 288 -49.17 -2.16 -5.78
N THR D 289 -49.04 -1.23 -6.73
CA THR D 289 -49.59 0.12 -6.55
C THR D 289 -51.09 0.19 -6.77
N ASP D 290 -51.71 1.28 -6.29
CA ASP D 290 -53.14 1.51 -6.44
C ASP D 290 -53.52 1.66 -7.91
N GLU D 291 -52.68 2.39 -8.65
CA GLU D 291 -52.86 2.59 -10.07
C GLU D 291 -53.03 1.26 -10.81
N ALA D 292 -52.14 0.32 -10.55
CA ALA D 292 -52.19 -0.98 -11.22
C ALA D 292 -53.40 -1.81 -10.79
N VAL D 293 -53.88 -1.60 -9.56
CA VAL D 293 -55.08 -2.27 -9.12
C VAL D 293 -56.29 -1.74 -9.90
N GLU D 294 -56.41 -0.42 -10.02
CA GLU D 294 -57.44 0.21 -10.86
C GLU D 294 -57.49 -0.35 -12.30
N GLY D 295 -56.33 -0.51 -12.92
CA GLY D 295 -56.26 -1.05 -14.26
C GLY D 295 -56.72 -2.50 -14.36
N ARG D 296 -56.37 -3.27 -13.33
CA ARG D 296 -56.77 -4.68 -13.24
C ARG D 296 -58.26 -4.84 -12.93
N ASP D 297 -58.78 -3.97 -12.07
CA ASP D 297 -60.19 -3.98 -11.69
C ASP D 297 -61.06 -3.73 -12.92
N ALA D 298 -60.79 -2.60 -13.58
CA ALA D 298 -61.54 -2.13 -14.73
C ALA D 298 -61.57 -3.13 -15.88
N PHE D 299 -60.56 -3.96 -15.98
CA PHE D 299 -60.56 -5.01 -16.99
C PHE D 299 -61.55 -6.13 -16.65
N LEU D 300 -61.50 -6.62 -15.40
CA LEU D 300 -62.42 -7.66 -14.92
C LEU D 300 -63.87 -7.17 -14.86
N GLN D 301 -64.05 -5.92 -14.44
CA GLN D 301 -65.37 -5.28 -14.32
C GLN D 301 -65.93 -4.74 -15.66
N LYS D 302 -65.19 -4.96 -16.75
CA LYS D 302 -65.53 -4.49 -18.10
C LYS D 302 -65.82 -2.98 -18.28
N ARG D 303 -65.44 -2.18 -17.27
CA ARG D 303 -65.60 -0.72 -17.29
C ARG D 303 -64.33 -0.02 -17.82
N PRO D 304 -64.41 1.28 -18.14
CA PRO D 304 -63.20 2.08 -18.41
C PRO D 304 -62.46 2.42 -17.10
N PRO D 305 -61.13 2.38 -17.11
CA PRO D 305 -60.33 2.76 -15.95
C PRO D 305 -60.32 4.26 -15.69
N ASP D 306 -60.22 4.64 -14.42
CA ASP D 306 -60.10 6.04 -14.04
C ASP D 306 -58.71 6.32 -13.47
N TRP D 307 -57.94 7.14 -14.19
CA TRP D 307 -56.56 7.46 -13.82
C TRP D 307 -56.42 8.84 -13.16
N SER D 308 -57.55 9.50 -12.89
CA SER D 308 -57.53 10.85 -12.27
C SER D 308 -56.86 10.96 -10.90
N PRO D 309 -57.03 9.98 -10.01
CA PRO D 309 -56.40 10.03 -8.68
C PRO D 309 -54.86 10.06 -8.72
N PHE D 310 -54.27 9.47 -9.77
CA PHE D 310 -52.82 9.27 -9.87
C PHE D 310 -52.14 10.28 -10.79
N PRO D 311 -51.18 11.04 -10.25
CA PRO D 311 -50.61 12.19 -10.96
C PRO D 311 -49.51 11.80 -11.95
N ARG D 312 -49.19 12.71 -12.86
CA ARG D 312 -48.09 12.52 -13.78
C ARG D 312 -46.77 13.04 -13.19
N TYR D 313 -46.13 12.21 -12.37
CA TYR D 313 -44.82 12.51 -11.76
C TYR D 313 -43.75 12.80 -12.80
N PHE D 314 -42.82 13.69 -12.44
CA PHE D 314 -41.81 14.14 -13.40
C PHE D 314 -40.37 14.18 -12.85
N ASN E 18 21.58 0.14 -18.74
CA ASN E 18 20.83 0.05 -20.05
C ASN E 18 20.02 -1.24 -20.16
N PRO E 19 18.71 -1.11 -20.34
CA PRO E 19 17.81 -2.28 -20.46
C PRO E 19 18.16 -3.19 -21.63
N PHE E 20 18.73 -2.62 -22.71
CA PHE E 20 19.02 -3.37 -23.93
C PHE E 20 20.19 -4.37 -23.79
N ASP E 21 19.92 -5.64 -24.04
CA ASP E 21 20.98 -6.65 -24.05
C ASP E 21 21.20 -7.11 -25.49
N ALA E 22 22.22 -6.53 -26.16
CA ALA E 22 22.55 -6.85 -27.56
C ALA E 22 22.69 -8.34 -27.88
N LYS E 23 23.23 -9.12 -26.96
CA LYS E 23 23.41 -10.55 -27.20
C LYS E 23 22.09 -11.30 -27.36
N ALA E 24 20.98 -10.71 -26.90
CA ALA E 24 19.68 -11.36 -26.92
C ALA E 24 18.95 -11.23 -28.25
N TRP E 25 19.42 -10.32 -29.10
CA TRP E 25 18.63 -9.84 -30.23
C TRP E 25 19.37 -9.92 -31.57
N ARG E 26 18.63 -10.23 -32.62
CA ARG E 26 19.14 -10.18 -33.99
C ARG E 26 18.24 -9.27 -34.82
N LEU E 27 18.83 -8.55 -35.78
CA LEU E 27 18.03 -7.76 -36.70
C LEU E 27 17.14 -8.63 -37.58
N VAL E 28 15.96 -8.10 -37.91
CA VAL E 28 15.02 -8.79 -38.78
C VAL E 28 15.40 -8.48 -40.21
N ASP E 29 15.43 -9.50 -41.06
CA ASP E 29 15.79 -9.35 -42.47
C ASP E 29 14.82 -8.44 -43.19
N GLY E 30 15.35 -7.49 -43.95
CA GLY E 30 14.54 -6.70 -44.85
C GLY E 30 14.27 -5.32 -44.34
N PHE E 31 14.90 -4.94 -43.23
CA PHE E 31 14.62 -3.65 -42.59
C PHE E 31 15.86 -2.79 -42.37
N ASP E 32 16.81 -2.89 -43.30
CA ASP E 32 18.08 -2.17 -43.28
C ASP E 32 17.86 -0.68 -43.44
N ASP E 33 16.74 -0.31 -44.05
CA ASP E 33 16.45 1.09 -44.31
C ASP E 33 15.75 1.85 -43.16
N LEU E 34 15.56 1.21 -42.02
CA LEU E 34 14.91 1.83 -40.85
C LEU E 34 15.75 2.92 -40.25
N THR E 35 15.16 4.10 -40.07
CA THR E 35 15.90 5.20 -39.45
C THR E 35 15.36 5.60 -38.06
N ASP E 36 14.05 5.56 -37.88
CA ASP E 36 13.42 6.11 -36.69
C ASP E 36 12.94 5.01 -35.72
N ILE E 37 13.10 3.75 -36.11
CA ILE E 37 12.59 2.59 -35.37
C ILE E 37 13.64 1.49 -35.47
N THR E 38 13.76 0.66 -34.44
CA THR E 38 14.55 -0.56 -34.56
C THR E 38 13.71 -1.80 -34.36
N TYR E 39 14.14 -2.89 -34.99
CA TYR E 39 13.33 -4.06 -35.09
C TYR E 39 14.21 -5.30 -34.97
N HIS E 40 14.05 -6.01 -33.86
CA HIS E 40 14.84 -7.19 -33.58
C HIS E 40 13.94 -8.35 -33.28
N ARG E 41 14.44 -9.53 -33.60
CA ARG E 41 13.85 -10.77 -33.22
C ARG E 41 14.77 -11.38 -32.16
N HIS E 42 14.20 -11.99 -31.13
CA HIS E 42 15.01 -12.64 -30.11
C HIS E 42 15.77 -13.85 -30.67
N VAL E 43 16.94 -14.15 -30.10
CA VAL E 43 17.79 -15.26 -30.58
C VAL E 43 17.13 -16.62 -30.47
N ASP E 44 16.35 -16.84 -29.41
CA ASP E 44 15.65 -18.14 -29.23
C ASP E 44 14.13 -18.04 -29.22
N ASP E 45 13.58 -17.02 -28.56
CA ASP E 45 12.13 -16.91 -28.30
C ASP E 45 11.30 -16.33 -29.44
N ALA E 46 10.00 -16.61 -29.42
CA ALA E 46 9.06 -16.08 -30.40
C ALA E 46 8.62 -14.65 -30.00
N THR E 47 9.61 -13.76 -29.92
CA THR E 47 9.42 -12.43 -29.40
C THR E 47 10.18 -11.43 -30.24
N VAL E 48 9.56 -10.30 -30.55
CA VAL E 48 10.28 -9.24 -31.24
C VAL E 48 10.36 -8.00 -30.37
N ARG E 49 11.30 -7.12 -30.72
CA ARG E 49 11.55 -5.89 -30.01
C ARG E 49 11.43 -4.76 -31.03
N VAL E 50 10.46 -3.88 -30.76
CA VAL E 50 10.12 -2.76 -31.60
C VAL E 50 10.32 -1.52 -30.76
N ALA E 51 11.15 -0.60 -31.26
CA ALA E 51 11.60 0.51 -30.43
C ALA E 51 11.72 1.83 -31.17
N PHE E 52 11.22 2.90 -30.57
CA PHE E 52 11.46 4.26 -31.04
C PHE E 52 12.97 4.49 -31.00
N ASN E 53 13.50 5.09 -32.06
CA ASN E 53 14.94 5.26 -32.21
C ASN E 53 15.32 6.71 -32.48
N ARG E 54 14.66 7.62 -31.77
CA ARG E 54 15.02 9.02 -31.85
C ARG E 54 15.26 9.55 -30.43
N PRO E 55 16.20 8.96 -29.69
CA PRO E 55 16.42 9.37 -28.30
C PRO E 55 16.77 10.85 -28.11
N GLU E 56 17.32 11.49 -29.14
CA GLU E 56 17.72 12.90 -29.05
C GLU E 56 16.52 13.83 -28.93
N VAL E 57 15.35 13.39 -29.39
CA VAL E 57 14.11 14.17 -29.26
C VAL E 57 13.07 13.48 -28.36
N ARG E 58 13.59 12.75 -27.36
CA ARG E 58 12.77 12.06 -26.38
C ARG E 58 11.82 11.10 -27.08
N ASN E 59 12.35 10.47 -28.13
CA ASN E 59 11.65 9.52 -28.98
C ASN E 59 10.29 9.93 -29.55
N ALA E 60 10.15 11.22 -29.85
CA ALA E 60 9.01 11.79 -30.55
C ALA E 60 8.86 11.14 -31.93
N PHE E 61 7.63 10.93 -32.35
CA PHE E 61 7.38 10.37 -33.67
C PHE E 61 6.99 11.44 -34.66
N ARG E 62 7.68 11.43 -35.80
CA ARG E 62 7.34 12.30 -36.93
C ARG E 62 6.60 11.41 -37.91
N PRO E 63 5.99 11.98 -38.95
CA PRO E 63 5.25 11.15 -39.90
C PRO E 63 6.05 9.97 -40.44
N HIS E 64 7.33 10.16 -40.74
CA HIS E 64 8.15 9.00 -41.17
C HIS E 64 8.29 7.88 -40.09
N THR E 65 8.32 8.27 -38.81
CA THR E 65 8.38 7.33 -37.68
C THR E 65 7.17 6.43 -37.66
N VAL E 66 6.00 7.05 -37.87
CA VAL E 66 4.74 6.32 -37.85
C VAL E 66 4.66 5.32 -39.01
N ASP E 67 5.08 5.75 -40.21
CA ASP E 67 5.20 4.86 -41.36
C ASP E 67 6.02 3.64 -40.98
N GLU E 68 7.18 3.86 -40.39
CA GLU E 68 8.07 2.74 -40.03
C GLU E 68 7.46 1.84 -38.97
N LEU E 69 6.89 2.47 -37.95
CA LEU E 69 6.28 1.77 -36.84
C LEU E 69 5.14 0.89 -37.36
N TYR E 70 4.30 1.46 -38.21
CA TYR E 70 3.28 0.67 -38.91
C TYR E 70 3.86 -0.54 -39.63
N ARG E 71 4.78 -0.34 -40.56
CA ARG E 71 5.36 -1.43 -41.35
C ARG E 71 5.91 -2.52 -40.44
N VAL E 72 6.66 -2.09 -39.44
CA VAL E 72 7.32 -3.01 -38.56
C VAL E 72 6.30 -3.87 -37.79
N LEU E 73 5.30 -3.20 -37.17
CA LEU E 73 4.26 -3.88 -36.39
C LEU E 73 3.42 -4.79 -37.28
N ASP E 74 3.11 -4.31 -38.48
CA ASP E 74 2.40 -5.13 -39.48
C ASP E 74 3.19 -6.38 -39.81
N HIS E 75 4.50 -6.22 -40.00
CA HIS E 75 5.35 -7.37 -40.31
C HIS E 75 5.28 -8.38 -39.15
N ALA E 76 5.40 -7.88 -37.92
CA ALA E 76 5.30 -8.75 -36.74
C ALA E 76 3.95 -9.46 -36.66
N ARG E 77 2.89 -8.74 -37.00
CA ARG E 77 1.56 -9.30 -37.00
C ARG E 77 1.48 -10.52 -37.95
N MET E 78 2.14 -10.42 -39.08
CA MET E 78 2.04 -11.45 -40.09
C MET E 78 3.13 -12.51 -39.97
N SER E 79 4.01 -12.36 -38.99
CA SER E 79 5.07 -13.35 -38.73
C SER E 79 4.55 -14.49 -37.86
N PRO E 80 4.35 -15.67 -38.44
CA PRO E 80 3.69 -16.78 -37.74
C PRO E 80 4.52 -17.36 -36.62
N ASP E 81 5.82 -17.10 -36.61
CA ASP E 81 6.69 -17.59 -35.55
C ASP E 81 6.95 -16.54 -34.45
N VAL E 82 6.20 -15.45 -34.49
CA VAL E 82 6.28 -14.42 -33.44
C VAL E 82 4.99 -14.44 -32.64
N GLY E 83 5.11 -14.58 -31.32
CA GLY E 83 3.95 -14.58 -30.45
C GLY E 83 3.73 -13.29 -29.68
N VAL E 84 4.81 -12.57 -29.38
CA VAL E 84 4.74 -11.42 -28.50
C VAL E 84 5.54 -10.27 -29.07
N VAL E 85 4.99 -9.06 -29.00
CA VAL E 85 5.69 -7.85 -29.39
C VAL E 85 6.05 -7.04 -28.14
N LEU E 86 7.31 -6.63 -28.05
CA LEU E 86 7.80 -5.80 -26.97
C LEU E 86 7.98 -4.43 -27.61
N LEU E 87 7.20 -3.46 -27.17
CA LEU E 87 7.26 -2.14 -27.75
C LEU E 87 7.91 -1.19 -26.74
N THR E 88 8.98 -0.55 -27.14
CA THR E 88 9.75 0.23 -26.21
C THR E 88 10.43 1.41 -26.90
N GLY E 89 11.35 2.05 -26.18
CA GLY E 89 12.10 3.15 -26.72
C GLY E 89 13.58 2.92 -26.45
N ASN E 90 14.42 3.31 -27.41
CA ASN E 90 15.85 3.22 -27.23
C ASN E 90 16.35 4.45 -26.50
N GLY E 91 17.45 4.27 -25.76
CA GLY E 91 18.11 5.43 -25.13
C GLY E 91 19.44 5.08 -24.50
N PRO E 92 20.00 5.99 -23.71
CA PRO E 92 19.34 7.26 -23.38
C PRO E 92 19.66 8.35 -24.43
N SER E 93 19.23 9.59 -24.18
CA SER E 93 19.60 10.69 -25.08
C SER E 93 21.09 10.96 -25.07
N PRO E 94 21.73 10.90 -26.23
CA PRO E 94 23.14 11.27 -26.34
C PRO E 94 23.41 12.74 -25.96
N LYS E 95 22.39 13.58 -26.04
CA LYS E 95 22.53 14.98 -25.69
C LYS E 95 22.50 15.24 -24.16
N ASP E 96 21.55 14.64 -23.43
CA ASP E 96 21.43 14.97 -22.00
C ASP E 96 21.27 13.77 -21.07
N GLY E 97 21.35 12.56 -21.60
CA GLY E 97 21.28 11.38 -20.76
C GLY E 97 19.89 11.01 -20.29
N GLY E 98 18.87 11.75 -20.76
CA GLY E 98 17.49 11.53 -20.37
C GLY E 98 16.86 10.35 -21.08
N TRP E 99 15.95 9.64 -20.41
CA TRP E 99 15.32 8.42 -20.90
C TRP E 99 13.91 8.66 -21.37
N ALA E 100 13.54 8.07 -22.51
CA ALA E 100 12.19 8.21 -23.05
C ALA E 100 11.68 6.93 -23.69
N PHE E 101 10.41 6.63 -23.44
CA PHE E 101 9.71 5.67 -24.25
C PHE E 101 9.29 6.38 -25.53
N CYS E 102 8.49 7.41 -25.40
CA CYS E 102 8.00 8.16 -26.55
C CYS E 102 7.29 9.40 -26.04
N SER E 103 7.63 10.55 -26.57
CA SER E 103 7.04 11.78 -26.09
C SER E 103 5.93 12.30 -27.00
N GLY E 104 5.45 11.44 -27.89
CA GLY E 104 4.36 11.81 -28.77
C GLY E 104 4.79 12.42 -30.10
N GLY E 105 3.88 13.18 -30.70
CA GLY E 105 4.08 13.73 -32.02
C GLY E 105 5.21 14.73 -32.04
N ASP E 106 6.08 14.60 -33.05
CA ASP E 106 7.15 15.58 -33.29
C ASP E 106 6.58 16.98 -33.56
N GLN E 107 6.94 17.91 -32.68
CA GLN E 107 6.36 19.26 -32.65
C GLN E 107 7.30 20.32 -33.27
N LEU E 134 -2.75 11.38 -37.48
CA LEU E 134 -3.79 10.36 -37.66
C LEU E 134 -3.29 9.03 -38.22
N HIS E 135 -2.09 9.01 -38.80
CA HIS E 135 -1.46 7.72 -39.11
C HIS E 135 -1.30 6.98 -37.77
N ILE E 136 -1.08 7.71 -36.68
CA ILE E 136 -0.91 7.07 -35.35
C ILE E 136 -2.16 6.27 -34.88
N LEU E 137 -3.34 6.76 -35.23
CA LEU E 137 -4.58 6.05 -34.95
C LEU E 137 -4.61 4.68 -35.62
N GLU E 138 -4.02 4.58 -36.82
CA GLU E 138 -3.86 3.30 -37.51
C GLU E 138 -2.93 2.34 -36.76
N VAL E 139 -1.83 2.87 -36.25
CA VAL E 139 -0.92 2.09 -35.45
C VAL E 139 -1.67 1.57 -34.20
N GLN E 140 -2.48 2.42 -33.56
CA GLN E 140 -3.23 2.01 -32.36
C GLN E 140 -4.16 0.85 -32.68
N ARG E 141 -4.84 0.92 -33.83
CA ARG E 141 -5.71 -0.17 -34.28
C ARG E 141 -4.94 -1.44 -34.61
N LEU E 142 -3.75 -1.28 -35.20
CA LEU E 142 -2.88 -2.41 -35.48
C LEU E 142 -2.52 -3.14 -34.18
N ILE E 143 -2.14 -2.38 -33.14
CA ILE E 143 -1.80 -2.99 -31.86
C ILE E 143 -3.05 -3.66 -31.27
N ARG E 144 -4.18 -2.97 -31.41
CA ARG E 144 -5.40 -3.41 -30.78
C ARG E 144 -5.89 -4.72 -31.45
N PHE E 145 -5.76 -4.80 -32.77
CA PHE E 145 -6.40 -5.86 -33.54
C PHE E 145 -5.48 -7.02 -33.80
N MET E 146 -4.18 -6.83 -33.63
CA MET E 146 -3.28 -7.94 -33.91
C MET E 146 -3.46 -9.13 -32.93
N PRO E 147 -3.49 -10.34 -33.47
CA PRO E 147 -3.78 -11.55 -32.69
C PRO E 147 -2.59 -12.04 -31.89
N LYS E 148 -1.85 -11.10 -31.30
CA LYS E 148 -0.66 -11.35 -30.51
C LYS E 148 -0.67 -10.35 -29.39
N VAL E 149 -0.01 -10.67 -28.28
CA VAL E 149 0.07 -9.80 -27.11
C VAL E 149 1.15 -8.75 -27.34
N VAL E 150 0.82 -7.49 -27.15
CA VAL E 150 1.80 -6.40 -27.26
C VAL E 150 2.04 -5.84 -25.85
N ILE E 151 3.27 -5.99 -25.39
CA ILE E 151 3.71 -5.51 -24.08
C ILE E 151 4.49 -4.18 -24.27
N CYS E 152 4.00 -3.10 -23.68
CA CYS E 152 4.74 -1.85 -23.75
C CYS E 152 5.77 -1.81 -22.61
N LEU E 153 7.03 -1.60 -22.94
CA LEU E 153 8.06 -1.47 -21.92
C LEU E 153 8.39 0.03 -21.78
N VAL E 154 7.82 0.66 -20.76
CA VAL E 154 7.99 2.09 -20.56
C VAL E 154 9.30 2.37 -19.81
N ASN E 155 10.32 2.77 -20.56
CA ASN E 155 11.70 2.87 -20.09
C ASN E 155 12.08 4.32 -19.76
N GLY E 156 11.13 5.24 -19.91
CA GLY E 156 11.39 6.65 -19.70
C GLY E 156 10.10 7.39 -19.89
N TRP E 157 10.19 8.66 -20.24
CA TRP E 157 9.03 9.50 -20.51
C TRP E 157 8.04 8.83 -21.46
N ALA E 158 6.76 8.89 -21.11
CA ALA E 158 5.68 8.47 -21.97
C ALA E 158 4.69 9.60 -21.91
N ALA E 159 4.70 10.42 -22.95
CA ALA E 159 3.90 11.65 -22.96
C ALA E 159 3.08 11.75 -24.23
N GLY E 160 1.99 12.50 -24.16
CA GLY E 160 1.09 12.70 -25.28
C GLY E 160 0.77 11.39 -25.96
N GLY E 161 0.93 11.39 -27.28
CA GLY E 161 0.66 10.21 -28.06
C GLY E 161 1.44 9.00 -27.61
N GLY E 162 2.61 9.23 -27.01
CA GLY E 162 3.42 8.16 -26.51
C GLY E 162 2.76 7.52 -25.29
N HIS E 163 2.11 8.35 -24.46
CA HIS E 163 1.31 7.84 -23.37
C HIS E 163 0.14 6.97 -23.91
N SER E 164 -0.53 7.51 -24.93
CA SER E 164 -1.63 6.84 -25.56
C SER E 164 -1.24 5.48 -26.18
N LEU E 165 -0.04 5.38 -26.75
CA LEU E 165 0.45 4.09 -27.24
C LEU E 165 0.59 3.08 -26.11
N HIS E 166 1.11 3.52 -24.95
CA HIS E 166 1.22 2.64 -23.79
C HIS E 166 -0.16 2.11 -23.39
N VAL E 167 -1.14 3.00 -23.33
CA VAL E 167 -2.49 2.68 -22.87
C VAL E 167 -3.13 1.59 -23.74
N VAL E 168 -2.97 1.72 -25.06
CA VAL E 168 -3.61 0.79 -25.97
C VAL E 168 -2.94 -0.60 -26.02
N CYS E 169 -1.69 -0.72 -25.57
CA CYS E 169 -1.02 -2.03 -25.56
C CYS E 169 -1.71 -2.94 -24.56
N ASP E 170 -1.62 -4.23 -24.79
CA ASP E 170 -2.29 -5.19 -23.90
C ASP E 170 -1.73 -5.12 -22.51
N LEU E 171 -0.40 -5.05 -22.39
CA LEU E 171 0.24 -5.02 -21.08
C LEU E 171 1.25 -3.89 -21.02
N THR E 172 1.54 -3.42 -19.81
CA THR E 172 2.61 -2.45 -19.61
C THR E 172 3.53 -2.79 -18.46
N LEU E 173 4.83 -2.87 -18.78
CA LEU E 173 5.87 -2.95 -17.75
C LEU E 173 6.64 -1.64 -17.70
N ALA E 174 6.94 -1.15 -16.50
CA ALA E 174 7.55 0.18 -16.40
C ALA E 174 8.86 0.20 -15.62
N SER E 175 9.81 1.01 -16.09
CA SER E 175 11.06 1.23 -15.36
C SER E 175 10.81 2.01 -14.07
N ARG E 176 11.19 1.41 -12.95
CA ARG E 176 10.97 2.01 -11.63
C ARG E 176 11.60 3.39 -11.52
N GLU E 177 12.88 3.48 -11.86
CA GLU E 177 13.63 4.71 -11.76
C GLU E 177 13.22 5.74 -12.80
N TYR E 178 12.85 5.29 -14.00
CA TYR E 178 12.76 6.22 -15.13
C TYR E 178 11.40 6.39 -15.85
N ALA E 179 10.48 5.44 -15.68
CA ALA E 179 9.21 5.61 -16.36
C ALA E 179 8.52 6.86 -15.82
N ARG E 180 8.08 7.74 -16.72
CA ARG E 180 7.36 8.92 -16.32
C ARG E 180 6.14 9.04 -17.22
N PHE E 181 4.95 9.10 -16.64
CA PHE E 181 3.71 9.15 -17.39
C PHE E 181 3.11 10.53 -17.29
N LYS E 182 2.97 11.21 -18.42
CA LYS E 182 2.45 12.58 -18.43
C LYS E 182 1.53 12.71 -19.61
N GLN E 183 0.27 13.05 -19.37
CA GLN E 183 -0.63 13.30 -20.49
C GLN E 183 -0.79 14.80 -20.78
N THR E 184 0.04 15.25 -21.70
CA THR E 184 0.27 16.67 -21.98
C THR E 184 -0.70 17.23 -23.01
N ASP E 185 -1.47 16.38 -23.67
CA ASP E 185 -2.35 16.84 -24.77
C ASP E 185 -3.01 18.21 -24.54
N ALA E 186 -3.75 18.37 -23.44
CA ALA E 186 -4.54 19.59 -23.26
C ALA E 186 -3.69 20.87 -23.09
N ASP E 187 -2.43 20.70 -22.65
CA ASP E 187 -1.47 21.78 -22.60
C ASP E 187 -1.33 22.46 -23.94
N VAL E 188 -1.26 21.67 -25.01
CA VAL E 188 -1.08 22.24 -26.35
C VAL E 188 -2.33 22.41 -27.19
N GLY E 189 -3.50 22.24 -26.55
CA GLY E 189 -4.77 22.35 -27.27
C GLY E 189 -5.17 21.11 -28.05
N SER E 190 -4.47 20.00 -27.82
CA SER E 190 -4.81 18.71 -28.43
C SER E 190 -5.53 17.76 -27.44
N PHE E 191 -5.96 16.59 -27.91
CA PHE E 191 -6.57 15.55 -27.06
C PHE E 191 -6.69 14.26 -27.82
N ASP E 192 -6.34 13.15 -27.19
CA ASP E 192 -6.71 11.83 -27.67
C ASP E 192 -8.09 11.53 -27.11
N GLY E 193 -9.11 11.64 -27.94
CA GLY E 193 -10.46 11.37 -27.48
C GLY E 193 -10.88 9.94 -27.67
N GLY E 194 -9.93 9.03 -27.93
CA GLY E 194 -10.24 7.64 -28.23
C GLY E 194 -9.63 6.66 -27.23
N TYR E 195 -8.76 5.79 -27.71
CA TYR E 195 -8.12 4.82 -26.81
C TYR E 195 -7.30 5.49 -25.72
N GLY E 196 -6.65 6.62 -26.01
CA GLY E 196 -5.80 7.28 -25.03
C GLY E 196 -6.53 7.67 -23.73
N SER E 197 -7.79 8.04 -23.85
CA SER E 197 -8.59 8.51 -22.73
C SER E 197 -9.67 7.50 -22.29
N ALA E 198 -10.61 7.20 -23.20
CA ALA E 198 -11.75 6.33 -22.86
C ALA E 198 -11.28 4.93 -22.48
N TYR E 199 -10.28 4.42 -23.18
CA TYR E 199 -9.76 3.11 -22.83
C TYR E 199 -8.94 3.10 -21.53
N LEU E 200 -8.22 4.19 -21.28
CA LEU E 200 -7.52 4.35 -20.02
C LEU E 200 -8.48 4.20 -18.85
N ALA E 201 -9.68 4.77 -18.98
CA ALA E 201 -10.73 4.69 -17.94
C ALA E 201 -11.13 3.27 -17.67
N ARG E 202 -10.96 2.40 -18.65
CA ARG E 202 -11.27 0.99 -18.47
C ARG E 202 -10.12 0.20 -17.86
N GLN E 203 -9.06 0.93 -17.46
CA GLN E 203 -7.94 0.34 -16.73
C GLN E 203 -7.91 0.89 -15.27
N VAL E 204 -7.93 2.22 -15.16
CA VAL E 204 -7.77 2.88 -13.88
C VAL E 204 -9.08 3.38 -13.32
N GLY E 205 -10.17 3.26 -14.08
CA GLY E 205 -11.44 3.78 -13.65
C GLY E 205 -11.62 5.23 -14.05
N GLN E 206 -12.86 5.70 -14.03
CA GLN E 206 -13.19 7.02 -14.52
C GLN E 206 -12.63 8.21 -13.73
N LYS E 207 -12.44 8.08 -12.42
CA LYS E 207 -11.89 9.18 -11.62
C LYS E 207 -10.43 9.41 -11.98
N PHE E 208 -9.62 8.36 -11.90
CA PHE E 208 -8.19 8.50 -12.16
C PHE E 208 -7.90 8.93 -13.60
N ALA E 209 -8.63 8.36 -14.54
CA ALA E 209 -8.47 8.68 -15.95
C ALA E 209 -8.70 10.17 -16.22
N ARG E 210 -9.78 10.73 -15.65
CA ARG E 210 -10.07 12.16 -15.82
C ARG E 210 -8.96 12.99 -15.21
N GLU E 211 -8.50 12.61 -14.01
CA GLU E 211 -7.41 13.29 -13.37
C GLU E 211 -6.16 13.31 -14.30
N ILE E 212 -5.76 12.12 -14.77
CA ILE E 212 -4.58 12.01 -15.60
C ILE E 212 -4.62 13.03 -16.73
N PHE E 213 -5.76 13.18 -17.43
CA PHE E 213 -5.85 14.10 -18.56
C PHE E 213 -6.11 15.59 -18.15
N PHE E 214 -6.97 15.80 -17.16
CA PHE E 214 -7.40 17.15 -16.82
C PHE E 214 -6.25 17.96 -16.24
N LEU E 215 -5.46 17.34 -15.37
CA LEU E 215 -4.35 18.04 -14.72
C LEU E 215 -3.02 17.92 -15.45
N GLY E 216 -2.80 16.79 -16.12
CA GLY E 216 -1.60 16.58 -16.92
C GLY E 216 -0.36 16.49 -16.06
N ARG E 217 -0.52 15.94 -14.85
CA ARG E 217 0.63 15.72 -13.97
C ARG E 217 1.52 14.59 -14.45
N THR E 218 2.69 14.52 -13.85
CA THR E 218 3.67 13.49 -14.14
C THR E 218 3.53 12.41 -13.08
N TYR E 219 3.46 11.17 -13.51
CA TYR E 219 3.27 10.01 -12.61
C TYR E 219 4.44 9.03 -12.75
N THR E 220 4.87 8.47 -11.63
CA THR E 220 5.87 7.40 -11.59
C THR E 220 5.26 6.06 -11.98
N ALA E 221 6.11 5.11 -12.35
CA ALA E 221 5.78 3.73 -12.54
C ALA E 221 4.90 3.21 -11.39
N GLU E 222 5.32 3.41 -10.14
CA GLU E 222 4.58 2.80 -9.03
C GLU E 222 3.19 3.42 -8.86
N GLN E 223 3.06 4.72 -9.10
CA GLN E 223 1.73 5.34 -9.05
C GLN E 223 0.79 4.73 -10.10
N MET E 224 1.28 4.62 -11.34
CA MET E 224 0.46 4.05 -12.42
C MET E 224 0.14 2.60 -12.14
N HIS E 225 1.06 1.91 -11.48
CA HIS E 225 0.80 0.55 -11.04
C HIS E 225 -0.34 0.50 -10.02
N GLN E 226 -0.30 1.42 -9.04
CA GLN E 226 -1.38 1.54 -8.05
C GLN E 226 -2.71 1.82 -8.70
N MET E 227 -2.71 2.71 -9.69
CA MET E 227 -3.95 3.11 -10.35
C MET E 227 -4.54 2.02 -11.27
N GLY E 228 -3.69 1.16 -11.84
CA GLY E 228 -4.12 0.06 -12.67
C GLY E 228 -3.71 0.11 -14.14
N ALA E 229 -2.87 1.05 -14.54
CA ALA E 229 -2.47 1.12 -15.95
C ALA E 229 -1.10 0.48 -16.22
N VAL E 230 -0.32 0.27 -15.15
CA VAL E 230 0.94 -0.47 -15.28
C VAL E 230 0.79 -1.84 -14.59
N ASN E 231 1.08 -2.91 -15.32
CA ASN E 231 1.05 -4.25 -14.75
C ASN E 231 2.08 -4.47 -13.65
N ALA E 232 3.33 -4.18 -13.95
CA ALA E 232 4.38 -4.32 -12.96
C ALA E 232 5.51 -3.33 -13.19
N VAL E 233 6.25 -3.11 -12.12
CA VAL E 233 7.39 -2.23 -12.12
C VAL E 233 8.65 -3.10 -12.08
N ALA E 234 9.67 -2.70 -12.84
CA ALA E 234 10.96 -3.40 -12.85
C ALA E 234 12.09 -2.41 -12.70
N GLU E 235 13.19 -2.92 -12.14
CA GLU E 235 14.48 -2.23 -12.12
C GLU E 235 14.81 -1.86 -13.57
N HIS E 236 15.20 -0.60 -13.80
CA HIS E 236 15.50 -0.11 -15.14
C HIS E 236 16.26 -1.08 -16.02
N ALA E 237 17.39 -1.55 -15.50
CA ALA E 237 18.31 -2.37 -16.24
C ALA E 237 17.72 -3.75 -16.49
N GLU E 238 16.68 -4.10 -15.73
CA GLU E 238 16.05 -5.41 -15.88
C GLU E 238 14.74 -5.34 -16.71
N LEU E 239 14.42 -4.16 -17.18
CA LEU E 239 13.13 -3.96 -17.84
C LEU E 239 12.87 -4.92 -19.00
N GLU E 240 13.86 -5.10 -19.87
CA GLU E 240 13.72 -5.96 -21.04
C GLU E 240 13.83 -7.43 -20.66
N THR E 241 14.64 -7.70 -19.65
CA THR E 241 14.73 -9.04 -19.09
C THR E 241 13.37 -9.50 -18.55
N VAL E 242 12.70 -8.63 -17.80
CA VAL E 242 11.36 -8.93 -17.28
C VAL E 242 10.41 -9.04 -18.46
N GLY E 243 10.50 -8.09 -19.39
CA GLY E 243 9.71 -8.15 -20.62
C GLY E 243 9.79 -9.52 -21.26
N LEU E 244 11.01 -10.02 -21.44
CA LEU E 244 11.23 -11.32 -22.08
C LEU E 244 10.70 -12.52 -21.28
N GLN E 245 10.77 -12.42 -19.95
CA GLN E 245 10.22 -13.45 -19.08
C GLN E 245 8.67 -13.45 -19.21
N TRP E 246 8.05 -12.29 -19.18
CA TRP E 246 6.62 -12.22 -19.42
C TRP E 246 6.28 -12.79 -20.78
N ALA E 247 7.04 -12.38 -21.81
CA ALA E 247 6.84 -12.92 -23.15
C ALA E 247 6.94 -14.45 -23.16
N ALA E 248 7.95 -14.99 -22.48
CA ALA E 248 8.14 -16.46 -22.43
C ALA E 248 6.95 -17.17 -21.75
N GLU E 249 6.42 -16.59 -20.68
CA GLU E 249 5.23 -17.18 -20.06
C GLU E 249 4.04 -17.13 -21.02
N ILE E 250 3.89 -16.02 -21.76
CA ILE E 250 2.81 -15.91 -22.76
C ILE E 250 2.97 -16.97 -23.84
N ASN E 251 4.16 -17.09 -24.41
CA ASN E 251 4.41 -18.04 -25.50
C ASN E 251 4.36 -19.50 -25.08
N ALA E 252 4.42 -19.77 -23.78
CA ALA E 252 4.33 -21.17 -23.33
C ALA E 252 2.90 -21.70 -23.33
N LYS E 253 1.93 -20.84 -23.60
CA LYS E 253 0.53 -21.25 -23.59
C LYS E 253 0.02 -21.50 -25.00
N SER E 254 -1.15 -22.13 -25.10
CA SER E 254 -1.74 -22.40 -26.42
C SER E 254 -1.94 -21.08 -27.16
N PRO E 255 -1.32 -20.91 -28.32
CA PRO E 255 -1.47 -19.68 -29.10
C PRO E 255 -2.92 -19.41 -29.51
N GLN E 256 -3.64 -20.46 -29.87
CA GLN E 256 -5.05 -20.37 -30.18
C GLN E 256 -5.83 -19.74 -29.03
N ALA E 257 -5.59 -20.23 -27.81
CA ALA E 257 -6.25 -19.72 -26.64
C ALA E 257 -5.89 -18.23 -26.38
N GLN E 258 -4.63 -17.86 -26.56
CA GLN E 258 -4.22 -16.50 -26.30
C GLN E 258 -4.89 -15.54 -27.26
N ARG E 259 -4.93 -15.93 -28.53
CA ARG E 259 -5.70 -15.25 -29.56
C ARG E 259 -7.16 -15.01 -29.15
N MET E 260 -7.87 -16.09 -28.84
CA MET E 260 -9.28 -16.00 -28.47
C MET E 260 -9.42 -15.08 -27.28
N LEU E 261 -8.48 -15.17 -26.35
CA LEU E 261 -8.59 -14.40 -25.13
C LEU E 261 -8.44 -12.91 -25.39
N LYS E 262 -7.47 -12.54 -26.22
CA LYS E 262 -7.26 -11.13 -26.53
C LYS E 262 -8.53 -10.56 -27.15
N PHE E 263 -9.11 -11.28 -28.09
CA PHE E 263 -10.32 -10.81 -28.72
C PHE E 263 -11.52 -10.86 -27.79
N ALA E 264 -11.54 -11.79 -26.83
CA ALA E 264 -12.58 -11.80 -25.82
C ALA E 264 -12.50 -10.57 -24.93
N PHE E 265 -11.28 -10.16 -24.56
CA PHE E 265 -11.15 -8.96 -23.76
C PHE E 265 -11.52 -7.72 -24.56
N ASN E 266 -11.19 -7.71 -25.84
CA ASN E 266 -11.50 -6.57 -26.70
C ASN E 266 -13.01 -6.44 -26.96
N LEU E 267 -13.72 -7.56 -26.94
CA LEU E 267 -14.97 -7.72 -27.70
C LEU E 267 -16.00 -6.61 -27.49
N LEU E 268 -16.56 -6.52 -26.27
CA LEU E 268 -17.71 -5.66 -26.03
C LEU E 268 -17.31 -4.17 -26.10
N ASP E 269 -16.12 -3.85 -25.55
CA ASP E 269 -15.53 -2.52 -25.67
C ASP E 269 -15.44 -2.02 -27.13
N ASP E 270 -15.17 -2.93 -28.05
CA ASP E 270 -14.97 -2.61 -29.46
C ASP E 270 -16.24 -2.81 -30.33
N GLY E 271 -17.38 -3.10 -29.68
CA GLY E 271 -18.65 -3.29 -30.35
C GLY E 271 -18.56 -4.21 -31.54
N LEU E 272 -19.07 -3.79 -32.69
CA LEU E 272 -19.09 -4.63 -33.89
C LEU E 272 -17.71 -5.05 -34.39
N VAL E 273 -16.71 -4.21 -34.16
CA VAL E 273 -15.37 -4.53 -34.58
C VAL E 273 -14.82 -5.65 -33.69
N GLY E 274 -15.10 -5.54 -32.40
CA GLY E 274 -14.70 -6.53 -31.42
C GLY E 274 -15.36 -7.82 -31.77
N GLN E 275 -16.68 -7.80 -31.97
CA GLN E 275 -17.38 -9.02 -32.39
C GLN E 275 -16.80 -9.59 -33.70
N GLN E 276 -16.50 -8.72 -34.69
CA GLN E 276 -15.96 -9.19 -35.97
C GLN E 276 -14.72 -10.03 -35.77
N LEU E 277 -13.83 -9.53 -34.91
CA LEU E 277 -12.56 -10.22 -34.73
C LEU E 277 -12.71 -11.51 -33.94
N PHE E 278 -13.52 -11.51 -32.88
CA PHE E 278 -13.73 -12.72 -32.07
C PHE E 278 -14.48 -13.80 -32.87
N ALA E 279 -15.58 -13.41 -33.52
CA ALA E 279 -16.29 -14.29 -34.40
C ALA E 279 -15.41 -14.78 -35.56
N GLY E 280 -14.50 -13.93 -36.09
CA GLY E 280 -13.60 -14.37 -37.15
C GLY E 280 -12.78 -15.57 -36.70
N GLU E 281 -12.29 -15.53 -35.47
CA GLU E 281 -11.59 -16.66 -34.90
C GLU E 281 -12.50 -17.87 -34.70
N ALA E 282 -13.74 -17.65 -34.33
CA ALA E 282 -14.70 -18.75 -34.21
C ALA E 282 -14.97 -19.38 -35.57
N THR E 283 -15.10 -18.55 -36.60
CA THR E 283 -15.27 -19.04 -37.98
C THR E 283 -14.09 -19.96 -38.36
N ARG E 284 -12.88 -19.46 -38.13
CA ARG E 284 -11.70 -20.26 -38.42
C ARG E 284 -11.74 -21.61 -37.66
N LEU E 285 -12.07 -21.60 -36.38
CA LEU E 285 -12.17 -22.84 -35.64
C LEU E 285 -13.20 -23.81 -36.24
N ALA E 286 -14.35 -23.29 -36.68
CA ALA E 286 -15.41 -24.08 -37.28
C ALA E 286 -14.98 -24.74 -38.57
N TYR E 287 -14.20 -24.01 -39.37
CA TYR E 287 -13.71 -24.51 -40.66
C TYR E 287 -12.88 -25.82 -40.53
N MET E 288 -12.19 -25.96 -39.41
CA MET E 288 -11.36 -27.12 -39.13
C MET E 288 -12.15 -28.38 -38.78
N THR E 289 -13.43 -28.23 -38.41
CA THR E 289 -14.21 -29.34 -37.89
C THR E 289 -14.68 -30.27 -39.01
N ASP E 290 -15.11 -31.48 -38.65
CA ASP E 290 -15.63 -32.45 -39.62
C ASP E 290 -16.96 -32.02 -40.23
N GLU E 291 -17.82 -31.41 -39.42
CA GLU E 291 -19.08 -30.84 -39.86
C GLU E 291 -18.87 -29.85 -41.02
N ALA E 292 -17.90 -28.94 -40.87
CA ALA E 292 -17.61 -27.97 -41.91
C ALA E 292 -17.04 -28.59 -43.19
N VAL E 293 -16.35 -29.71 -43.03
CA VAL E 293 -15.77 -30.46 -44.16
C VAL E 293 -16.91 -31.05 -44.98
N GLU E 294 -17.86 -31.68 -44.28
CA GLU E 294 -19.07 -32.24 -44.90
C GLU E 294 -19.82 -31.21 -45.74
N GLY E 295 -20.00 -30.01 -45.18
CA GLY E 295 -20.69 -28.94 -45.89
C GLY E 295 -19.95 -28.49 -47.14
N ARG E 296 -18.63 -28.45 -47.03
CA ARG E 296 -17.75 -28.05 -48.13
C ARG E 296 -17.69 -29.12 -49.23
N ASP E 297 -17.65 -30.39 -48.80
CA ASP E 297 -17.62 -31.53 -49.72
C ASP E 297 -18.88 -31.53 -50.57
N ALA E 298 -20.02 -31.57 -49.88
CA ALA E 298 -21.34 -31.65 -50.51
C ALA E 298 -21.61 -30.53 -51.52
N PHE E 299 -21.00 -29.36 -51.32
CA PHE E 299 -21.17 -28.29 -52.32
C PHE E 299 -20.41 -28.61 -53.61
N LEU E 300 -19.14 -29.02 -53.47
CA LEU E 300 -18.31 -29.38 -54.62
C LEU E 300 -18.84 -30.63 -55.35
N GLN E 301 -19.29 -31.62 -54.57
CA GLN E 301 -19.84 -32.88 -55.09
C GLN E 301 -21.31 -32.78 -55.56
N LYS E 302 -21.87 -31.57 -55.52
CA LYS E 302 -23.24 -31.29 -55.94
C LYS E 302 -24.35 -32.13 -55.25
N ARG E 303 -23.99 -32.84 -54.18
CA ARG E 303 -24.93 -33.64 -53.39
C ARG E 303 -25.55 -32.84 -52.20
N PRO E 304 -26.64 -33.34 -51.60
CA PRO E 304 -27.09 -32.80 -50.30
C PRO E 304 -26.16 -33.21 -49.14
N PRO E 305 -25.90 -32.29 -48.20
CA PRO E 305 -25.06 -32.59 -47.04
C PRO E 305 -25.77 -33.49 -46.02
N ASP E 306 -25.02 -34.32 -45.31
CA ASP E 306 -25.56 -35.17 -44.25
C ASP E 306 -25.06 -34.68 -42.87
N TRP E 307 -26.00 -34.19 -42.04
CA TRP E 307 -25.67 -33.61 -40.72
C TRP E 307 -25.93 -34.56 -39.57
N SER E 308 -26.32 -35.80 -39.89
CA SER E 308 -26.68 -36.80 -38.88
C SER E 308 -25.57 -37.20 -37.89
N PRO E 309 -24.31 -37.31 -38.33
CA PRO E 309 -23.21 -37.65 -37.40
C PRO E 309 -22.99 -36.62 -36.28
N PHE E 310 -23.30 -35.34 -36.56
CA PHE E 310 -23.00 -34.22 -35.66
C PHE E 310 -24.21 -33.76 -34.84
N PRO E 311 -24.10 -33.85 -33.51
CA PRO E 311 -25.25 -33.62 -32.62
C PRO E 311 -25.52 -32.13 -32.37
N ARG E 312 -26.72 -31.87 -31.84
CA ARG E 312 -27.11 -30.52 -31.48
C ARG E 312 -26.73 -30.24 -30.03
N TYR E 313 -25.47 -29.86 -29.82
CA TYR E 313 -24.95 -29.46 -28.51
C TYR E 313 -25.75 -28.33 -27.86
N PHE E 314 -25.82 -28.33 -26.53
CA PHE E 314 -26.67 -27.38 -25.79
C PHE E 314 -26.02 -26.74 -24.56
N ASN F 18 -10.48 24.68 9.68
CA ASN F 18 -11.61 24.91 8.72
C ASN F 18 -11.07 25.12 7.30
N PRO F 19 -11.52 24.26 6.38
CA PRO F 19 -11.07 24.31 4.99
C PRO F 19 -11.36 25.66 4.31
N PHE F 20 -12.41 26.36 4.72
CA PHE F 20 -12.83 27.61 4.08
C PHE F 20 -11.92 28.81 4.38
N ASP F 21 -11.32 29.38 3.34
CA ASP F 21 -10.53 30.60 3.46
C ASP F 21 -11.33 31.79 2.91
N ALA F 22 -11.95 32.52 3.82
CA ALA F 22 -12.78 33.67 3.46
C ALA F 22 -12.10 34.72 2.54
N LYS F 23 -10.81 34.97 2.74
CA LYS F 23 -10.09 35.92 1.89
C LYS F 23 -10.04 35.53 0.41
N ALA F 24 -10.25 34.25 0.10
CA ALA F 24 -10.07 33.77 -1.27
C ALA F 24 -11.32 33.89 -2.14
N TRP F 25 -12.45 34.21 -1.51
CA TRP F 25 -13.78 34.06 -2.10
C TRP F 25 -14.62 35.33 -2.01
N ARG F 26 -15.35 35.65 -3.09
CA ARG F 26 -16.38 36.70 -3.06
C ARG F 26 -17.71 36.08 -3.44
N LEU F 27 -18.80 36.58 -2.87
CA LEU F 27 -20.13 36.14 -3.29
C LEU F 27 -20.45 36.52 -4.73
N VAL F 28 -21.27 35.69 -5.36
CA VAL F 28 -21.67 35.89 -6.75
C VAL F 28 -22.89 36.77 -6.73
N ASP F 29 -22.90 37.80 -7.58
CA ASP F 29 -24.03 38.74 -7.58
C ASP F 29 -25.32 38.09 -8.04
N GLY F 30 -26.38 38.38 -7.32
CA GLY F 30 -27.70 37.94 -7.71
C GLY F 30 -28.20 36.73 -6.93
N PHE F 31 -27.47 36.32 -5.91
CA PHE F 31 -27.85 35.13 -5.14
C PHE F 31 -27.96 35.41 -3.61
N ASP F 32 -28.41 36.63 -3.28
CA ASP F 32 -28.65 37.10 -1.91
C ASP F 32 -29.69 36.29 -1.19
N ASP F 33 -30.63 35.76 -1.95
CA ASP F 33 -31.72 34.98 -1.38
C ASP F 33 -31.40 33.51 -1.04
N LEU F 34 -30.16 33.08 -1.27
CA LEU F 34 -29.76 31.69 -1.00
C LEU F 34 -29.78 31.34 0.50
N THR F 35 -30.48 30.26 0.86
CA THR F 35 -30.51 29.85 2.27
C THR F 35 -29.80 28.55 2.55
N ASP F 36 -29.92 27.58 1.64
CA ASP F 36 -29.42 26.21 1.90
C ASP F 36 -28.09 25.90 1.18
N ILE F 37 -27.57 26.86 0.43
CA ILE F 37 -26.43 26.69 -0.46
C ILE F 37 -25.66 27.99 -0.40
N THR F 38 -24.32 27.94 -0.45
CA THR F 38 -23.56 29.15 -0.71
C THR F 38 -22.81 29.06 -2.05
N TYR F 39 -22.53 30.23 -2.61
CA TYR F 39 -22.04 30.36 -3.97
C TYR F 39 -21.01 31.48 -4.00
N HIS F 40 -19.75 31.11 -4.19
CA HIS F 40 -18.68 32.09 -4.27
C HIS F 40 -17.88 31.93 -5.57
N ARG F 41 -17.31 33.03 -6.02
CA ARG F 41 -16.35 33.04 -7.10
C ARG F 41 -15.02 33.36 -6.44
N HIS F 42 -13.95 32.75 -6.92
CA HIS F 42 -12.63 33.04 -6.39
C HIS F 42 -12.16 34.44 -6.77
N VAL F 43 -11.33 35.03 -5.91
CA VAL F 43 -10.91 36.43 -6.14
C VAL F 43 -10.10 36.63 -7.42
N ASP F 44 -9.31 35.63 -7.80
CA ASP F 44 -8.50 35.68 -9.02
C ASP F 44 -8.85 34.62 -10.08
N ASP F 45 -9.08 33.39 -9.64
CA ASP F 45 -9.17 32.23 -10.53
C ASP F 45 -10.55 32.02 -11.15
N ALA F 46 -10.59 31.32 -12.28
CA ALA F 46 -11.82 30.91 -12.94
C ALA F 46 -12.49 29.69 -12.24
N THR F 47 -12.76 29.86 -10.95
CA THR F 47 -13.22 28.76 -10.10
C THR F 47 -14.33 29.25 -9.21
N VAL F 48 -15.41 28.48 -9.09
CA VAL F 48 -16.45 28.81 -8.12
C VAL F 48 -16.52 27.76 -7.01
N ARG F 49 -17.08 28.17 -5.87
CA ARG F 49 -17.26 27.31 -4.73
C ARG F 49 -18.76 27.16 -4.48
N VAL F 50 -19.25 25.92 -4.54
CA VAL F 50 -20.67 25.67 -4.34
C VAL F 50 -20.79 24.70 -3.17
N ALA F 51 -21.56 25.10 -2.17
CA ALA F 51 -21.52 24.38 -0.92
C ALA F 51 -22.86 24.20 -0.27
N PHE F 52 -23.11 22.98 0.19
CA PHE F 52 -24.23 22.72 1.08
C PHE F 52 -24.11 23.60 2.33
N ASN F 53 -25.23 24.19 2.73
CA ASN F 53 -25.19 25.17 3.82
C ASN F 53 -26.18 24.87 4.94
N ARG F 54 -26.31 23.59 5.28
CA ARG F 54 -27.18 23.19 6.37
C ARG F 54 -26.42 22.27 7.31
N PRO F 55 -25.30 22.73 7.85
CA PRO F 55 -24.43 21.86 8.66
C PRO F 55 -25.10 21.30 9.90
N GLU F 56 -26.16 21.93 10.43
CA GLU F 56 -26.89 21.38 11.58
C GLU F 56 -27.56 20.05 11.28
N VAL F 57 -27.83 19.76 10.00
CA VAL F 57 -28.49 18.50 9.65
C VAL F 57 -27.60 17.63 8.76
N ARG F 58 -26.29 17.71 9.03
CA ARG F 58 -25.24 17.05 8.23
C ARG F 58 -25.40 17.34 6.75
N ASN F 59 -25.76 18.58 6.44
CA ASN F 59 -25.94 19.07 5.08
C ASN F 59 -26.87 18.25 4.18
N ALA F 60 -27.87 17.66 4.79
CA ALA F 60 -28.97 17.00 4.08
C ALA F 60 -29.68 18.01 3.17
N PHE F 61 -30.08 17.57 1.97
CA PHE F 61 -30.82 18.44 1.06
C PHE F 61 -32.32 18.15 1.16
N ARG F 62 -33.09 19.23 1.31
CA ARG F 62 -34.55 19.17 1.19
C ARG F 62 -34.88 19.75 -0.19
N PRO F 63 -36.13 19.62 -0.66
CA PRO F 63 -36.46 20.06 -2.02
C PRO F 63 -36.01 21.47 -2.35
N HIS F 64 -36.07 22.38 -1.38
CA HIS F 64 -35.59 23.75 -1.56
C HIS F 64 -34.08 23.80 -1.81
N THR F 65 -33.32 22.92 -1.14
CA THR F 65 -31.87 22.81 -1.31
C THR F 65 -31.49 22.43 -2.75
N VAL F 66 -32.13 21.38 -3.25
CA VAL F 66 -32.03 20.94 -4.64
C VAL F 66 -32.32 22.06 -5.68
N ASP F 67 -33.43 22.79 -5.49
CA ASP F 67 -33.78 23.94 -6.33
C ASP F 67 -32.59 24.91 -6.37
N GLU F 68 -32.04 25.27 -5.22
CA GLU F 68 -30.92 26.23 -5.16
C GLU F 68 -29.66 25.65 -5.78
N LEU F 69 -29.40 24.38 -5.47
CA LEU F 69 -28.21 23.72 -6.02
C LEU F 69 -28.27 23.70 -7.55
N TYR F 70 -29.44 23.36 -8.10
CA TYR F 70 -29.65 23.43 -9.52
C TYR F 70 -29.37 24.82 -10.11
N ARG F 71 -30.04 25.84 -9.57
CA ARG F 71 -29.91 27.22 -10.08
C ARG F 71 -28.45 27.65 -10.04
N VAL F 72 -27.79 27.37 -8.93
CA VAL F 72 -26.39 27.72 -8.73
C VAL F 72 -25.45 27.03 -9.75
N LEU F 73 -25.57 25.70 -9.84
CA LEU F 73 -24.78 24.93 -10.81
C LEU F 73 -25.06 25.38 -12.23
N ASP F 74 -26.34 25.62 -12.55
CA ASP F 74 -26.76 26.05 -13.87
C ASP F 74 -26.15 27.42 -14.20
N HIS F 75 -26.15 28.34 -13.24
CA HIS F 75 -25.49 29.62 -13.43
C HIS F 75 -23.99 29.44 -13.69
N ALA F 76 -23.36 28.58 -12.90
CA ALA F 76 -21.94 28.25 -13.09
C ALA F 76 -21.66 27.69 -14.50
N ARG F 77 -22.54 26.79 -14.95
CA ARG F 77 -22.46 26.22 -16.29
C ARG F 77 -22.42 27.31 -17.38
N MET F 78 -23.25 28.34 -17.22
CA MET F 78 -23.41 29.36 -18.24
C MET F 78 -22.46 30.53 -18.05
N SER F 79 -21.59 30.46 -17.05
CA SER F 79 -20.62 31.53 -16.78
C SER F 79 -19.35 31.33 -17.59
N PRO F 80 -19.15 32.11 -18.66
CA PRO F 80 -18.04 31.85 -19.60
C PRO F 80 -16.67 32.05 -19.01
N ASP F 81 -16.60 32.73 -17.87
CA ASP F 81 -15.34 33.00 -17.21
C ASP F 81 -15.08 32.06 -16.02
N VAL F 82 -15.90 31.01 -15.89
CA VAL F 82 -15.69 29.98 -14.88
C VAL F 82 -15.30 28.68 -15.56
N GLY F 83 -14.15 28.12 -15.15
CA GLY F 83 -13.69 26.87 -15.72
C GLY F 83 -13.96 25.62 -14.89
N VAL F 84 -14.00 25.78 -13.56
CA VAL F 84 -14.04 24.67 -12.61
C VAL F 84 -15.05 24.93 -11.51
N VAL F 85 -15.81 23.92 -11.15
CA VAL F 85 -16.73 24.00 -10.01
C VAL F 85 -16.17 23.17 -8.87
N LEU F 86 -16.08 23.76 -7.70
CA LEU F 86 -15.69 23.06 -6.48
C LEU F 86 -16.98 22.85 -5.68
N LEU F 87 -17.37 21.57 -5.51
CA LEU F 87 -18.62 21.24 -4.87
C LEU F 87 -18.30 20.65 -3.50
N THR F 88 -18.83 21.27 -2.46
CA THR F 88 -18.43 20.90 -1.12
C THR F 88 -19.58 21.12 -0.14
N GLY F 89 -19.26 21.06 1.15
CA GLY F 89 -20.20 21.31 2.22
C GLY F 89 -19.54 22.24 3.22
N ASN F 90 -20.33 23.20 3.72
CA ASN F 90 -19.92 24.01 4.84
C ASN F 90 -20.00 23.28 6.16
N GLY F 91 -19.22 23.75 7.14
CA GLY F 91 -19.24 23.21 8.48
C GLY F 91 -18.28 23.94 9.41
N PRO F 92 -18.11 23.43 10.62
CA PRO F 92 -18.79 22.22 11.12
C PRO F 92 -20.21 22.46 11.64
N SER F 93 -20.84 21.41 12.15
CA SER F 93 -22.14 21.52 12.80
C SER F 93 -22.03 22.40 14.06
N PRO F 94 -22.82 23.47 14.13
CA PRO F 94 -22.88 24.33 15.33
C PRO F 94 -23.36 23.55 16.55
N LYS F 95 -24.10 22.47 16.32
CA LYS F 95 -24.68 21.70 17.39
C LYS F 95 -23.69 20.69 18.00
N ASP F 96 -22.94 19.97 17.17
CA ASP F 96 -22.07 18.92 17.70
C ASP F 96 -20.66 18.87 17.13
N GLY F 97 -20.29 19.85 16.32
CA GLY F 97 -18.93 19.93 15.81
C GLY F 97 -18.61 18.96 14.68
N GLY F 98 -19.60 18.15 14.28
CA GLY F 98 -19.41 17.15 13.24
C GLY F 98 -19.36 17.72 11.84
N TRP F 99 -18.60 17.07 10.96
CA TRP F 99 -18.38 17.53 9.61
C TRP F 99 -19.16 16.71 8.59
N ALA F 100 -19.76 17.40 7.62
CA ALA F 100 -20.48 16.73 6.54
C ALA F 100 -20.26 17.41 5.19
N PHE F 101 -20.07 16.59 4.17
CA PHE F 101 -20.21 17.07 2.82
C PHE F 101 -21.72 17.18 2.55
N CYS F 102 -22.42 16.06 2.68
CA CYS F 102 -23.84 15.99 2.40
C CYS F 102 -24.34 14.61 2.79
N SER F 103 -25.44 14.55 3.53
CA SER F 103 -25.95 13.28 4.05
C SER F 103 -27.14 12.75 3.27
N GLY F 104 -27.38 13.35 2.10
CA GLY F 104 -28.48 12.92 1.27
C GLY F 104 -29.78 13.65 1.53
N GLY F 105 -30.88 13.01 1.13
CA GLY F 105 -32.20 13.62 1.21
C GLY F 105 -32.63 13.86 2.64
N ASP F 106 -33.19 15.05 2.89
CA ASP F 106 -33.76 15.37 4.20
C ASP F 106 -34.90 14.43 4.55
N GLN F 107 -34.74 13.69 5.65
CA GLN F 107 -35.76 12.71 6.06
C GLN F 107 -36.59 13.14 7.27
N LEU F 134 -36.35 13.33 -6.93
CA LEU F 134 -36.06 13.20 -8.36
C LEU F 134 -35.50 14.48 -8.96
N HIS F 135 -35.67 15.62 -8.27
CA HIS F 135 -35.03 16.85 -8.69
C HIS F 135 -33.51 16.61 -8.62
N ILE F 136 -33.03 15.80 -7.68
CA ILE F 136 -31.58 15.52 -7.56
C ILE F 136 -30.96 14.78 -8.78
N LEU F 137 -31.76 13.96 -9.48
CA LEU F 137 -31.30 13.32 -10.69
C LEU F 137 -30.99 14.39 -11.73
N GLU F 138 -31.79 15.44 -11.74
CA GLU F 138 -31.58 16.57 -12.63
C GLU F 138 -30.24 17.25 -12.33
N VAL F 139 -29.93 17.34 -11.04
CA VAL F 139 -28.68 17.92 -10.60
C VAL F 139 -27.53 17.04 -11.06
N GLN F 140 -27.69 15.73 -10.88
CA GLN F 140 -26.70 14.76 -11.36
C GLN F 140 -26.38 14.98 -12.82
N ARG F 141 -27.41 15.12 -13.64
CA ARG F 141 -27.26 15.32 -15.08
C ARG F 141 -26.60 16.66 -15.41
N LEU F 142 -26.99 17.70 -14.69
CA LEU F 142 -26.34 19.01 -14.81
C LEU F 142 -24.80 18.91 -14.59
N ILE F 143 -24.39 18.19 -13.54
CA ILE F 143 -22.97 18.03 -13.27
C ILE F 143 -22.33 17.22 -14.39
N ARG F 144 -23.05 16.20 -14.83
CA ARG F 144 -22.55 15.23 -15.79
C ARG F 144 -22.40 15.81 -17.15
N PHE F 145 -23.32 16.68 -17.57
CA PHE F 145 -23.29 17.26 -18.91
C PHE F 145 -22.60 18.61 -19.00
N MET F 146 -22.32 19.24 -17.88
CA MET F 146 -21.74 20.59 -17.97
C MET F 146 -20.31 20.54 -18.52
N PRO F 147 -20.04 21.40 -19.51
CA PRO F 147 -18.73 21.42 -20.20
C PRO F 147 -17.60 22.01 -19.36
N LYS F 148 -17.64 21.70 -18.07
CA LYS F 148 -16.62 22.15 -17.11
C LYS F 148 -16.35 21.02 -16.13
N VAL F 149 -15.17 21.06 -15.52
CA VAL F 149 -14.79 20.04 -14.57
C VAL F 149 -15.39 20.33 -13.21
N VAL F 150 -16.07 19.34 -12.65
CA VAL F 150 -16.65 19.47 -11.32
C VAL F 150 -15.87 18.59 -10.35
N ILE F 151 -15.26 19.24 -9.37
CA ILE F 151 -14.49 18.56 -8.32
C ILE F 151 -15.27 18.56 -7.00
N CYS F 152 -15.57 17.36 -6.52
CA CYS F 152 -16.21 17.21 -5.22
C CYS F 152 -15.12 17.30 -4.18
N LEU F 153 -15.32 18.15 -3.18
CA LEU F 153 -14.39 18.23 -2.07
C LEU F 153 -15.15 17.68 -0.89
N VAL F 154 -14.86 16.44 -0.54
CA VAL F 154 -15.57 15.75 0.53
C VAL F 154 -14.88 16.05 1.85
N ASN F 155 -15.50 16.94 2.59
CA ASN F 155 -14.97 17.51 3.81
C ASN F 155 -15.53 16.85 5.07
N GLY F 156 -16.42 15.88 4.87
CA GLY F 156 -17.05 15.21 5.99
C GLY F 156 -17.85 14.05 5.50
N TRP F 157 -18.91 13.70 6.21
CA TRP F 157 -19.79 12.63 5.78
C TRP F 157 -20.30 12.86 4.35
N ALA F 158 -20.31 11.77 3.58
CA ALA F 158 -20.95 11.69 2.27
C ALA F 158 -21.79 10.44 2.31
N ALA F 159 -23.09 10.62 2.47
CA ALA F 159 -23.97 9.51 2.71
C ALA F 159 -25.19 9.62 1.81
N GLY F 160 -25.78 8.46 1.49
CA GLY F 160 -26.91 8.38 0.58
C GLY F 160 -26.67 9.18 -0.69
N GLY F 161 -27.61 10.06 -0.99
CA GLY F 161 -27.58 10.92 -2.15
C GLY F 161 -26.34 11.81 -2.18
N GLY F 162 -25.82 12.10 -0.99
CA GLY F 162 -24.63 12.92 -0.88
C GLY F 162 -23.46 12.13 -1.42
N HIS F 163 -23.50 10.82 -1.22
CA HIS F 163 -22.46 9.97 -1.72
C HIS F 163 -22.56 9.89 -3.25
N SER F 164 -23.78 9.70 -3.73
CA SER F 164 -24.04 9.62 -5.15
C SER F 164 -23.64 10.93 -5.88
N LEU F 165 -23.77 12.09 -5.22
CA LEU F 165 -23.30 13.34 -5.80
C LEU F 165 -21.81 13.35 -5.98
N HIS F 166 -21.06 12.85 -5.00
CA HIS F 166 -19.61 12.76 -5.12
C HIS F 166 -19.25 11.84 -6.30
N VAL F 167 -19.90 10.68 -6.39
CA VAL F 167 -19.58 9.71 -7.46
C VAL F 167 -19.74 10.30 -8.88
N VAL F 168 -20.80 11.07 -9.09
CA VAL F 168 -21.05 11.63 -10.41
C VAL F 168 -20.10 12.81 -10.77
N CYS F 169 -19.46 13.42 -9.80
CA CYS F 169 -18.54 14.51 -10.10
C CYS F 169 -17.33 13.92 -10.85
N ASP F 170 -16.67 14.76 -11.64
CA ASP F 170 -15.53 14.36 -12.43
C ASP F 170 -14.35 13.91 -11.59
N LEU F 171 -14.11 14.63 -10.49
CA LEU F 171 -12.98 14.34 -9.63
C LEU F 171 -13.44 14.45 -8.20
N THR F 172 -12.77 13.75 -7.29
CA THR F 172 -13.05 13.87 -5.86
C THR F 172 -11.76 14.04 -5.06
N LEU F 173 -11.73 15.08 -4.21
CA LEU F 173 -10.65 15.23 -3.24
C LEU F 173 -11.30 15.04 -1.85
N ALA F 174 -10.62 14.36 -0.93
CA ALA F 174 -11.27 14.04 0.34
C ALA F 174 -10.43 14.38 1.55
N SER F 175 -11.08 14.90 2.59
CA SER F 175 -10.41 15.21 3.85
C SER F 175 -9.96 13.92 4.51
N ARG F 176 -8.67 13.86 4.80
CA ARG F 176 -8.08 12.70 5.39
C ARG F 176 -8.74 12.39 6.75
N GLU F 177 -8.83 13.41 7.61
CA GLU F 177 -9.37 13.23 8.95
C GLU F 177 -10.88 13.03 8.96
N TYR F 178 -11.59 13.68 8.05
CA TYR F 178 -13.03 13.77 8.24
C TYR F 178 -13.92 13.22 7.14
N ALA F 179 -13.41 12.99 5.92
CA ALA F 179 -14.27 12.41 4.89
C ALA F 179 -14.69 11.02 5.30
N ARG F 180 -15.98 10.76 5.21
CA ARG F 180 -16.50 9.42 5.52
C ARG F 180 -17.57 9.07 4.49
N PHE F 181 -17.38 7.96 3.83
CA PHE F 181 -18.21 7.54 2.71
C PHE F 181 -19.08 6.38 3.15
N LYS F 182 -20.39 6.56 3.03
CA LYS F 182 -21.32 5.57 3.53
C LYS F 182 -22.51 5.57 2.62
N GLN F 183 -22.76 4.42 2.01
CA GLN F 183 -23.91 4.28 1.15
C GLN F 183 -25.07 3.61 1.88
N THR F 184 -25.90 4.45 2.48
CA THR F 184 -26.95 4.00 3.38
C THR F 184 -28.31 3.67 2.73
N ASP F 185 -28.45 3.92 1.42
CA ASP F 185 -29.75 3.76 0.73
C ASP F 185 -30.54 2.49 1.17
N ALA F 186 -29.91 1.32 1.09
CA ALA F 186 -30.62 0.06 1.34
C ALA F 186 -31.10 -0.07 2.80
N ASP F 187 -30.44 0.66 3.72
CA ASP F 187 -30.85 0.71 5.13
C ASP F 187 -32.29 1.15 5.24
N VAL F 188 -32.63 2.21 4.48
CA VAL F 188 -33.99 2.77 4.52
C VAL F 188 -34.92 2.34 3.38
N GLY F 189 -34.53 1.33 2.61
CA GLY F 189 -35.39 0.79 1.57
C GLY F 189 -35.35 1.57 0.24
N SER F 190 -34.41 2.51 0.15
CA SER F 190 -34.13 3.22 -1.08
C SER F 190 -32.91 2.65 -1.85
N PHE F 191 -32.64 3.21 -3.04
CA PHE F 191 -31.46 2.86 -3.84
C PHE F 191 -31.28 3.92 -4.94
N ASP F 192 -30.04 4.37 -5.14
CA ASP F 192 -29.69 5.00 -6.38
C ASP F 192 -29.29 3.90 -7.37
N GLY F 193 -30.16 3.64 -8.35
CA GLY F 193 -29.90 2.61 -9.34
C GLY F 193 -29.28 3.18 -10.61
N GLY F 194 -28.74 4.39 -10.52
CA GLY F 194 -28.16 5.04 -11.68
C GLY F 194 -26.69 5.36 -11.51
N TYR F 195 -26.35 6.64 -11.57
CA TYR F 195 -24.95 7.06 -11.46
C TYR F 195 -24.36 6.68 -10.11
N GLY F 196 -25.12 6.80 -9.05
CA GLY F 196 -24.61 6.45 -7.73
C GLY F 196 -24.03 5.06 -7.59
N SER F 197 -24.58 4.11 -8.35
CA SER F 197 -24.18 2.71 -8.23
C SER F 197 -23.42 2.18 -9.48
N ALA F 198 -24.11 2.18 -10.64
CA ALA F 198 -23.53 1.67 -11.88
C ALA F 198 -22.29 2.49 -12.30
N TYR F 199 -22.31 3.80 -12.07
CA TYR F 199 -21.15 4.60 -12.43
C TYR F 199 -20.01 4.42 -11.44
N LEU F 200 -20.37 4.25 -10.17
CA LEU F 200 -19.38 3.88 -9.13
C LEU F 200 -18.56 2.68 -9.54
N ALA F 201 -19.25 1.67 -10.08
CA ALA F 201 -18.61 0.45 -10.56
C ALA F 201 -17.57 0.74 -11.66
N ARG F 202 -17.71 1.88 -12.35
CA ARG F 202 -16.78 2.25 -13.43
C ARG F 202 -15.59 3.04 -12.92
N GLN F 203 -15.55 3.20 -11.58
CA GLN F 203 -14.46 3.86 -10.91
C GLN F 203 -13.71 2.82 -10.08
N VAL F 204 -14.45 2.06 -9.27
CA VAL F 204 -13.86 1.12 -8.33
C VAL F 204 -13.92 -0.35 -8.79
N GLY F 205 -14.64 -0.63 -9.87
CA GLY F 205 -14.83 -1.96 -10.36
C GLY F 205 -16.09 -2.57 -9.73
N GLN F 206 -16.56 -3.66 -10.33
CA GLN F 206 -17.81 -4.25 -9.91
C GLN F 206 -17.82 -4.85 -8.50
N LYS F 207 -16.69 -5.43 -8.03
CA LYS F 207 -16.70 -6.06 -6.69
C LYS F 207 -16.83 -5.02 -5.60
N PHE F 208 -15.97 -3.99 -5.65
CA PHE F 208 -16.00 -2.97 -4.59
C PHE F 208 -17.31 -2.19 -4.60
N ALA F 209 -17.83 -1.84 -5.78
CA ALA F 209 -19.09 -1.09 -5.83
C ALA F 209 -20.23 -1.91 -5.22
N ARG F 210 -20.32 -3.20 -5.57
CA ARG F 210 -21.35 -4.06 -4.96
C ARG F 210 -21.18 -4.01 -3.44
N GLU F 211 -19.95 -4.15 -2.97
CA GLU F 211 -19.73 -4.13 -1.53
C GLU F 211 -20.15 -2.80 -0.88
N ILE F 212 -19.77 -1.68 -1.49
CA ILE F 212 -20.11 -0.39 -0.95
C ILE F 212 -21.63 -0.27 -0.68
N PHE F 213 -22.45 -0.72 -1.63
CA PHE F 213 -23.88 -0.61 -1.53
C PHE F 213 -24.53 -1.76 -0.68
N PHE F 214 -24.11 -2.98 -0.91
CA PHE F 214 -24.70 -4.16 -0.23
C PHE F 214 -24.54 -4.13 1.29
N LEU F 215 -23.35 -3.76 1.78
CA LEU F 215 -23.07 -3.73 3.21
C LEU F 215 -23.31 -2.37 3.84
N GLY F 216 -23.11 -1.29 3.07
CA GLY F 216 -23.36 0.03 3.62
C GLY F 216 -22.39 0.44 4.71
N ARG F 217 -21.14 -0.04 4.61
CA ARG F 217 -20.14 0.35 5.59
C ARG F 217 -19.65 1.77 5.40
N THR F 218 -18.97 2.27 6.43
CA THR F 218 -18.35 3.58 6.39
C THR F 218 -16.93 3.39 5.94
N TYR F 219 -16.45 4.26 5.03
CA TYR F 219 -15.11 4.16 4.45
C TYR F 219 -14.38 5.48 4.64
N THR F 220 -13.06 5.40 4.85
CA THR F 220 -12.24 6.58 5.00
C THR F 220 -11.84 7.11 3.62
N ALA F 221 -11.31 8.34 3.62
CA ALA F 221 -10.76 8.93 2.43
C ALA F 221 -9.70 8.01 1.80
N GLU F 222 -8.83 7.44 2.63
CA GLU F 222 -7.71 6.68 2.11
C GLU F 222 -8.21 5.37 1.51
N GLN F 223 -9.18 4.73 2.14
CA GLN F 223 -9.79 3.54 1.58
C GLN F 223 -10.42 3.80 0.22
N MET F 224 -11.20 4.87 0.11
CA MET F 224 -11.82 5.20 -1.16
C MET F 224 -10.80 5.56 -2.20
N HIS F 225 -9.70 6.17 -1.75
CA HIS F 225 -8.57 6.45 -2.64
C HIS F 225 -7.94 5.17 -3.18
N GLN F 226 -7.79 4.14 -2.33
CA GLN F 226 -7.26 2.81 -2.76
C GLN F 226 -8.18 2.14 -3.76
N MET F 227 -9.48 2.26 -3.51
CA MET F 227 -10.48 1.60 -4.32
C MET F 227 -10.64 2.26 -5.69
N GLY F 228 -10.39 3.59 -5.77
CA GLY F 228 -10.41 4.29 -7.04
C GLY F 228 -11.52 5.34 -7.18
N ALA F 229 -12.26 5.65 -6.11
CA ALA F 229 -13.34 6.65 -6.20
C ALA F 229 -12.88 8.02 -5.72
N VAL F 230 -11.74 8.07 -5.02
CA VAL F 230 -11.17 9.32 -4.54
C VAL F 230 -9.83 9.57 -5.24
N ASN F 231 -9.73 10.71 -5.91
CA ASN F 231 -8.50 11.07 -6.62
C ASN F 231 -7.31 11.22 -5.68
N ALA F 232 -7.54 11.94 -4.59
CA ALA F 232 -6.47 12.25 -3.64
C ALA F 232 -7.04 12.63 -2.32
N VAL F 233 -6.18 12.52 -1.31
CA VAL F 233 -6.53 12.74 0.07
C VAL F 233 -5.76 13.99 0.50
N ALA F 234 -6.40 14.86 1.27
CA ALA F 234 -5.74 16.09 1.73
C ALA F 234 -5.97 16.30 3.22
N GLU F 235 -5.03 17.00 3.87
CA GLU F 235 -5.21 17.50 5.22
C GLU F 235 -6.48 18.33 5.27
N HIS F 236 -7.35 18.04 6.25
CA HIS F 236 -8.66 18.68 6.32
C HIS F 236 -8.59 20.18 6.01
N ALA F 237 -7.68 20.88 6.70
CA ALA F 237 -7.59 22.34 6.62
C ALA F 237 -7.07 22.80 5.26
N GLU F 238 -6.38 21.90 4.56
CA GLU F 238 -5.86 22.23 3.25
C GLU F 238 -6.79 21.80 2.07
N LEU F 239 -7.93 21.20 2.37
CA LEU F 239 -8.78 20.57 1.34
C LEU F 239 -9.18 21.54 0.23
N GLU F 240 -9.53 22.76 0.58
CA GLU F 240 -9.91 23.75 -0.43
C GLU F 240 -8.69 24.36 -1.11
N THR F 241 -7.61 24.49 -0.37
CA THR F 241 -6.34 24.90 -0.96
C THR F 241 -5.95 23.90 -2.06
N VAL F 242 -6.04 22.60 -1.75
CA VAL F 242 -5.68 21.58 -2.74
C VAL F 242 -6.67 21.65 -3.91
N GLY F 243 -7.96 21.83 -3.60
CA GLY F 243 -8.98 21.98 -4.63
C GLY F 243 -8.65 23.13 -5.59
N LEU F 244 -8.23 24.27 -5.03
CA LEU F 244 -7.92 25.44 -5.86
C LEU F 244 -6.68 25.22 -6.71
N GLN F 245 -5.73 24.48 -6.16
CA GLN F 245 -4.52 24.11 -6.89
C GLN F 245 -4.87 23.20 -8.07
N TRP F 246 -5.69 22.18 -7.81
CA TRP F 246 -6.17 21.31 -8.88
C TRP F 246 -6.94 22.12 -9.92
N ALA F 247 -7.83 22.99 -9.46
CA ALA F 247 -8.60 23.86 -10.36
C ALA F 247 -7.67 24.70 -11.24
N ALA F 248 -6.63 25.28 -10.63
CA ALA F 248 -5.67 26.11 -11.39
C ALA F 248 -4.95 25.28 -12.47
N GLU F 249 -4.56 24.06 -12.15
CA GLU F 249 -3.91 23.24 -13.16
C GLU F 249 -4.89 22.95 -14.31
N ILE F 250 -6.16 22.70 -13.98
CA ILE F 250 -7.17 22.42 -15.00
C ILE F 250 -7.41 23.66 -15.83
N ASN F 251 -7.50 24.81 -15.18
CA ASN F 251 -7.74 26.07 -15.90
C ASN F 251 -6.56 26.58 -16.72
N ALA F 252 -5.35 26.04 -16.49
CA ALA F 252 -4.18 26.48 -17.26
C ALA F 252 -4.05 25.76 -18.62
N LYS F 253 -5.01 24.90 -18.92
CA LYS F 253 -4.98 24.12 -20.15
C LYS F 253 -5.99 24.68 -21.14
N SER F 254 -5.93 24.25 -22.39
CA SER F 254 -6.88 24.70 -23.39
C SER F 254 -8.30 24.35 -22.96
N PRO F 255 -9.16 25.35 -22.78
CA PRO F 255 -10.55 25.11 -22.38
C PRO F 255 -11.29 24.21 -23.36
N GLN F 256 -11.07 24.43 -24.67
CA GLN F 256 -11.63 23.62 -25.71
C GLN F 256 -11.28 22.15 -25.54
N ALA F 257 -9.99 21.88 -25.31
CA ALA F 257 -9.49 20.53 -25.09
C ALA F 257 -10.19 19.89 -23.90
N GLN F 258 -10.39 20.66 -22.83
CA GLN F 258 -10.85 20.11 -21.57
C GLN F 258 -12.31 19.68 -21.72
N ARG F 259 -13.08 20.53 -22.39
CA ARG F 259 -14.45 20.20 -22.70
C ARG F 259 -14.60 18.95 -23.60
N MET F 260 -13.81 18.85 -24.68
CA MET F 260 -13.80 17.68 -25.55
C MET F 260 -13.46 16.46 -24.72
N LEU F 261 -12.49 16.59 -23.83
CA LEU F 261 -12.03 15.46 -23.06
C LEU F 261 -13.09 14.96 -22.11
N LYS F 262 -13.77 15.88 -21.43
CA LYS F 262 -14.84 15.49 -20.52
C LYS F 262 -15.87 14.68 -21.29
N PHE F 263 -16.31 15.23 -22.42
CA PHE F 263 -17.30 14.54 -23.22
C PHE F 263 -16.79 13.21 -23.82
N ALA F 264 -15.49 13.14 -24.11
CA ALA F 264 -14.87 11.91 -24.58
C ALA F 264 -14.91 10.86 -23.46
N PHE F 265 -14.70 11.28 -22.21
CA PHE F 265 -14.80 10.32 -21.11
C PHE F 265 -16.22 9.86 -20.86
N ASN F 266 -17.19 10.74 -21.06
CA ASN F 266 -18.58 10.39 -20.83
C ASN F 266 -19.16 9.50 -21.91
N LEU F 267 -18.59 9.58 -23.12
CA LEU F 267 -19.29 9.27 -24.36
C LEU F 267 -19.96 7.90 -24.41
N LEU F 268 -19.16 6.83 -24.45
CA LEU F 268 -19.73 5.50 -24.58
C LEU F 268 -20.64 5.13 -23.42
N ASP F 269 -20.21 5.46 -22.19
CA ASP F 269 -21.00 5.20 -20.97
C ASP F 269 -22.40 5.80 -21.07
N ASP F 270 -22.50 6.97 -21.69
CA ASP F 270 -23.75 7.74 -21.75
C ASP F 270 -24.53 7.48 -23.08
N GLY F 271 -24.09 6.50 -23.88
CA GLY F 271 -24.80 6.13 -25.09
C GLY F 271 -25.09 7.32 -25.98
N LEU F 272 -26.30 7.40 -26.52
CA LEU F 272 -26.67 8.46 -27.44
C LEU F 272 -26.52 9.88 -26.85
N VAL F 273 -26.72 10.01 -25.53
CA VAL F 273 -26.56 11.29 -24.86
C VAL F 273 -25.09 11.72 -24.88
N GLY F 274 -24.22 10.75 -24.56
CA GLY F 274 -22.77 10.96 -24.66
C GLY F 274 -22.35 11.32 -26.07
N GLN F 275 -22.84 10.59 -27.08
CA GLN F 275 -22.59 10.95 -28.46
C GLN F 275 -23.11 12.34 -28.77
N GLN F 276 -24.33 12.63 -28.32
CA GLN F 276 -24.94 13.89 -28.63
C GLN F 276 -24.03 15.06 -28.18
N LEU F 277 -23.52 14.96 -26.95
CA LEU F 277 -22.73 16.01 -26.34
C LEU F 277 -21.36 16.15 -27.00
N PHE F 278 -20.70 15.02 -27.26
CA PHE F 278 -19.38 15.07 -27.89
C PHE F 278 -19.51 15.57 -29.32
N ALA F 279 -20.51 15.02 -30.04
CA ALA F 279 -20.75 15.42 -31.43
C ALA F 279 -21.12 16.90 -31.51
N GLY F 280 -21.91 17.38 -30.54
CA GLY F 280 -22.23 18.79 -30.44
C GLY F 280 -21.00 19.70 -30.43
N GLU F 281 -19.97 19.31 -29.69
CA GLU F 281 -18.72 20.03 -29.67
C GLU F 281 -17.97 19.90 -31.01
N ALA F 282 -18.05 18.73 -31.63
CA ALA F 282 -17.47 18.57 -32.96
C ALA F 282 -18.16 19.49 -33.97
N THR F 283 -19.49 19.59 -33.91
CA THR F 283 -20.28 20.46 -34.77
C THR F 283 -19.83 21.92 -34.60
N ARG F 284 -19.69 22.35 -33.35
CA ARG F 284 -19.19 23.67 -33.04
C ARG F 284 -17.80 23.91 -33.69
N LEU F 285 -16.89 22.94 -33.59
CA LEU F 285 -15.57 23.11 -34.17
C LEU F 285 -15.65 23.24 -35.68
N ALA F 286 -16.51 22.44 -36.30
CA ALA F 286 -16.70 22.50 -37.74
C ALA F 286 -17.25 23.86 -38.21
N TYR F 287 -18.14 24.47 -37.43
CA TYR F 287 -18.74 25.76 -37.77
C TYR F 287 -17.71 26.86 -37.98
N MET F 288 -16.61 26.76 -37.24
CA MET F 288 -15.54 27.74 -37.26
C MET F 288 -14.63 27.64 -38.49
N THR F 289 -14.69 26.52 -39.22
CA THR F 289 -13.77 26.29 -40.33
C THR F 289 -14.16 27.05 -41.60
N ASP F 290 -13.20 27.15 -42.53
CA ASP F 290 -13.41 27.85 -43.81
C ASP F 290 -14.43 27.09 -44.67
N GLU F 291 -14.32 25.76 -44.64
CA GLU F 291 -15.25 24.87 -45.33
C GLU F 291 -16.70 25.17 -44.96
N ALA F 292 -16.99 25.28 -43.66
CA ALA F 292 -18.36 25.57 -43.21
C ALA F 292 -18.82 27.01 -43.49
N VAL F 293 -17.87 27.93 -43.61
CA VAL F 293 -18.18 29.30 -44.03
C VAL F 293 -18.66 29.28 -45.50
N GLU F 294 -17.90 28.60 -46.35
CA GLU F 294 -18.28 28.40 -47.75
C GLU F 294 -19.70 27.84 -47.93
N GLY F 295 -20.04 26.82 -47.16
CA GLY F 295 -21.37 26.22 -47.25
C GLY F 295 -22.48 27.15 -46.80
N ARG F 296 -22.17 27.98 -45.81
CA ARG F 296 -23.09 28.98 -45.27
C ARG F 296 -23.27 30.18 -46.23
N ASP F 297 -22.16 30.60 -46.86
CA ASP F 297 -22.14 31.67 -47.85
C ASP F 297 -23.05 31.33 -49.02
N ALA F 298 -22.72 30.21 -49.66
CA ALA F 298 -23.41 29.74 -50.86
C ALA F 298 -24.90 29.53 -50.69
N PHE F 299 -25.34 29.24 -49.47
CA PHE F 299 -26.77 29.15 -49.21
C PHE F 299 -27.45 30.54 -49.26
N LEU F 300 -26.89 31.51 -48.53
CA LEU F 300 -27.39 32.89 -48.53
C LEU F 300 -27.28 33.57 -49.90
N GLN F 301 -26.16 33.33 -50.58
CA GLN F 301 -25.88 33.88 -51.92
C GLN F 301 -26.60 33.14 -53.07
N LYS F 302 -27.40 32.12 -52.71
CA LYS F 302 -28.14 31.27 -53.66
C LYS F 302 -27.31 30.57 -54.77
N ARG F 303 -25.98 30.56 -54.62
CA ARG F 303 -25.10 29.89 -55.59
C ARG F 303 -24.73 28.45 -55.15
N PRO F 304 -24.08 27.66 -56.04
CA PRO F 304 -23.54 26.36 -55.63
C PRO F 304 -22.23 26.54 -54.84
N PRO F 305 -22.03 25.71 -53.81
CA PRO F 305 -20.81 25.78 -53.00
C PRO F 305 -19.62 25.17 -53.73
N ASP F 306 -18.43 25.71 -53.47
CA ASP F 306 -17.21 25.16 -54.05
C ASP F 306 -16.33 24.51 -52.97
N TRP F 307 -16.17 23.19 -53.08
CA TRP F 307 -15.45 22.41 -52.07
C TRP F 307 -14.03 22.06 -52.51
N SER F 308 -13.59 22.60 -53.64
CA SER F 308 -12.27 22.26 -54.19
C SER F 308 -11.05 22.67 -53.34
N PRO F 309 -11.09 23.82 -52.65
CA PRO F 309 -9.96 24.22 -51.78
C PRO F 309 -9.72 23.24 -50.60
N PHE F 310 -10.74 22.52 -50.16
CA PHE F 310 -10.67 21.67 -48.96
C PHE F 310 -10.51 20.18 -49.29
N PRO F 311 -9.43 19.55 -48.82
CA PRO F 311 -9.09 18.17 -49.20
C PRO F 311 -9.91 17.11 -48.46
N ARG F 312 -9.88 15.89 -49.00
CA ARG F 312 -10.49 14.73 -48.35
C ARG F 312 -9.47 14.04 -47.44
N TYR F 313 -9.33 14.56 -46.21
CA TYR F 313 -8.44 13.99 -45.18
C TYR F 313 -8.78 12.54 -44.87
N PHE F 314 -7.77 11.74 -44.56
CA PHE F 314 -7.96 10.30 -44.30
C PHE F 314 -7.27 9.75 -43.03
N ASN G 18 10.39 -24.53 -9.70
CA ASN G 18 11.53 -24.72 -8.75
C ASN G 18 12.60 -23.63 -8.85
N PRO G 19 12.88 -23.00 -7.73
CA PRO G 19 13.90 -21.96 -7.63
C PRO G 19 15.31 -22.41 -8.10
N PHE G 20 15.66 -23.67 -7.83
CA PHE G 20 17.01 -24.16 -8.06
C PHE G 20 17.36 -24.37 -9.52
N ASP G 21 18.38 -23.67 -9.98
CA ASP G 21 18.88 -23.83 -11.34
C ASP G 21 20.24 -24.59 -11.31
N ALA G 22 20.19 -25.88 -11.56
CA ALA G 22 21.35 -26.78 -11.50
C ALA G 22 22.54 -26.27 -12.29
N LYS G 23 22.24 -25.69 -13.45
CA LYS G 23 23.28 -25.17 -14.33
C LYS G 23 24.15 -24.11 -13.72
N ALA G 24 23.64 -23.44 -12.69
CA ALA G 24 24.37 -22.33 -12.05
C ALA G 24 25.36 -22.76 -10.97
N TRP G 25 25.29 -24.00 -10.53
CA TRP G 25 25.97 -24.42 -9.32
C TRP G 25 26.89 -25.60 -9.50
N ARG G 26 27.97 -25.62 -8.72
CA ARG G 26 28.91 -26.74 -8.64
C ARG G 26 29.07 -27.13 -7.17
N LEU G 27 29.14 -28.42 -6.87
CA LEU G 27 29.45 -28.89 -5.52
C LEU G 27 30.79 -28.36 -5.01
N VAL G 28 30.90 -28.17 -3.71
CA VAL G 28 32.15 -27.68 -3.13
C VAL G 28 32.94 -28.92 -2.74
N ASP G 29 34.23 -28.92 -3.06
CA ASP G 29 35.11 -30.06 -2.79
C ASP G 29 35.21 -30.29 -1.29
N GLY G 30 35.04 -31.54 -0.88
CA GLY G 30 35.33 -31.95 0.48
C GLY G 30 34.08 -32.12 1.30
N PHE G 31 32.92 -32.02 0.65
CA PHE G 31 31.64 -32.11 1.36
C PHE G 31 30.70 -33.22 0.84
N ASP G 32 31.30 -34.31 0.35
CA ASP G 32 30.57 -35.47 -0.19
C ASP G 32 29.77 -36.21 0.89
N ASP G 33 30.20 -36.10 2.13
CA ASP G 33 29.55 -36.75 3.26
C ASP G 33 28.24 -36.07 3.75
N LEU G 34 27.90 -34.91 3.19
CA LEU G 34 26.75 -34.12 3.67
C LEU G 34 25.42 -34.84 3.45
N THR G 35 24.62 -34.94 4.48
CA THR G 35 23.32 -35.60 4.37
C THR G 35 22.14 -34.62 4.51
N ASP G 36 22.22 -33.69 5.46
CA ASP G 36 21.08 -32.83 5.82
C ASP G 36 21.14 -31.43 5.23
N ILE G 37 22.24 -31.13 4.54
CA ILE G 37 22.55 -29.80 4.03
C ILE G 37 23.19 -29.97 2.66
N THR G 38 22.92 -29.07 1.72
CA THR G 38 23.70 -29.03 0.49
C THR G 38 24.53 -27.75 0.39
N TYR G 39 25.63 -27.84 -0.35
CA TYR G 39 26.60 -26.76 -0.40
C TYR G 39 27.17 -26.63 -1.82
N HIS G 40 26.85 -25.51 -2.46
CA HIS G 40 27.27 -25.25 -3.83
C HIS G 40 28.00 -23.93 -3.92
N ARG G 41 28.94 -23.86 -4.85
CA ARG G 41 29.54 -22.58 -5.23
C ARG G 41 29.05 -22.30 -6.65
N HIS G 42 28.79 -21.02 -6.94
CA HIS G 42 28.32 -20.59 -8.24
C HIS G 42 29.39 -20.81 -9.31
N VAL G 43 28.96 -21.14 -10.53
CA VAL G 43 29.89 -21.39 -11.63
C VAL G 43 30.83 -20.19 -11.92
N ASP G 44 30.33 -18.97 -11.78
CA ASP G 44 31.14 -17.77 -12.04
C ASP G 44 31.33 -16.85 -10.85
N ASP G 45 30.25 -16.55 -10.14
CA ASP G 45 30.29 -15.50 -9.13
C ASP G 45 30.80 -15.99 -7.74
N ALA G 46 31.24 -15.03 -6.94
CA ALA G 46 31.73 -15.29 -5.58
C ALA G 46 30.59 -15.48 -4.58
N THR G 47 29.77 -16.49 -4.85
CA THR G 47 28.56 -16.73 -4.08
C THR G 47 28.37 -18.21 -3.85
N VAL G 48 27.97 -18.58 -2.64
CA VAL G 48 27.69 -19.96 -2.31
C VAL G 48 26.20 -20.14 -2.01
N ARG G 49 25.73 -21.39 -2.13
CA ARG G 49 24.35 -21.75 -1.83
C ARG G 49 24.37 -22.81 -0.72
N VAL G 50 23.73 -22.49 0.40
CA VAL G 50 23.74 -23.34 1.56
C VAL G 50 22.30 -23.62 1.86
N ALA G 51 21.91 -24.89 1.91
CA ALA G 51 20.49 -25.22 1.94
C ALA G 51 20.14 -26.41 2.83
N PHE G 52 19.08 -26.25 3.60
CA PHE G 52 18.52 -27.38 4.30
C PHE G 52 18.08 -28.43 3.29
N ASN G 53 18.41 -29.69 3.59
CA ASN G 53 18.13 -30.77 2.68
C ASN G 53 17.33 -31.91 3.32
N ARG G 54 16.31 -31.54 4.08
CA ARG G 54 15.41 -32.50 4.65
C ARG G 54 13.96 -32.10 4.31
N PRO G 55 13.63 -31.92 3.03
CA PRO G 55 12.29 -31.45 2.67
C PRO G 55 11.13 -32.36 3.16
N GLU G 56 11.39 -33.64 3.42
CA GLU G 56 10.35 -34.56 3.94
C GLU G 56 9.83 -34.14 5.30
N VAL G 57 10.66 -33.44 6.07
CA VAL G 57 10.25 -33.00 7.39
C VAL G 57 10.16 -31.48 7.49
N ARG G 58 9.86 -30.83 6.35
CA ARG G 58 9.74 -29.38 6.30
C ARG G 58 11.07 -28.69 6.66
N ASN G 59 12.16 -29.35 6.29
CA ASN G 59 13.53 -28.88 6.51
C ASN G 59 13.88 -28.56 7.95
N ALA G 60 13.29 -29.31 8.87
CA ALA G 60 13.61 -29.26 10.29
C ALA G 60 15.07 -29.64 10.50
N PHE G 61 15.73 -28.97 11.44
CA PHE G 61 17.10 -29.34 11.79
C PHE G 61 17.19 -30.21 13.03
N ARG G 62 17.88 -31.34 12.88
CA ARG G 62 18.26 -32.20 14.01
C ARG G 62 19.72 -31.88 14.37
N PRO G 63 20.22 -32.37 15.49
CA PRO G 63 21.58 -32.00 15.92
C PRO G 63 22.61 -32.21 14.79
N HIS G 64 22.44 -33.28 14.02
CA HIS G 64 23.33 -33.57 12.89
C HIS G 64 23.28 -32.50 11.82
N THR G 65 22.08 -31.96 11.53
CA THR G 65 21.91 -30.84 10.60
C THR G 65 22.69 -29.62 11.06
N VAL G 66 22.55 -29.29 12.34
CA VAL G 66 23.24 -28.12 12.90
C VAL G 66 24.77 -28.27 12.75
N ASP G 67 25.31 -29.46 13.07
CA ASP G 67 26.75 -29.68 12.88
C ASP G 67 27.13 -29.38 11.43
N GLU G 68 26.38 -29.94 10.48
CA GLU G 68 26.69 -29.75 9.09
C GLU G 68 26.55 -28.29 8.67
N LEU G 69 25.46 -27.65 9.11
CA LEU G 69 25.23 -26.24 8.83
C LEU G 69 26.43 -25.41 9.31
N TYR G 70 26.85 -25.64 10.55
CA TYR G 70 27.98 -24.95 11.14
C TYR G 70 29.24 -25.11 10.29
N ARG G 71 29.63 -26.35 10.02
CA ARG G 71 30.80 -26.70 9.20
C ARG G 71 30.79 -25.96 7.88
N VAL G 72 29.65 -26.04 7.20
CA VAL G 72 29.51 -25.46 5.88
C VAL G 72 29.63 -23.92 5.91
N LEU G 73 28.88 -23.27 6.81
CA LEU G 73 28.96 -21.83 6.97
C LEU G 73 30.38 -21.36 7.40
N ASP G 74 30.98 -22.10 8.31
CA ASP G 74 32.35 -21.86 8.74
C ASP G 74 33.29 -21.95 7.53
N HIS G 75 33.10 -22.96 6.70
CA HIS G 75 33.94 -23.08 5.52
C HIS G 75 33.77 -21.83 4.59
N ALA G 76 32.53 -21.40 4.40
CA ALA G 76 32.24 -20.26 3.56
C ALA G 76 32.83 -19.00 4.13
N ARG G 77 32.76 -18.88 5.46
CA ARG G 77 33.39 -17.76 6.15
C ARG G 77 34.88 -17.66 5.82
N MET G 78 35.53 -18.82 5.78
CA MET G 78 36.97 -18.86 5.59
C MET G 78 37.41 -18.93 4.14
N SER G 79 36.46 -18.96 3.20
CA SER G 79 36.78 -18.98 1.77
C SER G 79 36.98 -17.57 1.22
N PRO G 80 38.23 -17.20 0.95
CA PRO G 80 38.55 -15.82 0.55
C PRO G 80 37.93 -15.38 -0.80
N ASP G 81 37.50 -16.35 -1.60
CA ASP G 81 36.94 -16.09 -2.92
C ASP G 81 35.41 -16.09 -2.88
N VAL G 82 34.83 -16.19 -1.68
CA VAL G 82 33.38 -16.16 -1.48
C VAL G 82 32.98 -14.84 -0.80
N GLY G 83 32.10 -14.07 -1.43
CA GLY G 83 31.63 -12.81 -0.87
C GLY G 83 30.24 -12.85 -0.23
N VAL G 84 29.38 -13.73 -0.74
CA VAL G 84 28.00 -13.77 -0.31
C VAL G 84 27.56 -15.20 -0.06
N VAL G 85 26.78 -15.38 1.00
CA VAL G 85 26.17 -16.65 1.30
C VAL G 85 24.68 -16.54 1.06
N LEU G 86 24.15 -17.45 0.24
CA LEU G 86 22.73 -17.58 0.01
C LEU G 86 22.28 -18.77 0.86
N LEU G 87 21.48 -18.49 1.88
CA LEU G 87 21.00 -19.52 2.79
C LEU G 87 19.52 -19.79 2.49
N THR G 88 19.19 -21.05 2.22
CA THR G 88 17.84 -21.40 1.79
C THR G 88 17.48 -22.85 2.18
N GLY G 89 16.36 -23.34 1.65
CA GLY G 89 15.97 -24.72 1.84
C GLY G 89 15.61 -25.34 0.51
N ASN G 90 15.98 -26.60 0.35
CA ASN G 90 15.62 -27.36 -0.85
C ASN G 90 14.20 -27.89 -0.75
N GLY G 91 13.61 -28.15 -1.91
CA GLY G 91 12.30 -28.78 -1.97
C GLY G 91 11.83 -29.05 -3.39
N PRO G 92 10.55 -29.36 -3.58
CA PRO G 92 9.56 -29.43 -2.49
C PRO G 92 9.56 -30.78 -1.74
N SER G 93 8.65 -30.99 -0.79
CA SER G 93 8.56 -32.28 -0.10
C SER G 93 8.12 -33.36 -1.06
N PRO G 94 8.90 -34.43 -1.18
CA PRO G 94 8.51 -35.58 -2.02
C PRO G 94 7.25 -36.27 -1.50
N LYS G 95 6.90 -36.05 -0.23
CA LYS G 95 5.69 -36.65 0.35
C LYS G 95 4.40 -35.87 0.02
N ASP G 96 4.41 -34.55 0.16
CA ASP G 96 3.17 -33.80 -0.07
C ASP G 96 3.29 -32.55 -0.95
N GLY G 97 4.46 -32.32 -1.55
CA GLY G 97 4.68 -31.17 -2.44
C GLY G 97 4.79 -29.82 -1.74
N GLY G 98 4.80 -29.81 -0.41
CA GLY G 98 4.89 -28.58 0.37
C GLY G 98 6.29 -27.99 0.43
N TRP G 99 6.39 -26.67 0.48
CA TRP G 99 7.66 -25.97 0.40
C TRP G 99 8.08 -25.47 1.78
N ALA G 100 9.36 -25.64 2.10
CA ALA G 100 9.91 -25.14 3.36
C ALA G 100 11.32 -24.49 3.23
N PHE G 101 11.52 -23.37 3.90
CA PHE G 101 12.86 -22.91 4.17
C PHE G 101 13.43 -23.78 5.32
N CYS G 102 12.78 -23.70 6.48
CA CYS G 102 13.18 -24.47 7.66
C CYS G 102 12.13 -24.34 8.76
N SER G 103 11.75 -25.46 9.34
CA SER G 103 10.65 -25.48 10.30
C SER G 103 11.13 -25.46 11.74
N GLY G 104 12.42 -25.20 11.95
CA GLY G 104 12.98 -25.22 13.29
C GLY G 104 13.50 -26.59 13.74
N GLY G 105 13.67 -26.72 15.04
CA GLY G 105 14.25 -27.92 15.62
C GLY G 105 13.41 -29.15 15.33
N ASP G 106 14.08 -30.23 14.94
CA ASP G 106 13.43 -31.53 14.74
C ASP G 106 12.81 -32.01 16.06
N GLN G 107 11.49 -32.22 16.04
CA GLN G 107 10.70 -32.55 17.26
C GLN G 107 10.27 -34.03 17.33
N LEU G 134 20.96 -25.62 21.32
CA LEU G 134 21.94 -24.57 21.60
C LEU G 134 23.09 -24.51 20.60
N HIS G 135 23.33 -25.61 19.89
CA HIS G 135 24.30 -25.57 18.80
C HIS G 135 23.81 -24.50 17.75
N ILE G 136 22.49 -24.31 17.64
CA ILE G 136 21.93 -23.35 16.69
C ILE G 136 22.26 -21.86 17.03
N LEU G 137 22.40 -21.58 18.32
CA LEU G 137 22.83 -20.27 18.75
C LEU G 137 24.23 -19.97 18.21
N GLU G 138 25.07 -21.00 18.17
CA GLU G 138 26.40 -20.91 17.54
C GLU G 138 26.32 -20.58 16.04
N VAL G 139 25.36 -21.19 15.35
CA VAL G 139 25.16 -20.93 13.94
C VAL G 139 24.73 -19.47 13.77
N GLN G 140 23.78 -19.02 14.61
CA GLN G 140 23.33 -17.63 14.61
C GLN G 140 24.52 -16.67 14.70
N ARG G 141 25.39 -16.92 15.68
CA ARG G 141 26.60 -16.12 15.88
C ARG G 141 27.55 -16.17 14.70
N LEU G 142 27.75 -17.37 14.14
CA LEU G 142 28.51 -17.51 12.91
C LEU G 142 27.99 -16.60 11.79
N ILE G 143 26.67 -16.60 11.56
CA ILE G 143 26.05 -15.79 10.51
C ILE G 143 26.24 -14.29 10.84
N ARG G 144 26.04 -13.96 12.10
CA ARG G 144 26.09 -12.61 12.61
C ARG G 144 27.51 -11.99 12.51
N PHE G 145 28.53 -12.79 12.82
CA PHE G 145 29.89 -12.29 12.90
C PHE G 145 30.71 -12.48 11.62
N MET G 146 30.26 -13.33 10.70
CA MET G 146 31.04 -13.55 9.48
C MET G 146 31.12 -12.29 8.62
N PRO G 147 32.33 -11.98 8.18
CA PRO G 147 32.60 -10.76 7.40
C PRO G 147 32.10 -10.81 5.96
N LYS G 148 30.92 -11.39 5.76
CA LYS G 148 30.30 -11.48 4.45
C LYS G 148 28.81 -11.33 4.64
N VAL G 149 28.12 -10.92 3.59
CA VAL G 149 26.68 -10.76 3.61
C VAL G 149 25.98 -12.11 3.46
N VAL G 150 25.03 -12.37 4.34
CA VAL G 150 24.24 -13.58 4.29
C VAL G 150 22.83 -13.18 3.93
N ILE G 151 22.36 -13.67 2.78
CA ILE G 151 21.00 -13.47 2.32
C ILE G 151 20.19 -14.75 2.55
N CYS G 152 19.12 -14.63 3.34
CA CYS G 152 18.18 -15.72 3.49
C CYS G 152 17.18 -15.69 2.34
N LEU G 153 17.02 -16.83 1.68
CA LEU G 153 16.02 -16.98 0.62
C LEU G 153 14.94 -17.87 1.19
N VAL G 154 13.86 -17.24 1.65
CA VAL G 154 12.78 -17.98 2.24
C VAL G 154 11.87 -18.47 1.11
N ASN G 155 12.04 -19.74 0.79
CA ASN G 155 11.36 -20.39 -0.31
C ASN G 155 10.11 -21.13 0.13
N GLY G 156 9.80 -21.10 1.43
CA GLY G 156 8.68 -21.87 1.98
C GLY G 156 8.45 -21.50 3.42
N TRP G 157 7.83 -22.40 4.20
CA TRP G 157 7.74 -22.23 5.64
C TRP G 157 9.05 -21.82 6.31
N ALA G 158 8.97 -20.83 7.18
CA ALA G 158 10.06 -20.42 8.08
C ALA G 158 9.40 -20.30 9.46
N ALA G 159 9.55 -21.36 10.25
CA ALA G 159 8.90 -21.48 11.53
C ALA G 159 9.88 -21.82 12.62
N GLY G 160 9.54 -21.42 13.83
CA GLY G 160 10.40 -21.59 15.00
C GLY G 160 11.81 -21.08 14.78
N GLY G 161 12.78 -21.94 15.10
CA GLY G 161 14.18 -21.67 14.86
C GLY G 161 14.52 -21.30 13.43
N GLY G 162 13.72 -21.80 12.49
CA GLY G 162 13.90 -21.49 11.08
C GLY G 162 13.54 -20.04 10.83
N HIS G 163 12.50 -19.56 11.53
CA HIS G 163 12.15 -18.13 11.44
C HIS G 163 13.29 -17.26 12.01
N SER G 164 13.83 -17.70 13.13
CA SER G 164 14.90 -17.01 13.80
C SER G 164 16.18 -16.95 12.95
N LEU G 165 16.49 -18.03 12.22
CA LEU G 165 17.61 -18.03 11.29
C LEU G 165 17.44 -16.95 10.21
N HIS G 166 16.22 -16.83 9.70
CA HIS G 166 15.91 -15.80 8.72
C HIS G 166 16.17 -14.40 9.32
N VAL G 167 15.72 -14.21 10.55
CA VAL G 167 15.78 -12.90 11.20
C VAL G 167 17.23 -12.45 11.33
N VAL G 168 18.13 -13.36 11.71
CA VAL G 168 19.51 -13.01 11.98
C VAL G 168 20.32 -12.76 10.70
N CYS G 169 19.86 -13.29 9.56
CA CYS G 169 20.63 -13.11 8.34
C CYS G 169 20.59 -11.57 7.99
N ASP G 170 21.61 -11.10 7.27
CA ASP G 170 21.69 -9.69 6.93
C ASP G 170 20.53 -9.20 6.06
N LEU G 171 20.15 -10.01 5.06
CA LEU G 171 19.09 -9.70 4.14
C LEU G 171 18.16 -10.89 3.99
N THR G 172 16.90 -10.64 3.61
CA THR G 172 15.94 -11.68 3.32
C THR G 172 15.14 -11.37 2.07
N LEU G 173 15.16 -12.31 1.15
CA LEU G 173 14.29 -12.32 -0.05
C LEU G 173 13.31 -13.47 0.12
N ALA G 174 12.06 -13.27 -0.25
CA ALA G 174 11.09 -14.31 0.04
C ALA G 174 10.19 -14.62 -1.15
N SER G 175 9.87 -15.91 -1.28
CA SER G 175 8.99 -16.39 -2.32
C SER G 175 7.57 -15.87 -2.12
N ARG G 176 7.04 -15.18 -3.14
CA ARG G 176 5.72 -14.56 -3.06
C ARG G 176 4.66 -15.58 -2.77
N GLU G 177 4.64 -16.65 -3.56
CA GLU G 177 3.61 -17.66 -3.44
C GLU G 177 3.80 -18.56 -2.22
N TYR G 178 5.03 -18.81 -1.80
CA TYR G 178 5.22 -19.89 -0.83
C TYR G 178 5.87 -19.52 0.51
N ALA G 179 6.54 -18.37 0.60
CA ALA G 179 7.14 -18.04 1.91
C ALA G 179 6.04 -17.79 2.92
N ARG G 180 6.17 -18.46 4.06
CA ARG G 180 5.22 -18.37 5.15
C ARG G 180 6.06 -18.22 6.42
N PHE G 181 5.79 -17.16 7.18
CA PHE G 181 6.52 -16.88 8.40
C PHE G 181 5.60 -17.13 9.57
N LYS G 182 6.04 -18.01 10.48
CA LYS G 182 5.23 -18.38 11.64
C LYS G 182 6.16 -18.54 12.82
N GLN G 183 6.01 -17.71 13.84
CA GLN G 183 6.79 -17.91 15.05
C GLN G 183 6.01 -18.70 16.08
N THR G 184 6.27 -20.01 16.05
CA THR G 184 5.50 -21.04 16.77
C THR G 184 6.02 -21.35 18.15
N ASP G 185 7.17 -20.82 18.51
CA ASP G 185 7.80 -21.25 19.76
C ASP G 185 6.90 -21.30 20.99
N ALA G 186 6.16 -20.22 21.29
CA ALA G 186 5.33 -20.21 22.49
C ALA G 186 4.23 -21.29 22.49
N ASP G 187 3.79 -21.75 21.30
CA ASP G 187 2.85 -22.88 21.20
C ASP G 187 3.38 -24.09 21.95
N VAL G 188 4.67 -24.38 21.77
CA VAL G 188 5.30 -25.57 22.38
C VAL G 188 5.99 -25.31 23.74
N GLY G 189 5.90 -24.08 24.25
CA GLY G 189 6.52 -23.77 25.53
C GLY G 189 7.99 -23.37 25.46
N SER G 190 8.46 -23.07 24.24
CA SER G 190 9.80 -22.60 24.02
C SER G 190 9.79 -21.09 23.64
N PHE G 191 10.98 -20.51 23.46
CA PHE G 191 11.13 -19.12 23.04
C PHE G 191 12.56 -18.87 22.63
N ASP G 192 12.74 -18.13 21.53
CA ASP G 192 14.04 -17.57 21.20
C ASP G 192 14.03 -16.19 21.83
N GLY G 193 14.75 -16.05 22.94
CA GLY G 193 14.77 -14.77 23.64
C GLY G 193 15.93 -13.90 23.21
N GLY G 194 16.57 -14.24 22.08
CA GLY G 194 17.76 -13.56 21.64
C GLY G 194 17.55 -12.84 20.32
N TYR G 195 18.28 -13.27 19.31
CA TYR G 195 18.21 -12.66 18.00
C TYR G 195 16.84 -12.81 17.36
N GLY G 196 16.20 -13.97 17.63
CA GLY G 196 14.93 -14.27 16.99
C GLY G 196 13.87 -13.24 17.33
N SER G 197 13.89 -12.74 18.57
CA SER G 197 12.86 -11.81 19.00
C SER G 197 13.37 -10.36 19.08
N ALA G 198 14.33 -10.09 19.96
CA ALA G 198 14.86 -8.75 20.19
C ALA G 198 15.47 -8.14 18.94
N TYR G 199 16.12 -8.95 18.11
CA TYR G 199 16.65 -8.41 16.86
C TYR G 199 15.54 -8.19 15.79
N LEU G 200 14.55 -9.06 15.77
CA LEU G 200 13.40 -8.84 14.91
C LEU G 200 12.74 -7.45 15.15
N ALA G 201 12.60 -7.08 16.43
CA ALA G 201 12.15 -5.76 16.86
C ALA G 201 12.97 -4.61 16.29
N ARG G 202 14.24 -4.87 15.96
CA ARG G 202 15.08 -3.82 15.33
C ARG G 202 14.92 -3.80 13.82
N GLN G 203 14.04 -4.67 13.30
CA GLN G 203 13.73 -4.62 11.88
C GLN G 203 12.29 -4.13 11.63
N VAL G 204 11.33 -4.65 12.38
CA VAL G 204 9.91 -4.28 12.19
C VAL G 204 9.37 -3.36 13.31
N GLY G 205 10.17 -3.02 14.31
CA GLY G 205 9.69 -2.26 15.43
C GLY G 205 9.08 -3.13 16.53
N GLN G 206 8.99 -2.55 17.72
CA GLN G 206 8.53 -3.29 18.89
C GLN G 206 7.07 -3.78 18.82
N LYS G 207 6.18 -3.05 18.17
CA LYS G 207 4.79 -3.51 18.15
C LYS G 207 4.63 -4.73 17.28
N PHE G 208 5.13 -4.66 16.05
CA PHE G 208 5.00 -5.79 15.15
C PHE G 208 5.72 -7.04 15.67
N ALA G 209 6.91 -6.87 16.24
CA ALA G 209 7.68 -8.02 16.69
C ALA G 209 6.95 -8.75 17.83
N ARG G 210 6.41 -8.00 18.80
CA ARG G 210 5.62 -8.59 19.87
C ARG G 210 4.45 -9.37 19.30
N GLU G 211 3.78 -8.77 18.32
CA GLU G 211 2.66 -9.41 17.66
C GLU G 211 3.06 -10.75 17.06
N ILE G 212 4.15 -10.72 16.28
CA ILE G 212 4.56 -11.93 15.60
C ILE G 212 4.78 -13.08 16.61
N PHE G 213 5.35 -12.78 17.78
CA PHE G 213 5.62 -13.81 18.76
C PHE G 213 4.42 -14.19 19.63
N PHE G 214 3.68 -13.18 20.12
CA PHE G 214 2.64 -13.40 21.08
C PHE G 214 1.47 -14.18 20.48
N LEU G 215 1.15 -13.90 19.22
CA LEU G 215 0.03 -14.54 18.54
C LEU G 215 0.44 -15.79 17.77
N GLY G 216 1.65 -15.81 17.23
CA GLY G 216 2.14 -16.92 16.42
C GLY G 216 1.34 -17.13 15.14
N ARG G 217 0.84 -16.06 14.55
CA ARG G 217 0.17 -16.15 13.26
C ARG G 217 1.13 -16.42 12.11
N THR G 218 0.55 -16.85 11.00
CA THR G 218 1.27 -17.08 9.77
C THR G 218 1.22 -15.81 8.93
N TYR G 219 2.38 -15.36 8.45
CA TYR G 219 2.46 -14.17 7.58
C TYR G 219 2.98 -14.55 6.21
N THR G 220 2.56 -13.79 5.21
CA THR G 220 3.03 -13.98 3.85
C THR G 220 4.32 -13.17 3.64
N ALA G 221 4.98 -13.39 2.51
CA ALA G 221 6.12 -12.57 2.09
C ALA G 221 5.80 -11.08 2.05
N GLU G 222 4.67 -10.73 1.42
CA GLU G 222 4.33 -9.33 1.27
C GLU G 222 4.03 -8.65 2.62
N GLN G 223 3.37 -9.35 3.54
CA GLN G 223 3.17 -8.79 4.88
C GLN G 223 4.49 -8.53 5.61
N MET G 224 5.39 -9.53 5.60
CA MET G 224 6.72 -9.34 6.21
C MET G 224 7.51 -8.23 5.54
N HIS G 225 7.25 -8.05 4.27
CA HIS G 225 7.89 -7.03 3.48
C HIS G 225 7.39 -5.66 3.96
N GLN G 226 6.10 -5.51 4.14
CA GLN G 226 5.50 -4.27 4.65
C GLN G 226 5.99 -3.96 6.05
N MET G 227 6.17 -4.99 6.88
CA MET G 227 6.57 -4.80 8.28
C MET G 227 8.08 -4.42 8.40
N GLY G 228 8.90 -4.87 7.45
CA GLY G 228 10.31 -4.56 7.47
C GLY G 228 11.31 -5.70 7.67
N ALA G 229 10.82 -6.95 7.73
CA ALA G 229 11.68 -8.10 7.99
C ALA G 229 12.10 -8.80 6.69
N VAL G 230 11.41 -8.48 5.60
CA VAL G 230 11.74 -9.02 4.30
C VAL G 230 12.14 -7.84 3.37
N ASN G 231 13.32 -7.94 2.76
CA ASN G 231 13.80 -6.95 1.83
C ASN G 231 12.97 -6.80 0.56
N ALA G 232 12.69 -7.93 -0.06
CA ALA G 232 11.92 -7.95 -1.30
C ALA G 232 11.28 -9.32 -1.47
N VAL G 233 10.24 -9.33 -2.30
CA VAL G 233 9.43 -10.47 -2.64
C VAL G 233 9.74 -10.81 -4.09
N ALA G 234 9.88 -12.09 -4.38
CA ALA G 234 10.14 -12.59 -5.73
C ALA G 234 9.17 -13.69 -6.09
N GLU G 235 8.91 -13.80 -7.38
CA GLU G 235 8.27 -14.98 -7.96
C GLU G 235 9.04 -16.20 -7.48
N HIS G 236 8.32 -17.20 -6.99
CA HIS G 236 8.95 -18.43 -6.49
C HIS G 236 10.08 -18.99 -7.35
N ALA G 237 9.79 -19.17 -8.62
CA ALA G 237 10.74 -19.74 -9.58
C ALA G 237 11.92 -18.80 -9.82
N GLU G 238 11.75 -17.51 -9.47
CA GLU G 238 12.84 -16.55 -9.65
C GLU G 238 13.62 -16.25 -8.37
N LEU G 239 13.28 -16.94 -7.28
CA LEU G 239 13.86 -16.57 -5.98
C LEU G 239 15.38 -16.59 -5.95
N GLU G 240 15.98 -17.62 -6.55
CA GLU G 240 17.42 -17.74 -6.52
C GLU G 240 18.08 -16.88 -7.55
N THR G 241 17.38 -16.64 -8.66
CA THR G 241 17.82 -15.73 -9.69
C THR G 241 17.97 -14.33 -9.09
N VAL G 242 16.95 -13.89 -8.36
CA VAL G 242 17.00 -12.60 -7.71
C VAL G 242 18.10 -12.63 -6.63
N GLY G 243 18.16 -13.72 -5.87
CA GLY G 243 19.24 -13.90 -4.90
C GLY G 243 20.62 -13.66 -5.50
N LEU G 244 20.86 -14.25 -6.67
CA LEU G 244 22.15 -14.18 -7.32
C LEU G 244 22.44 -12.80 -7.87
N GLN G 245 21.40 -12.14 -8.35
CA GLN G 245 21.48 -10.76 -8.82
C GLN G 245 21.86 -9.82 -7.65
N TRP G 246 21.21 -10.01 -6.49
CA TRP G 246 21.55 -9.22 -5.31
C TRP G 246 22.96 -9.53 -4.91
N ALA G 247 23.33 -10.83 -4.91
CA ALA G 247 24.68 -11.22 -4.56
C ALA G 247 25.70 -10.53 -5.48
N ALA G 248 25.43 -10.50 -6.79
CA ALA G 248 26.38 -9.90 -7.73
C ALA G 248 26.50 -8.38 -7.54
N GLU G 249 25.42 -7.71 -7.15
CA GLU G 249 25.48 -6.28 -6.84
C GLU G 249 26.33 -6.05 -5.59
N ILE G 250 26.19 -6.94 -4.61
CA ILE G 250 27.01 -6.88 -3.41
C ILE G 250 28.49 -7.12 -3.76
N ASN G 251 28.74 -8.18 -4.53
CA ASN G 251 30.10 -8.56 -4.93
C ASN G 251 30.81 -7.54 -5.84
N ALA G 252 30.06 -6.65 -6.47
CA ALA G 252 30.66 -5.65 -7.34
C ALA G 252 31.18 -4.40 -6.59
N LYS G 253 31.02 -4.39 -5.27
CA LYS G 253 31.49 -3.30 -4.42
C LYS G 253 32.80 -3.66 -3.71
N SER G 254 33.49 -2.66 -3.17
CA SER G 254 34.71 -2.91 -2.39
C SER G 254 34.44 -3.90 -1.24
N PRO G 255 35.07 -5.07 -1.25
CA PRO G 255 34.89 -6.03 -0.16
C PRO G 255 35.26 -5.50 1.22
N GLN G 256 36.31 -4.70 1.29
CA GLN G 256 36.70 -4.00 2.51
C GLN G 256 35.57 -3.14 3.02
N ALA G 257 34.99 -2.31 2.15
CA ALA G 257 33.87 -1.47 2.55
C ALA G 257 32.69 -2.33 3.07
N GLN G 258 32.37 -3.41 2.38
CA GLN G 258 31.20 -4.22 2.76
C GLN G 258 31.37 -4.84 4.15
N ARG G 259 32.58 -5.35 4.39
CA ARG G 259 33.02 -5.81 5.69
C ARG G 259 32.83 -4.75 6.80
N MET G 260 33.41 -3.56 6.58
CA MET G 260 33.29 -2.46 7.56
C MET G 260 31.82 -2.19 7.81
N LEU G 261 31.04 -2.17 6.74
CA LEU G 261 29.66 -1.76 6.81
C LEU G 261 28.87 -2.77 7.62
N LYS G 262 29.05 -4.05 7.35
CA LYS G 262 28.33 -5.06 8.10
C LYS G 262 28.61 -4.90 9.60
N PHE G 263 29.87 -4.78 9.98
CA PHE G 263 30.20 -4.60 11.37
C PHE G 263 29.72 -3.23 11.93
N ALA G 264 29.71 -2.20 11.10
CA ALA G 264 29.09 -0.92 11.51
C ALA G 264 27.61 -1.12 11.88
N PHE G 265 26.91 -1.91 11.07
CA PHE G 265 25.51 -2.11 11.35
C PHE G 265 25.32 -2.95 12.61
N ASN G 266 26.19 -3.92 12.85
CA ASN G 266 26.13 -4.76 14.06
C ASN G 266 26.49 -3.99 15.36
N LEU G 267 27.37 -2.99 15.22
CA LEU G 267 28.24 -2.54 16.30
C LEU G 267 27.51 -2.30 17.61
N LEU G 268 26.71 -1.23 17.67
CA LEU G 268 26.06 -0.81 18.91
C LEU G 268 25.08 -1.88 19.45
N ASP G 269 24.21 -2.43 18.62
CA ASP G 269 23.35 -3.58 18.99
C ASP G 269 24.09 -4.72 19.69
N ASP G 270 25.34 -4.97 19.29
CA ASP G 270 26.12 -6.11 19.78
C ASP G 270 27.11 -5.71 20.89
N GLY G 271 26.96 -4.51 21.42
CA GLY G 271 27.81 -4.07 22.53
C GLY G 271 29.30 -4.32 22.30
N LEU G 272 29.96 -4.85 23.32
CA LEU G 272 31.38 -5.07 23.25
C LEU G 272 31.81 -6.00 22.11
N VAL G 273 30.97 -6.97 21.75
CA VAL G 273 31.31 -7.88 20.68
C VAL G 273 31.25 -7.14 19.35
N GLY G 274 30.24 -6.27 19.22
CA GLY G 274 30.10 -5.45 18.02
C GLY G 274 31.31 -4.54 17.89
N GLN G 275 31.71 -3.93 19.00
CA GLN G 275 32.93 -3.16 19.05
C GLN G 275 34.14 -3.99 18.68
N GLN G 276 34.28 -5.19 19.28
CA GLN G 276 35.43 -6.03 19.00
C GLN G 276 35.65 -6.29 17.49
N LEU G 277 34.55 -6.53 16.79
CA LEU G 277 34.59 -6.91 15.41
C LEU G 277 34.90 -5.71 14.53
N PHE G 278 34.23 -4.61 14.77
CA PHE G 278 34.47 -3.41 14.01
C PHE G 278 35.88 -2.88 14.24
N ALA G 279 36.30 -2.81 15.50
CA ALA G 279 37.64 -2.36 15.84
C ALA G 279 38.72 -3.29 15.29
N GLY G 280 38.42 -4.59 15.27
CA GLY G 280 39.34 -5.55 14.69
C GLY G 280 39.63 -5.30 13.21
N GLU G 281 38.63 -4.86 12.47
CA GLU G 281 38.85 -4.44 11.09
C GLU G 281 39.65 -3.13 11.03
N ALA G 282 39.38 -2.21 11.93
CA ALA G 282 40.15 -0.98 12.00
C ALA G 282 41.64 -1.28 12.29
N THR G 283 41.87 -2.25 13.18
CA THR G 283 43.20 -2.72 13.54
C THR G 283 43.95 -3.23 12.29
N ARG G 284 43.29 -4.14 11.57
CA ARG G 284 43.77 -4.66 10.30
C ARG G 284 44.11 -3.53 9.31
N LEU G 285 43.23 -2.53 9.16
CA LEU G 285 43.52 -1.39 8.29
C LEU G 285 44.76 -0.65 8.73
N ALA G 286 44.89 -0.43 10.05
CA ALA G 286 46.04 0.30 10.59
C ALA G 286 47.37 -0.40 10.32
N TYR G 287 47.36 -1.73 10.42
CA TYR G 287 48.54 -2.58 10.17
C TYR G 287 49.17 -2.35 8.78
N MET G 288 48.33 -2.02 7.81
CA MET G 288 48.75 -1.83 6.44
C MET G 288 49.46 -0.49 6.19
N THR G 289 49.30 0.48 7.11
CA THR G 289 49.81 1.83 6.86
C THR G 289 51.32 1.94 7.08
N ASP G 290 51.90 3.04 6.59
CA ASP G 290 53.34 3.29 6.77
C ASP G 290 53.70 3.50 8.23
N GLU G 291 52.83 4.23 8.94
CA GLU G 291 52.99 4.49 10.37
C GLU G 291 53.19 3.19 11.15
N ALA G 292 52.34 2.21 10.90
CA ALA G 292 52.41 0.92 11.58
C ALA G 292 53.64 0.11 11.19
N VAL G 293 54.14 0.31 9.97
CA VAL G 293 55.38 -0.36 9.56
C VAL G 293 56.55 0.23 10.35
N GLU G 294 56.61 1.56 10.43
CA GLU G 294 57.63 2.26 11.25
C GLU G 294 57.70 1.74 12.68
N GLY G 295 56.54 1.57 13.32
CA GLY G 295 56.48 1.06 14.68
C GLY G 295 56.97 -0.36 14.81
N ARG G 296 56.65 -1.17 13.80
CA ARG G 296 57.04 -2.58 13.74
C ARG G 296 58.54 -2.72 13.45
N ASP G 297 59.07 -1.85 12.58
CA ASP G 297 60.47 -1.83 12.19
C ASP G 297 61.34 -1.52 13.42
N ALA G 298 61.04 -0.39 14.04
CA ALA G 298 61.79 0.11 15.18
C ALA G 298 61.82 -0.84 16.38
N PHE G 299 60.82 -1.70 16.52
CA PHE G 299 60.87 -2.72 17.59
C PHE G 299 61.91 -3.80 17.27
N LEU G 300 61.86 -4.33 16.04
CA LEU G 300 62.81 -5.35 15.59
C LEU G 300 64.25 -4.83 15.51
N GLN G 301 64.42 -3.61 15.01
CA GLN G 301 65.73 -2.94 14.90
C GLN G 301 66.24 -2.32 16.22
N LYS G 302 65.50 -2.55 17.31
CA LYS G 302 65.80 -2.03 18.66
C LYS G 302 66.04 -0.51 18.79
N ARG G 303 65.61 0.24 17.76
CA ARG G 303 65.72 1.69 17.63
C ARG G 303 64.47 2.40 18.21
N PRO G 304 64.55 3.69 18.57
CA PRO G 304 63.33 4.50 18.77
C PRO G 304 62.58 4.78 17.46
N PRO G 305 61.25 4.68 17.46
CA PRO G 305 60.43 5.01 16.27
C PRO G 305 60.38 6.49 15.96
N ASP G 306 60.29 6.84 14.68
CA ASP G 306 60.13 8.23 14.27
C ASP G 306 58.73 8.47 13.67
N TRP G 307 57.93 9.29 14.36
CA TRP G 307 56.53 9.57 13.98
C TRP G 307 56.36 10.92 13.28
N SER G 308 57.47 11.59 12.99
CA SER G 308 57.40 12.92 12.38
C SER G 308 56.77 13.00 10.98
N PRO G 309 56.97 11.99 10.10
CA PRO G 309 56.35 12.02 8.77
C PRO G 309 54.81 11.96 8.79
N PHE G 310 54.22 11.39 9.85
CA PHE G 310 52.79 11.15 9.98
C PHE G 310 52.07 12.19 10.85
N PRO G 311 51.13 12.93 10.27
CA PRO G 311 50.50 14.06 10.96
C PRO G 311 49.40 13.65 11.94
N ARG G 312 48.99 14.60 12.78
CA ARG G 312 47.93 14.35 13.73
C ARG G 312 46.63 14.85 13.15
N TYR G 313 45.99 13.97 12.36
CA TYR G 313 44.70 14.25 11.72
C TYR G 313 43.60 14.53 12.75
N PHE G 314 42.65 15.39 12.38
CA PHE G 314 41.60 15.84 13.29
C PHE G 314 40.17 15.81 12.74
N ASN H 18 -21.45 0.40 18.56
CA ASN H 18 -20.66 0.46 19.81
C ASN H 18 -19.82 -0.83 20.02
N PRO H 19 -18.50 -0.64 20.20
CA PRO H 19 -17.58 -1.75 20.40
C PRO H 19 -17.95 -2.67 21.57
N PHE H 20 -18.55 -2.11 22.62
CA PHE H 20 -18.78 -2.81 23.87
C PHE H 20 -19.93 -3.82 23.80
N ASP H 21 -19.64 -5.08 24.07
CA ASP H 21 -20.64 -6.13 24.13
C ASP H 21 -20.87 -6.52 25.58
N ALA H 22 -21.93 -5.97 26.17
CA ALA H 22 -22.31 -6.20 27.56
C ALA H 22 -22.39 -7.67 27.95
N LYS H 23 -22.87 -8.51 27.03
CA LYS H 23 -23.04 -9.95 27.30
C LYS H 23 -21.73 -10.69 27.55
N ALA H 24 -20.62 -10.09 27.12
CA ALA H 24 -19.33 -10.75 27.18
C ALA H 24 -18.60 -10.52 28.51
N TRP H 25 -19.09 -9.56 29.29
CA TRP H 25 -18.34 -9.00 30.42
C TRP H 25 -19.09 -9.05 31.77
N ARG H 26 -18.35 -9.29 32.84
CA ARG H 26 -18.90 -9.21 34.21
C ARG H 26 -18.03 -8.28 35.05
N LEU H 27 -18.64 -7.53 35.94
CA LEU H 27 -17.90 -6.68 36.86
C LEU H 27 -16.94 -7.48 37.74
N VAL H 28 -15.81 -6.87 38.09
CA VAL H 28 -14.87 -7.53 38.96
C VAL H 28 -15.23 -7.17 40.40
N ASP H 29 -15.28 -8.19 41.26
CA ASP H 29 -15.63 -7.98 42.67
C ASP H 29 -14.67 -7.02 43.34
N GLY H 30 -15.22 -6.07 44.08
CA GLY H 30 -14.42 -5.23 44.95
C GLY H 30 -14.15 -3.86 44.37
N PHE H 31 -14.79 -3.55 43.25
CA PHE H 31 -14.53 -2.31 42.54
C PHE H 31 -15.81 -1.50 42.27
N ASP H 32 -16.78 -1.59 43.20
CA ASP H 32 -18.06 -0.86 43.15
C ASP H 32 -17.88 0.64 43.22
N ASP H 33 -16.83 1.08 43.90
CA ASP H 33 -16.58 2.52 44.07
C ASP H 33 -15.95 3.24 42.85
N LEU H 34 -15.66 2.51 41.77
CA LEU H 34 -15.00 3.12 40.61
C LEU H 34 -15.87 4.21 39.96
N THR H 35 -15.31 5.40 39.74
CA THR H 35 -16.07 6.44 39.05
C THR H 35 -15.52 6.78 37.66
N ASP H 36 -14.19 6.76 37.50
CA ASP H 36 -13.56 7.25 36.27
C ASP H 36 -13.05 6.13 35.35
N ILE H 37 -13.18 4.89 35.80
CA ILE H 37 -12.61 3.74 35.12
C ILE H 37 -13.64 2.66 35.25
N THR H 38 -13.77 1.79 34.24
CA THR H 38 -14.54 0.55 34.40
C THR H 38 -13.63 -0.67 34.31
N TYR H 39 -14.08 -1.76 34.90
CA TYR H 39 -13.25 -2.91 35.11
C TYR H 39 -14.11 -4.17 35.03
N HIS H 40 -13.92 -4.93 33.94
CA HIS H 40 -14.65 -6.17 33.70
C HIS H 40 -13.72 -7.33 33.47
N ARG H 41 -14.19 -8.52 33.82
CA ARG H 41 -13.54 -9.77 33.50
C ARG H 41 -14.46 -10.43 32.46
N HIS H 42 -13.88 -11.11 31.50
CA HIS H 42 -14.64 -11.79 30.48
C HIS H 42 -15.38 -12.99 31.07
N VAL H 43 -16.55 -13.31 30.50
CA VAL H 43 -17.37 -14.42 31.01
C VAL H 43 -16.65 -15.74 30.95
N ASP H 44 -15.84 -15.98 29.93
CA ASP H 44 -15.10 -17.25 29.82
C ASP H 44 -13.59 -17.12 29.77
N ASP H 45 -13.07 -16.10 29.07
CA ASP H 45 -11.64 -16.01 28.81
C ASP H 45 -10.83 -15.34 29.91
N ALA H 46 -9.54 -15.66 29.93
CA ALA H 46 -8.59 -15.06 30.87
C ALA H 46 -8.19 -13.62 30.45
N THR H 47 -9.20 -12.78 30.28
CA THR H 47 -9.03 -11.47 29.73
C THR H 47 -9.83 -10.46 30.54
N VAL H 48 -9.25 -9.30 30.79
CA VAL H 48 -9.98 -8.22 31.45
C VAL H 48 -10.14 -7.01 30.55
N ARG H 49 -11.13 -6.18 30.84
CA ARG H 49 -11.39 -4.95 30.11
C ARG H 49 -11.21 -3.78 31.06
N VAL H 50 -10.28 -2.87 30.73
CA VAL H 50 -10.01 -1.73 31.57
C VAL H 50 -10.22 -0.50 30.72
N ALA H 51 -11.12 0.38 31.15
CA ALA H 51 -11.52 1.46 30.27
C ALA H 51 -11.72 2.80 30.97
N PHE H 52 -11.21 3.87 30.37
CA PHE H 52 -11.52 5.22 30.79
C PHE H 52 -13.02 5.46 30.70
N ASN H 53 -13.58 6.05 31.74
CA ASN H 53 -15.02 6.22 31.83
C ASN H 53 -15.42 7.65 32.07
N ARG H 54 -14.78 8.57 31.35
CA ARG H 54 -15.17 9.98 31.37
C ARG H 54 -15.40 10.48 29.95
N PRO H 55 -16.31 9.84 29.21
CA PRO H 55 -16.53 10.14 27.80
C PRO H 55 -16.93 11.61 27.51
N GLU H 56 -17.53 12.28 28.49
CA GLU H 56 -17.88 13.71 28.39
C GLU H 56 -16.68 14.62 28.20
N VAL H 57 -15.53 14.21 28.72
CA VAL H 57 -14.33 15.03 28.58
C VAL H 57 -13.26 14.39 27.68
N ARG H 58 -13.73 13.63 26.68
CA ARG H 58 -12.88 12.85 25.77
C ARG H 58 -11.94 11.90 26.54
N ASN H 59 -12.48 11.32 27.63
CA ASN H 59 -11.78 10.39 28.50
C ASN H 59 -10.43 10.89 29.02
N ALA H 60 -10.33 12.19 29.26
CA ALA H 60 -9.20 12.81 29.96
C ALA H 60 -9.05 12.23 31.37
N PHE H 61 -7.80 12.07 31.82
CA PHE H 61 -7.57 11.60 33.17
C PHE H 61 -7.22 12.76 34.10
N ARG H 62 -7.91 12.78 35.25
CA ARG H 62 -7.57 13.64 36.37
C ARG H 62 -6.87 12.75 37.40
N PRO H 63 -6.24 13.34 38.41
CA PRO H 63 -5.49 12.57 39.38
C PRO H 63 -6.26 11.37 39.92
N HIS H 64 -7.55 11.55 40.24
CA HIS H 64 -8.41 10.48 40.70
C HIS H 64 -8.50 9.30 39.69
N THR H 65 -8.50 9.63 38.40
CA THR H 65 -8.54 8.66 37.29
C THR H 65 -7.28 7.77 37.32
N VAL H 66 -6.14 8.42 37.48
CA VAL H 66 -4.86 7.73 37.51
C VAL H 66 -4.79 6.76 38.69
N ASP H 67 -5.22 7.23 39.84
CA ASP H 67 -5.30 6.39 41.02
C ASP H 67 -6.11 5.13 40.74
N GLU H 68 -7.31 5.30 40.17
CA GLU H 68 -8.17 4.16 39.87
C GLU H 68 -7.54 3.24 38.81
N LEU H 69 -6.97 3.87 37.79
CA LEU H 69 -6.31 3.16 36.72
C LEU H 69 -5.20 2.28 37.28
N TYR H 70 -4.37 2.87 38.11
CA TYR H 70 -3.30 2.16 38.79
C TYR H 70 -3.80 0.96 39.59
N ARG H 71 -4.79 1.19 40.46
CA ARG H 71 -5.37 0.13 41.32
C ARG H 71 -5.86 -1.01 40.45
N VAL H 72 -6.61 -0.66 39.41
CA VAL H 72 -7.22 -1.63 38.52
C VAL H 72 -6.17 -2.47 37.77
N LEU H 73 -5.22 -1.80 37.13
CA LEU H 73 -4.14 -2.50 36.43
C LEU H 73 -3.30 -3.36 37.38
N ASP H 74 -3.02 -2.84 38.57
CA ASP H 74 -2.29 -3.57 39.60
C ASP H 74 -3.05 -4.83 39.98
N HIS H 75 -4.36 -4.70 40.20
CA HIS H 75 -5.21 -5.86 40.48
C HIS H 75 -5.08 -6.89 39.36
N ALA H 76 -5.22 -6.46 38.11
CA ALA H 76 -5.08 -7.36 36.97
C ALA H 76 -3.73 -8.04 36.92
N ARG H 77 -2.67 -7.30 37.25
CA ARG H 77 -1.33 -7.87 37.29
C ARG H 77 -1.27 -9.05 38.26
N MET H 78 -1.92 -8.89 39.42
CA MET H 78 -1.83 -9.86 40.51
C MET H 78 -2.89 -10.97 40.41
N SER H 79 -3.75 -10.89 39.40
CA SER H 79 -4.75 -11.95 39.16
C SER H 79 -4.19 -13.09 38.35
N PRO H 80 -3.95 -14.23 39.00
CA PRO H 80 -3.28 -15.37 38.35
C PRO H 80 -4.09 -16.02 37.23
N ASP H 81 -5.39 -15.76 37.19
CA ASP H 81 -6.26 -16.32 36.16
C ASP H 81 -6.56 -15.30 35.01
N VAL H 82 -5.79 -14.21 34.99
CA VAL H 82 -5.90 -13.18 33.97
C VAL H 82 -4.61 -13.18 33.11
N GLY H 83 -4.75 -13.40 31.81
CA GLY H 83 -3.59 -13.44 30.93
C GLY H 83 -3.37 -12.16 30.13
N VAL H 84 -4.44 -11.46 29.80
CA VAL H 84 -4.36 -10.31 28.88
C VAL H 84 -5.21 -9.17 29.39
N VAL H 85 -4.69 -7.97 29.26
CA VAL H 85 -5.42 -6.78 29.60
C VAL H 85 -5.79 -6.02 28.32
N LEU H 86 -7.08 -5.74 28.16
CA LEU H 86 -7.57 -4.90 27.10
C LEU H 86 -7.80 -3.50 27.69
N LEU H 87 -7.01 -2.55 27.25
CA LEU H 87 -7.10 -1.21 27.77
C LEU H 87 -7.75 -0.33 26.70
N THR H 88 -8.89 0.28 27.05
CA THR H 88 -9.64 1.07 26.10
C THR H 88 -10.34 2.24 26.76
N GLY H 89 -11.28 2.86 26.03
CA GLY H 89 -12.05 4.01 26.51
C GLY H 89 -13.50 3.74 26.19
N ASN H 90 -14.40 4.08 27.13
CA ASN H 90 -15.84 3.93 26.91
C ASN H 90 -16.37 5.12 26.13
N GLY H 91 -17.47 4.92 25.43
CA GLY H 91 -18.12 6.02 24.76
C GLY H 91 -19.45 5.63 24.11
N PRO H 92 -20.01 6.51 23.28
CA PRO H 92 -19.41 7.81 22.94
C PRO H 92 -19.75 8.91 23.94
N SER H 93 -19.37 10.16 23.65
CA SER H 93 -19.70 11.31 24.50
C SER H 93 -21.21 11.52 24.46
N PRO H 94 -21.88 11.51 25.62
CA PRO H 94 -23.32 11.81 25.66
C PRO H 94 -23.59 13.26 25.27
N LYS H 95 -22.57 14.11 25.29
CA LYS H 95 -22.72 15.51 24.92
C LYS H 95 -22.69 15.72 23.39
N ASP H 96 -21.76 15.09 22.69
CA ASP H 96 -21.66 15.35 21.26
C ASP H 96 -21.41 14.14 20.36
N GLY H 97 -21.51 12.94 20.92
CA GLY H 97 -21.37 11.70 20.17
C GLY H 97 -19.95 11.37 19.72
N GLY H 98 -18.97 12.16 20.13
CA GLY H 98 -17.58 11.93 19.75
C GLY H 98 -16.95 10.81 20.54
N TRP H 99 -15.98 10.12 19.92
CA TRP H 99 -15.33 8.93 20.47
C TRP H 99 -13.91 9.25 20.93
N ALA H 100 -13.55 8.74 22.10
CA ALA H 100 -12.20 8.91 22.63
C ALA H 100 -11.67 7.66 23.31
N PHE H 101 -10.42 7.30 23.04
CA PHE H 101 -9.72 6.38 23.94
C PHE H 101 -9.33 7.16 25.21
N CYS H 102 -8.56 8.23 25.04
CA CYS H 102 -8.08 9.07 26.14
C CYS H 102 -7.39 10.28 25.58
N SER H 103 -7.73 11.45 26.08
CA SER H 103 -7.19 12.69 25.55
C SER H 103 -6.09 13.26 26.43
N GLY H 104 -5.58 12.47 27.35
CA GLY H 104 -4.49 12.91 28.21
C GLY H 104 -4.95 13.53 29.51
N GLY H 105 -4.06 14.32 30.11
CA GLY H 105 -4.31 14.90 31.42
C GLY H 105 -5.47 15.88 31.39
N ASP H 106 -6.35 15.78 32.38
CA ASP H 106 -7.44 16.73 32.52
C ASP H 106 -6.90 18.16 32.75
N GLN H 107 -7.27 19.07 31.85
CA GLN H 107 -6.73 20.42 31.86
C GLN H 107 -7.72 21.48 32.36
N LEU H 134 2.62 12.99 37.06
CA LEU H 134 3.64 11.96 37.40
C LEU H 134 3.14 10.61 37.88
N HIS H 135 1.93 10.55 38.43
CA HIS H 135 1.30 9.28 38.78
C HIS H 135 1.15 8.46 37.48
N ILE H 136 0.94 9.11 36.33
CA ILE H 136 0.78 8.41 35.05
C ILE H 136 2.08 7.70 34.57
N LEU H 137 3.24 8.21 34.95
CA LEU H 137 4.50 7.52 34.67
C LEU H 137 4.54 6.18 35.39
N GLU H 138 3.98 6.15 36.61
CA GLU H 138 3.81 4.91 37.38
C GLU H 138 2.90 3.91 36.68
N VAL H 139 1.83 4.39 36.07
CA VAL H 139 0.93 3.52 35.32
C VAL H 139 1.67 2.98 34.08
N GLN H 140 2.39 3.85 33.38
CA GLN H 140 3.25 3.41 32.28
C GLN H 140 4.18 2.22 32.66
N ARG H 141 4.86 2.35 33.80
CA ARG H 141 5.77 1.34 34.31
C ARG H 141 5.03 0.05 34.69
N LEU H 142 3.86 0.22 35.29
CA LEU H 142 2.98 -0.92 35.58
C LEU H 142 2.63 -1.70 34.30
N ILE H 143 2.29 -0.98 33.22
CA ILE H 143 1.94 -1.68 31.97
C ILE H 143 3.18 -2.34 31.39
N ARG H 144 4.29 -1.59 31.47
CA ARG H 144 5.56 -2.05 30.95
C ARG H 144 6.08 -3.31 31.65
N PHE H 145 5.99 -3.31 32.98
CA PHE H 145 6.63 -4.36 33.76
C PHE H 145 5.72 -5.55 34.04
N MET H 146 4.41 -5.42 33.81
CA MET H 146 3.53 -6.53 34.18
C MET H 146 3.74 -7.73 33.26
N PRO H 147 3.80 -8.92 33.87
CA PRO H 147 4.09 -10.16 33.13
C PRO H 147 2.92 -10.69 32.33
N LYS H 148 2.15 -9.79 31.75
CA LYS H 148 1.05 -10.13 30.85
C LYS H 148 1.01 -9.13 29.69
N VAL H 149 0.38 -9.52 28.60
CA VAL H 149 0.28 -8.69 27.43
C VAL H 149 -0.84 -7.68 27.61
N VAL H 150 -0.52 -6.40 27.37
CA VAL H 150 -1.50 -5.35 27.42
C VAL H 150 -1.76 -4.86 25.99
N ILE H 151 -3.00 -5.03 25.53
CA ILE H 151 -3.42 -4.55 24.21
C ILE H 151 -4.23 -3.29 24.39
N CYS H 152 -3.80 -2.20 23.76
CA CYS H 152 -4.59 -0.98 23.78
C CYS H 152 -5.59 -1.04 22.62
N LEU H 153 -6.85 -0.77 22.89
CA LEU H 153 -7.87 -0.72 21.87
C LEU H 153 -8.23 0.72 21.70
N VAL H 154 -7.63 1.36 20.68
CA VAL H 154 -7.87 2.77 20.42
C VAL H 154 -9.18 2.92 19.67
N ASN H 155 -10.20 3.32 20.43
CA ASN H 155 -11.57 3.40 19.96
C ASN H 155 -11.94 4.80 19.53
N GLY H 156 -11.02 5.75 19.65
CA GLY H 156 -11.35 7.14 19.39
C GLY H 156 -10.11 7.97 19.51
N TRP H 157 -10.23 9.26 19.80
CA TRP H 157 -9.05 10.10 20.03
C TRP H 157 -8.08 9.47 21.02
N ALA H 158 -6.80 9.54 20.68
CA ALA H 158 -5.72 9.19 21.58
C ALA H 158 -4.74 10.33 21.49
N ALA H 159 -4.80 11.23 22.47
CA ALA H 159 -4.09 12.51 22.45
C ALA H 159 -3.23 12.70 23.70
N GLY H 160 -2.17 13.50 23.59
CA GLY H 160 -1.22 13.70 24.69
C GLY H 160 -0.91 12.41 25.42
N GLY H 161 -1.06 12.42 26.76
CA GLY H 161 -0.80 11.29 27.61
C GLY H 161 -1.59 10.04 27.24
N GLY H 162 -2.75 10.24 26.60
CA GLY H 162 -3.55 9.17 26.05
C GLY H 162 -2.82 8.48 24.92
N HIS H 163 -2.15 9.27 24.09
CA HIS H 163 -1.36 8.72 23.00
C HIS H 163 -0.18 7.94 23.57
N SER H 164 0.45 8.49 24.59
CA SER H 164 1.60 7.87 25.23
C SER H 164 1.24 6.56 25.92
N LEU H 165 0.04 6.45 26.49
CA LEU H 165 -0.42 5.16 27.04
C LEU H 165 -0.53 4.08 25.95
N HIS H 166 -1.07 4.46 24.81
CA HIS H 166 -1.16 3.56 23.67
C HIS H 166 0.25 3.06 23.30
N VAL H 167 1.20 3.98 23.16
CA VAL H 167 2.55 3.68 22.75
C VAL H 167 3.18 2.63 23.63
N VAL H 168 2.98 2.75 24.95
CA VAL H 168 3.69 1.91 25.90
C VAL H 168 3.05 0.50 26.00
N CYS H 169 1.82 0.34 25.53
CA CYS H 169 1.22 -0.98 25.61
C CYS H 169 1.94 -1.90 24.64
N ASP H 170 1.89 -3.20 24.91
CA ASP H 170 2.55 -4.19 24.09
C ASP H 170 2.02 -4.22 22.65
N LEU H 171 0.70 -4.12 22.51
CA LEU H 171 0.04 -4.21 21.20
C LEU H 171 -1.03 -3.13 21.12
N THR H 172 -1.40 -2.76 19.91
CA THR H 172 -2.46 -1.78 19.68
C THR H 172 -3.31 -2.16 18.50
N LEU H 173 -4.62 -2.22 18.73
CA LEU H 173 -5.60 -2.41 17.69
C LEU H 173 -6.39 -1.12 17.66
N ALA H 174 -6.73 -0.63 16.47
CA ALA H 174 -7.35 0.70 16.32
C ALA H 174 -8.63 0.67 15.48
N SER H 175 -9.62 1.47 15.89
CA SER H 175 -10.86 1.63 15.17
C SER H 175 -10.61 2.36 13.86
N ARG H 176 -10.99 1.72 12.76
CA ARG H 176 -10.71 2.29 11.44
C ARG H 176 -11.40 3.63 11.27
N GLU H 177 -12.69 3.69 11.61
CA GLU H 177 -13.46 4.92 11.48
C GLU H 177 -13.10 5.99 12.49
N TYR H 178 -12.76 5.63 13.72
CA TYR H 178 -12.69 6.64 14.78
C TYR H 178 -11.38 6.79 15.52
N ALA H 179 -10.45 5.85 15.41
CA ALA H 179 -9.18 6.08 16.08
C ALA H 179 -8.48 7.29 15.43
N ARG H 180 -8.05 8.22 16.27
CA ARG H 180 -7.30 9.38 15.83
C ARG H 180 -6.15 9.57 16.77
N PHE H 181 -4.96 9.75 16.21
CA PHE H 181 -3.75 9.81 17.02
C PHE H 181 -3.19 11.21 16.86
N LYS H 182 -2.98 11.89 17.97
CA LYS H 182 -2.46 13.24 17.89
C LYS H 182 -1.59 13.52 19.08
N GLN H 183 -0.33 13.82 18.83
CA GLN H 183 0.55 14.14 19.95
C GLN H 183 0.59 15.65 20.14
N THR H 184 -0.24 16.13 21.06
CA THR H 184 -0.45 17.55 21.25
C THR H 184 0.48 18.18 22.28
N ASP H 185 1.29 17.38 22.95
CA ASP H 185 2.10 17.90 24.05
C ASP H 185 2.74 19.27 23.83
N ALA H 186 3.46 19.41 22.73
CA ALA H 186 4.24 20.63 22.52
C ALA H 186 3.36 21.86 22.27
N ASP H 187 2.10 21.62 21.88
CA ASP H 187 1.11 22.70 21.71
C ASP H 187 0.96 23.44 23.02
N VAL H 188 0.88 22.67 24.11
CA VAL H 188 0.66 23.22 25.45
C VAL H 188 1.93 23.46 26.29
N GLY H 189 3.10 23.25 25.70
CA GLY H 189 4.37 23.49 26.38
C GLY H 189 4.83 22.32 27.24
N SER H 190 4.17 21.18 27.09
CA SER H 190 4.55 19.94 27.75
C SER H 190 5.25 18.94 26.79
N PHE H 191 5.68 17.79 27.31
CA PHE H 191 6.36 16.77 26.52
C PHE H 191 6.50 15.49 27.33
N ASP H 192 6.18 14.35 26.73
CA ASP H 192 6.56 13.05 27.27
C ASP H 192 7.94 12.71 26.71
N GLY H 193 8.97 12.84 27.53
CA GLY H 193 10.34 12.64 27.08
C GLY H 193 10.79 11.21 27.31
N GLY H 194 9.83 10.32 27.57
CA GLY H 194 10.14 8.97 27.99
C GLY H 194 9.64 7.96 26.99
N TYR H 195 8.73 7.11 27.45
CA TYR H 195 8.15 6.10 26.58
C TYR H 195 7.31 6.70 25.46
N GLY H 196 6.63 7.81 25.72
CA GLY H 196 5.76 8.37 24.70
C GLY H 196 6.49 8.73 23.42
N SER H 197 7.75 9.13 23.57
CA SER H 197 8.50 9.61 22.41
C SER H 197 9.61 8.62 22.00
N ALA H 198 10.58 8.41 22.90
CA ALA H 198 11.70 7.55 22.64
C ALA H 198 11.30 6.12 22.32
N TYR H 199 10.31 5.57 23.01
CA TYR H 199 9.86 4.22 22.69
C TYR H 199 9.00 4.17 21.42
N LEU H 200 8.30 5.27 21.12
CA LEU H 200 7.57 5.37 19.86
C LEU H 200 8.56 5.18 18.71
N ALA H 201 9.71 5.85 18.81
CA ALA H 201 10.77 5.78 17.79
C ALA H 201 11.25 4.33 17.56
N ARG H 202 11.08 3.48 18.57
CA ARG H 202 11.44 2.07 18.43
C ARG H 202 10.30 1.22 17.83
N GLN H 203 9.22 1.89 17.45
CA GLN H 203 8.09 1.29 16.77
C GLN H 203 8.03 1.74 15.34
N VAL H 204 8.03 3.06 15.13
CA VAL H 204 7.87 3.64 13.80
C VAL H 204 9.20 4.16 13.23
N GLY H 205 10.29 4.07 14.02
CA GLY H 205 11.58 4.59 13.56
C GLY H 205 11.71 6.08 13.89
N GLN H 206 12.92 6.59 13.84
CA GLN H 206 13.21 7.94 14.29
C GLN H 206 12.64 9.07 13.43
N LYS H 207 12.46 8.86 12.12
CA LYS H 207 11.97 9.98 11.33
C LYS H 207 10.49 10.17 11.62
N PHE H 208 9.71 9.07 11.61
CA PHE H 208 8.28 9.24 11.85
C PHE H 208 7.99 9.75 13.24
N ALA H 209 8.70 9.22 14.25
CA ALA H 209 8.41 9.58 15.65
C ALA H 209 8.61 11.08 15.84
N ARG H 210 9.71 11.60 15.29
CA ARG H 210 10.02 13.02 15.35
C ARG H 210 8.88 13.82 14.70
N GLU H 211 8.40 13.37 13.54
CA GLU H 211 7.31 14.02 12.87
C GLU H 211 6.08 14.07 13.76
N ILE H 212 5.73 12.92 14.34
CA ILE H 212 4.52 12.84 15.13
C ILE H 212 4.52 13.85 16.25
N PHE H 213 5.66 14.02 16.92
CA PHE H 213 5.73 14.97 18.03
C PHE H 213 5.92 16.47 17.56
N PHE H 214 6.79 16.69 16.57
CA PHE H 214 7.20 18.03 16.18
C PHE H 214 6.05 18.78 15.52
N LEU H 215 5.30 18.13 14.63
CA LEU H 215 4.14 18.74 14.00
C LEU H 215 2.84 18.61 14.76
N GLY H 216 2.66 17.53 15.53
CA GLY H 216 1.42 17.34 16.28
C GLY H 216 0.18 17.19 15.40
N ARG H 217 0.35 16.59 14.22
CA ARG H 217 -0.80 16.30 13.37
C ARG H 217 -1.62 15.13 13.85
N THR H 218 -2.80 15.01 13.28
CA THR H 218 -3.71 13.97 13.59
C THR H 218 -3.55 12.89 12.55
N TYR H 219 -3.49 11.64 13.02
CA TYR H 219 -3.30 10.47 12.16
C TYR H 219 -4.44 9.46 12.34
N THR H 220 -4.80 8.81 11.24
CA THR H 220 -5.79 7.76 11.27
C THR H 220 -5.17 6.44 11.71
N ALA H 221 -6.04 5.49 12.01
CA ALA H 221 -5.64 4.13 12.33
C ALA H 221 -4.75 3.55 11.22
N GLU H 222 -5.13 3.71 9.94
CA GLU H 222 -4.40 3.08 8.84
C GLU H 222 -3.03 3.72 8.66
N GLN H 223 -2.97 5.04 8.81
CA GLN H 223 -1.69 5.75 8.80
C GLN H 223 -0.72 5.25 9.89
N MET H 224 -1.22 5.15 11.11
CA MET H 224 -0.42 4.56 12.20
C MET H 224 -0.01 3.13 11.97
N HIS H 225 -0.87 2.39 11.28
CA HIS H 225 -0.59 1.00 10.99
C HIS H 225 0.54 0.91 9.96
N GLN H 226 0.49 1.76 8.93
CA GLN H 226 1.59 1.90 7.96
C GLN H 226 2.92 2.22 8.62
N MET H 227 2.87 3.10 9.62
CA MET H 227 4.08 3.61 10.25
C MET H 227 4.69 2.59 11.21
N GLY H 228 3.84 1.74 11.81
CA GLY H 228 4.33 0.70 12.68
C GLY H 228 3.87 0.79 14.15
N ALA H 229 3.04 1.76 14.48
CA ALA H 229 2.57 1.90 15.87
C ALA H 229 1.27 1.19 16.17
N VAL H 230 0.52 0.82 15.14
CA VAL H 230 -0.71 0.13 15.31
C VAL H 230 -0.56 -1.25 14.66
N ASN H 231 -0.89 -2.30 15.41
CA ASN H 231 -0.80 -3.65 14.89
C ASN H 231 -1.80 -3.95 13.83
N ALA H 232 -3.06 -3.63 14.08
CA ALA H 232 -4.08 -3.88 13.08
C ALA H 232 -5.23 -2.92 13.27
N VAL H 233 -6.00 -2.76 12.21
CA VAL H 233 -7.11 -1.83 12.17
C VAL H 233 -8.38 -2.66 12.08
N ALA H 234 -9.40 -2.26 12.82
CA ALA H 234 -10.64 -3.05 12.85
C ALA H 234 -11.86 -2.16 12.67
N GLU H 235 -12.96 -2.75 12.19
CA GLU H 235 -14.26 -2.09 12.12
C GLU H 235 -14.56 -1.62 13.52
N HIS H 236 -14.95 -0.37 13.67
CA HIS H 236 -15.23 0.20 14.98
C HIS H 236 -16.07 -0.71 15.88
N ALA H 237 -17.15 -1.22 15.32
CA ALA H 237 -18.10 -2.08 16.04
C ALA H 237 -17.50 -3.40 16.42
N GLU H 238 -16.43 -3.79 15.70
CA GLU H 238 -15.78 -5.08 15.90
C GLU H 238 -14.48 -4.97 16.73
N LEU H 239 -14.16 -3.76 17.19
CA LEU H 239 -12.87 -3.52 17.84
C LEU H 239 -12.59 -4.42 19.04
N GLU H 240 -13.57 -4.55 19.92
CA GLU H 240 -13.43 -5.37 21.12
C GLU H 240 -13.50 -6.85 20.81
N THR H 241 -14.29 -7.21 19.80
CA THR H 241 -14.35 -8.60 19.30
C THR H 241 -12.98 -9.03 18.80
N VAL H 242 -12.35 -8.19 17.99
CA VAL H 242 -11.00 -8.50 17.49
C VAL H 242 -10.01 -8.54 18.68
N GLY H 243 -10.13 -7.59 19.60
CA GLY H 243 -9.34 -7.58 20.81
C GLY H 243 -9.43 -8.91 21.56
N LEU H 244 -10.66 -9.43 21.70
CA LEU H 244 -10.88 -10.70 22.40
C LEU H 244 -10.30 -11.88 21.66
N GLN H 245 -10.37 -11.83 20.34
CA GLN H 245 -9.78 -12.85 19.50
C GLN H 245 -8.24 -12.85 19.64
N TRP H 246 -7.62 -11.68 19.55
CA TRP H 246 -6.18 -11.56 19.79
C TRP H 246 -5.84 -12.07 21.18
N ALA H 247 -6.65 -11.70 22.19
CA ALA H 247 -6.38 -12.12 23.55
C ALA H 247 -6.47 -13.66 23.66
N ALA H 248 -7.46 -14.25 23.01
CA ALA H 248 -7.59 -15.70 23.03
C ALA H 248 -6.38 -16.42 22.39
N GLU H 249 -5.88 -15.87 21.28
CA GLU H 249 -4.71 -16.47 20.65
C GLU H 249 -3.49 -16.36 21.60
N ILE H 250 -3.33 -15.21 22.28
CA ILE H 250 -2.28 -15.06 23.30
C ILE H 250 -2.44 -16.06 24.44
N ASN H 251 -3.66 -16.17 24.97
CA ASN H 251 -3.91 -17.06 26.11
C ASN H 251 -3.85 -18.53 25.78
N ALA H 252 -3.86 -18.87 24.50
CA ALA H 252 -3.75 -20.26 24.09
C ALA H 252 -2.29 -20.78 24.07
N LYS H 253 -1.33 -19.92 24.36
CA LYS H 253 0.06 -20.35 24.38
C LYS H 253 0.55 -20.53 25.81
N SER H 254 1.74 -21.12 25.97
CA SER H 254 2.39 -21.25 27.27
C SER H 254 2.55 -19.90 27.97
N PRO H 255 1.87 -19.72 29.10
CA PRO H 255 1.95 -18.47 29.84
C PRO H 255 3.40 -18.11 30.26
N GLN H 256 4.17 -19.13 30.64
CA GLN H 256 5.59 -18.99 30.95
C GLN H 256 6.38 -18.44 29.77
N ALA H 257 6.17 -19.01 28.58
CA ALA H 257 6.85 -18.53 27.39
C ALA H 257 6.44 -17.08 27.06
N GLN H 258 5.17 -16.72 27.28
CA GLN H 258 4.68 -15.40 26.91
C GLN H 258 5.31 -14.33 27.80
N ARG H 259 5.35 -14.62 29.10
CA ARG H 259 6.07 -13.86 30.12
C ARG H 259 7.57 -13.64 29.77
N MET H 260 8.28 -14.72 29.48
CA MET H 260 9.69 -14.63 29.09
C MET H 260 9.84 -13.73 27.87
N LEU H 261 8.95 -13.92 26.90
CA LEU H 261 9.01 -13.21 25.65
C LEU H 261 8.84 -11.70 25.90
N LYS H 262 7.84 -11.34 26.68
CA LYS H 262 7.59 -9.92 26.92
C LYS H 262 8.85 -9.26 27.52
N PHE H 263 9.45 -9.93 28.49
CA PHE H 263 10.61 -9.40 29.16
C PHE H 263 11.82 -9.44 28.22
N ALA H 264 11.88 -10.42 27.31
CA ALA H 264 12.97 -10.47 26.33
C ALA H 264 12.87 -9.26 25.40
N PHE H 265 11.64 -8.91 25.01
CA PHE H 265 11.43 -7.74 24.18
C PHE H 265 11.78 -6.45 24.90
N ASN H 266 11.45 -6.34 26.19
CA ASN H 266 11.77 -5.12 26.96
C ASN H 266 13.28 -5.02 27.23
N LEU H 267 13.93 -6.18 27.36
CA LEU H 267 15.21 -6.29 28.05
C LEU H 267 16.22 -5.14 27.77
N LEU H 268 16.81 -5.14 26.58
CA LEU H 268 17.90 -4.21 26.31
C LEU H 268 17.47 -2.74 26.33
N ASP H 269 16.29 -2.45 25.79
CA ASP H 269 15.70 -1.12 25.83
C ASP H 269 15.58 -0.58 27.25
N ASP H 270 15.32 -1.47 28.20
CA ASP H 270 15.08 -1.10 29.59
C ASP H 270 16.33 -1.24 30.47
N GLY H 271 17.50 -1.51 29.85
CA GLY H 271 18.76 -1.55 30.59
C GLY H 271 18.70 -2.51 31.78
N LEU H 272 19.26 -2.07 32.92
CA LEU H 272 19.26 -2.88 34.14
C LEU H 272 17.89 -3.34 34.63
N VAL H 273 16.88 -2.51 34.41
CA VAL H 273 15.51 -2.86 34.78
C VAL H 273 15.03 -4.01 33.90
N GLY H 274 15.31 -3.88 32.60
CA GLY H 274 15.00 -4.95 31.67
C GLY H 274 15.67 -6.25 32.09
N GLN H 275 16.97 -6.17 32.37
CA GLN H 275 17.69 -7.35 32.81
C GLN H 275 17.09 -7.87 34.11
N GLN H 276 16.78 -6.97 35.07
CA GLN H 276 16.23 -7.37 36.34
C GLN H 276 14.99 -8.26 36.16
N LEU H 277 14.07 -7.83 35.30
CA LEU H 277 12.82 -8.53 35.10
C LEU H 277 13.00 -9.86 34.38
N PHE H 278 13.82 -9.87 33.34
CA PHE H 278 14.07 -11.11 32.59
C PHE H 278 14.83 -12.09 33.46
N ALA H 279 15.89 -11.61 34.10
CA ALA H 279 16.64 -12.47 35.02
C ALA H 279 15.77 -13.03 36.16
N GLY H 280 14.85 -12.21 36.66
CA GLY H 280 13.96 -12.62 37.73
C GLY H 280 13.13 -13.80 37.30
N GLU H 281 12.68 -13.80 36.06
CA GLU H 281 11.99 -14.96 35.53
C GLU H 281 12.91 -16.19 35.39
N ALA H 282 14.16 -15.97 35.00
CA ALA H 282 15.13 -17.06 34.91
C ALA H 282 15.44 -17.64 36.30
N THR H 283 15.57 -16.76 37.29
CA THR H 283 15.71 -17.19 38.67
C THR H 283 14.55 -18.11 39.10
N ARG H 284 13.32 -17.70 38.81
CA ARG H 284 12.14 -18.49 39.10
C ARG H 284 12.21 -19.87 38.45
N LEU H 285 12.56 -19.91 37.17
CA LEU H 285 12.71 -21.17 36.47
C LEU H 285 13.78 -22.06 37.13
N ALA H 286 14.89 -21.47 37.54
CA ALA H 286 15.96 -22.26 38.17
C ALA H 286 15.53 -22.88 39.51
N TYR H 287 14.73 -22.14 40.27
CA TYR H 287 14.21 -22.56 41.57
C TYR H 287 13.48 -23.90 41.49
N MET H 288 12.80 -24.10 40.38
CA MET H 288 11.98 -25.29 40.15
C MET H 288 12.79 -26.56 39.84
N THR H 289 14.06 -26.41 39.45
CA THR H 289 14.87 -27.56 39.03
C THR H 289 15.39 -28.41 40.20
N ASP H 290 15.83 -29.63 39.88
CA ASP H 290 16.35 -30.55 40.88
C ASP H 290 17.64 -30.03 41.50
N GLU H 291 18.49 -29.44 40.65
CA GLU H 291 19.73 -28.81 41.06
C GLU H 291 19.51 -27.80 42.19
N ALA H 292 18.56 -26.88 42.00
CA ALA H 292 18.21 -25.88 43.01
C ALA H 292 17.61 -26.47 44.30
N VAL H 293 16.94 -27.61 44.18
CA VAL H 293 16.39 -28.33 45.32
C VAL H 293 17.54 -28.86 46.18
N GLU H 294 18.49 -29.52 45.52
CA GLU H 294 19.73 -30.00 46.15
C GLU H 294 20.45 -28.92 46.97
N GLY H 295 20.61 -27.74 46.38
CA GLY H 295 21.27 -26.63 47.05
C GLY H 295 20.51 -26.18 48.28
N ARG H 296 19.19 -26.17 48.18
CA ARG H 296 18.33 -25.74 49.27
C ARG H 296 18.25 -26.77 50.38
N ASP H 297 18.27 -28.05 49.99
CA ASP H 297 18.27 -29.19 50.91
C ASP H 297 19.52 -29.11 51.81
N ALA H 298 20.67 -29.14 51.15
CA ALA H 298 21.97 -29.18 51.80
C ALA H 298 22.22 -28.00 52.75
N PHE H 299 21.59 -26.86 52.50
CA PHE H 299 21.69 -25.74 53.44
C PHE H 299 20.94 -26.03 54.76
N LEU H 300 19.67 -26.44 54.64
CA LEU H 300 18.82 -26.81 55.79
C LEU H 300 19.39 -28.00 56.57
N GLN H 301 19.88 -29.01 55.83
CA GLN H 301 20.43 -30.23 56.39
C GLN H 301 21.89 -30.10 56.84
N LYS H 302 22.42 -28.87 56.79
CA LYS H 302 23.79 -28.54 57.21
C LYS H 302 24.92 -29.38 56.57
N ARG H 303 24.60 -30.12 55.50
CA ARG H 303 25.56 -30.96 54.78
C ARG H 303 26.17 -30.21 53.55
N PRO H 304 27.25 -30.73 52.95
CA PRO H 304 27.71 -30.21 51.66
C PRO H 304 26.81 -30.69 50.48
N PRO H 305 26.53 -29.82 49.53
CA PRO H 305 25.71 -30.19 48.37
C PRO H 305 26.45 -31.08 47.39
N ASP H 306 25.71 -31.95 46.69
CA ASP H 306 26.30 -32.80 45.68
C ASP H 306 25.79 -32.40 44.29
N TRP H 307 26.72 -31.93 43.44
CA TRP H 307 26.38 -31.41 42.11
C TRP H 307 26.69 -32.39 41.00
N SER H 308 27.10 -33.60 41.38
CA SER H 308 27.47 -34.66 40.43
C SER H 308 26.38 -35.12 39.43
N PRO H 309 25.11 -35.26 39.84
CA PRO H 309 24.05 -35.64 38.88
C PRO H 309 23.79 -34.63 37.75
N PHE H 310 24.09 -33.35 37.98
CA PHE H 310 23.78 -32.26 37.04
C PHE H 310 24.99 -31.82 36.21
N PRO H 311 24.88 -31.94 34.89
CA PRO H 311 26.03 -31.71 34.01
C PRO H 311 26.28 -30.23 33.71
N ARG H 312 27.46 -29.96 33.16
CA ARG H 312 27.82 -28.61 32.76
C ARG H 312 27.47 -28.40 31.30
N TYR H 313 26.20 -28.04 31.07
CA TYR H 313 25.68 -27.73 29.73
C TYR H 313 26.46 -26.60 29.05
N PHE H 314 26.58 -26.66 27.73
CA PHE H 314 27.35 -25.68 26.96
C PHE H 314 26.67 -25.12 25.70
N ASN I 18 10.20 24.63 -10.63
CA ASN I 18 11.28 24.96 -9.63
C ASN I 18 10.75 25.23 -8.23
N PRO I 19 11.24 24.46 -7.26
CA PRO I 19 10.71 24.52 -5.89
C PRO I 19 10.96 25.88 -5.21
N PHE I 20 12.04 26.55 -5.58
CA PHE I 20 12.44 27.83 -5.00
C PHE I 20 11.53 29.01 -5.38
N ASP I 21 10.84 29.59 -4.41
CA ASP I 21 10.04 30.78 -4.59
C ASP I 21 10.82 32.02 -4.03
N ALA I 22 11.49 32.73 -4.95
CA ALA I 22 12.27 33.94 -4.64
C ALA I 22 11.57 34.99 -3.76
N LYS I 23 10.27 35.19 -3.97
CA LYS I 23 9.49 36.13 -3.17
C LYS I 23 9.44 35.84 -1.67
N ALA I 24 9.65 34.56 -1.28
CA ALA I 24 9.50 34.15 0.11
C ALA I 24 10.77 34.33 0.94
N TRP I 25 11.89 34.60 0.28
CA TRP I 25 13.20 34.53 0.92
C TRP I 25 14.02 35.82 0.79
N ARG I 26 14.78 36.15 1.83
CA ARG I 26 15.75 37.26 1.83
C ARG I 26 17.11 36.74 2.20
N LEU I 27 18.16 37.32 1.64
CA LEU I 27 19.52 36.95 2.03
C LEU I 27 19.80 37.28 3.50
N VAL I 28 20.67 36.49 4.14
CA VAL I 28 21.05 36.77 5.53
C VAL I 28 22.27 37.67 5.49
N ASP I 29 22.24 38.75 6.28
CA ASP I 29 23.33 39.73 6.30
C ASP I 29 24.63 39.10 6.75
N GLY I 30 25.72 39.40 6.03
CA GLY I 30 27.03 38.95 6.45
C GLY I 30 27.54 37.74 5.69
N PHE I 31 26.81 37.31 4.66
CA PHE I 31 27.14 36.10 3.92
C PHE I 31 27.26 36.32 2.40
N ASP I 32 27.72 37.53 2.02
CA ASP I 32 27.95 37.92 0.63
C ASP I 32 29.06 37.13 -0.04
N ASP I 33 30.03 36.68 0.74
CA ASP I 33 31.14 35.89 0.21
C ASP I 33 30.84 34.39 -0.09
N LEU I 34 29.61 33.94 0.15
CA LEU I 34 29.26 32.52 -0.06
C LEU I 34 29.32 32.14 -1.55
N THR I 35 30.08 31.11 -1.90
CA THR I 35 30.10 30.63 -3.30
C THR I 35 29.39 29.27 -3.49
N ASP I 36 29.55 28.35 -2.54
CA ASP I 36 29.11 26.95 -2.69
C ASP I 36 27.77 26.66 -2.02
N ILE I 37 27.24 27.61 -1.26
CA ILE I 37 26.06 27.44 -0.43
C ILE I 37 25.25 28.70 -0.54
N THR I 38 23.93 28.62 -0.55
CA THR I 38 23.13 29.84 -0.27
C THR I 38 22.37 29.74 1.04
N TYR I 39 22.00 30.91 1.54
CA TYR I 39 21.50 31.06 2.88
C TYR I 39 20.51 32.22 2.93
N HIS I 40 19.24 31.87 3.09
CA HIS I 40 18.14 32.80 3.14
C HIS I 40 17.34 32.65 4.43
N ARG I 41 16.75 33.77 4.86
CA ARG I 41 15.80 33.79 5.94
C ARG I 41 14.45 34.05 5.30
N HIS I 42 13.39 33.46 5.84
CA HIS I 42 12.07 33.68 5.29
C HIS I 42 11.55 35.09 5.59
N VAL I 43 10.71 35.63 4.71
CA VAL I 43 10.27 37.02 4.85
C VAL I 43 9.46 37.24 6.12
N ASP I 44 8.70 36.23 6.56
CA ASP I 44 7.89 36.32 7.77
C ASP I 44 8.25 35.28 8.85
N ASP I 45 8.43 34.02 8.43
CA ASP I 45 8.58 32.89 9.37
C ASP I 45 9.98 32.75 9.98
N ALA I 46 10.02 32.11 11.15
CA ALA I 46 11.27 31.78 11.84
C ALA I 46 11.95 30.55 11.22
N THR I 47 12.19 30.62 9.91
CA THR I 47 12.76 29.53 9.13
C THR I 47 13.87 30.03 8.22
N VAL I 48 14.93 29.23 8.08
CA VAL I 48 15.99 29.52 7.10
C VAL I 48 16.09 28.47 6.02
N ARG I 49 16.69 28.84 4.90
CA ARG I 49 16.90 27.91 3.80
C ARG I 49 18.38 27.88 3.52
N VAL I 50 18.94 26.68 3.65
CA VAL I 50 20.36 26.45 3.50
C VAL I 50 20.49 25.41 2.40
N ALA I 51 21.27 25.73 1.37
CA ALA I 51 21.22 24.95 0.13
C ALA I 51 22.54 24.84 -0.57
N PHE I 52 22.85 23.62 -1.00
CA PHE I 52 24.03 23.41 -1.82
C PHE I 52 23.87 24.20 -3.12
N ASN I 53 24.94 24.84 -3.57
CA ASN I 53 24.83 25.70 -4.74
C ASN I 53 25.92 25.41 -5.74
N ARG I 54 26.06 24.12 -6.06
CA ARG I 54 26.95 23.67 -7.12
C ARG I 54 26.21 22.71 -8.02
N PRO I 55 25.07 23.13 -8.58
CA PRO I 55 24.23 22.20 -9.35
C PRO I 55 24.92 21.62 -10.58
N GLU I 56 26.02 22.24 -11.06
CA GLU I 56 26.74 21.71 -12.23
C GLU I 56 27.44 20.41 -11.89
N VAL I 57 27.71 20.17 -10.60
CA VAL I 57 28.37 18.92 -10.22
C VAL I 57 27.48 18.08 -9.30
N ARG I 58 26.17 18.14 -9.56
CA ARG I 58 25.17 17.42 -8.78
C ARG I 58 25.29 17.79 -7.29
N ASN I 59 25.60 19.06 -7.03
CA ASN I 59 25.69 19.59 -5.67
C ASN I 59 26.63 18.85 -4.74
N ALA I 60 27.69 18.27 -5.31
CA ALA I 60 28.77 17.65 -4.53
C ALA I 60 29.47 18.71 -3.69
N PHE I 61 29.95 18.29 -2.51
CA PHE I 61 30.67 19.18 -1.61
C PHE I 61 32.18 18.96 -1.67
N ARG I 62 32.91 20.06 -1.83
CA ARG I 62 34.37 20.06 -1.75
C ARG I 62 34.66 20.66 -0.36
N PRO I 63 35.90 20.54 0.12
CA PRO I 63 36.22 21.09 1.44
C PRO I 63 35.70 22.51 1.69
N HIS I 64 35.77 23.37 0.68
CA HIS I 64 35.29 24.75 0.82
C HIS I 64 33.78 24.77 1.09
N THR I 65 33.03 23.87 0.44
CA THR I 65 31.57 23.74 0.64
C THR I 65 31.24 23.41 2.10
N VAL I 66 31.99 22.45 2.64
CA VAL I 66 31.81 21.99 4.02
C VAL I 66 32.05 23.13 5.03
N ASP I 67 33.14 23.89 4.84
CA ASP I 67 33.39 25.10 5.63
C ASP I 67 32.22 26.07 5.61
N GLU I 68 31.67 26.31 4.42
CA GLU I 68 30.56 27.26 4.31
C GLU I 68 29.32 26.68 4.95
N LEU I 69 29.04 25.41 4.66
CA LEU I 69 27.86 24.75 5.25
C LEU I 69 27.94 24.76 6.77
N TYR I 70 29.12 24.46 7.33
CA TYR I 70 29.36 24.60 8.78
C TYR I 70 29.04 25.99 9.34
N ARG I 71 29.66 27.01 8.76
CA ARG I 71 29.48 28.37 9.27
C ARG I 71 28.03 28.78 9.17
N VAL I 72 27.36 28.35 8.11
CA VAL I 72 25.98 28.73 7.85
C VAL I 72 25.05 28.06 8.86
N LEU I 73 25.20 26.75 9.04
CA LEU I 73 24.36 26.04 10.04
C LEU I 73 24.65 26.54 11.44
N ASP I 74 25.92 26.79 11.73
CA ASP I 74 26.32 27.32 13.02
C ASP I 74 25.63 28.63 13.30
N HIS I 75 25.61 29.51 12.29
CA HIS I 75 24.98 30.80 12.45
C HIS I 75 23.50 30.65 12.67
N ALA I 76 22.90 29.67 11.97
CA ALA I 76 21.48 29.40 12.15
C ALA I 76 21.21 28.86 13.56
N ARG I 77 22.10 28.01 14.07
CA ARG I 77 21.98 27.49 15.44
C ARG I 77 21.96 28.63 16.45
N MET I 78 22.80 29.64 16.21
CA MET I 78 22.97 30.72 17.17
C MET I 78 21.96 31.85 16.99
N SER I 79 21.10 31.76 15.96
CA SER I 79 20.08 32.79 15.72
C SER I 79 18.82 32.52 16.54
N PRO I 80 18.57 33.32 17.56
CA PRO I 80 17.50 33.01 18.52
C PRO I 80 16.11 33.23 17.93
N ASP I 81 16.02 33.86 16.76
CA ASP I 81 14.72 34.07 16.10
C ASP I 81 14.49 33.09 14.94
N VAL I 82 15.34 32.07 14.84
CA VAL I 82 15.18 31.01 13.83
C VAL I 82 14.84 29.69 14.54
N GLY I 83 13.68 29.11 14.19
CA GLY I 83 13.25 27.85 14.78
C GLY I 83 13.53 26.58 13.98
N VAL I 84 13.62 26.72 12.65
CA VAL I 84 13.71 25.57 11.77
C VAL I 84 14.68 25.83 10.64
N VAL I 85 15.52 24.85 10.33
CA VAL I 85 16.40 24.94 9.16
C VAL I 85 15.88 23.98 8.09
N LEU I 86 15.70 24.53 6.89
CA LEU I 86 15.40 23.74 5.73
C LEU I 86 16.68 23.58 4.94
N LEU I 87 17.14 22.35 4.84
CA LEU I 87 18.39 22.02 4.16
C LEU I 87 18.07 21.39 2.82
N THR I 88 18.59 21.98 1.75
CA THR I 88 18.23 21.55 0.42
C THR I 88 19.32 21.79 -0.58
N GLY I 89 19.02 21.58 -1.86
CA GLY I 89 19.98 21.78 -2.93
C GLY I 89 19.32 22.64 -3.99
N ASN I 90 20.09 23.60 -4.51
CA ASN I 90 19.61 24.44 -5.61
C ASN I 90 19.78 23.71 -6.94
N GLY I 91 18.93 24.06 -7.92
CA GLY I 91 19.06 23.52 -9.26
C GLY I 91 18.04 24.14 -10.21
N PRO I 92 17.86 23.55 -11.39
CA PRO I 92 18.59 22.34 -11.81
C PRO I 92 19.99 22.61 -12.37
N SER I 93 20.69 21.56 -12.80
CA SER I 93 21.96 21.70 -13.47
C SER I 93 21.83 22.54 -14.79
N PRO I 94 22.61 23.62 -14.92
CA PRO I 94 22.59 24.42 -16.15
C PRO I 94 23.17 23.62 -17.33
N LYS I 95 23.95 22.57 -17.05
CA LYS I 95 24.53 21.74 -18.10
C LYS I 95 23.55 20.71 -18.70
N ASP I 96 22.81 20.00 -17.84
CA ASP I 96 21.94 18.93 -18.33
C ASP I 96 20.51 18.89 -17.79
N GLY I 97 20.13 19.88 -16.98
CA GLY I 97 18.77 19.95 -16.45
C GLY I 97 18.48 18.97 -15.31
N GLY I 98 19.48 18.23 -14.84
CA GLY I 98 19.30 17.23 -13.79
C GLY I 98 19.27 17.84 -12.41
N TRP I 99 18.49 17.22 -11.51
CA TRP I 99 18.26 17.74 -10.17
C TRP I 99 19.04 16.99 -9.11
N ALA I 100 19.57 17.72 -8.13
CA ALA I 100 20.32 17.11 -7.07
C ALA I 100 20.15 17.83 -5.75
N PHE I 101 19.98 17.05 -4.68
CA PHE I 101 20.10 17.61 -3.36
C PHE I 101 21.60 17.78 -3.09
N CYS I 102 22.33 16.67 -3.18
CA CYS I 102 23.77 16.63 -2.90
C CYS I 102 24.29 15.24 -3.20
N SER I 103 25.37 15.17 -3.96
CA SER I 103 25.88 13.87 -4.41
C SER I 103 27.07 13.40 -3.60
N GLY I 104 27.31 14.05 -2.46
CA GLY I 104 28.44 13.69 -1.62
C GLY I 104 29.74 14.43 -1.91
N GLY I 105 30.85 13.83 -1.48
CA GLY I 105 32.14 14.48 -1.57
C GLY I 105 32.56 14.67 -3.01
N ASP I 106 33.13 15.85 -3.31
CA ASP I 106 33.65 16.14 -4.66
C ASP I 106 34.82 15.22 -4.96
N GLN I 107 34.69 14.45 -6.04
CA GLN I 107 35.72 13.48 -6.41
C GLN I 107 36.57 13.96 -7.59
N LEU I 134 36.24 14.57 6.55
CA LEU I 134 35.92 14.49 7.98
C LEU I 134 35.37 15.79 8.58
N HIS I 135 35.51 16.90 7.86
CA HIS I 135 34.84 18.13 8.25
C HIS I 135 33.32 17.86 8.15
N ILE I 136 32.89 16.99 7.24
CA ILE I 136 31.46 16.67 7.14
C ILE I 136 30.87 15.96 8.40
N LEU I 137 31.68 15.19 9.09
CA LEU I 137 31.24 14.56 10.33
C LEU I 137 30.92 15.63 11.34
N GLU I 138 31.66 16.74 11.29
CA GLU I 138 31.38 17.88 12.15
C GLU I 138 30.06 18.55 11.81
N VAL I 139 29.75 18.60 10.53
CA VAL I 139 28.48 19.15 10.11
C VAL I 139 27.35 18.22 10.54
N GLN I 140 27.53 16.92 10.38
CA GLN I 140 26.58 15.92 10.94
C GLN I 140 26.27 16.22 12.42
N ARG I 141 27.30 16.42 13.22
CA ARG I 141 27.11 16.69 14.64
C ARG I 141 26.42 18.01 14.91
N LEU I 142 26.77 19.03 14.12
CA LEU I 142 26.04 20.28 14.16
C LEU I 142 24.54 20.11 13.95
N ILE I 143 24.13 19.44 12.88
CA ILE I 143 22.70 19.21 12.66
C ILE I 143 22.10 18.39 13.82
N ARG I 144 22.85 17.38 14.27
CA ARG I 144 22.36 16.48 15.30
C ARG I 144 22.16 17.22 16.63
N PHE I 145 23.12 18.04 17.02
CA PHE I 145 23.11 18.63 18.36
C PHE I 145 22.38 19.98 18.43
N MET I 146 22.07 20.59 17.30
CA MET I 146 21.46 21.91 17.35
C MET I 146 20.03 21.81 17.87
N PRO I 147 19.69 22.70 18.80
CA PRO I 147 18.37 22.66 19.45
C PRO I 147 17.29 23.27 18.57
N LYS I 148 17.29 22.91 17.29
CA LYS I 148 16.27 23.28 16.33
C LYS I 148 16.06 22.10 15.40
N VAL I 149 14.87 22.03 14.81
CA VAL I 149 14.54 20.99 13.87
C VAL I 149 15.16 21.29 12.53
N VAL I 150 15.89 20.31 11.99
CA VAL I 150 16.42 20.42 10.64
C VAL I 150 15.66 19.47 9.75
N ILE I 151 15.00 20.05 8.74
CA ILE I 151 14.27 19.34 7.68
C ILE I 151 15.08 19.28 6.39
N CYS I 152 15.38 18.06 5.95
CA CYS I 152 16.03 17.92 4.66
C CYS I 152 14.95 17.90 3.56
N LEU I 153 15.10 18.77 2.55
CA LEU I 153 14.19 18.70 1.42
C LEU I 153 14.98 18.13 0.26
N VAL I 154 14.74 16.86 -0.03
CA VAL I 154 15.50 16.17 -1.06
C VAL I 154 14.81 16.41 -2.39
N ASN I 155 15.45 17.29 -3.19
CA ASN I 155 14.86 17.84 -4.40
C ASN I 155 15.46 17.18 -5.63
N GLY I 156 16.31 16.19 -5.42
CA GLY I 156 17.02 15.54 -6.51
C GLY I 156 17.86 14.43 -5.95
N TRP I 157 18.90 14.02 -6.67
CA TRP I 157 19.79 12.99 -6.19
C TRP I 157 20.29 13.29 -4.79
N ALA I 158 20.30 12.26 -3.95
CA ALA I 158 20.96 12.31 -2.65
C ALA I 158 21.80 11.06 -2.57
N ALA I 159 23.11 11.26 -2.74
CA ALA I 159 24.03 10.15 -2.91
C ALA I 159 25.23 10.28 -1.99
N GLY I 160 25.78 9.13 -1.58
CA GLY I 160 26.95 9.08 -0.70
C GLY I 160 26.75 9.94 0.50
N GLY I 161 27.73 10.81 0.79
CA GLY I 161 27.64 11.77 1.86
C GLY I 161 26.38 12.59 1.86
N GLY I 162 25.81 12.80 0.67
CA GLY I 162 24.62 13.61 0.53
C GLY I 162 23.47 12.83 1.10
N HIS I 163 23.49 11.52 0.86
CA HIS I 163 22.48 10.59 1.41
C HIS I 163 22.57 10.62 2.95
N SER I 164 23.80 10.53 3.45
CA SER I 164 24.03 10.53 4.87
C SER I 164 23.61 11.82 5.56
N LEU I 165 23.82 12.97 4.91
CA LEU I 165 23.28 14.21 5.43
C LEU I 165 21.75 14.16 5.58
N HIS I 166 21.04 13.60 4.62
CA HIS I 166 19.59 13.49 4.75
C HIS I 166 19.21 12.60 5.95
N VAL I 167 19.92 11.50 6.10
CA VAL I 167 19.64 10.54 7.17
C VAL I 167 19.72 11.21 8.52
N VAL I 168 20.72 12.07 8.70
CA VAL I 168 21.00 12.70 10.00
C VAL I 168 20.03 13.85 10.34
N CYS I 169 19.39 14.43 9.34
CA CYS I 169 18.42 15.46 9.65
C CYS I 169 17.25 14.88 10.42
N ASP I 170 16.57 15.71 11.20
CA ASP I 170 15.43 15.31 11.98
C ASP I 170 14.26 14.79 11.15
N LEU I 171 13.96 15.47 10.05
CA LEU I 171 12.86 15.13 9.13
C LEU I 171 13.35 15.22 7.70
N THR I 172 12.67 14.53 6.79
CA THR I 172 12.98 14.58 5.36
C THR I 172 11.70 14.62 4.56
N LEU I 173 11.60 15.64 3.71
CA LEU I 173 10.53 15.72 2.72
C LEU I 173 11.18 15.53 1.36
N ALA I 174 10.54 14.75 0.48
CA ALA I 174 11.20 14.44 -0.79
C ALA I 174 10.34 14.72 -2.02
N SER I 175 11.01 15.16 -3.09
CA SER I 175 10.31 15.49 -4.32
C SER I 175 9.91 14.22 -5.04
N ARG I 176 8.63 14.10 -5.35
CA ARG I 176 8.07 12.82 -5.88
C ARG I 176 8.73 12.47 -7.17
N GLU I 177 8.80 13.45 -8.07
CA GLU I 177 9.35 13.22 -9.42
C GLU I 177 10.86 13.08 -9.45
N TYR I 178 11.58 13.70 -8.52
CA TYR I 178 13.01 13.82 -8.72
C TYR I 178 13.91 13.38 -7.58
N ALA I 179 13.37 13.14 -6.38
CA ALA I 179 14.27 12.69 -5.32
C ALA I 179 14.72 11.31 -5.69
N ARG I 180 16.02 11.08 -5.60
CA ARG I 180 16.60 9.76 -5.83
C ARG I 180 17.62 9.47 -4.75
N PHE I 181 17.49 8.30 -4.12
CA PHE I 181 18.34 7.99 -2.98
C PHE I 181 19.21 6.84 -3.36
N LYS I 182 20.51 7.02 -3.21
CA LYS I 182 21.45 6.01 -3.65
C LYS I 182 22.66 6.08 -2.76
N GLN I 183 22.90 5.02 -1.98
CA GLN I 183 24.11 4.93 -1.18
C GLN I 183 25.26 4.26 -1.93
N THR I 184 26.07 5.12 -2.55
CA THR I 184 27.13 4.76 -3.45
C THR I 184 28.44 4.42 -2.77
N ASP I 185 28.55 4.64 -1.46
CA ASP I 185 29.88 4.54 -0.81
C ASP I 185 30.70 3.31 -1.17
N ALA I 186 30.11 2.12 -1.00
CA ALA I 186 30.85 0.88 -1.19
C ALA I 186 31.35 0.68 -2.64
N ASP I 187 30.69 1.33 -3.61
CA ASP I 187 31.16 1.35 -5.00
C ASP I 187 32.58 1.86 -5.10
N VAL I 188 32.86 2.95 -4.38
CA VAL I 188 34.16 3.63 -4.43
C VAL I 188 35.15 3.21 -3.33
N GLY I 189 34.80 2.20 -2.54
CA GLY I 189 35.68 1.73 -1.48
C GLY I 189 35.62 2.55 -0.19
N SER I 190 34.60 3.41 -0.10
CA SER I 190 34.33 4.21 1.11
C SER I 190 33.11 3.67 1.88
N PHE I 191 32.84 4.26 3.06
CA PHE I 191 31.68 3.90 3.86
C PHE I 191 31.45 4.94 4.96
N ASP I 192 30.21 5.37 5.12
CA ASP I 192 29.84 6.11 6.34
C ASP I 192 29.41 5.06 7.41
N GLY I 193 30.30 4.83 8.37
CA GLY I 193 30.11 3.82 9.39
C GLY I 193 29.40 4.39 10.59
N GLY I 194 28.82 5.58 10.45
CA GLY I 194 28.27 6.29 11.60
C GLY I 194 26.78 6.53 11.49
N TYR I 195 26.40 7.80 11.47
CA TYR I 195 25.03 8.19 11.29
C TYR I 195 24.42 7.80 9.94
N GLY I 196 25.22 7.75 8.88
CA GLY I 196 24.73 7.40 7.56
C GLY I 196 24.15 5.97 7.49
N SER I 197 24.72 5.05 8.28
CA SER I 197 24.35 3.63 8.24
C SER I 197 23.59 3.22 9.49
N ALA I 198 24.27 3.26 10.64
CA ALA I 198 23.68 2.83 11.91
C ALA I 198 22.45 3.64 12.29
N TYR I 199 22.43 4.95 12.04
CA TYR I 199 21.23 5.72 12.36
C TYR I 199 20.10 5.50 11.37
N LEU I 200 20.44 5.23 10.09
CA LEU I 200 19.46 4.87 9.09
C LEU I 200 18.71 3.59 9.55
N ALA I 201 19.45 2.62 10.07
CA ALA I 201 18.85 1.42 10.66
C ALA I 201 17.80 1.76 11.74
N ARG I 202 17.93 2.92 12.41
CA ARG I 202 16.95 3.31 13.42
C ARG I 202 15.75 4.04 12.84
N GLN I 203 15.71 4.12 11.51
CA GLN I 203 14.54 4.72 10.81
C GLN I 203 13.81 3.65 10.00
N VAL I 204 14.57 2.88 9.23
CA VAL I 204 14.00 1.88 8.33
C VAL I 204 14.17 0.45 8.86
N GLY I 205 14.84 0.30 9.99
CA GLY I 205 15.11 -1.03 10.55
C GLY I 205 16.35 -1.67 9.89
N GLN I 206 16.90 -2.69 10.55
CA GLN I 206 18.17 -3.27 10.13
C GLN I 206 18.15 -3.97 8.76
N LYS I 207 17.04 -4.58 8.35
CA LYS I 207 17.08 -5.28 7.07
C LYS I 207 17.17 -4.26 5.94
N PHE I 208 16.27 -3.26 5.96
CA PHE I 208 16.25 -2.25 4.88
C PHE I 208 17.56 -1.46 4.80
N ALA I 209 18.10 -1.07 5.96
CA ALA I 209 19.32 -0.26 5.96
C ALA I 209 20.51 -1.03 5.40
N ARG I 210 20.62 -2.32 5.76
CA ARG I 210 21.69 -3.16 5.19
C ARG I 210 21.54 -3.22 3.65
N GLU I 211 20.31 -3.40 3.17
CA GLU I 211 20.01 -3.44 1.74
C GLU I 211 20.47 -2.14 1.05
N ILE I 212 20.08 -1.00 1.64
CA ILE I 212 20.40 0.30 1.06
C ILE I 212 21.90 0.41 0.79
N PHE I 213 22.73 0.00 1.76
CA PHE I 213 24.17 0.08 1.64
C PHE I 213 24.84 -1.05 0.82
N PHE I 214 24.40 -2.30 1.02
CA PHE I 214 25.09 -3.44 0.48
C PHE I 214 24.91 -3.49 -1.05
N LEU I 215 23.73 -3.15 -1.54
CA LEU I 215 23.49 -3.18 -2.99
C LEU I 215 23.67 -1.85 -3.66
N GLY I 216 23.49 -0.74 -2.94
CA GLY I 216 23.66 0.58 -3.52
C GLY I 216 22.70 0.91 -4.65
N ARG I 217 21.48 0.41 -4.57
CA ARG I 217 20.44 0.72 -5.56
C ARG I 217 19.92 2.14 -5.40
N THR I 218 19.20 2.59 -6.42
CA THR I 218 18.54 3.88 -6.40
C THR I 218 17.12 3.69 -5.96
N TYR I 219 16.66 4.53 -5.04
CA TYR I 219 15.29 4.47 -4.54
C TYR I 219 14.58 5.79 -4.83
N THR I 220 13.28 5.70 -5.02
CA THR I 220 12.42 6.85 -5.23
C THR I 220 12.01 7.41 -3.88
N ALA I 221 11.40 8.59 -3.90
CA ALA I 221 10.81 9.21 -2.72
C ALA I 221 9.77 8.29 -2.03
N GLU I 222 8.90 7.68 -2.83
CA GLU I 222 7.81 6.90 -2.31
C GLU I 222 8.35 5.60 -1.70
N GLN I 223 9.36 5.01 -2.32
CA GLN I 223 10.02 3.84 -1.73
C GLN I 223 10.64 4.14 -0.34
N MET I 224 11.39 5.24 -0.24
CA MET I 224 11.99 5.62 1.05
C MET I 224 10.97 5.98 2.05
N HIS I 225 9.84 6.53 1.58
CA HIS I 225 8.72 6.82 2.45
C HIS I 225 8.10 5.52 3.03
N GLN I 226 7.92 4.51 2.18
CA GLN I 226 7.39 3.23 2.65
C GLN I 226 8.35 2.60 3.66
N MET I 227 9.66 2.73 3.41
CA MET I 227 10.68 2.13 4.27
C MET I 227 10.81 2.85 5.64
N GLY I 228 10.54 4.15 5.68
CA GLY I 228 10.59 4.89 6.93
C GLY I 228 11.61 6.03 6.98
N ALA I 229 12.34 6.27 5.90
CA ALA I 229 13.41 7.27 5.96
C ALA I 229 12.94 8.64 5.42
N VAL I 230 11.83 8.67 4.70
CA VAL I 230 11.25 9.91 4.23
C VAL I 230 9.90 10.12 4.89
N ASN I 231 9.72 11.30 5.50
CA ASN I 231 8.48 11.61 6.19
C ASN I 231 7.30 11.77 5.26
N ALA I 232 7.48 12.48 4.16
CA ALA I 232 6.40 12.64 3.18
C ALA I 232 6.96 12.99 1.83
N VAL I 233 6.10 12.80 0.83
CA VAL I 233 6.45 13.04 -0.54
C VAL I 233 5.69 14.28 -1.04
N ALA I 234 6.35 15.16 -1.77
CA ALA I 234 5.63 16.31 -2.31
C ALA I 234 5.86 16.45 -3.80
N GLU I 235 4.91 17.09 -4.48
CA GLU I 235 5.13 17.50 -5.88
C GLU I 235 6.39 18.36 -5.89
N HIS I 236 7.28 18.07 -6.84
CA HIS I 236 8.53 18.81 -6.99
C HIS I 236 8.40 20.31 -6.76
N ALA I 237 7.44 20.92 -7.46
CA ALA I 237 7.29 22.38 -7.46
C ALA I 237 6.77 22.86 -6.12
N GLU I 238 6.20 21.95 -5.33
CA GLU I 238 5.62 22.32 -4.05
C GLU I 238 6.55 21.99 -2.87
N LEU I 239 7.75 21.49 -3.17
CA LEU I 239 8.60 20.91 -2.12
C LEU I 239 8.94 21.88 -1.01
N GLU I 240 9.31 23.10 -1.38
CA GLU I 240 9.66 24.11 -0.38
C GLU I 240 8.43 24.71 0.28
N THR I 241 7.32 24.76 -0.45
CA THR I 241 6.05 25.18 0.11
C THR I 241 5.60 24.23 1.21
N VAL I 242 5.73 22.93 0.97
CA VAL I 242 5.41 21.96 2.01
C VAL I 242 6.41 22.09 3.15
N GLY I 243 7.70 22.21 2.83
CA GLY I 243 8.71 22.45 3.83
C GLY I 243 8.34 23.63 4.74
N LEU I 244 7.91 24.74 4.14
CA LEU I 244 7.56 25.93 4.92
C LEU I 244 6.33 25.68 5.78
N GLN I 245 5.36 24.96 5.23
CA GLN I 245 4.18 24.61 6.02
C GLN I 245 4.58 23.75 7.25
N TRP I 246 5.46 22.77 7.03
CA TRP I 246 5.91 21.87 8.10
C TRP I 246 6.65 22.68 9.11
N ALA I 247 7.49 23.61 8.63
CA ALA I 247 8.23 24.51 9.52
C ALA I 247 7.27 25.35 10.36
N ALA I 248 6.24 25.90 9.73
CA ALA I 248 5.25 26.73 10.40
C ALA I 248 4.57 25.94 11.52
N GLU I 249 4.23 24.68 11.25
CA GLU I 249 3.58 23.88 12.29
C GLU I 249 4.54 23.67 13.45
N ILE I 250 5.82 23.47 13.12
CA ILE I 250 6.83 23.30 14.15
C ILE I 250 7.01 24.56 14.98
N ASN I 251 7.08 25.71 14.28
CA ASN I 251 7.29 27.00 14.94
C ASN I 251 6.09 27.47 15.75
N ALA I 252 4.92 26.87 15.54
CA ALA I 252 3.75 27.29 16.28
C ALA I 252 3.63 26.59 17.65
N LYS I 253 4.60 25.72 17.96
CA LYS I 253 4.62 25.05 19.27
C LYS I 253 5.62 25.69 20.23
N SER I 254 5.53 25.34 21.51
CA SER I 254 6.47 25.83 22.51
C SER I 254 7.90 25.44 22.12
N PRO I 255 8.74 26.44 21.82
CA PRO I 255 10.14 26.20 21.46
C PRO I 255 10.91 25.39 22.49
N GLN I 256 10.62 25.62 23.77
CA GLN I 256 11.23 24.88 24.87
C GLN I 256 10.86 23.38 24.78
N ALA I 257 9.58 23.11 24.52
CA ALA I 257 9.10 21.74 24.36
C ALA I 257 9.80 21.06 23.18
N GLN I 258 9.97 21.80 22.08
CA GLN I 258 10.54 21.21 20.85
C GLN I 258 12.03 20.87 21.05
N ARG I 259 12.78 21.78 21.67
CA ARG I 259 14.15 21.57 22.15
C ARG I 259 14.28 20.27 23.00
N MET I 260 13.49 20.19 24.08
CA MET I 260 13.47 19.03 24.99
C MET I 260 13.20 17.77 24.19
N LEU I 261 12.19 17.85 23.30
CA LEU I 261 11.78 16.69 22.52
C LEU I 261 12.89 16.17 21.61
N LYS I 262 13.53 17.08 20.88
CA LYS I 262 14.63 16.68 20.01
C LYS I 262 15.71 15.95 20.79
N PHE I 263 16.12 16.54 21.94
CA PHE I 263 17.10 15.89 22.75
C PHE I 263 16.61 14.56 23.39
N ALA I 264 15.31 14.45 23.67
CA ALA I 264 14.74 13.20 24.19
C ALA I 264 14.79 12.11 23.10
N PHE I 265 14.52 12.50 21.85
CA PHE I 265 14.72 11.58 20.73
C PHE I 265 16.15 11.13 20.50
N ASN I 266 17.10 12.04 20.70
CA ASN I 266 18.51 11.78 20.52
C ASN I 266 19.08 10.94 21.66
N LEU I 267 18.53 11.12 22.86
CA LEU I 267 19.24 10.80 24.11
C LEU I 267 19.95 9.42 24.13
N LEU I 268 19.17 8.33 24.19
CA LEU I 268 19.78 7.02 24.43
C LEU I 268 20.71 6.60 23.26
N ASP I 269 20.24 6.81 22.04
CA ASP I 269 21.03 6.59 20.84
C ASP I 269 22.43 7.24 20.90
N ASP I 270 22.51 8.43 21.51
CA ASP I 270 23.74 9.20 21.58
C ASP I 270 24.49 8.98 22.91
N GLY I 271 24.05 8.05 23.73
CA GLY I 271 24.85 7.73 24.91
C GLY I 271 25.08 8.98 25.79
N LEU I 272 26.30 9.12 26.32
CA LEU I 272 26.59 10.20 27.23
C LEU I 272 26.43 11.58 26.57
N VAL I 273 26.63 11.67 25.25
CA VAL I 273 26.43 12.92 24.54
C VAL I 273 24.94 13.27 24.54
N GLY I 274 24.12 12.25 24.27
CA GLY I 274 22.67 12.39 24.35
C GLY I 274 22.26 12.86 25.72
N GLN I 275 22.75 12.21 26.77
CA GLN I 275 22.42 12.61 28.13
C GLN I 275 22.94 14.04 28.40
N GLN I 276 24.18 14.31 28.01
CA GLN I 276 24.73 15.65 28.17
C GLN I 276 23.81 16.76 27.66
N LEU I 277 23.31 16.63 26.45
CA LEU I 277 22.48 17.67 25.86
C LEU I 277 21.09 17.77 26.49
N PHE I 278 20.45 16.60 26.71
CA PHE I 278 19.14 16.57 27.36
C PHE I 278 19.22 17.12 28.79
N ALA I 279 20.22 16.68 29.54
CA ALA I 279 20.40 17.16 30.90
C ALA I 279 20.79 18.65 30.91
N GLY I 280 21.54 19.10 29.93
CA GLY I 280 21.88 20.50 29.81
C GLY I 280 20.63 21.36 29.76
N GLU I 281 19.60 20.91 29.06
CA GLU I 281 18.35 21.69 29.01
C GLU I 281 17.60 21.58 30.34
N ALA I 282 17.73 20.43 31.02
CA ALA I 282 17.15 20.31 32.36
C ALA I 282 17.85 21.27 33.32
N THR I 283 19.17 21.34 33.23
CA THR I 283 19.93 22.28 34.05
C THR I 283 19.47 23.74 33.84
N ARG I 284 19.35 24.16 32.57
CA ARG I 284 18.76 25.45 32.22
C ARG I 284 17.36 25.68 32.84
N LEU I 285 16.47 24.69 32.73
CA LEU I 285 15.15 24.83 33.35
C LEU I 285 15.22 25.00 34.86
N ALA I 286 16.11 24.25 35.51
CA ALA I 286 16.30 24.35 36.96
C ALA I 286 16.78 25.76 37.39
N TYR I 287 17.69 26.35 36.61
CA TYR I 287 18.25 27.68 36.89
C TYR I 287 17.17 28.73 37.06
N MET I 288 16.09 28.58 36.32
CA MET I 288 15.01 29.55 36.28
C MET I 288 14.10 29.50 37.51
N THR I 289 14.14 28.39 38.26
CA THR I 289 13.22 28.18 39.39
C THR I 289 13.59 29.00 40.66
N ASP I 290 12.63 29.16 41.56
CA ASP I 290 12.89 29.90 42.80
C ASP I 290 13.90 29.17 43.67
N GLU I 291 13.78 27.84 43.74
CA GLU I 291 14.71 26.99 44.45
C GLU I 291 16.18 27.28 44.08
N ALA I 292 16.46 27.37 42.78
CA ALA I 292 17.82 27.66 42.33
C ALA I 292 18.26 29.10 42.60
N VAL I 293 17.30 30.02 42.66
CA VAL I 293 17.59 31.41 43.01
C VAL I 293 18.05 31.47 44.47
N GLU I 294 17.31 30.79 45.35
CA GLU I 294 17.69 30.69 46.76
C GLU I 294 19.11 30.15 46.96
N GLY I 295 19.48 29.11 46.22
CA GLY I 295 20.80 28.53 46.30
C GLY I 295 21.87 29.50 45.85
N ARG I 296 21.56 30.28 44.82
CA ARG I 296 22.48 31.26 44.26
C ARG I 296 22.64 32.47 45.18
N ASP I 297 21.52 32.92 45.76
CA ASP I 297 21.52 34.05 46.68
C ASP I 297 22.34 33.76 47.94
N ALA I 298 22.01 32.65 48.59
CA ALA I 298 22.70 32.19 49.79
C ALA I 298 24.22 32.05 49.64
N PHE I 299 24.71 31.75 48.44
CA PHE I 299 26.15 31.67 48.22
C PHE I 299 26.78 33.08 48.20
N LEU I 300 26.16 34.00 47.47
CA LEU I 300 26.66 35.37 47.40
C LEU I 300 26.53 36.12 48.74
N GLN I 301 25.41 35.89 49.42
CA GLN I 301 25.13 36.50 50.73
C GLN I 301 25.83 35.79 51.91
N LYS I 302 26.64 34.77 51.61
CA LYS I 302 27.41 34.00 52.59
C LYS I 302 26.60 33.32 53.72
N ARG I 303 25.28 33.26 53.55
CA ARG I 303 24.32 32.65 54.49
C ARG I 303 24.06 31.17 54.15
N PRO I 304 23.45 30.40 55.07
CA PRO I 304 22.96 29.07 54.71
C PRO I 304 21.64 29.18 53.93
N PRO I 305 21.46 28.34 52.91
CA PRO I 305 20.23 28.32 52.12
C PRO I 305 19.04 27.72 52.88
N ASP I 306 17.85 28.20 52.56
CA ASP I 306 16.63 27.67 53.16
C ASP I 306 15.80 26.95 52.10
N TRP I 307 15.65 25.63 52.26
CA TRP I 307 14.96 24.80 51.27
C TRP I 307 13.54 24.42 51.71
N SER I 308 13.08 24.99 52.83
CA SER I 308 11.76 24.68 53.39
C SER I 308 10.53 25.01 52.51
N PRO I 309 10.53 26.13 51.76
CA PRO I 309 9.39 26.43 50.89
C PRO I 309 9.17 25.42 49.74
N PHE I 310 10.25 24.73 49.33
CA PHE I 310 10.25 23.84 48.17
C PHE I 310 10.12 22.36 48.54
N PRO I 311 9.06 21.68 48.05
CA PRO I 311 8.73 20.33 48.52
C PRO I 311 9.55 19.24 47.83
N ARG I 312 9.52 18.05 48.41
CA ARG I 312 10.16 16.90 47.82
C ARG I 312 9.17 16.13 46.93
N TYR I 313 9.03 16.60 45.69
CA TYR I 313 8.16 15.98 44.69
C TYR I 313 8.54 14.53 44.41
N PHE I 314 7.55 13.70 44.09
CA PHE I 314 7.77 12.26 43.90
C PHE I 314 7.08 11.64 42.67
N ASN J 18 58.98 -22.43 40.87
CA ASN J 18 58.09 -22.74 39.68
C ASN J 18 56.65 -23.09 40.07
N PRO J 19 55.69 -22.34 39.51
CA PRO J 19 54.29 -22.51 39.89
C PRO J 19 53.74 -23.90 39.55
N PHE J 20 54.27 -24.53 38.51
CA PHE J 20 53.70 -25.77 38.03
C PHE J 20 54.05 -26.98 38.92
N ASP J 21 53.03 -27.65 39.42
CA ASP J 21 53.19 -28.89 40.19
C ASP J 21 52.77 -30.06 39.31
N ALA J 22 53.76 -30.74 38.74
CA ALA J 22 53.56 -31.88 37.85
C ALA J 22 52.68 -32.99 38.42
N LYS J 23 52.77 -33.20 39.72
CA LYS J 23 51.98 -34.22 40.41
C LYS J 23 50.47 -33.96 40.33
N ALA J 24 50.07 -32.71 40.09
CA ALA J 24 48.65 -32.36 40.16
C ALA J 24 47.92 -32.53 38.82
N TRP J 25 48.69 -32.73 37.76
CA TRP J 25 48.19 -32.60 36.40
C TRP J 25 48.42 -33.85 35.55
N ARG J 26 47.44 -34.20 34.71
CA ARG J 26 47.56 -35.25 33.70
C ARG J 26 47.29 -34.66 32.31
N LEU J 27 48.00 -35.13 31.30
CA LEU J 27 47.72 -34.73 29.91
C LEU J 27 46.30 -35.10 29.46
N VAL J 28 45.73 -34.28 28.61
CA VAL J 28 44.40 -34.56 28.09
C VAL J 28 44.57 -35.42 26.85
N ASP J 29 43.79 -36.48 26.75
CA ASP J 29 43.91 -37.43 25.65
C ASP J 29 43.55 -36.78 24.31
N GLY J 30 44.37 -37.01 23.30
CA GLY J 30 44.10 -36.55 21.96
C GLY J 30 44.80 -35.27 21.56
N PHE J 31 45.74 -34.83 22.39
CA PHE J 31 46.46 -33.57 22.15
C PHE J 31 47.98 -33.74 22.14
N ASP J 32 48.44 -34.92 21.69
CA ASP J 32 49.87 -35.27 21.63
C ASP J 32 50.60 -34.44 20.57
N ASP J 33 49.86 -33.90 19.62
CA ASP J 33 50.46 -33.06 18.58
C ASP J 33 50.67 -31.55 18.92
N LEU J 34 50.35 -31.16 20.15
CA LEU J 34 50.49 -29.75 20.57
C LEU J 34 51.94 -29.34 20.70
N THR J 35 52.29 -28.22 20.07
CA THR J 35 53.66 -27.72 20.17
C THR J 35 53.78 -26.38 20.94
N ASP J 36 52.83 -25.48 20.74
CA ASP J 36 52.92 -24.12 21.30
C ASP J 36 52.09 -23.93 22.57
N ILE J 37 51.34 -24.93 22.99
CA ILE J 37 50.37 -24.81 24.06
C ILE J 37 50.44 -26.14 24.82
N THR J 38 50.24 -26.12 26.13
CA THR J 38 50.08 -27.37 26.89
C THR J 38 48.68 -27.41 27.49
N TYR J 39 48.19 -28.62 27.74
CA TYR J 39 46.79 -28.85 28.08
C TYR J 39 46.68 -30.01 29.06
N HIS J 40 46.39 -29.69 30.33
CA HIS J 40 46.28 -30.71 31.37
C HIS J 40 44.94 -30.64 32.02
N ARG J 41 44.48 -31.79 32.52
CA ARG J 41 43.34 -31.90 33.40
C ARG J 41 43.91 -32.20 34.78
N HIS J 42 43.29 -31.66 35.82
CA HIS J 42 43.74 -31.94 37.19
C HIS J 42 43.40 -33.37 37.58
N VAL J 43 44.23 -33.94 38.46
CA VAL J 43 44.06 -35.35 38.84
C VAL J 43 42.72 -35.62 39.54
N ASP J 44 42.23 -34.67 40.35
CA ASP J 44 40.93 -34.85 41.02
C ASP J 44 39.87 -33.84 40.58
N ASP J 45 40.26 -32.58 40.44
CA ASP J 45 39.30 -31.47 40.29
C ASP J 45 38.78 -31.27 38.86
N ALA J 46 37.59 -30.68 38.74
CA ALA J 46 37.02 -30.35 37.45
C ALA J 46 37.65 -29.07 36.85
N THR J 47 38.97 -29.10 36.71
CA THR J 47 39.76 -27.95 36.31
C THR J 47 40.78 -28.34 35.26
N VAL J 48 40.99 -27.48 34.26
CA VAL J 48 42.03 -27.69 33.27
C VAL J 48 43.07 -26.59 33.35
N ARG J 49 44.27 -26.89 32.85
CA ARG J 49 45.37 -25.94 32.78
C ARG J 49 45.74 -25.76 31.30
N VAL J 50 45.60 -24.54 30.81
CA VAL J 50 45.91 -24.21 29.41
C VAL J 50 47.00 -23.20 29.43
N ALA J 51 48.12 -23.50 28.79
CA ALA J 51 49.28 -22.65 28.94
C ALA J 51 50.07 -22.43 27.66
N PHE J 52 50.46 -21.18 27.42
CA PHE J 52 51.41 -20.84 26.38
C PHE J 52 52.71 -21.63 26.63
N ASN J 53 53.25 -22.24 25.58
CA ASN J 53 54.41 -23.10 25.70
C ASN J 53 55.54 -22.68 24.79
N ARG J 54 55.81 -21.37 24.72
CA ARG J 54 56.95 -20.86 23.98
C ARG J 54 57.73 -19.87 24.83
N PRO J 55 58.22 -20.32 25.99
CA PRO J 55 58.90 -19.42 26.93
C PRO J 55 60.15 -18.74 26.37
N GLU J 56 60.75 -19.32 25.32
CA GLU J 56 61.92 -18.75 24.65
C GLU J 56 61.62 -17.41 24.00
N VAL J 57 60.38 -17.20 23.61
CA VAL J 57 60.01 -15.90 23.01
C VAL J 57 58.99 -15.16 23.88
N ARG J 58 59.10 -15.34 25.19
CA ARG J 58 58.22 -14.63 26.12
C ARG J 58 56.75 -15.04 25.88
N ASN J 59 56.57 -16.31 25.49
CA ASN J 59 55.26 -16.90 25.27
C ASN J 59 54.38 -16.10 24.24
N ALA J 60 55.03 -15.51 23.23
CA ALA J 60 54.37 -14.85 22.12
C ALA J 60 53.61 -15.86 21.29
N PHE J 61 52.45 -15.44 20.76
CA PHE J 61 51.69 -16.36 19.93
C PHE J 61 51.86 -16.08 18.44
N ARG J 62 52.19 -17.15 17.70
CA ARG J 62 52.19 -17.12 16.24
C ARG J 62 50.85 -17.72 15.78
N PRO J 63 50.51 -17.61 14.51
CA PRO J 63 49.21 -18.13 14.06
C PRO J 63 48.95 -19.58 14.48
N HIS J 64 49.97 -20.44 14.42
CA HIS J 64 49.86 -21.83 14.89
C HIS J 64 49.50 -21.90 16.37
N THR J 65 50.04 -20.99 17.19
CA THR J 65 49.68 -20.95 18.63
C THR J 65 48.19 -20.67 18.85
N VAL J 66 47.65 -19.67 18.14
CA VAL J 66 46.24 -19.32 18.25
C VAL J 66 45.33 -20.47 17.83
N ASP J 67 45.69 -21.13 16.74
CA ASP J 67 45.07 -22.36 16.32
C ASP J 67 44.92 -23.36 17.45
N GLU J 68 46.04 -23.68 18.10
CA GLU J 68 46.06 -24.68 19.15
C GLU J 68 45.29 -24.20 20.36
N LEU J 69 45.43 -22.91 20.66
CA LEU J 69 44.78 -22.30 21.81
C LEU J 69 43.27 -22.40 21.63
N TYR J 70 42.80 -22.05 20.43
CA TYR J 70 41.38 -22.18 20.11
C TYR J 70 40.88 -23.61 20.28
N ARG J 71 41.57 -24.57 19.66
CA ARG J 71 41.18 -25.98 19.72
C ARG J 71 41.06 -26.45 21.17
N VAL J 72 42.06 -26.07 21.95
CA VAL J 72 42.15 -26.54 23.34
C VAL J 72 41.04 -25.92 24.19
N LEU J 73 40.85 -24.61 24.04
CA LEU J 73 39.81 -23.90 24.79
C LEU J 73 38.44 -24.42 24.36
N ASP J 74 38.29 -24.61 23.05
CA ASP J 74 37.07 -25.17 22.53
C ASP J 74 36.75 -26.56 23.11
N HIS J 75 37.78 -27.39 23.23
CA HIS J 75 37.61 -28.72 23.79
C HIS J 75 37.20 -28.60 25.27
N ALA J 76 37.83 -27.68 26.01
CA ALA J 76 37.47 -27.47 27.42
C ALA J 76 36.03 -26.97 27.56
N ARG J 77 35.61 -26.11 26.64
CA ARG J 77 34.24 -25.63 26.63
C ARG J 77 33.26 -26.79 26.54
N MET J 78 33.60 -27.78 25.73
CA MET J 78 32.70 -28.89 25.42
C MET J 78 32.85 -30.06 26.38
N SER J 79 33.77 -29.94 27.34
CA SER J 79 34.02 -30.98 28.33
C SER J 79 33.08 -30.83 29.52
N PRO J 80 32.06 -31.67 29.61
CA PRO J 80 31.00 -31.49 30.61
C PRO J 80 31.47 -31.71 32.05
N ASP J 81 32.65 -32.29 32.21
CA ASP J 81 33.16 -32.56 33.53
C ASP J 81 34.28 -31.58 33.92
N VAL J 82 34.43 -30.52 33.13
CA VAL J 82 35.36 -29.43 33.42
C VAL J 82 34.55 -28.16 33.74
N GLY J 83 34.81 -27.59 34.91
CA GLY J 83 34.10 -26.40 35.33
C GLY J 83 34.88 -25.11 35.22
N VAL J 84 36.21 -25.20 35.26
CA VAL J 84 37.06 -24.01 35.34
C VAL J 84 38.28 -24.16 34.45
N VAL J 85 38.63 -23.10 33.73
CA VAL J 85 39.85 -23.08 32.94
C VAL J 85 40.87 -22.18 33.61
N LEU J 86 42.07 -22.71 33.80
CA LEU J 86 43.18 -21.95 34.30
C LEU J 86 44.04 -21.62 33.09
N LEU J 87 44.09 -20.34 32.71
CA LEU J 87 44.87 -19.91 31.56
C LEU J 87 46.16 -19.25 32.00
N THR J 88 47.30 -19.81 31.59
CA THR J 88 48.59 -19.33 32.07
C THR J 88 49.68 -19.46 31.02
N GLY J 89 50.93 -19.24 31.45
CA GLY J 89 52.07 -19.41 30.57
C GLY J 89 53.11 -20.23 31.27
N ASN J 90 53.76 -21.12 30.51
CA ASN J 90 54.83 -21.95 31.02
C ASN J 90 56.14 -21.16 31.08
N GLY J 91 57.05 -21.60 31.94
CA GLY J 91 58.37 -20.98 32.06
C GLY J 91 59.30 -21.65 33.06
N PRO J 92 60.48 -21.06 33.30
CA PRO J 92 60.88 -19.78 32.71
C PRO J 92 61.56 -19.94 31.34
N SER J 93 62.05 -18.83 30.77
CA SER J 93 62.80 -18.90 29.53
C SER J 93 64.10 -19.66 29.76
N PRO J 94 64.33 -20.72 28.98
CA PRO J 94 65.59 -21.46 29.04
C PRO J 94 66.78 -20.59 28.62
N LYS J 95 66.50 -19.53 27.86
CA LYS J 95 67.54 -18.61 27.41
C LYS J 95 68.03 -17.65 28.50
N ASP J 96 67.10 -17.00 29.21
CA ASP J 96 67.47 -15.93 30.15
C ASP J 96 66.78 -15.95 31.49
N GLY J 97 66.00 -17.00 31.76
CA GLY J 97 65.35 -17.16 33.06
C GLY J 97 64.16 -16.26 33.30
N GLY J 98 63.76 -15.46 32.31
CA GLY J 98 62.66 -14.52 32.45
C GLY J 98 61.31 -15.21 32.36
N TRP J 99 60.32 -14.62 33.01
CA TRP J 99 58.99 -15.20 33.12
C TRP J 99 57.97 -14.46 32.27
N ALA J 100 57.15 -15.19 31.54
CA ALA J 100 56.08 -14.56 30.76
C ALA J 100 54.77 -15.36 30.81
N PHE J 101 53.67 -14.65 30.94
CA PHE J 101 52.38 -15.23 30.66
C PHE J 101 52.24 -15.27 29.13
N CYS J 102 52.33 -14.11 28.49
CA CYS J 102 52.17 -14.01 27.05
C CYS J 102 52.55 -12.60 26.65
N SER J 103 53.38 -12.49 25.61
CA SER J 103 53.84 -11.17 25.14
C SER J 103 53.10 -10.67 23.91
N GLY J 104 52.02 -11.36 23.54
CA GLY J 104 51.22 -10.96 22.40
C GLY J 104 51.65 -11.64 21.10
N GLY J 105 51.32 -11.00 19.98
CA GLY J 105 51.54 -11.58 18.66
C GLY J 105 53.02 -11.70 18.38
N ASP J 106 53.45 -12.84 17.85
CA ASP J 106 54.82 -13.04 17.42
C ASP J 106 55.18 -12.08 16.28
N GLN J 107 56.19 -11.25 16.52
CA GLN J 107 56.59 -10.16 15.61
C GLN J 107 57.84 -10.50 14.80
N LEU J 134 43.87 -11.75 13.90
CA LEU J 134 42.40 -11.71 14.02
C LEU J 134 41.80 -13.05 14.45
N HIS J 135 42.58 -14.12 14.32
CA HIS J 135 42.22 -15.39 14.92
C HIS J 135 42.11 -15.22 16.46
N ILE J 136 42.92 -14.34 17.03
CA ILE J 136 42.92 -14.12 18.48
C ILE J 136 41.59 -13.51 19.01
N LEU J 137 40.96 -12.68 18.18
CA LEU J 137 39.64 -12.16 18.53
C LEU J 137 38.66 -13.30 18.71
N GLU J 138 38.80 -14.34 17.91
CA GLU J 138 37.96 -15.54 18.05
C GLU J 138 38.23 -16.23 19.37
N VAL J 139 39.50 -16.24 19.79
CA VAL J 139 39.86 -16.83 21.07
C VAL J 139 39.25 -16.00 22.20
N GLN J 140 39.34 -14.67 22.09
CA GLN J 140 38.70 -13.78 23.07
C GLN J 140 37.22 -14.10 23.20
N ARG J 141 36.53 -14.17 22.08
CA ARG J 141 35.09 -14.52 22.11
C ARG J 141 34.81 -15.91 22.71
N LEU J 142 35.68 -16.88 22.43
CA LEU J 142 35.55 -18.19 23.04
C LEU J 142 35.62 -18.11 24.55
N ILE J 143 36.58 -17.35 25.09
CA ILE J 143 36.72 -17.25 26.54
C ILE J 143 35.50 -16.53 27.09
N ARG J 144 35.12 -15.46 26.39
CA ARG J 144 34.01 -14.59 26.79
C ARG J 144 32.69 -15.37 26.86
N PHE J 145 32.43 -16.26 25.90
CA PHE J 145 31.12 -16.86 25.71
C PHE J 145 31.02 -18.24 26.34
N MET J 146 32.13 -18.81 26.74
CA MET J 146 32.09 -20.18 27.24
C MET J 146 31.43 -20.20 28.66
N PRO J 147 30.54 -21.18 28.88
CA PRO J 147 29.70 -21.24 30.08
C PRO J 147 30.46 -21.79 31.25
N LYS J 148 31.73 -21.40 31.37
CA LYS J 148 32.52 -21.71 32.55
C LYS J 148 33.49 -20.58 32.83
N VAL J 149 34.00 -20.56 34.05
CA VAL J 149 34.85 -19.47 34.47
C VAL J 149 36.30 -19.68 34.02
N VAL J 150 36.84 -18.66 33.37
CA VAL J 150 38.23 -18.67 32.93
C VAL J 150 39.05 -17.72 33.81
N ILE J 151 40.01 -18.31 34.54
CA ILE J 151 40.90 -17.57 35.42
C ILE J 151 42.26 -17.51 34.76
N CYS J 152 42.70 -16.28 34.49
CA CYS J 152 44.05 -16.03 33.99
C CYS J 152 45.01 -16.05 35.19
N LEU J 153 46.08 -16.85 35.11
CA LEU J 153 47.15 -16.77 36.10
C LEU J 153 48.32 -16.10 35.45
N VAL J 154 48.52 -14.82 35.78
CA VAL J 154 49.60 -14.06 35.18
C VAL J 154 50.87 -14.34 35.95
N ASN J 155 51.75 -15.14 35.34
CA ASN J 155 52.95 -15.65 35.98
C ASN J 155 54.21 -14.91 35.56
N GLY J 156 54.06 -13.96 34.66
CA GLY J 156 55.18 -13.17 34.19
C GLY J 156 54.66 -12.04 33.35
N TRP J 157 55.43 -11.56 32.38
CA TRP J 157 54.97 -10.51 31.45
C TRP J 157 53.63 -10.82 30.81
N ALA J 158 52.79 -9.79 30.75
CA ALA J 158 51.51 -9.85 30.05
C ALA J 158 51.48 -8.58 29.26
N ALA J 159 51.83 -8.69 27.98
CA ALA J 159 52.04 -7.53 27.12
C ALA J 159 51.23 -7.67 25.84
N GLY J 160 50.84 -6.53 25.27
CA GLY J 160 50.09 -6.50 24.01
C GLY J 160 48.88 -7.42 24.09
N GLY J 161 48.71 -8.25 23.09
CA GLY J 161 47.61 -9.22 23.03
C GLY J 161 47.57 -10.17 24.19
N GLY J 162 48.72 -10.38 24.83
CA GLY J 162 48.81 -11.15 26.05
C GLY J 162 48.11 -10.43 27.20
N HIS J 163 48.27 -9.11 27.26
CA HIS J 163 47.58 -8.32 28.26
C HIS J 163 46.07 -8.34 27.99
N SER J 164 45.68 -8.23 26.72
CA SER J 164 44.27 -8.29 26.35
C SER J 164 43.59 -9.61 26.68
N LEU J 165 44.32 -10.71 26.57
CA LEU J 165 43.82 -12.02 26.92
C LEU J 165 43.51 -12.08 28.42
N HIS J 166 44.40 -11.51 29.24
CA HIS J 166 44.16 -11.44 30.68
C HIS J 166 42.87 -10.64 30.95
N VAL J 167 42.74 -9.49 30.28
CA VAL J 167 41.63 -8.59 30.55
C VAL J 167 40.28 -9.28 30.26
N VAL J 168 40.19 -10.06 29.19
CA VAL J 168 38.91 -10.67 28.84
C VAL J 168 38.55 -11.88 29.73
N CYS J 169 39.53 -12.42 30.46
CA CYS J 169 39.26 -13.57 31.33
C CYS J 169 38.33 -13.10 32.44
N ASP J 170 37.57 -14.01 33.01
CA ASP J 170 36.61 -13.67 34.06
C ASP J 170 37.34 -13.19 35.32
N LEU J 171 38.39 -13.92 35.70
CA LEU J 171 39.17 -13.56 36.88
C LEU J 171 40.64 -13.56 36.54
N THR J 172 41.45 -12.86 37.35
CA THR J 172 42.90 -12.81 37.16
C THR J 172 43.60 -12.90 38.49
N LEU J 173 44.49 -13.88 38.61
CA LEU J 173 45.42 -13.98 39.74
C LEU J 173 46.81 -13.68 39.19
N ALA J 174 47.63 -12.97 39.95
CA ALA J 174 48.91 -12.52 39.44
C ALA J 174 50.08 -12.82 40.37
N SER J 175 51.20 -13.23 39.78
CA SER J 175 52.45 -13.47 40.51
C SER J 175 53.01 -12.19 41.11
N ARG J 176 53.16 -12.16 42.44
CA ARG J 176 53.66 -10.97 43.13
C ARG J 176 55.01 -10.54 42.56
N GLU J 177 55.90 -11.51 42.50
CA GLU J 177 57.28 -11.26 42.11
C GLU J 177 57.45 -10.99 40.65
N TYR J 178 56.66 -11.65 39.80
CA TYR J 178 56.95 -11.68 38.37
C TYR J 178 55.89 -11.19 37.40
N ALA J 179 54.63 -11.07 37.83
CA ALA J 179 53.62 -10.53 36.94
C ALA J 179 54.03 -9.13 36.55
N ARG J 180 53.98 -8.83 35.25
CA ARG J 180 54.25 -7.48 34.76
C ARG J 180 53.23 -7.19 33.66
N PHE J 181 52.49 -6.10 33.80
CA PHE J 181 51.43 -5.73 32.88
C PHE J 181 51.87 -4.54 32.09
N LYS J 182 51.90 -4.68 30.77
CA LYS J 182 52.36 -3.60 29.93
C LYS J 182 51.55 -3.62 28.64
N GLN J 183 50.84 -2.52 28.39
CA GLN J 183 50.10 -2.41 27.14
C GLN J 183 50.91 -1.68 26.08
N THR J 184 51.66 -2.47 25.30
CA THR J 184 52.62 -1.97 24.33
C THR J 184 52.06 -1.63 22.96
N ASP J 185 50.78 -1.95 22.71
CA ASP J 185 50.18 -1.81 21.37
C ASP J 185 50.55 -0.53 20.62
N ALA J 186 50.35 0.63 21.23
CA ALA J 186 50.56 1.91 20.54
C ALA J 186 52.06 2.19 20.21
N ASP J 187 52.95 1.50 20.92
CA ASP J 187 54.38 1.57 20.64
C ASP J 187 54.65 1.11 19.21
N VAL J 188 53.96 0.04 18.80
CA VAL J 188 54.16 -0.55 17.49
C VAL J 188 53.15 -0.12 16.41
N GLY J 189 52.30 0.87 16.73
CA GLY J 189 51.29 1.35 15.78
C GLY J 189 50.05 0.47 15.70
N SER J 190 49.89 -0.40 16.70
CA SER J 190 48.72 -1.26 16.81
C SER J 190 47.79 -0.81 17.97
N PHE J 191 46.65 -1.49 18.10
CA PHE J 191 45.73 -1.23 19.21
C PHE J 191 44.67 -2.32 19.27
N ASP J 192 44.34 -2.77 20.48
CA ASP J 192 43.13 -3.59 20.69
C ASP J 192 42.02 -2.61 21.01
N GLY J 193 41.11 -2.42 20.07
CA GLY J 193 40.06 -1.45 20.23
C GLY J 193 38.77 -2.10 20.77
N GLY J 194 38.90 -3.33 21.27
CA GLY J 194 37.74 -4.08 21.74
C GLY J 194 37.81 -4.42 23.22
N TYR J 195 37.79 -5.72 23.55
CA TYR J 195 37.85 -6.15 24.94
C TYR J 195 39.12 -5.66 25.62
N GLY J 196 40.25 -5.61 24.92
CA GLY J 196 41.50 -5.25 25.56
C GLY J 196 41.50 -3.86 26.20
N SER J 197 40.80 -2.90 25.58
CA SER J 197 40.70 -1.53 26.09
C SER J 197 39.31 -1.17 26.70
N ALA J 198 38.25 -1.23 25.90
CA ALA J 198 36.91 -0.89 26.38
C ALA J 198 36.48 -1.74 27.56
N TYR J 199 36.81 -3.03 27.55
CA TYR J 199 36.41 -3.88 28.66
C TYR J 199 37.28 -3.64 29.90
N LEU J 200 38.57 -3.36 29.69
CA LEU J 200 39.47 -2.96 30.77
C LEU J 200 38.86 -1.80 31.55
N ALA J 201 38.28 -0.83 30.84
CA ALA J 201 37.73 0.36 31.47
C ALA J 201 36.56 -0.02 32.35
N ARG J 202 35.98 -1.19 32.11
CA ARG J 202 34.88 -1.69 32.93
C ARG J 202 35.33 -2.48 34.14
N GLN J 203 36.65 -2.52 34.32
CA GLN J 203 37.28 -3.14 35.45
C GLN J 203 37.94 -2.08 36.33
N VAL J 204 38.73 -1.20 35.72
CA VAL J 204 39.53 -0.23 36.44
C VAL J 204 38.98 1.20 36.29
N GLY J 205 37.91 1.36 35.51
CA GLY J 205 37.39 2.70 35.26
C GLY J 205 38.13 3.39 34.12
N GLN J 206 37.51 4.43 33.59
CA GLN J 206 37.97 5.08 32.37
C GLN J 206 39.29 5.80 32.51
N LYS J 207 39.58 6.39 33.66
CA LYS J 207 40.85 7.12 33.81
C LYS J 207 42.05 6.18 33.80
N PHE J 208 41.98 5.11 34.60
CA PHE J 208 43.10 4.18 34.68
C PHE J 208 43.29 3.45 33.35
N ALA J 209 42.19 3.05 32.71
CA ALA J 209 42.29 2.28 31.49
C ALA J 209 42.97 3.11 30.38
N ARG J 210 42.59 4.38 30.28
CA ARG J 210 43.20 5.31 29.32
C ARG J 210 44.70 5.41 29.63
N GLU J 211 45.05 5.49 30.91
CA GLU J 211 46.44 5.57 31.31
C GLU J 211 47.24 4.34 30.86
N ILE J 212 46.69 3.16 31.14
CA ILE J 212 47.36 1.97 30.81
C ILE J 212 47.73 1.96 29.32
N PHE J 213 46.79 2.33 28.45
CA PHE J 213 47.03 2.29 26.99
C PHE J 213 47.84 3.48 26.45
N PHE J 214 47.52 4.69 26.90
CA PHE J 214 48.16 5.89 26.38
C PHE J 214 49.68 5.96 26.67
N LEU J 215 50.09 5.63 27.90
CA LEU J 215 51.48 5.71 28.30
C LEU J 215 52.25 4.39 28.17
N GLY J 216 51.56 3.26 28.24
CA GLY J 216 52.20 1.97 28.01
C GLY J 216 53.24 1.61 29.04
N ARG J 217 52.99 2.03 30.28
CA ARG J 217 53.88 1.70 31.37
C ARG J 217 53.74 0.26 31.83
N THR J 218 54.74 -0.18 32.57
CA THR J 218 54.78 -1.48 33.16
C THR J 218 54.20 -1.38 34.56
N TYR J 219 53.29 -2.30 34.90
CA TYR J 219 52.65 -2.34 36.22
C TYR J 219 52.87 -3.67 36.88
N THR J 220 52.97 -3.65 38.20
CA THR J 220 53.10 -4.83 39.02
C THR J 220 51.72 -5.45 39.27
N ALA J 221 51.74 -6.68 39.78
CA ALA J 221 50.54 -7.35 40.30
C ALA J 221 49.79 -6.47 41.28
N GLU J 222 50.52 -5.90 42.24
CA GLU J 222 49.86 -5.16 43.31
C GLU J 222 49.22 -3.87 42.76
N GLN J 223 49.87 -3.23 41.81
CA GLN J 223 49.32 -1.99 41.27
C GLN J 223 48.04 -2.29 40.46
N MET J 224 48.08 -3.37 39.69
CA MET J 224 46.95 -3.80 38.89
C MET J 224 45.81 -4.29 39.79
N HIS J 225 46.15 -4.84 40.94
CA HIS J 225 45.17 -5.24 41.94
C HIS J 225 44.50 -4.00 42.55
N GLN J 226 45.24 -2.93 42.82
CA GLN J 226 44.66 -1.70 43.41
C GLN J 226 43.78 -1.01 42.39
N MET J 227 44.15 -1.08 41.12
CA MET J 227 43.33 -0.47 40.08
C MET J 227 42.04 -1.24 39.79
N GLY J 228 42.05 -2.58 39.98
CA GLY J 228 40.84 -3.35 39.78
C GLY J 228 40.88 -4.43 38.70
N ALA J 229 42.03 -4.62 38.05
CA ALA J 229 42.10 -5.62 36.97
C ALA J 229 42.61 -6.97 37.44
N VAL J 230 43.20 -7.00 38.63
CA VAL J 230 43.73 -8.22 39.19
C VAL J 230 42.96 -8.53 40.45
N ASN J 231 42.38 -9.72 40.51
CA ASN J 231 41.58 -10.11 41.69
C ASN J 231 42.43 -10.25 42.93
N ALA J 232 43.57 -10.90 42.78
CA ALA J 232 44.42 -11.18 43.94
C ALA J 232 45.83 -11.44 43.49
N VAL J 233 46.75 -11.23 44.42
CA VAL J 233 48.17 -11.38 44.19
C VAL J 233 48.58 -12.65 44.96
N ALA J 234 49.43 -13.48 44.37
CA ALA J 234 49.91 -14.67 45.06
C ALA J 234 51.41 -14.78 44.93
N GLU J 235 52.06 -15.44 45.90
CA GLU J 235 53.49 -15.73 45.80
C GLU J 235 53.69 -16.56 44.54
N HIS J 236 54.74 -16.26 43.81
CA HIS J 236 54.95 -16.83 42.49
C HIS J 236 54.81 -18.36 42.47
N ALA J 237 55.46 -19.02 43.41
CA ALA J 237 55.46 -20.48 43.48
C ALA J 237 54.11 -21.00 43.91
N GLU J 238 53.27 -20.13 44.46
CA GLU J 238 51.93 -20.52 44.93
C GLU J 238 50.82 -20.22 43.91
N LEU J 239 51.21 -19.67 42.76
CA LEU J 239 50.23 -19.09 41.87
C LEU J 239 49.22 -20.09 41.38
N GLU J 240 49.66 -21.28 41.01
CA GLU J 240 48.74 -22.28 40.51
C GLU J 240 48.03 -23.01 41.65
N THR J 241 48.68 -23.08 42.80
CA THR J 241 48.03 -23.58 44.01
C THR J 241 46.81 -22.70 44.37
N VAL J 242 47.02 -21.38 44.36
CA VAL J 242 45.92 -20.45 44.63
C VAL J 242 44.84 -20.56 43.52
N GLY J 243 45.29 -20.67 42.27
CA GLY J 243 44.39 -20.86 41.15
C GLY J 243 43.48 -22.05 41.35
N LEU J 244 44.05 -23.17 41.82
CA LEU J 244 43.31 -24.42 42.03
C LEU J 244 42.33 -24.30 43.17
N GLN J 245 42.71 -23.53 44.18
CA GLN J 245 41.82 -23.29 45.32
C GLN J 245 40.63 -22.40 44.91
N TRP J 246 40.89 -21.34 44.13
CA TRP J 246 39.81 -20.56 43.56
C TRP J 246 38.93 -21.44 42.70
N ALA J 247 39.54 -22.22 41.80
CA ALA J 247 38.79 -23.17 40.98
C ALA J 247 37.89 -24.07 41.80
N ALA J 248 38.43 -24.61 42.89
CA ALA J 248 37.68 -25.53 43.78
C ALA J 248 36.48 -24.83 44.43
N GLU J 249 36.66 -23.60 44.90
CA GLU J 249 35.54 -22.82 45.43
C GLU J 249 34.47 -22.55 44.36
N ILE J 250 34.86 -22.25 43.14
CA ILE J 250 33.90 -22.10 42.05
C ILE J 250 33.18 -23.43 41.73
N ASN J 251 33.93 -24.52 41.67
CA ASN J 251 33.35 -25.84 41.36
C ASN J 251 32.47 -26.43 42.46
N ALA J 252 32.61 -25.93 43.67
CA ALA J 252 31.73 -26.34 44.77
C ALA J 252 30.33 -25.74 44.75
N LYS J 253 30.03 -24.85 43.81
CA LYS J 253 28.70 -24.22 43.72
C LYS J 253 27.87 -24.87 42.63
N SER J 254 26.58 -24.55 42.60
CA SER J 254 25.71 -25.01 41.52
C SER J 254 26.23 -24.56 40.16
N PRO J 255 26.58 -25.51 39.29
CA PRO J 255 27.07 -25.22 37.94
C PRO J 255 26.10 -24.37 37.13
N GLN J 256 24.81 -24.70 37.25
CA GLN J 256 23.73 -23.97 36.63
C GLN J 256 23.75 -22.49 37.04
N ALA J 257 23.88 -22.24 38.34
CA ALA J 257 23.93 -20.90 38.88
C ALA J 257 25.16 -20.12 38.33
N GLN J 258 26.32 -20.78 38.26
CA GLN J 258 27.57 -20.19 37.78
C GLN J 258 27.47 -19.72 36.35
N ARG J 259 26.96 -20.64 35.51
CA ARG J 259 26.61 -20.39 34.11
C ARG J 259 25.73 -19.15 33.94
N MET J 260 24.61 -19.11 34.65
CA MET J 260 23.69 -17.99 34.56
C MET J 260 24.36 -16.69 35.00
N LEU J 261 25.13 -16.78 36.07
CA LEU J 261 25.80 -15.60 36.60
C LEU J 261 26.81 -15.03 35.62
N LYS J 262 27.61 -15.89 35.00
CA LYS J 262 28.59 -15.40 34.02
C LYS J 262 27.89 -14.63 32.90
N PHE J 263 26.83 -15.24 32.38
CA PHE J 263 26.04 -14.64 31.33
C PHE J 263 25.29 -13.39 31.82
N ALA J 264 24.91 -13.33 33.10
CA ALA J 264 24.31 -12.14 33.64
C ALA J 264 25.35 -11.00 33.69
N PHE J 265 26.59 -11.34 34.03
CA PHE J 265 27.62 -10.34 34.09
C PHE J 265 27.96 -9.82 32.71
N ASN J 266 27.97 -10.68 31.68
CA ASN J 266 28.26 -10.26 30.32
C ASN J 266 27.10 -9.49 29.67
N LEU J 267 25.88 -9.76 30.12
CA LEU J 267 24.66 -9.47 29.33
C LEU J 267 24.61 -8.07 28.67
N LEU J 268 24.46 -7.02 29.47
CA LEU J 268 24.24 -5.71 28.89
C LEU J 268 25.48 -5.23 28.13
N ASP J 269 26.68 -5.40 28.69
CA ASP J 269 27.92 -5.04 28.00
C ASP J 269 27.98 -5.65 26.60
N ASP J 270 27.49 -6.88 26.45
CA ASP J 270 27.56 -7.58 25.18
C ASP J 270 26.31 -7.36 24.29
N GLY J 271 25.43 -6.43 24.64
CA GLY J 271 24.26 -6.18 23.80
C GLY J 271 23.46 -7.44 23.46
N LEU J 272 23.01 -7.53 22.21
CA LEU J 272 22.22 -8.67 21.75
C LEU J 272 22.91 -10.03 21.88
N VAL J 273 24.24 -10.05 21.76
CA VAL J 273 24.97 -11.29 21.97
C VAL J 273 24.88 -11.72 23.45
N GLY J 274 25.08 -10.77 24.36
CA GLY J 274 24.86 -11.02 25.77
C GLY J 274 23.44 -11.51 26.03
N GLN J 275 22.46 -10.88 25.39
CA GLN J 275 21.08 -11.31 25.60
C GLN J 275 20.89 -12.73 25.08
N GLN J 276 21.45 -12.99 23.89
CA GLN J 276 21.37 -14.28 23.23
C GLN J 276 21.82 -15.40 24.15
N LEU J 277 22.98 -15.22 24.77
CA LEU J 277 23.55 -16.25 25.63
C LEU J 277 22.79 -16.41 26.93
N PHE J 278 22.42 -15.29 27.57
CA PHE J 278 21.62 -15.39 28.79
C PHE J 278 20.25 -16.03 28.51
N ALA J 279 19.57 -15.51 27.50
CA ALA J 279 18.25 -16.02 27.15
C ALA J 279 18.30 -17.51 26.73
N GLY J 280 19.40 -17.91 26.09
CA GLY J 280 19.59 -19.27 25.69
C GLY J 280 19.62 -20.18 26.91
N GLU J 281 20.23 -19.75 28.00
CA GLU J 281 20.20 -20.56 29.20
C GLU J 281 18.80 -20.55 29.83
N ALA J 282 18.08 -19.43 29.73
CA ALA J 282 16.70 -19.34 30.20
C ALA J 282 15.81 -20.31 29.42
N THR J 283 16.04 -20.39 28.12
CA THR J 283 15.31 -21.30 27.25
C THR J 283 15.54 -22.74 27.70
N ARG J 284 16.79 -23.08 27.97
CA ARG J 284 17.13 -24.42 28.46
C ARG J 284 16.39 -24.74 29.75
N LEU J 285 16.41 -23.80 30.70
CA LEU J 285 15.69 -23.98 31.95
C LEU J 285 14.20 -24.22 31.70
N ALA J 286 13.60 -23.43 30.81
CA ALA J 286 12.19 -23.58 30.51
C ALA J 286 11.84 -24.96 29.93
N TYR J 287 12.73 -25.50 29.10
CA TYR J 287 12.52 -26.78 28.44
C TYR J 287 12.33 -27.91 29.44
N MET J 288 12.98 -27.78 30.58
CA MET J 288 12.95 -28.80 31.62
C MET J 288 11.63 -28.84 32.42
N THR J 289 10.84 -27.76 32.37
CA THR J 289 9.61 -27.66 33.18
C THR J 289 8.45 -28.51 32.67
N ASP J 290 7.46 -28.70 33.54
CA ASP J 290 6.23 -29.43 33.20
C ASP J 290 5.44 -28.72 32.11
N GLU J 291 5.32 -27.39 32.25
CA GLU J 291 4.65 -26.55 31.27
C GLU J 291 5.17 -26.79 29.84
N ALA J 292 6.49 -26.78 29.67
CA ALA J 292 7.09 -26.99 28.36
C ALA J 292 6.93 -28.43 27.84
N VAL J 293 6.80 -29.39 28.77
CA VAL J 293 6.52 -30.77 28.38
C VAL J 293 5.11 -30.88 27.78
N GLU J 294 4.13 -30.28 28.46
CA GLU J 294 2.76 -30.20 27.94
C GLU J 294 2.68 -29.60 26.54
N GLY J 295 3.38 -28.50 26.30
CA GLY J 295 3.38 -27.87 25.00
C GLY J 295 3.98 -28.77 23.93
N ARG J 296 5.03 -29.51 24.28
CA ARG J 296 5.71 -30.41 23.35
C ARG J 296 4.91 -31.71 23.10
N ASP J 297 4.20 -32.19 24.14
CA ASP J 297 3.32 -33.35 24.04
C ASP J 297 2.17 -33.07 23.06
N ALA J 298 1.43 -32.01 23.35
CA ALA J 298 0.26 -31.62 22.57
C ALA J 298 0.55 -31.35 21.09
N PHE J 299 1.79 -30.98 20.76
CA PHE J 299 2.17 -30.81 19.36
C PHE J 299 2.26 -32.16 18.66
N LEU J 300 2.98 -33.11 19.29
CA LEU J 300 3.15 -34.47 18.74
C LEU J 300 1.82 -35.26 18.73
N GLN J 301 1.03 -35.11 19.80
CA GLN J 301 -0.29 -35.73 19.94
C GLN J 301 -1.41 -35.04 19.14
N LYS J 302 -1.07 -34.00 18.38
CA LYS J 302 -2.03 -33.22 17.57
C LYS J 302 -3.25 -32.64 18.32
N ARG J 303 -3.22 -32.65 19.65
CA ARG J 303 -4.28 -32.07 20.50
C ARG J 303 -3.99 -30.60 20.91
N PRO J 304 -4.99 -29.90 21.46
CA PRO J 304 -4.75 -28.59 22.09
C PRO J 304 -4.04 -28.74 23.44
N PRO J 305 -3.08 -27.84 23.75
CA PRO J 305 -2.40 -27.86 25.06
C PRO J 305 -3.29 -27.36 26.18
N ASP J 306 -3.10 -27.92 27.38
CA ASP J 306 -3.80 -27.43 28.56
C ASP J 306 -2.85 -26.71 29.53
N TRP J 307 -3.06 -25.40 29.72
CA TRP J 307 -2.18 -24.55 30.53
C TRP J 307 -2.76 -24.31 31.91
N SER J 308 -3.89 -24.93 32.22
CA SER J 308 -4.58 -24.69 33.50
C SER J 308 -3.81 -25.04 34.79
N PRO J 309 -3.01 -26.11 34.79
CA PRO J 309 -2.21 -26.46 35.99
C PRO J 309 -1.14 -25.41 36.37
N PHE J 310 -0.68 -24.63 35.39
CA PHE J 310 0.45 -23.73 35.59
C PHE J 310 0.03 -22.26 35.69
N PRO J 311 0.37 -21.61 36.82
CA PRO J 311 -0.19 -20.30 37.17
C PRO J 311 0.53 -19.16 36.47
N ARG J 312 -0.08 -17.97 36.46
CA ARG J 312 0.55 -16.78 35.91
C ARG J 312 1.30 -16.04 37.01
N TYR J 313 2.53 -16.48 37.28
CA TYR J 313 3.40 -15.86 38.28
C TYR J 313 3.66 -14.39 37.97
N PHE J 314 3.82 -13.58 39.03
CA PHE J 314 4.00 -12.13 38.88
C PHE J 314 5.10 -11.50 39.74
N ASN K 18 55.60 27.00 43.02
CA ASN K 18 54.75 27.20 41.77
C ASN K 18 55.07 26.17 40.68
N PRO K 19 54.04 25.46 40.23
CA PRO K 19 54.19 24.42 39.20
C PRO K 19 54.72 24.95 37.86
N PHE K 20 54.37 26.19 37.53
CA PHE K 20 54.70 26.81 36.23
C PHE K 20 56.21 27.10 36.05
N ASP K 21 56.79 26.47 35.05
CA ASP K 21 58.17 26.71 34.69
C ASP K 21 58.20 27.56 33.41
N ALA K 22 58.36 28.87 33.58
CA ALA K 22 58.38 29.81 32.44
C ALA K 22 59.35 29.44 31.33
N LYS K 23 60.53 28.94 31.69
CA LYS K 23 61.51 28.54 30.68
C LYS K 23 61.00 27.49 29.70
N ALA K 24 59.97 26.73 30.10
CA ALA K 24 59.54 25.56 29.31
C ALA K 24 58.53 25.92 28.23
N TRP K 25 58.02 27.16 28.28
CA TRP K 25 56.83 27.51 27.55
C TRP K 25 57.00 28.78 26.72
N ARG K 26 56.41 28.80 25.53
CA ARG K 26 56.31 30.03 24.74
C ARG K 26 54.85 30.29 24.42
N LEU K 27 54.50 31.57 24.32
CA LEU K 27 53.15 31.95 23.94
C LEU K 27 52.82 31.48 22.52
N VAL K 28 51.55 31.20 22.26
CA VAL K 28 51.09 30.80 20.93
C VAL K 28 50.74 32.07 20.17
N ASP K 29 51.20 32.16 18.93
CA ASP K 29 50.96 33.36 18.12
C ASP K 29 49.48 33.50 17.79
N GLY K 30 48.98 34.72 17.93
CA GLY K 30 47.60 35.04 17.56
C GLY K 30 46.65 35.12 18.74
N PHE K 31 47.21 35.03 19.95
CA PHE K 31 46.43 34.96 21.17
C PHE K 31 46.76 36.03 22.20
N ASP K 32 47.26 37.16 21.70
CA ASP K 32 47.60 38.37 22.48
C ASP K 32 46.41 38.94 23.25
N ASP K 33 45.22 38.76 22.71
CA ASP K 33 44.02 39.34 23.30
C ASP K 33 43.38 38.50 24.45
N LEU K 34 43.99 37.37 24.81
CA LEU K 34 43.43 36.55 25.91
C LEU K 34 43.50 37.23 27.27
N THR K 35 42.37 37.27 27.97
CA THR K 35 42.34 37.83 29.31
C THR K 35 42.12 36.80 30.43
N ASP K 36 41.29 35.79 30.18
CA ASP K 36 40.81 34.87 31.22
C ASP K 36 41.51 33.51 31.17
N ILE K 37 42.35 33.32 30.16
CA ILE K 37 42.95 32.02 29.86
C ILE K 37 44.36 32.30 29.37
N THR K 38 45.31 31.41 29.68
CA THR K 38 46.63 31.46 29.05
C THR K 38 46.86 30.26 28.16
N TYR K 39 47.74 30.42 27.17
CA TYR K 39 47.94 29.43 26.14
C TYR K 39 49.38 29.44 25.72
N HIS K 40 50.07 28.35 26.04
CA HIS K 40 51.47 28.19 25.73
C HIS K 40 51.68 26.89 24.97
N ARG K 41 52.73 26.89 24.15
CA ARG K 41 53.22 25.69 23.51
C ARG K 41 54.58 25.42 24.16
N HIS K 42 54.93 24.15 24.35
CA HIS K 42 56.22 23.81 24.94
C HIS K 42 57.36 24.11 23.98
N VAL K 43 58.51 24.48 24.53
CA VAL K 43 59.64 24.89 23.70
C VAL K 43 60.10 23.75 22.77
N ASP K 44 59.99 22.49 23.22
CA ASP K 44 60.44 21.33 22.42
C ASP K 44 59.32 20.33 22.07
N ASP K 45 58.50 20.02 23.05
CA ASP K 45 57.49 18.97 22.96
C ASP K 45 56.24 19.37 22.21
N ALA K 46 55.57 18.39 21.62
CA ALA K 46 54.27 18.55 20.99
C ALA K 46 53.10 18.63 22.04
N THR K 47 53.25 19.54 22.99
CA THR K 47 52.35 19.68 24.13
C THR K 47 52.00 21.15 24.31
N VAL K 48 50.75 21.43 24.62
CA VAL K 48 50.37 22.80 24.99
C VAL K 48 49.79 22.89 26.41
N ARG K 49 49.80 24.12 26.95
CA ARG K 49 49.36 24.37 28.30
C ARG K 49 48.25 25.41 28.20
N VAL K 50 47.08 25.00 28.67
CA VAL K 50 45.87 25.78 28.58
C VAL K 50 45.40 25.94 30.02
N ALA K 51 45.25 27.19 30.46
CA ALA K 51 45.06 27.42 31.89
C ALA K 51 44.12 28.58 32.21
N PHE K 52 43.28 28.37 33.20
CA PHE K 52 42.40 29.42 33.69
C PHE K 52 43.31 30.46 34.31
N ASN K 53 42.97 31.73 34.06
CA ASN K 53 43.82 32.81 34.49
C ASN K 53 43.02 33.89 35.19
N ARG K 54 42.14 33.47 36.11
CA ARG K 54 41.48 34.38 37.02
C ARG K 54 41.65 33.87 38.47
N PRO K 55 42.90 33.79 38.95
CA PRO K 55 43.16 33.21 40.27
C PRO K 55 42.51 33.97 41.42
N GLU K 56 42.24 35.25 41.20
CA GLU K 56 41.53 36.12 42.16
C GLU K 56 40.15 35.60 42.52
N VAL K 57 39.50 34.91 41.60
CA VAL K 57 38.19 34.33 41.91
C VAL K 57 38.17 32.80 41.85
N ARG K 58 39.26 32.22 42.32
CA ARG K 58 39.42 30.75 42.33
C ARG K 58 39.24 30.13 40.93
N ASN K 59 39.69 30.87 39.92
CA ASN K 59 39.62 30.48 38.52
C ASN K 59 38.24 30.08 38.04
N ALA K 60 37.23 30.76 38.56
CA ALA K 60 35.85 30.64 38.07
C ALA K 60 35.76 31.10 36.62
N PHE K 61 34.89 30.45 35.85
CA PHE K 61 34.69 30.86 34.47
C PHE K 61 33.42 31.69 34.26
N ARG K 62 33.57 32.85 33.63
CA ARG K 62 32.40 33.64 33.21
C ARG K 62 32.23 33.35 31.72
N PRO K 63 31.13 33.79 31.11
CA PRO K 63 30.93 33.51 29.68
C PRO K 63 32.12 33.87 28.78
N HIS K 64 32.82 34.97 29.07
CA HIS K 64 34.00 35.33 28.27
C HIS K 64 35.14 34.30 28.41
N THR K 65 35.26 33.68 29.58
CA THR K 65 36.26 32.63 29.82
C THR K 65 35.97 31.41 28.94
N VAL K 66 34.71 30.97 28.96
CA VAL K 66 34.30 29.83 28.17
C VAL K 66 34.56 30.07 26.67
N ASP K 67 34.26 31.28 26.19
CA ASP K 67 34.59 31.68 24.81
C ASP K 67 36.06 31.44 24.53
N GLU K 68 36.93 31.98 25.41
CA GLU K 68 38.38 31.86 25.19
C GLU K 68 38.86 30.39 25.29
N LEU K 69 38.34 29.67 26.28
CA LEU K 69 38.68 28.27 26.50
C LEU K 69 38.34 27.47 25.26
N TYR K 70 37.15 27.72 24.73
CA TYR K 70 36.73 27.11 23.49
C TYR K 70 37.68 27.38 22.35
N ARG K 71 37.93 28.66 22.07
CA ARG K 71 38.79 29.10 20.98
C ARG K 71 40.14 28.39 21.10
N VAL K 72 40.68 28.46 22.32
CA VAL K 72 42.02 27.94 22.58
C VAL K 72 42.07 26.41 22.35
N LEU K 73 41.13 25.68 22.94
CA LEU K 73 41.12 24.20 22.81
C LEU K 73 40.84 23.80 21.36
N ASP K 74 39.97 24.54 20.70
CA ASP K 74 39.68 24.35 19.27
C ASP K 74 40.97 24.49 18.46
N HIS K 75 41.73 25.54 18.77
CA HIS K 75 42.97 25.80 18.04
C HIS K 75 43.97 24.66 18.25
N ALA K 76 44.08 24.16 19.47
CA ALA K 76 44.95 23.05 19.80
C ALA K 76 44.48 21.77 19.08
N ARG K 77 43.16 21.59 19.01
CA ARG K 77 42.60 20.47 18.27
C ARG K 77 43.10 20.45 16.82
N MET K 78 43.11 21.63 16.19
CA MET K 78 43.47 21.73 14.78
C MET K 78 44.96 21.88 14.54
N SER K 79 45.77 21.92 15.59
CA SER K 79 47.22 22.04 15.43
C SER K 79 47.89 20.68 15.23
N PRO K 80 48.32 20.36 14.01
CA PRO K 80 48.80 19.02 13.69
C PRO K 80 50.11 18.67 14.39
N ASP K 81 50.80 19.65 14.95
CA ASP K 81 52.05 19.39 15.63
C ASP K 81 51.89 19.38 17.15
N VAL K 82 50.63 19.36 17.61
CA VAL K 82 50.32 19.24 19.02
C VAL K 82 49.63 17.89 19.29
N GLY K 83 50.20 17.11 20.21
CA GLY K 83 49.67 15.79 20.54
C GLY K 83 48.91 15.70 21.86
N VAL K 84 49.28 16.52 22.84
CA VAL K 84 48.72 16.46 24.18
C VAL K 84 48.37 17.85 24.67
N VAL K 85 47.21 17.99 25.30
CA VAL K 85 46.80 19.24 25.94
C VAL K 85 46.88 19.07 27.44
N LEU K 86 47.56 20.03 28.07
CA LEU K 86 47.63 20.07 29.51
C LEU K 86 46.70 21.18 29.95
N LEU K 87 45.64 20.81 30.67
CA LEU K 87 44.62 21.77 31.10
C LEU K 87 44.74 21.97 32.60
N THR K 88 44.94 23.22 33.00
CA THR K 88 45.23 23.53 34.40
C THR K 88 44.73 24.92 34.76
N GLY K 89 45.13 25.38 35.94
CA GLY K 89 44.77 26.71 36.39
C GLY K 89 46.01 27.39 36.93
N ASN K 90 46.12 28.69 36.63
CA ASN K 90 47.24 29.48 37.14
C ASN K 90 46.94 29.94 38.55
N GLY K 91 48.02 30.22 39.30
CA GLY K 91 47.92 30.84 40.61
C GLY K 91 49.28 31.15 41.22
N PRO K 92 49.32 31.44 42.52
CA PRO K 92 48.15 31.35 43.40
C PRO K 92 47.32 32.62 43.37
N SER K 93 46.28 32.69 44.19
CA SER K 93 45.48 33.91 44.29
C SER K 93 46.32 35.07 44.89
N PRO K 94 46.34 36.24 44.23
CA PRO K 94 47.17 37.35 44.69
C PRO K 94 46.53 37.97 45.94
N LYS K 95 45.26 37.65 46.14
CA LYS K 95 44.49 38.13 47.28
C LYS K 95 44.71 37.33 48.56
N ASP K 96 44.63 36.00 48.44
CA ASP K 96 44.71 35.12 49.62
C ASP K 96 45.69 33.93 49.55
N GLY K 97 46.45 33.83 48.45
CA GLY K 97 47.46 32.80 48.33
C GLY K 97 46.91 31.40 48.14
N GLY K 98 45.59 31.29 47.99
CA GLY K 98 44.91 30.02 47.75
C GLY K 98 45.04 29.53 46.30
N TRP K 99 45.03 28.21 46.12
CA TRP K 99 45.28 27.56 44.84
C TRP K 99 43.98 27.05 44.25
N ALA K 100 43.81 27.23 42.94
CA ALA K 100 42.57 26.81 42.26
C ALA K 100 42.87 26.28 40.86
N PHE K 101 42.30 25.13 40.53
CA PHE K 101 42.24 24.73 39.14
C PHE K 101 41.11 25.53 38.50
N CYS K 102 39.90 25.37 39.04
CA CYS K 102 38.71 26.01 38.51
C CYS K 102 37.56 25.74 39.45
N SER K 103 36.85 26.80 39.83
CA SER K 103 35.79 26.69 40.82
C SER K 103 34.41 26.71 40.17
N GLY K 104 34.36 26.51 38.86
CA GLY K 104 33.09 26.48 38.16
C GLY K 104 32.64 27.82 37.64
N GLY K 105 31.33 27.94 37.41
CA GLY K 105 30.75 29.12 36.80
C GLY K 105 30.84 30.29 37.75
N ASP K 106 31.24 31.43 37.20
CA ASP K 106 31.26 32.67 37.94
C ASP K 106 29.84 33.06 38.38
N GLN K 107 29.65 33.17 39.69
CA GLN K 107 28.33 33.46 40.26
C GLN K 107 28.19 34.90 40.78
N LEU K 134 25.87 26.92 29.44
CA LEU K 134 25.72 25.88 28.42
C LEU K 134 26.81 25.90 27.37
N HIS K 135 27.51 27.04 27.26
CA HIS K 135 28.68 27.10 26.40
C HIS K 135 29.70 26.09 26.96
N ILE K 136 29.70 25.88 28.29
CA ILE K 136 30.63 24.90 28.92
C ILE K 136 30.43 23.45 28.45
N LEU K 137 29.18 23.07 28.16
CA LEU K 137 28.87 21.76 27.59
C LEU K 137 29.59 21.59 26.28
N GLU K 138 29.69 22.67 25.52
CA GLU K 138 30.40 22.63 24.23
C GLU K 138 31.91 22.42 24.41
N VAL K 139 32.47 22.99 25.49
CA VAL K 139 33.87 22.80 25.81
C VAL K 139 34.09 21.33 26.26
N GLN K 140 33.16 20.82 27.04
CA GLN K 140 33.20 19.41 27.44
C GLN K 140 33.28 18.50 26.22
N ARG K 141 32.48 18.81 25.20
CA ARG K 141 32.42 17.96 24.02
C ARG K 141 33.68 18.11 23.18
N LEU K 142 34.19 19.35 23.11
CA LEU K 142 35.48 19.62 22.48
C LEU K 142 36.62 18.78 23.06
N ILE K 143 36.70 18.70 24.38
CA ILE K 143 37.69 17.85 25.05
C ILE K 143 37.43 16.35 24.77
N ARG K 144 36.18 15.95 24.84
CA ARG K 144 35.75 14.54 24.64
C ARG K 144 36.03 14.08 23.21
N PHE K 145 35.76 14.94 22.21
CA PHE K 145 35.83 14.52 20.82
C PHE K 145 37.18 14.75 20.16
N MET K 146 38.05 15.56 20.76
CA MET K 146 39.29 15.89 20.06
C MET K 146 40.25 14.70 20.05
N PRO K 147 40.89 14.49 18.90
CA PRO K 147 41.69 13.29 18.67
C PRO K 147 43.04 13.41 19.28
N LYS K 148 43.07 13.96 20.48
CA LYS K 148 44.30 14.08 21.24
C LYS K 148 44.00 13.87 22.70
N VAL K 149 45.01 13.47 23.45
CA VAL K 149 44.87 13.26 24.89
C VAL K 149 44.91 14.57 25.67
N VAL K 150 43.85 14.78 26.46
CA VAL K 150 43.74 15.96 27.33
C VAL K 150 43.94 15.50 28.79
N ILE K 151 45.02 15.99 29.40
CA ILE K 151 45.35 15.75 30.79
C ILE K 151 44.99 16.98 31.62
N CYS K 152 44.14 16.78 32.63
CA CYS K 152 43.85 17.83 33.57
C CYS K 152 44.89 17.78 34.67
N LEU K 153 45.51 18.92 34.93
CA LEU K 153 46.41 19.05 36.06
C LEU K 153 45.69 19.86 37.16
N VAL K 154 45.18 19.15 38.16
CA VAL K 154 44.43 19.80 39.23
C VAL K 154 45.44 20.31 40.24
N ASN K 155 45.66 21.63 40.18
CA ASN K 155 46.65 22.33 40.99
C ASN K 155 46.06 22.99 42.24
N GLY K 156 44.77 22.83 42.46
CA GLY K 156 44.06 23.55 43.50
C GLY K 156 42.63 23.06 43.56
N TRP K 157 41.72 23.90 44.03
CA TRP K 157 40.30 23.61 44.06
C TRP K 157 39.79 23.24 42.70
N ALA K 158 38.98 22.19 42.65
CA ALA K 158 38.24 21.79 41.45
C ALA K 158 36.82 21.59 41.93
N ALA K 159 35.98 22.59 41.68
CA ALA K 159 34.65 22.60 42.25
C ALA K 159 33.59 22.88 41.20
N GLY K 160 32.38 22.39 41.42
CA GLY K 160 31.28 22.54 40.47
C GLY K 160 31.73 22.20 39.05
N GLY K 161 31.46 23.11 38.10
CA GLY K 161 31.82 22.88 36.71
C GLY K 161 33.31 22.62 36.49
N GLY K 162 34.15 23.18 37.36
CA GLY K 162 35.58 22.95 37.35
C GLY K 162 35.88 21.50 37.65
N HIS K 163 35.15 20.94 38.60
CA HIS K 163 35.24 19.49 38.87
C HIS K 163 34.78 18.63 37.65
N SER K 164 33.65 18.99 37.06
CA SER K 164 33.22 18.35 35.83
C SER K 164 34.17 18.44 34.65
N LEU K 165 34.87 19.56 34.47
CA LEU K 165 35.93 19.62 33.45
C LEU K 165 37.00 18.60 33.71
N HIS K 166 37.39 18.42 34.98
CA HIS K 166 38.42 17.45 35.29
C HIS K 166 37.90 16.03 34.93
N VAL K 167 36.64 15.76 35.25
CA VAL K 167 36.07 14.42 35.04
C VAL K 167 36.10 14.04 33.55
N VAL K 168 35.81 15.01 32.67
CA VAL K 168 35.71 14.75 31.25
C VAL K 168 37.07 14.57 30.57
N CYS K 169 38.12 15.08 31.17
CA CYS K 169 39.44 14.94 30.56
C CYS K 169 39.82 13.49 30.55
N ASP K 170 40.70 13.09 29.64
CA ASP K 170 41.10 11.69 29.53
C ASP K 170 41.89 11.26 30.74
N LEU K 171 42.81 12.10 31.19
CA LEU K 171 43.63 11.79 32.34
C LEU K 171 43.60 12.93 33.35
N THR K 172 43.86 12.61 34.63
CA THR K 172 44.00 13.66 35.67
C THR K 172 45.24 13.39 36.51
N LEU K 173 46.09 14.40 36.64
CA LEU K 173 47.15 14.35 37.65
C LEU K 173 46.84 15.47 38.63
N ALA K 174 47.11 15.23 39.91
CA ALA K 174 46.67 16.16 40.94
C ALA K 174 47.75 16.51 41.93
N SER K 175 47.77 17.78 42.34
CA SER K 175 48.69 18.26 43.35
C SER K 175 48.41 17.67 44.73
N ARG K 176 49.40 16.99 45.31
CA ARG K 176 49.18 16.28 46.55
C ARG K 176 48.80 17.23 47.68
N GLU K 177 49.47 18.37 47.76
CA GLU K 177 49.21 19.31 48.83
C GLU K 177 47.97 20.12 48.58
N TYR K 178 47.69 20.49 47.33
CA TYR K 178 46.67 21.52 47.10
C TYR K 178 45.42 21.17 46.30
N ALA K 179 45.42 20.02 45.61
CA ALA K 179 44.23 19.64 44.88
C ALA K 179 43.13 19.40 45.90
N ARG K 180 41.96 20.00 45.65
CA ARG K 180 40.76 19.76 46.46
C ARG K 180 39.61 19.55 45.50
N PHE K 181 38.91 18.43 45.65
CA PHE K 181 37.81 18.08 44.74
C PHE K 181 36.53 18.20 45.53
N LYS K 182 35.61 19.02 45.03
CA LYS K 182 34.40 19.26 45.76
C LYS K 182 33.30 19.50 44.75
N GLN K 183 32.30 18.63 44.76
CA GLN K 183 31.19 18.82 43.86
C GLN K 183 30.06 19.56 44.56
N THR K 184 30.07 20.88 44.39
CA THR K 184 29.17 21.80 45.08
C THR K 184 27.82 22.02 44.41
N ASP K 185 27.64 21.51 43.19
CA ASP K 185 26.42 21.76 42.41
C ASP K 185 25.11 21.84 43.24
N ALA K 186 24.80 20.76 43.96
CA ALA K 186 23.54 20.62 44.66
C ALA K 186 23.35 21.66 45.77
N ASP K 187 24.46 22.14 46.32
CA ASP K 187 24.44 23.21 47.31
C ASP K 187 23.71 24.46 46.79
N VAL K 188 23.95 24.78 45.51
CA VAL K 188 23.34 25.96 44.90
C VAL K 188 22.12 25.68 44.01
N GLY K 189 21.58 24.47 44.04
CA GLY K 189 20.38 24.13 43.27
C GLY K 189 20.66 23.83 41.81
N SER K 190 21.94 23.60 41.51
CA SER K 190 22.42 23.21 40.20
C SER K 190 22.83 21.72 40.15
N PHE K 191 23.15 21.25 38.94
CA PHE K 191 23.64 19.88 38.72
C PHE K 191 24.21 19.73 37.32
N ASP K 192 25.36 19.09 37.21
CA ASP K 192 25.79 18.53 35.93
C ASP K 192 25.24 17.10 35.83
N GLY K 193 24.19 16.94 35.02
CA GLY K 193 23.52 15.65 34.84
C GLY K 193 24.08 14.85 33.67
N GLY K 194 25.26 15.26 33.17
CA GLY K 194 25.89 14.65 32.02
C GLY K 194 27.23 14.02 32.35
N TYR K 195 28.31 14.53 31.77
CA TYR K 195 29.61 13.92 31.95
C TYR K 195 30.09 14.12 33.35
N GLY K 196 29.69 15.21 34.02
CA GLY K 196 30.19 15.46 35.37
C GLY K 196 29.80 14.37 36.35
N SER K 197 28.61 13.82 36.19
CA SER K 197 28.11 12.82 37.12
C SER K 197 28.19 11.40 36.52
N ALA K 198 27.47 11.17 35.41
CA ALA K 198 27.32 9.81 34.87
C ALA K 198 28.68 9.28 34.41
N TYR K 199 29.53 10.18 33.88
CA TYR K 199 30.83 9.77 33.39
C TYR K 199 31.76 9.51 34.55
N LEU K 200 31.63 10.32 35.61
CA LEU K 200 32.43 10.11 36.83
C LEU K 200 32.15 8.68 37.37
N ALA K 201 30.90 8.24 37.33
CA ALA K 201 30.54 6.90 37.76
C ALA K 201 31.28 5.85 36.94
N ARG K 202 31.71 6.19 35.72
CA ARG K 202 32.46 5.22 34.92
C ARG K 202 33.94 5.23 35.24
N GLN K 203 34.37 6.05 36.21
CA GLN K 203 35.75 6.05 36.67
C GLN K 203 35.84 5.50 38.10
N VAL K 204 34.92 5.96 38.97
CA VAL K 204 34.95 5.60 40.37
C VAL K 204 33.88 4.58 40.82
N GLY K 205 33.00 4.20 39.89
CA GLY K 205 31.89 3.32 40.18
C GLY K 205 30.69 4.10 40.71
N GLN K 206 29.51 3.47 40.68
CA GLN K 206 28.29 4.16 41.05
C GLN K 206 28.17 4.55 42.53
N LYS K 207 28.71 3.79 43.46
CA LYS K 207 28.60 4.22 44.86
C LYS K 207 29.41 5.51 45.13
N PHE K 208 30.68 5.53 44.74
CA PHE K 208 31.52 6.67 45.05
C PHE K 208 31.03 7.94 44.34
N ALA K 209 30.61 7.81 43.09
CA ALA K 209 30.15 8.95 42.33
C ALA K 209 28.92 9.58 42.95
N ARG K 210 27.97 8.76 43.38
CA ARG K 210 26.77 9.24 44.05
C ARG K 210 27.18 9.97 45.33
N GLU K 211 28.12 9.39 46.09
CA GLU K 211 28.58 10.04 47.31
C GLU K 211 29.17 11.42 46.99
N ILE K 212 30.07 11.46 46.00
CA ILE K 212 30.72 12.73 45.61
C ILE K 212 29.68 13.83 45.37
N PHE K 213 28.61 13.52 44.64
CA PHE K 213 27.56 14.49 44.36
C PHE K 213 26.54 14.76 45.46
N PHE K 214 26.03 13.70 46.09
CA PHE K 214 24.99 13.84 47.10
C PHE K 214 25.46 14.58 48.36
N LEU K 215 26.66 14.31 48.85
CA LEU K 215 27.17 14.96 50.03
C LEU K 215 28.02 16.19 49.78
N GLY K 216 28.65 16.29 48.62
CA GLY K 216 29.42 17.48 48.29
C GLY K 216 30.61 17.72 49.21
N ARG K 217 31.21 16.64 49.70
CA ARG K 217 32.39 16.74 50.52
C ARG K 217 33.63 17.12 49.69
N THR K 218 34.65 17.57 50.40
CA THR K 218 35.92 17.94 49.83
C THR K 218 36.83 16.72 49.94
N TYR K 219 37.47 16.36 48.84
CA TYR K 219 38.43 15.25 48.83
C TYR K 219 39.82 15.70 48.37
N THR K 220 40.84 15.06 48.93
CA THR K 220 42.21 15.26 48.51
C THR K 220 42.57 14.46 47.26
N ALA K 221 43.75 14.75 46.73
CA ALA K 221 44.29 14.06 45.56
C ALA K 221 44.35 12.57 45.79
N GLU K 222 44.83 12.20 46.96
CA GLU K 222 45.09 10.84 47.30
C GLU K 222 43.77 10.09 47.42
N GLN K 223 42.76 10.75 47.98
CA GLN K 223 41.45 10.12 48.12
C GLN K 223 40.83 9.86 46.76
N MET K 224 40.92 10.84 45.87
CA MET K 224 40.39 10.73 44.52
C MET K 224 41.16 9.70 43.71
N HIS K 225 42.45 9.58 43.99
CA HIS K 225 43.32 8.57 43.38
C HIS K 225 42.87 7.16 43.80
N GLN K 226 42.56 6.97 45.09
CA GLN K 226 42.11 5.69 45.60
C GLN K 226 40.75 5.35 45.01
N MET K 227 39.91 6.36 44.78
CA MET K 227 38.59 6.10 44.22
C MET K 227 38.58 5.76 42.71
N GLY K 228 39.53 6.34 41.98
CA GLY K 228 39.71 6.01 40.59
C GLY K 228 39.55 7.16 39.65
N ALA K 229 39.41 8.40 40.16
CA ALA K 229 39.20 9.58 39.29
C ALA K 229 40.48 10.37 38.99
N VAL K 230 41.52 10.08 39.75
CA VAL K 230 42.81 10.72 39.58
C VAL K 230 43.83 9.63 39.26
N ASN K 231 44.54 9.82 38.15
CA ASN K 231 45.54 8.86 37.71
C ASN K 231 46.76 8.82 38.61
N ALA K 232 47.28 9.98 38.98
CA ALA K 232 48.42 10.03 39.90
C ALA K 232 48.48 11.33 40.65
N VAL K 233 49.20 11.28 41.75
CA VAL K 233 49.34 12.36 42.68
C VAL K 233 50.81 12.82 42.56
N ALA K 234 51.02 14.13 42.51
CA ALA K 234 52.37 14.64 42.36
C ALA K 234 52.62 15.82 43.31
N GLU K 235 53.88 15.96 43.73
CA GLU K 235 54.30 17.08 44.55
C GLU K 235 53.89 18.37 43.81
N HIS K 236 53.27 19.29 44.54
CA HIS K 236 52.73 20.52 43.94
C HIS K 236 53.65 21.17 42.90
N ALA K 237 54.88 21.43 43.28
CA ALA K 237 55.80 22.15 42.39
C ALA K 237 56.23 21.31 41.20
N GLU K 238 56.03 19.99 41.28
CA GLU K 238 56.42 19.07 40.21
C GLU K 238 55.24 18.70 39.30
N LEU K 239 54.07 19.28 39.54
CA LEU K 239 52.83 18.93 38.89
C LEU K 239 52.90 19.06 37.37
N GLU K 240 53.42 20.17 36.88
CA GLU K 240 53.57 20.36 35.44
C GLU K 240 54.73 19.61 34.88
N THR K 241 55.78 19.42 35.66
CA THR K 241 56.91 18.61 35.22
C THR K 241 56.44 17.16 35.02
N VAL K 242 55.59 16.65 35.92
CA VAL K 242 55.04 15.30 35.77
C VAL K 242 54.07 15.28 34.56
N GLY K 243 53.21 16.29 34.47
CA GLY K 243 52.36 16.43 33.30
C GLY K 243 53.15 16.32 32.00
N LEU K 244 54.29 16.98 31.93
CA LEU K 244 55.12 16.97 30.73
C LEU K 244 55.67 15.60 30.45
N GLN K 245 56.12 14.93 31.48
CA GLN K 245 56.66 13.59 31.32
C GLN K 245 55.56 12.63 30.81
N TRP K 246 54.36 12.74 31.38
CA TRP K 246 53.21 11.99 30.92
C TRP K 246 52.97 12.28 29.43
N ALA K 247 52.89 13.56 29.10
CA ALA K 247 52.69 13.97 27.70
C ALA K 247 53.75 13.37 26.77
N ALA K 248 55.01 13.38 27.24
CA ALA K 248 56.13 12.89 26.45
C ALA K 248 55.94 11.41 26.17
N GLU K 249 55.52 10.64 27.17
CA GLU K 249 55.33 9.21 26.95
C GLU K 249 54.18 9.03 25.94
N ILE K 250 53.16 9.86 26.04
CA ILE K 250 52.05 9.78 25.13
C ILE K 250 52.50 10.09 23.69
N ASN K 251 53.27 11.19 23.54
CA ASN K 251 53.75 11.63 22.24
C ASN K 251 54.80 10.69 21.62
N ALA K 252 55.33 9.75 22.41
CA ALA K 252 56.37 8.86 21.90
C ALA K 252 55.76 7.64 21.21
N LYS K 253 54.44 7.56 21.22
CA LYS K 253 53.71 6.45 20.59
C LYS K 253 53.13 6.85 19.24
N SER K 254 52.65 5.85 18.49
CA SER K 254 52.03 6.08 17.19
C SER K 254 50.81 6.99 17.37
N PRO K 255 50.86 8.19 16.79
CA PRO K 255 49.71 9.12 16.87
C PRO K 255 48.38 8.50 16.40
N GLN K 256 48.46 7.72 15.33
CA GLN K 256 47.30 7.08 14.76
C GLN K 256 46.69 6.08 15.78
N ALA K 257 47.56 5.30 16.42
CA ALA K 257 47.12 4.35 17.43
C ALA K 257 46.46 5.09 18.62
N GLN K 258 47.03 6.21 19.05
CA GLN K 258 46.48 6.96 20.19
C GLN K 258 45.08 7.51 19.90
N ARG K 259 44.95 8.09 18.72
CA ARG K 259 43.69 8.55 18.15
C ARG K 259 42.60 7.45 18.21
N MET K 260 42.91 6.30 17.62
CA MET K 260 42.01 5.15 17.57
C MET K 260 41.63 4.70 18.98
N LEU K 261 42.61 4.69 19.87
CA LEU K 261 42.41 4.24 21.23
C LEU K 261 41.47 5.15 21.98
N LYS K 262 41.67 6.45 21.85
CA LYS K 262 40.81 7.41 22.51
C LYS K 262 39.38 7.18 22.09
N PHE K 263 39.15 7.09 20.78
CA PHE K 263 37.81 6.89 20.29
C PHE K 263 37.28 5.48 20.65
N ALA K 264 38.15 4.47 20.77
CA ALA K 264 37.72 3.15 21.24
C ALA K 264 37.25 3.23 22.68
N PHE K 265 37.95 3.99 23.50
CA PHE K 265 37.52 4.18 24.87
C PHE K 265 36.18 4.91 24.98
N ASN K 266 35.97 5.92 24.15
CA ASN K 266 34.73 6.68 24.16
C ASN K 266 33.56 5.92 23.56
N LEU K 267 33.85 5.01 22.62
CA LEU K 267 32.85 4.53 21.66
C LEU K 267 31.49 4.19 22.25
N LEU K 268 31.36 3.08 22.99
CA LEU K 268 30.01 2.65 23.43
C LEU K 268 29.35 3.63 24.38
N ASP K 269 30.12 4.22 25.30
CA ASP K 269 29.60 5.16 26.26
C ASP K 269 28.94 6.31 25.52
N ASP K 270 29.47 6.66 24.34
CA ASP K 270 28.97 7.79 23.57
C ASP K 270 27.99 7.40 22.46
N GLY K 271 27.55 6.16 22.43
CA GLY K 271 26.50 5.75 21.50
C GLY K 271 26.89 6.03 20.05
N LEU K 272 25.94 6.55 19.30
CA LEU K 272 26.12 6.87 17.89
C LEU K 272 27.22 7.90 17.65
N VAL K 273 27.43 8.80 18.60
CA VAL K 273 28.51 9.76 18.42
C VAL K 273 29.87 9.08 18.57
N GLY K 274 29.96 8.20 19.56
CA GLY K 274 31.18 7.40 19.71
C GLY K 274 31.43 6.56 18.48
N GLN K 275 30.40 5.93 17.92
CA GLN K 275 30.58 5.16 16.69
C GLN K 275 30.99 6.09 15.56
N GLN K 276 30.33 7.25 15.45
CA GLN K 276 30.65 8.21 14.39
C GLN K 276 32.14 8.49 14.38
N LEU K 277 32.70 8.80 15.54
CA LEU K 277 34.08 9.26 15.62
C LEU K 277 35.07 8.16 15.36
N PHE K 278 34.81 6.98 15.91
CA PHE K 278 35.72 5.87 15.69
C PHE K 278 35.62 5.37 14.25
N ALA K 279 34.39 5.21 13.77
CA ALA K 279 34.18 4.84 12.38
C ALA K 279 34.80 5.87 11.41
N GLY K 280 34.75 7.15 11.78
CA GLY K 280 35.39 8.19 10.99
C GLY K 280 36.87 7.95 10.82
N GLU K 281 37.53 7.52 11.88
CA GLU K 281 38.94 7.19 11.75
C GLU K 281 39.17 5.92 10.94
N ALA K 282 38.25 4.97 11.02
CA ALA K 282 38.33 3.77 10.17
C ALA K 282 38.17 4.12 8.70
N THR K 283 37.21 4.99 8.41
CA THR K 283 37.03 5.53 7.08
C THR K 283 38.33 6.15 6.54
N ARG K 284 38.96 7.02 7.33
CA ARG K 284 40.24 7.64 6.92
C ARG K 284 41.30 6.57 6.62
N LEU K 285 41.42 5.57 7.48
CA LEU K 285 42.39 4.50 7.24
C LEU K 285 42.13 3.80 5.91
N ALA K 286 40.86 3.47 5.66
CA ALA K 286 40.45 2.82 4.42
C ALA K 286 40.82 3.65 3.19
N TYR K 287 40.63 4.95 3.26
CA TYR K 287 40.94 5.87 2.17
C TYR K 287 42.38 5.73 1.66
N MET K 288 43.29 5.42 2.56
CA MET K 288 44.70 5.34 2.24
C MET K 288 45.10 4.03 1.53
N THR K 289 44.21 3.03 1.55
CA THR K 289 44.51 1.70 1.00
C THR K 289 44.49 1.65 -0.52
N ASP K 290 45.15 0.63 -1.07
CA ASP K 290 45.15 0.38 -2.52
C ASP K 290 43.71 0.15 -3.02
N GLU K 291 42.96 -0.68 -2.29
CA GLU K 291 41.57 -0.98 -2.62
C GLU K 291 40.72 0.27 -2.84
N ALA K 292 40.83 1.22 -1.91
CA ALA K 292 40.09 2.48 -2.00
C ALA K 292 40.56 3.37 -3.14
N VAL K 293 41.83 3.26 -3.53
CA VAL K 293 42.35 4.02 -4.67
C VAL K 293 41.70 3.46 -5.94
N GLU K 294 41.70 2.13 -6.08
CA GLU K 294 41.01 1.46 -7.20
C GLU K 294 39.56 1.91 -7.39
N GLY K 295 38.80 1.94 -6.30
CA GLY K 295 37.43 2.40 -6.36
C GLY K 295 37.30 3.85 -6.81
N ARG K 296 38.23 4.67 -6.35
CA ARG K 296 38.27 6.10 -6.67
C ARG K 296 38.67 6.34 -8.14
N ASP K 297 39.66 5.60 -8.61
CA ASP K 297 40.16 5.67 -9.99
C ASP K 297 39.04 5.30 -10.98
N ALA K 298 38.47 4.11 -10.76
CA ALA K 298 37.40 3.57 -11.60
C ALA K 298 36.18 4.47 -11.75
N PHE K 299 35.87 5.27 -10.72
CA PHE K 299 34.77 6.24 -10.84
C PHE K 299 35.14 7.38 -11.81
N LEU K 300 36.32 7.97 -11.61
CA LEU K 300 36.80 9.07 -12.45
C LEU K 300 37.05 8.61 -13.91
N GLN K 301 37.62 7.42 -14.06
CA GLN K 301 37.92 6.83 -15.37
C GLN K 301 36.69 6.16 -16.04
N LYS K 302 35.52 6.29 -15.40
CA LYS K 302 34.25 5.73 -15.87
C LYS K 302 34.23 4.23 -16.21
N ARG K 303 35.26 3.50 -15.77
CA ARG K 303 35.34 2.06 -15.96
C ARG K 303 34.77 1.27 -14.75
N PRO K 304 34.56 -0.05 -14.88
CA PRO K 304 34.25 -0.89 -13.72
C PRO K 304 35.50 -1.13 -12.86
N PRO K 305 35.36 -1.17 -11.53
CA PRO K 305 36.48 -1.42 -10.63
C PRO K 305 36.85 -2.90 -10.61
N ASP K 306 38.13 -3.19 -10.41
CA ASP K 306 38.58 -4.55 -10.23
C ASP K 306 39.05 -4.83 -8.81
N TRP K 307 38.34 -5.75 -8.15
CA TRP K 307 38.58 -6.08 -6.74
C TRP K 307 39.38 -7.37 -6.55
N SER K 308 39.81 -7.99 -7.66
CA SER K 308 40.50 -9.28 -7.59
C SER K 308 41.86 -9.31 -6.85
N PRO K 309 42.67 -8.24 -6.93
CA PRO K 309 43.92 -8.18 -6.15
C PRO K 309 43.73 -8.26 -4.61
N PHE K 310 42.59 -7.77 -4.11
CA PHE K 310 42.34 -7.63 -2.66
C PHE K 310 41.46 -8.75 -2.10
N PRO K 311 41.98 -9.45 -1.09
CA PRO K 311 41.32 -10.67 -0.59
C PRO K 311 40.20 -10.38 0.40
N ARG K 312 39.35 -11.38 0.63
CA ARG K 312 38.29 -11.24 1.61
C ARG K 312 38.75 -11.76 2.97
N TYR K 313 39.44 -10.87 3.71
CA TYR K 313 39.96 -11.16 5.04
C TYR K 313 38.85 -11.60 6.01
N PHE K 314 39.18 -12.48 6.95
CA PHE K 314 38.18 -13.02 7.90
C PHE K 314 38.60 -13.07 9.38
N ASN L 18 25.40 -0.90 70.60
CA ASN L 18 24.16 -0.89 69.72
C ASN L 18 24.02 0.41 68.92
N PRO L 19 23.97 0.31 67.60
CA PRO L 19 23.91 1.50 66.74
C PRO L 19 22.65 2.33 66.96
N PHE L 20 21.58 1.68 67.41
CA PHE L 20 20.28 2.34 67.56
C PHE L 20 20.24 3.25 68.77
N ASP L 21 20.01 4.52 68.52
CA ASP L 21 19.80 5.51 69.56
C ASP L 21 18.30 5.87 69.67
N ALA L 22 17.60 5.22 70.59
CA ALA L 22 16.15 5.43 70.80
C ALA L 22 15.71 6.86 70.98
N LYS L 23 16.52 7.72 71.59
CA LYS L 23 16.14 9.12 71.73
C LYS L 23 16.04 9.88 70.40
N ALA L 24 16.66 9.36 69.35
CA ALA L 24 16.72 10.09 68.08
C ALA L 24 15.50 9.87 67.19
N TRP L 25 14.70 8.85 67.51
CA TRP L 25 13.68 8.35 66.60
C TRP L 25 12.28 8.30 67.21
N ARG L 26 11.28 8.57 66.38
CA ARG L 26 9.87 8.43 66.74
C ARG L 26 9.18 7.49 65.76
N LEU L 27 8.26 6.65 66.25
CA LEU L 27 7.46 5.79 65.37
C LEU L 27 6.65 6.62 64.38
N VAL L 28 6.41 6.06 63.19
CA VAL L 28 5.62 6.74 62.19
C VAL L 28 4.16 6.33 62.40
N ASP L 29 3.28 7.30 62.34
CA ASP L 29 1.84 7.08 62.53
C ASP L 29 1.29 6.15 61.46
N GLY L 30 0.50 5.16 61.89
CA GLY L 30 -0.20 4.28 60.98
C GLY L 30 0.47 2.96 60.72
N PHE L 31 1.53 2.66 61.47
CA PHE L 31 2.33 1.48 61.23
C PHE L 31 2.48 0.60 62.49
N ASP L 32 1.48 0.61 63.38
CA ASP L 32 1.53 -0.19 64.60
C ASP L 32 1.33 -1.69 64.34
N ASP L 33 0.84 -2.02 63.15
CA ASP L 33 0.67 -3.40 62.71
C ASP L 33 1.95 -4.10 62.20
N LEU L 34 3.07 -3.37 62.13
CA LEU L 34 4.33 -3.95 61.63
C LEU L 34 4.92 -5.02 62.53
N THR L 35 5.23 -6.18 61.96
CA THR L 35 5.86 -7.26 62.72
C THR L 35 7.33 -7.52 62.36
N ASP L 36 7.64 -7.43 61.06
CA ASP L 36 8.91 -7.90 60.54
C ASP L 36 9.85 -6.77 60.21
N ILE L 37 9.37 -5.53 60.35
CA ILE L 37 10.06 -4.33 59.90
C ILE L 37 9.80 -3.24 60.95
N THR L 38 10.78 -2.36 61.21
CA THR L 38 10.46 -1.15 61.98
C THR L 38 10.65 0.13 61.17
N TYR L 39 9.91 1.15 61.54
CA TYR L 39 9.78 2.36 60.76
C TYR L 39 9.73 3.55 61.69
N HIS L 40 10.79 4.36 61.67
CA HIS L 40 10.91 5.53 62.48
C HIS L 40 11.20 6.75 61.65
N ARG L 41 10.73 7.90 62.12
CA ARG L 41 11.09 9.20 61.60
C ARG L 41 12.02 9.83 62.65
N HIS L 42 13.03 10.59 62.20
CA HIS L 42 13.94 11.26 63.11
C HIS L 42 13.23 12.38 63.82
N VAL L 43 13.64 12.66 65.06
CA VAL L 43 12.98 13.69 65.85
C VAL L 43 13.11 15.10 65.25
N ASP L 44 14.18 15.36 64.51
CA ASP L 44 14.41 16.70 63.91
C ASP L 44 14.60 16.68 62.41
N ASP L 45 15.34 15.68 61.93
CA ASP L 45 15.81 15.62 60.55
C ASP L 45 14.79 15.01 59.58
N ALA L 46 14.92 15.36 58.30
CA ALA L 46 14.11 14.81 57.21
C ALA L 46 14.59 13.40 56.79
N THR L 47 14.66 12.49 57.74
CA THR L 47 15.30 11.19 57.55
C THR L 47 14.48 10.16 58.25
N VAL L 48 14.32 8.99 57.64
CA VAL L 48 13.60 7.88 58.24
C VAL L 48 14.50 6.66 58.39
N ARG L 49 14.13 5.77 59.30
CA ARG L 49 14.91 4.58 59.56
C ARG L 49 14.01 3.37 59.31
N VAL L 50 14.43 2.54 58.37
CA VAL L 50 13.68 1.37 57.93
C VAL L 50 14.56 0.19 58.21
N ALA L 51 14.06 -0.77 58.99
CA ALA L 51 14.94 -1.82 59.45
C ALA L 51 14.29 -3.20 59.50
N PHE L 52 15.02 -4.21 59.05
CA PHE L 52 14.57 -5.58 59.25
C PHE L 52 14.49 -5.83 60.75
N ASN L 53 13.42 -6.48 61.15
CA ASN L 53 13.14 -6.73 62.56
C ASN L 53 12.91 -8.22 62.86
N ARG L 54 13.75 -9.10 62.30
CA ARG L 54 13.73 -10.52 62.65
C ARG L 54 15.15 -10.97 62.96
N PRO L 55 15.79 -10.38 63.96
CA PRO L 55 17.19 -10.68 64.26
C PRO L 55 17.44 -12.15 64.66
N GLU L 56 16.40 -12.88 65.11
CA GLU L 56 16.51 -14.32 65.45
C GLU L 56 16.89 -15.13 64.25
N VAL L 57 16.46 -14.70 63.07
CA VAL L 57 16.78 -15.44 61.86
C VAL L 57 17.71 -14.67 60.91
N ARG L 58 18.63 -13.91 61.52
CA ARG L 58 19.63 -13.16 60.78
C ARG L 58 18.95 -12.16 59.84
N ASN L 59 17.78 -11.69 60.25
CA ASN L 59 17.00 -10.70 59.48
C ASN L 59 16.63 -11.17 58.07
N ALA L 60 16.41 -12.46 57.92
CA ALA L 60 15.90 -13.03 56.67
C ALA L 60 14.48 -12.53 56.41
N PHE L 61 14.17 -12.26 55.14
CA PHE L 61 12.82 -11.80 54.78
C PHE L 61 11.97 -12.92 54.26
N ARG L 62 10.79 -13.06 54.85
CA ARG L 62 9.73 -13.95 54.36
C ARG L 62 8.75 -13.10 53.56
N PRO L 63 7.82 -13.72 52.82
CA PRO L 63 6.91 -12.93 51.99
C PRO L 63 6.25 -11.76 52.74
N HIS L 64 5.80 -11.99 53.98
CA HIS L 64 5.25 -10.93 54.81
C HIS L 64 6.23 -9.74 55.06
N THR L 65 7.51 -10.04 55.22
CA THR L 65 8.55 -9.00 55.41
C THR L 65 8.63 -8.10 54.19
N VAL L 66 8.63 -8.73 53.01
CA VAL L 66 8.70 -7.99 51.78
C VAL L 66 7.49 -7.07 51.60
N ASP L 67 6.28 -7.58 51.90
CA ASP L 67 5.07 -6.75 51.91
C ASP L 67 5.25 -5.53 52.77
N GLU L 68 5.71 -5.74 54.01
CA GLU L 68 5.88 -4.64 54.94
C GLU L 68 6.96 -3.66 54.46
N LEU L 69 8.07 -4.20 53.97
CA LEU L 69 9.19 -3.40 53.47
C LEU L 69 8.73 -2.52 52.31
N TYR L 70 8.03 -3.14 51.37
CA TYR L 70 7.46 -2.38 50.27
C TYR L 70 6.54 -1.20 50.74
N ARG L 71 5.56 -1.53 51.58
CA ARG L 71 4.62 -0.56 52.12
C ARG L 71 5.36 0.62 52.78
N VAL L 72 6.33 0.26 53.61
CA VAL L 72 7.08 1.24 54.38
C VAL L 72 7.90 2.15 53.46
N LEU L 73 8.65 1.56 52.53
CA LEU L 73 9.46 2.34 51.60
C LEU L 73 8.59 3.17 50.68
N ASP L 74 7.46 2.60 50.26
CA ASP L 74 6.50 3.35 49.45
C ASP L 74 5.95 4.57 50.20
N HIS L 75 5.62 4.36 51.48
CA HIS L 75 5.20 5.50 52.29
C HIS L 75 6.30 6.58 52.36
N ALA L 76 7.54 6.15 52.59
CA ALA L 76 8.67 7.08 52.69
C ALA L 76 8.86 7.83 51.37
N ARG L 77 8.70 7.12 50.25
CA ARG L 77 8.76 7.73 48.94
C ARG L 77 7.74 8.87 48.79
N MET L 78 6.56 8.68 49.35
CA MET L 78 5.46 9.65 49.18
C MET L 78 5.41 10.71 50.29
N SER L 79 6.35 10.64 51.23
CA SER L 79 6.42 11.61 52.34
C SER L 79 7.24 12.83 51.96
N PRO L 80 6.57 13.95 51.66
CA PRO L 80 7.25 15.12 51.10
C PRO L 80 8.23 15.79 52.08
N ASP L 81 8.18 15.43 53.35
CA ASP L 81 9.09 16.01 54.32
C ASP L 81 10.22 15.02 54.70
N VAL L 82 10.35 13.94 53.93
CA VAL L 82 11.43 12.97 54.12
C VAL L 82 12.35 13.06 52.90
N GLY L 83 13.63 13.26 53.16
CA GLY L 83 14.62 13.36 52.10
C GLY L 83 15.55 12.18 51.97
N VAL L 84 15.76 11.44 53.06
CA VAL L 84 16.72 10.35 53.09
C VAL L 84 16.15 9.12 53.78
N VAL L 85 16.39 7.95 53.19
CA VAL L 85 15.99 6.72 53.82
C VAL L 85 17.24 5.98 54.31
N LEU L 86 17.25 5.62 55.60
CA LEU L 86 18.30 4.80 56.17
C LEU L 86 17.73 3.38 56.25
N LEU L 87 18.32 2.44 55.52
CA LEU L 87 17.86 1.07 55.49
C LEU L 87 18.89 0.21 56.19
N THR L 88 18.44 -0.47 57.22
CA THR L 88 19.35 -1.24 58.06
C THR L 88 18.63 -2.46 58.65
N GLY L 89 19.28 -3.14 59.57
CA GLY L 89 18.70 -4.24 60.29
C GLY L 89 18.85 -4.05 61.78
N ASN L 90 17.83 -4.43 62.54
CA ASN L 90 17.92 -4.39 63.99
C ASN L 90 18.66 -5.58 64.52
N GLY L 91 19.24 -5.43 65.70
CA GLY L 91 19.88 -6.53 66.40
C GLY L 91 20.32 -6.17 67.80
N PRO L 92 21.09 -7.04 68.46
CA PRO L 92 21.60 -8.29 67.86
C PRO L 92 20.59 -9.43 67.99
N SER L 93 20.95 -10.64 67.57
CA SER L 93 20.10 -11.81 67.82
C SER L 93 19.98 -12.12 69.33
N PRO L 94 18.76 -12.24 69.83
CA PRO L 94 18.56 -12.59 71.23
C PRO L 94 18.99 -14.03 71.50
N LYS L 95 19.12 -14.84 70.46
CA LYS L 95 19.52 -16.22 70.58
C LYS L 95 21.03 -16.40 70.70
N ASP L 96 21.82 -15.72 69.86
CA ASP L 96 23.28 -15.90 69.90
C ASP L 96 24.14 -14.65 69.82
N GLY L 97 23.52 -13.48 69.86
CA GLY L 97 24.24 -12.21 69.88
C GLY L 97 24.84 -11.76 68.55
N GLY L 98 24.54 -12.52 67.50
CA GLY L 98 25.04 -12.25 66.16
C GLY L 98 24.30 -11.11 65.49
N TRP L 99 25.04 -10.34 64.69
CA TRP L 99 24.50 -9.16 64.00
C TRP L 99 24.20 -9.47 62.55
N ALA L 100 23.05 -8.99 62.10
CA ALA L 100 22.68 -9.08 60.67
C ALA L 100 22.03 -7.80 60.14
N PHE L 101 22.42 -7.41 58.94
CA PHE L 101 21.59 -6.48 58.20
C PHE L 101 20.40 -7.27 57.62
N CYS L 102 20.70 -8.33 56.87
CA CYS L 102 19.69 -9.14 56.19
C CYS L 102 20.39 -10.29 55.54
N SER L 103 19.85 -11.49 55.76
CA SER L 103 20.43 -12.71 55.25
C SER L 103 19.71 -13.22 54.00
N GLY L 104 18.83 -12.42 53.42
CA GLY L 104 18.14 -12.82 52.22
C GLY L 104 16.81 -13.51 52.52
N GLY L 105 16.35 -14.30 51.55
CA GLY L 105 15.04 -14.92 51.62
C GLY L 105 15.01 -15.97 52.71
N ASP L 106 13.91 -15.96 53.46
CA ASP L 106 13.66 -16.97 54.49
C ASP L 106 13.54 -18.38 53.86
N GLN L 107 14.47 -19.26 54.24
CA GLN L 107 14.57 -20.60 53.64
C GLN L 107 13.96 -21.73 54.52
N LEU L 134 10.11 -12.89 44.23
CA LEU L 134 10.01 -11.87 43.19
C LEU L 134 9.38 -10.57 43.68
N HIS L 135 8.67 -10.61 44.82
CA HIS L 135 8.19 -9.38 45.45
C HIS L 135 9.43 -8.50 45.76
N ILE L 136 10.57 -9.10 46.09
CA ILE L 136 11.77 -8.34 46.43
C ILE L 136 12.36 -7.53 45.25
N LEU L 137 12.18 -8.02 44.02
CA LEU L 137 12.56 -7.29 42.84
C LEU L 137 11.77 -5.99 42.76
N GLU L 138 10.51 -6.03 43.20
CA GLU L 138 9.70 -4.82 43.29
C GLU L 138 10.25 -3.82 44.31
N VAL L 139 10.75 -4.34 45.45
CA VAL L 139 11.39 -3.50 46.47
C VAL L 139 12.65 -2.86 45.88
N GLN L 140 13.44 -3.65 45.15
CA GLN L 140 14.65 -3.13 44.50
C GLN L 140 14.33 -1.95 43.59
N ARG L 141 13.30 -2.11 42.77
CA ARG L 141 12.84 -1.05 41.88
C ARG L 141 12.33 0.20 42.63
N LEU L 142 11.58 -0.01 43.71
CA LEU L 142 11.16 1.08 44.58
C LEU L 142 12.36 1.87 45.07
N ILE L 143 13.40 1.18 45.56
CA ILE L 143 14.59 1.88 46.08
C ILE L 143 15.27 2.61 44.92
N ARG L 144 15.32 1.96 43.77
CA ARG L 144 16.01 2.44 42.59
C ARG L 144 15.32 3.72 42.07
N PHE L 145 13.99 3.71 42.01
CA PHE L 145 13.23 4.76 41.35
C PHE L 145 12.85 5.91 42.25
N MET L 146 12.89 5.69 43.55
CA MET L 146 12.40 6.72 44.45
C MET L 146 13.29 7.96 44.39
N PRO L 147 12.65 9.12 44.34
CA PRO L 147 13.37 10.40 44.12
C PRO L 147 14.03 10.93 45.41
N LYS L 148 14.53 10.00 46.21
CA LYS L 148 15.34 10.34 47.37
C LYS L 148 16.49 9.35 47.55
N VAL L 149 17.50 9.78 48.30
CA VAL L 149 18.66 8.97 48.52
C VAL L 149 18.41 7.88 49.58
N VAL L 150 18.68 6.62 49.22
CA VAL L 150 18.59 5.50 50.16
C VAL L 150 19.99 5.03 50.52
N ILE L 151 20.32 5.16 51.81
CA ILE L 151 21.57 4.71 52.37
C ILE L 151 21.36 3.38 53.09
N CYS L 152 22.08 2.35 52.64
CA CYS L 152 22.13 1.09 53.38
C CYS L 152 23.14 1.18 54.50
N LEU L 153 22.71 0.91 55.73
CA LEU L 153 23.64 0.83 56.85
C LEU L 153 23.82 -0.64 57.15
N VAL L 154 24.94 -1.19 56.69
CA VAL L 154 25.19 -2.62 56.89
C VAL L 154 25.80 -2.88 58.28
N ASN L 155 24.94 -3.32 59.19
CA ASN L 155 25.30 -3.49 60.60
C ASN L 155 25.70 -4.91 60.95
N GLY L 156 25.69 -5.79 59.97
CA GLY L 156 25.90 -7.19 60.26
C GLY L 156 26.02 -7.94 58.96
N TRP L 157 25.69 -9.22 58.98
CA TRP L 157 25.65 -10.00 57.77
C TRP L 157 24.74 -9.38 56.72
N ALA L 158 25.21 -9.38 55.49
CA ALA L 158 24.45 -9.00 54.31
C ALA L 158 24.72 -10.15 53.32
N ALA L 159 23.76 -11.07 53.23
CA ALA L 159 23.94 -12.27 52.42
C ALA L 159 22.77 -12.48 51.47
N GLY L 160 23.02 -13.17 50.36
CA GLY L 160 22.02 -13.36 49.32
C GLY L 160 21.29 -12.07 48.95
N GLY L 161 19.97 -12.17 48.95
CA GLY L 161 19.09 -11.03 48.67
C GLY L 161 19.39 -9.81 49.53
N GLY L 162 19.86 -10.07 50.76
CA GLY L 162 20.29 -9.04 51.67
C GLY L 162 21.47 -8.26 51.12
N HIS L 163 22.43 -8.99 50.55
CA HIS L 163 23.57 -8.37 49.85
C HIS L 163 23.10 -7.54 48.64
N SER L 164 22.15 -8.12 47.88
CA SER L 164 21.63 -7.45 46.70
C SER L 164 20.88 -6.18 47.03
N LEU L 165 20.18 -6.15 48.17
CA LEU L 165 19.51 -4.93 48.64
C LEU L 165 20.53 -3.85 48.89
N HIS L 166 21.63 -4.22 49.53
CA HIS L 166 22.73 -3.27 49.79
C HIS L 166 23.24 -2.67 48.46
N VAL L 167 23.45 -3.55 47.48
CA VAL L 167 23.99 -3.20 46.19
C VAL L 167 23.13 -2.13 45.49
N VAL L 168 21.81 -2.30 45.52
CA VAL L 168 20.94 -1.39 44.80
C VAL L 168 20.70 -0.08 45.52
N CYS L 169 21.04 0.03 46.80
CA CYS L 169 20.91 1.31 47.46
C CYS L 169 21.91 2.30 46.85
N ASP L 170 21.57 3.58 46.93
CA ASP L 170 22.44 4.64 46.43
C ASP L 170 23.77 4.64 47.11
N LEU L 171 23.77 4.57 48.45
CA LEU L 171 24.99 4.61 49.22
C LEU L 171 25.01 3.46 50.22
N THR L 172 26.21 3.06 50.65
CA THR L 172 26.39 2.10 51.71
C THR L 172 27.43 2.52 52.73
N LEU L 173 27.01 2.59 53.99
CA LEU L 173 27.94 2.68 55.13
C LEU L 173 27.91 1.34 55.89
N ALA L 174 29.06 0.88 56.38
CA ALA L 174 29.16 -0.45 56.97
C ALA L 174 29.90 -0.49 58.29
N SER L 175 29.43 -1.35 59.20
CA SER L 175 30.02 -1.50 60.51
C SER L 175 31.39 -2.19 60.38
N ARG L 176 32.41 -1.53 60.88
CA ARG L 176 33.78 -2.05 60.78
C ARG L 176 33.87 -3.44 61.41
N GLU L 177 33.35 -3.58 62.62
CA GLU L 177 33.50 -4.81 63.37
C GLU L 177 32.62 -5.93 62.87
N TYR L 178 31.42 -5.60 62.39
CA TYR L 178 30.38 -6.62 62.19
C TYR L 178 29.78 -6.75 60.78
N ALA L 179 29.95 -5.75 59.89
CA ALA L 179 29.48 -5.95 58.52
C ALA L 179 30.21 -7.13 57.91
N ARG L 180 29.44 -8.00 57.27
CA ARG L 180 30.00 -9.17 56.58
C ARG L 180 29.21 -9.36 55.30
N PHE L 181 29.91 -9.34 54.16
CA PHE L 181 29.29 -9.39 52.85
C PHE L 181 29.57 -10.71 52.26
N LYS L 182 28.52 -11.42 51.88
CA LYS L 182 28.68 -12.77 51.36
C LYS L 182 27.60 -13.03 50.35
N GLN L 183 27.99 -13.29 49.11
CA GLN L 183 27.00 -13.59 48.11
C GLN L 183 26.86 -15.09 47.93
N THR L 184 25.89 -15.64 48.67
CA THR L 184 25.67 -17.08 48.82
C THR L 184 24.79 -17.72 47.74
N ASP L 185 24.17 -16.91 46.89
CA ASP L 185 23.17 -17.40 45.92
C ASP L 185 23.55 -18.75 45.27
N ALA L 186 24.70 -18.79 44.62
CA ALA L 186 25.14 -19.95 43.85
C ALA L 186 25.32 -21.22 44.70
N ASP L 187 25.62 -21.06 45.99
CA ASP L 187 25.66 -22.17 46.95
C ASP L 187 24.35 -22.96 46.94
N VAL L 188 23.23 -22.24 46.89
CA VAL L 188 21.90 -22.86 46.98
C VAL L 188 21.19 -23.05 45.62
N GLY L 189 21.90 -22.78 44.53
CA GLY L 189 21.35 -22.98 43.19
C GLY L 189 20.52 -21.83 42.68
N SER L 190 20.63 -20.71 43.37
CA SER L 190 19.95 -19.45 43.04
C SER L 190 20.94 -18.40 42.45
N PHE L 191 20.41 -17.26 41.98
CA PHE L 191 21.22 -16.14 41.50
C PHE L 191 20.39 -14.88 41.32
N ASP L 192 20.91 -13.74 41.75
CA ASP L 192 20.32 -12.45 41.36
C ASP L 192 21.03 -12.09 40.07
N GLY L 193 20.33 -12.24 38.94
CA GLY L 193 20.92 -11.90 37.66
C GLY L 193 20.64 -10.45 37.24
N GLY L 194 20.24 -9.61 38.20
CA GLY L 194 19.91 -8.23 37.88
C GLY L 194 20.78 -7.23 38.58
N TYR L 195 20.16 -6.43 39.44
CA TYR L 195 20.87 -5.41 40.15
C TYR L 195 21.91 -6.00 41.08
N GLY L 196 21.62 -7.16 41.69
CA GLY L 196 22.56 -7.76 42.62
C GLY L 196 23.95 -8.05 42.04
N SER L 197 24.01 -8.45 40.78
CA SER L 197 25.29 -8.77 40.13
C SER L 197 25.72 -7.71 39.08
N ALA L 198 24.89 -7.46 38.06
CA ALA L 198 25.28 -6.57 36.97
C ALA L 198 25.52 -5.14 37.45
N TYR L 199 24.72 -4.67 38.38
CA TYR L 199 24.92 -3.36 38.96
C TYR L 199 26.11 -3.29 39.93
N LEU L 200 26.35 -4.38 40.65
CA LEU L 200 27.54 -4.47 41.49
C LEU L 200 28.80 -4.23 40.65
N ALA L 201 28.82 -4.79 39.45
CA ALA L 201 29.96 -4.64 38.54
C ALA L 201 30.17 -3.16 38.18
N ARG L 202 29.12 -2.37 38.26
CA ARG L 202 29.19 -0.96 37.96
C ARG L 202 29.64 -0.16 39.19
N GLN L 203 29.95 -0.86 40.28
CA GLN L 203 30.51 -0.23 41.45
C GLN L 203 31.96 -0.65 41.68
N VAL L 204 32.23 -1.96 41.58
CA VAL L 204 33.54 -2.54 41.89
C VAL L 204 34.26 -3.00 40.63
N GLY L 205 33.58 -2.93 39.50
CA GLY L 205 34.18 -3.40 38.27
C GLY L 205 33.94 -4.88 38.06
N GLN L 206 34.08 -5.30 36.80
CA GLN L 206 33.73 -6.62 36.39
C GLN L 206 34.56 -7.73 37.02
N LYS L 207 35.86 -7.50 37.26
CA LYS L 207 36.67 -8.58 37.88
C LYS L 207 36.20 -8.84 39.31
N PHE L 208 36.08 -7.78 40.13
CA PHE L 208 35.71 -8.01 41.53
C PHE L 208 34.28 -8.55 41.68
N ALA L 209 33.35 -8.05 40.86
CA ALA L 209 31.99 -8.46 40.95
C ALA L 209 31.87 -9.96 40.65
N ARG L 210 32.57 -10.42 39.61
CA ARG L 210 32.57 -11.80 39.25
C ARG L 210 33.15 -12.62 40.40
N GLU L 211 34.25 -12.14 40.96
CA GLU L 211 34.83 -12.80 42.13
C GLU L 211 33.80 -12.98 43.27
N ILE L 212 33.14 -11.89 43.61
CA ILE L 212 32.16 -11.91 44.68
C ILE L 212 31.13 -13.01 44.52
N PHE L 213 30.55 -13.14 43.33
CA PHE L 213 29.50 -14.16 43.10
C PHE L 213 30.05 -15.58 42.86
N PHE L 214 31.11 -15.69 42.05
CA PHE L 214 31.62 -16.98 41.66
C PHE L 214 32.19 -17.75 42.87
N LEU L 215 32.92 -17.07 43.77
CA LEU L 215 33.48 -17.74 44.95
C LEU L 215 32.58 -17.74 46.20
N GLY L 216 31.81 -16.70 46.39
CA GLY L 216 30.88 -16.63 47.50
C GLY L 216 31.62 -16.46 48.81
N ARG L 217 32.75 -15.76 48.77
CA ARG L 217 33.53 -15.52 49.98
C ARG L 217 32.92 -14.44 50.81
N THR L 218 33.36 -14.37 52.05
CA THR L 218 32.88 -13.40 53.01
C THR L 218 33.87 -12.22 53.01
N TYR L 219 33.34 -11.02 52.91
CA TYR L 219 34.19 -9.83 52.92
C TYR L 219 33.86 -8.92 54.10
N THR L 220 34.87 -8.20 54.56
CA THR L 220 34.65 -7.24 55.62
C THR L 220 34.21 -5.93 55.01
N ALA L 221 33.77 -5.02 55.87
CA ALA L 221 33.49 -3.67 55.48
C ALA L 221 34.66 -2.98 54.74
N GLU L 222 35.87 -3.15 55.26
CA GLU L 222 37.05 -2.48 54.74
C GLU L 222 37.38 -3.02 53.36
N GLN L 223 37.26 -4.32 53.19
CA GLN L 223 37.51 -4.96 51.91
C GLN L 223 36.53 -4.46 50.83
N MET L 224 35.24 -4.38 51.18
CA MET L 224 34.24 -3.89 50.26
C MET L 224 34.44 -2.40 49.98
N HIS L 225 34.98 -1.66 50.96
CA HIS L 225 35.30 -0.26 50.78
C HIS L 225 36.41 -0.09 49.77
N GLN L 226 37.45 -0.92 49.87
CA GLN L 226 38.53 -0.94 48.91
C GLN L 226 38.09 -1.33 47.49
N MET L 227 37.11 -2.22 47.40
CA MET L 227 36.65 -2.68 46.09
C MET L 227 35.72 -1.66 45.42
N GLY L 228 35.01 -0.88 46.24
CA GLY L 228 34.19 0.21 45.77
C GLY L 228 32.68 0.04 45.95
N ALA L 229 32.25 -0.97 46.73
CA ALA L 229 30.81 -1.14 46.97
C ALA L 229 30.35 -0.53 48.29
N VAL L 230 31.28 -0.18 49.16
CA VAL L 230 30.96 0.46 50.43
C VAL L 230 31.58 1.88 50.43
N ASN L 231 30.74 2.87 50.71
CA ASN L 231 31.18 4.27 50.74
C ASN L 231 32.13 4.60 51.87
N ALA L 232 31.76 4.22 53.09
CA ALA L 232 32.62 4.41 54.25
C ALA L 232 32.36 3.34 55.31
N VAL L 233 33.33 3.21 56.20
CA VAL L 233 33.32 2.24 57.26
C VAL L 233 33.16 3.06 58.54
N ALA L 234 32.32 2.56 59.44
CA ALA L 234 32.08 3.23 60.71
C ALA L 234 32.23 2.27 61.86
N GLU L 235 32.60 2.82 63.01
CA GLU L 235 32.56 2.09 64.27
C GLU L 235 31.13 1.60 64.48
N HIS L 236 30.96 0.32 64.81
CA HIS L 236 29.64 -0.28 64.93
C HIS L 236 28.64 0.60 65.65
N ALA L 237 29.02 1.08 66.84
CA ALA L 237 28.10 1.82 67.69
C ALA L 237 27.82 3.20 67.08
N GLU L 238 28.66 3.63 66.14
CA GLU L 238 28.50 4.95 65.52
C GLU L 238 27.81 4.87 64.15
N LEU L 239 27.46 3.65 63.74
CA LEU L 239 26.97 3.44 62.37
C LEU L 239 25.78 4.33 62.01
N GLU L 240 24.80 4.44 62.91
CA GLU L 240 23.58 5.21 62.62
C GLU L 240 23.85 6.69 62.83
N THR L 241 24.74 6.99 63.75
CA THR L 241 25.21 8.36 63.95
C THR L 241 25.87 8.91 62.67
N VAL L 242 26.77 8.12 62.09
CA VAL L 242 27.34 8.48 60.81
C VAL L 242 26.28 8.51 59.68
N GLY L 243 25.39 7.53 59.68
CA GLY L 243 24.26 7.55 58.77
C GLY L 243 23.49 8.85 58.78
N LEU L 244 23.18 9.33 59.98
CA LEU L 244 22.40 10.55 60.19
C LEU L 244 23.17 11.80 59.77
N GLN L 245 24.48 11.78 59.98
CA GLN L 245 25.35 12.86 59.52
C GLN L 245 25.37 12.93 57.97
N TRP L 246 25.58 11.79 57.32
CA TRP L 246 25.48 11.68 55.88
C TRP L 246 24.10 12.19 55.40
N ALA L 247 23.02 11.67 55.98
CA ALA L 247 21.68 12.15 55.68
C ALA L 247 21.52 13.71 55.80
N ALA L 248 22.02 14.27 56.90
CA ALA L 248 22.01 15.72 57.14
C ALA L 248 22.73 16.49 56.02
N GLU L 249 23.91 16.02 55.62
CA GLU L 249 24.63 16.64 54.50
C GLU L 249 23.84 16.61 53.17
N ILE L 250 23.21 15.47 52.89
CA ILE L 250 22.33 15.31 51.74
C ILE L 250 21.13 16.27 51.84
N ASN L 251 20.49 16.32 53.02
CA ASN L 251 19.29 17.13 53.20
C ASN L 251 19.57 18.65 53.23
N ALA L 252 20.83 19.02 53.39
CA ALA L 252 21.23 20.43 53.38
C ALA L 252 21.36 21.01 51.94
N LYS L 253 21.18 20.18 50.93
CA LYS L 253 21.28 20.60 49.53
C LYS L 253 19.90 20.78 48.90
N SER L 254 19.86 21.47 47.76
CA SER L 254 18.64 21.63 46.98
C SER L 254 18.00 20.24 46.69
N PRO L 255 16.80 20.00 47.21
CA PRO L 255 16.07 18.76 46.94
C PRO L 255 15.92 18.49 45.45
N GLN L 256 15.62 19.55 44.69
CA GLN L 256 15.40 19.44 43.27
C GLN L 256 16.69 18.95 42.57
N ALA L 257 17.81 19.56 42.92
CA ALA L 257 19.11 19.11 42.41
C ALA L 257 19.40 17.63 42.77
N GLN L 258 19.15 17.21 44.02
CA GLN L 258 19.42 15.82 44.44
C GLN L 258 18.60 14.76 43.63
N ARG L 259 17.32 15.03 43.51
CA ARG L 259 16.38 14.36 42.64
C ARG L 259 16.93 14.20 41.18
N MET L 260 17.28 15.32 40.55
CA MET L 260 17.83 15.27 39.18
C MET L 260 19.13 14.44 39.14
N LEU L 261 19.96 14.57 40.16
CA LEU L 261 21.24 13.88 40.16
C LEU L 261 21.05 12.39 40.28
N LYS L 262 20.17 11.97 41.20
CA LYS L 262 19.87 10.53 41.34
C LYS L 262 19.44 9.95 39.98
N PHE L 263 18.47 10.58 39.35
CA PHE L 263 18.00 10.13 38.04
C PHE L 263 19.05 10.31 36.93
N ALA L 264 19.91 11.32 37.03
CA ALA L 264 21.04 11.38 36.11
C ALA L 264 21.99 10.16 36.28
N PHE L 265 22.27 9.77 37.53
CA PHE L 265 23.13 8.61 37.76
C PHE L 265 22.50 7.32 37.23
N ASN L 266 21.19 7.16 37.40
CA ASN L 266 20.48 5.98 36.99
C ASN L 266 20.33 5.91 35.48
N LEU L 267 20.32 7.08 34.83
CA LEU L 267 19.72 7.20 33.47
C LEU L 267 20.14 6.16 32.46
N LEU L 268 21.36 6.25 31.91
CA LEU L 268 21.78 5.31 30.86
C LEU L 268 21.75 3.84 31.29
N ASP L 269 22.23 3.53 32.49
CA ASP L 269 22.17 2.18 33.00
C ASP L 269 20.76 1.58 32.96
N ASP L 270 19.73 2.41 33.16
CA ASP L 270 18.35 1.94 33.19
C ASP L 270 17.61 2.13 31.88
N GLY L 271 18.34 2.41 30.80
CA GLY L 271 17.72 2.56 29.48
C GLY L 271 16.48 3.47 29.49
N LEU L 272 15.43 3.04 28.79
CA LEU L 272 14.17 3.79 28.69
C LEU L 272 13.55 4.15 30.03
N VAL L 273 13.71 3.29 31.03
CA VAL L 273 13.14 3.56 32.34
C VAL L 273 13.90 4.69 32.99
N GLY L 274 15.22 4.65 32.91
CA GLY L 274 16.04 5.75 33.36
C GLY L 274 15.70 7.03 32.63
N GLN L 275 15.55 7.00 31.30
CA GLN L 275 15.16 8.21 30.56
C GLN L 275 13.79 8.69 31.02
N GLN L 276 12.86 7.74 31.20
CA GLN L 276 11.52 8.07 31.65
C GLN L 276 11.51 8.90 32.94
N LEU L 277 12.32 8.46 33.90
CA LEU L 277 12.39 9.10 35.22
C LEU L 277 13.08 10.46 35.19
N PHE L 278 14.20 10.57 34.49
CA PHE L 278 14.88 11.86 34.34
C PHE L 278 14.08 12.86 33.55
N ALA L 279 13.58 12.43 32.40
CA ALA L 279 12.71 13.26 31.55
C ALA L 279 11.45 13.69 32.29
N GLY L 280 10.89 12.78 33.09
CA GLY L 280 9.76 13.13 33.94
C GLY L 280 10.03 14.32 34.86
N GLU L 281 11.24 14.40 35.41
CA GLU L 281 11.58 15.56 36.24
C GLU L 281 11.78 16.79 35.38
N ALA L 282 12.27 16.60 34.14
CA ALA L 282 12.47 17.72 33.22
C ALA L 282 11.11 18.30 32.86
N THR L 283 10.19 17.41 32.56
CA THR L 283 8.80 17.76 32.30
C THR L 283 8.22 18.62 33.43
N ARG L 284 8.36 18.15 34.67
CA ARG L 284 7.91 18.93 35.85
C ARG L 284 8.56 20.33 35.88
N LEU L 285 9.86 20.41 35.64
CA LEU L 285 10.55 21.70 35.62
C LEU L 285 9.95 22.63 34.56
N ALA L 286 9.71 22.09 33.37
CA ALA L 286 9.13 22.86 32.28
C ALA L 286 7.76 23.43 32.63
N TYR L 287 6.94 22.63 33.29
CA TYR L 287 5.57 23.02 33.67
C TYR L 287 5.53 24.31 34.50
N MET L 288 6.57 24.52 35.30
CA MET L 288 6.65 25.65 36.18
C MET L 288 7.02 26.97 35.45
N THR L 289 7.50 26.86 34.22
CA THR L 289 8.02 28.02 33.47
C THR L 289 6.90 28.91 32.91
N ASP L 290 7.24 30.14 32.55
CA ASP L 290 6.29 31.08 31.97
C ASP L 290 5.81 30.62 30.59
N GLU L 291 6.77 30.11 29.80
CA GLU L 291 6.46 29.53 28.50
C GLU L 291 5.37 28.46 28.58
N ALA L 292 5.48 27.55 29.53
CA ALA L 292 4.47 26.50 29.68
C ALA L 292 3.12 27.00 30.18
N VAL L 293 3.12 28.11 30.93
CA VAL L 293 1.86 28.73 31.34
C VAL L 293 1.16 29.32 30.13
N GLU L 294 1.90 30.05 29.28
CA GLU L 294 1.36 30.57 28.02
C GLU L 294 0.69 29.49 27.16
N GLY L 295 1.35 28.34 27.01
CA GLY L 295 0.80 27.23 26.24
C GLY L 295 -0.49 26.70 26.84
N ARG L 296 -0.53 26.63 28.16
CA ARG L 296 -1.67 26.14 28.92
C ARG L 296 -2.84 27.13 28.88
N ASP L 297 -2.51 28.42 28.99
CA ASP L 297 -3.49 29.51 28.93
C ASP L 297 -4.23 29.47 27.60
N ALA L 298 -3.45 29.60 26.52
CA ALA L 298 -3.98 29.68 25.16
C ALA L 298 -4.85 28.48 24.75
N PHE L 299 -4.63 27.30 25.35
CA PHE L 299 -5.50 26.16 25.07
C PHE L 299 -6.88 26.36 25.72
N LEU L 300 -6.88 26.76 26.98
CA LEU L 300 -8.12 27.02 27.72
C LEU L 300 -8.89 28.21 27.13
N GLN L 301 -8.16 29.27 26.79
CA GLN L 301 -8.72 30.50 26.21
C GLN L 301 -9.02 30.39 24.69
N LYS L 302 -8.79 29.20 24.12
CA LYS L 302 -9.03 28.91 22.70
C LYS L 302 -8.34 29.83 21.69
N ARG L 303 -7.36 30.61 22.16
CA ARG L 303 -6.56 31.50 21.30
C ARG L 303 -5.25 30.81 20.81
N PRO L 304 -4.56 31.40 19.83
CA PRO L 304 -3.20 31.00 19.49
C PRO L 304 -2.18 31.42 20.57
N PRO L 305 -1.20 30.56 20.90
CA PRO L 305 -0.15 30.92 21.85
C PRO L 305 0.87 31.89 21.26
N ASP L 306 1.43 32.76 22.10
CA ASP L 306 2.49 33.66 21.68
C ASP L 306 3.84 33.28 22.31
N TRP L 307 4.79 32.89 21.47
CA TRP L 307 6.08 32.39 21.93
C TRP L 307 7.19 33.44 21.79
N SER L 308 6.81 34.65 21.40
CA SER L 308 7.74 35.78 21.19
C SER L 308 8.63 36.16 22.38
N PRO L 309 8.08 36.20 23.61
CA PRO L 309 8.87 36.59 24.79
C PRO L 309 10.02 35.63 25.12
N PHE L 310 9.88 34.35 24.74
CA PHE L 310 10.81 33.28 25.12
C PHE L 310 11.79 32.90 24.01
N PRO L 311 13.08 33.05 24.27
CA PRO L 311 14.08 32.93 23.20
C PRO L 311 14.46 31.47 22.90
N ARG L 312 15.12 31.26 21.78
CA ARG L 312 15.61 29.94 21.41
C ARG L 312 17.04 29.76 21.92
N TYR L 313 17.16 29.34 23.17
CA TYR L 313 18.45 29.07 23.82
C TYR L 313 19.23 27.97 23.08
N PHE L 314 20.56 28.06 23.11
CA PHE L 314 21.42 27.14 22.36
C PHE L 314 22.65 26.63 23.14
N1A CAA M . -56.62 -13.38 -18.56
C2A CAA M . -57.75 -13.98 -18.23
N3A CAA M . -58.78 -14.20 -19.00
C4A CAA M . -58.63 -13.76 -20.27
C5A CAA M . -57.50 -13.13 -20.75
C6A CAA M . -56.44 -12.93 -19.82
N6A CAA M . -55.32 -12.34 -20.17
N7A CAA M . -57.73 -12.85 -22.08
C8A CAA M . -58.90 -13.24 -22.49
N9A CAA M . -59.46 -13.80 -21.37
C1B CAA M . -60.81 -14.41 -21.28
C2B CAA M . -61.95 -13.37 -21.01
O2B CAA M . -62.32 -13.13 -19.61
C3B CAA M . -63.16 -13.77 -21.86
O3B CAA M . -63.80 -14.61 -20.91
P3B CAA M . -65.31 -14.76 -20.66
O7A CAA M . -65.44 -15.11 -19.17
O8A CAA M . -66.04 -13.45 -20.94
O9A CAA M . -65.84 -15.88 -21.55
C4B CAA M . -62.66 -14.83 -22.83
O4B CAA M . -61.32 -15.15 -22.41
C5B CAA M . -62.66 -14.21 -24.20
O5B CAA M . -62.00 -12.98 -24.19
P1A CAA M . -62.55 -11.73 -24.87
O1A CAA M . -64.06 -11.61 -24.62
O2A CAA M . -61.86 -10.46 -24.32
O3A CAA M . -62.23 -11.97 -26.37
P2A CAA M . -61.73 -10.87 -27.38
O4A CAA M . -61.53 -11.51 -28.76
O5A CAA M . -62.74 -9.68 -27.48
O6A CAA M . -60.39 -10.31 -26.80
CBP CAA M . -58.04 -10.00 -26.37
CCP CAA M . -59.09 -10.77 -27.17
CDP CAA M . -57.81 -8.65 -27.04
CEP CAA M . -56.76 -10.86 -26.35
CAP CAA M . -58.54 -9.70 -24.92
OAP CAA M . -59.04 -10.93 -24.27
C9P CAA M . -57.47 -9.07 -24.04
O9P CAA M . -57.29 -7.86 -24.09
N8P CAA M . -56.73 -9.92 -23.19
C7P CAA M . -56.22 -9.51 -21.94
C6P CAA M . -55.50 -8.18 -22.04
C5P CAA M . -54.67 -7.88 -20.79
O5P CAA M . -55.25 -7.64 -19.74
N4P CAA M . -53.29 -7.94 -20.95
C3P CAA M . -52.56 -9.13 -21.09
C2P CAA M . -52.64 -9.93 -19.82
S1P CAA M . -51.42 -9.61 -18.47
C1 CAA M . -49.76 -9.93 -18.92
O1 CAA M . -49.49 -10.13 -20.10
C2 CAA M . -48.73 -9.97 -17.83
C3 CAA M . -47.60 -10.93 -17.73
O3 CAA M . -46.98 -11.26 -18.69
C4 CAA M . -47.11 -11.59 -16.47
N1A CAA N . -32.96 30.09 -41.79
C2A CAA N . -33.32 31.29 -42.21
N3A CAA N . -34.24 31.55 -43.13
C4A CAA N . -34.82 30.44 -43.65
C5A CAA N . -34.52 29.16 -43.30
C6A CAA N . -33.52 28.98 -42.29
N6A CAA N . -33.13 27.79 -41.85
N7A CAA N . -35.31 28.32 -44.03
C8A CAA N . -36.10 28.98 -44.85
N9A CAA N . -35.78 30.28 -44.60
C1B CAA N . -36.40 31.45 -45.29
C2B CAA N . -35.72 31.83 -46.65
O2B CAA N . -34.64 32.80 -46.60
C3B CAA N . -36.83 32.24 -47.62
O3B CAA N . -36.86 33.64 -47.34
P3B CAA N . -37.03 34.82 -48.32
O7A CAA N . -36.26 35.98 -47.73
O8A CAA N . -36.49 34.43 -49.70
O9A CAA N . -38.49 35.20 -48.40
C4B CAA N . -38.15 31.84 -46.94
O4B CAA N . -37.80 31.40 -45.62
C5B CAA N . -38.72 30.70 -47.72
O5B CAA N . -37.77 29.69 -47.92
P1A CAA N . -37.51 29.02 -49.24
O1A CAA N . -37.57 30.05 -50.37
O2A CAA N . -36.13 28.32 -49.23
O3A CAA N . -38.69 27.98 -49.33
P2A CAA N . -38.58 26.52 -49.90
O4A CAA N . -39.97 25.86 -49.81
O5A CAA N . -38.08 26.50 -51.35
O6A CAA N . -37.53 25.78 -49.04
CBP CAA N . -36.55 24.47 -47.26
CCP CAA N . -37.83 25.00 -47.87
CDP CAA N . -36.07 23.23 -48.02
CEP CAA N . -36.91 24.15 -45.80
CAP CAA N . -35.39 25.53 -47.35
OAP CAA N . -35.85 26.82 -46.84
C9P CAA N . -34.14 25.13 -46.59
O9P CAA N . -33.33 24.37 -47.09
N8P CAA N . -33.94 25.66 -45.30
C7P CAA N . -32.69 25.86 -44.70
C6P CAA N . -31.74 24.69 -44.92
C5P CAA N . -30.49 24.83 -44.07
O5P CAA N . -29.69 25.72 -44.33
N4P CAA N . -30.37 23.90 -43.04
C3P CAA N . -31.12 23.95 -41.85
C2P CAA N . -30.78 25.15 -41.06
S1P CAA N . -29.35 25.11 -39.89
C1 CAA N . -29.57 23.96 -38.57
O1 CAA N . -30.51 23.16 -38.63
C2 CAA N . -28.63 24.02 -37.41
C3 CAA N . -28.99 23.85 -35.97
O3 CAA N . -29.78 23.05 -35.61
C4 CAA N . -28.40 24.67 -34.85
N1A CAA O . -16.41 -20.32 -55.28
C2A CAA O . -15.99 -20.94 -56.36
N3A CAA O . -16.66 -21.10 -57.48
C4A CAA O . -17.93 -20.60 -57.46
C5A CAA O . -18.48 -19.96 -56.38
C6A CAA O . -17.66 -19.82 -55.22
N6A CAA O . -18.04 -19.22 -54.11
N7A CAA O . -19.75 -19.58 -56.73
C8A CAA O . -20.06 -19.95 -57.96
N9A CAA O . -18.93 -20.57 -58.40
C1B CAA O . -18.74 -21.20 -59.74
C2B CAA O . -19.31 -22.65 -59.83
O2B CAA O . -18.39 -23.73 -59.54
C3B CAA O . -19.96 -22.79 -61.21
O3B CAA O . -18.83 -23.26 -61.95
P3B CAA O . -18.77 -24.34 -63.03
O7A CAA O . -17.40 -25.03 -62.92
O8A CAA O . -19.88 -25.39 -62.78
O9A CAA O . -18.88 -23.70 -64.41
C4B CAA O . -20.02 -21.39 -61.80
O4B CAA O . -19.28 -20.56 -60.91
C5B CAA O . -21.48 -21.01 -61.85
O5B CAA O . -22.10 -21.19 -60.62
P1A CAA O . -23.42 -21.91 -60.43
O1A CAA O . -23.53 -23.11 -61.37
O2A CAA O . -23.59 -22.40 -58.96
O3A CAA O . -24.46 -20.80 -60.77
P2A CAA O . -25.82 -20.53 -60.04
O4A CAA O . -26.56 -19.40 -60.75
O5A CAA O . -26.69 -21.80 -60.07
O6A CAA O . -25.53 -20.21 -58.54
CBP CAA O . -24.88 -19.05 -56.53
CCP CAA O . -25.24 -18.91 -58.00
CDP CAA O . -26.17 -19.22 -55.72
CEP CAA O . -24.13 -17.77 -56.14
CAP CAA O . -23.98 -20.32 -56.25
OAP CAA O . -22.85 -20.34 -57.16
C9P CAA O . -23.46 -20.40 -54.83
O9P CAA O . -24.17 -20.87 -53.94
N8P CAA O . -22.15 -19.92 -54.58
C7P CAA O . -21.31 -20.40 -53.57
C6P CAA O . -22.03 -20.58 -52.24
C5P CAA O . -21.06 -20.81 -51.07
O5P CAA O . -20.47 -21.88 -50.99
N4P CAA O . -20.95 -19.76 -50.18
C3P CAA O . -20.23 -18.58 -50.42
C2P CAA O . -18.78 -18.85 -50.62
S1P CAA O . -17.65 -18.92 -49.17
C1 CAA O . -17.57 -17.41 -48.25
O1 CAA O . -18.39 -16.54 -48.50
C2 CAA O . -16.51 -17.27 -47.21
C3 CAA O . -15.68 -16.06 -46.97
O3 CAA O . -16.14 -14.97 -47.03
C4 CAA O . -14.21 -16.05 -46.64
N1A CAA P . -9.11 -31.95 -12.61
C2A CAA P . -8.79 -33.14 -12.16
N3A CAA P . -7.95 -33.41 -11.19
C4A CAA P . -7.41 -32.29 -10.62
C5A CAA P . -7.67 -31.01 -11.00
C6A CAA P . -8.59 -30.83 -12.08
N6A CAA P . -8.94 -29.66 -12.56
N7A CAA P . -6.93 -30.17 -10.21
C8A CAA P . -6.20 -30.84 -9.34
N9A CAA P . -6.51 -32.14 -9.61
C1B CAA P . -5.95 -33.32 -8.90
C2B CAA P . -4.55 -33.78 -9.44
O2B CAA P . -4.58 -34.80 -10.47
C3B CAA P . -3.70 -34.18 -8.23
O3B CAA P . -4.07 -35.56 -8.17
P3B CAA P . -3.15 -36.76 -7.83
O7A CAA P . -3.69 -37.91 -8.69
O8A CAA P . -1.70 -36.46 -8.29
O9A CAA P . -3.21 -37.02 -6.33
C4B CAA P . -4.47 -33.70 -7.01
O4B CAA P . -5.75 -33.24 -7.47
C5B CAA P . -3.65 -32.60 -6.40
O5B CAA P . -3.38 -31.59 -7.33
P1A CAA P . -2.02 -30.98 -7.52
O1A CAA P . -0.96 -32.09 -7.34
O2A CAA P . -1.84 -30.33 -8.93
O3A CAA P . -1.93 -29.92 -6.40
P2A CAA P . -1.28 -28.49 -6.50
O4A CAA P . -1.44 -27.77 -5.15
O5A CAA P . 0.20 -28.57 -6.89
O6A CAA P . -2.05 -27.78 -7.65
CBP CAA P . -3.71 -26.42 -8.83
CCP CAA P . -3.23 -26.94 -7.47
CDP CAA P . -2.84 -25.24 -9.28
CEP CAA P . -5.17 -26.02 -8.63
CAP CAA P . -3.56 -27.53 -9.93
OAP CAA P . -4.14 -28.78 -9.47
C9P CAA P . -4.17 -27.12 -11.25
O9P CAA P . -3.52 -26.43 -12.03
N8P CAA P . -5.49 -27.55 -11.55
C7P CAA P . -5.95 -27.86 -12.83
C6P CAA P . -5.59 -26.76 -13.83
C5P CAA P . -6.35 -26.91 -15.14
O5P CAA P . -6.09 -27.84 -15.87
N4P CAA P . -7.32 -25.94 -15.38
C3P CAA P . -8.57 -25.89 -14.74
C2P CAA P . -9.39 -27.08 -15.09
S1P CAA P . -10.44 -27.06 -16.61
C1 CAA P . -11.72 -25.84 -16.56
O1 CAA P . -11.69 -25.00 -15.67
C2 CAA P . -12.79 -25.89 -17.61
C3 CAA P . -14.23 -25.66 -17.37
O3 CAA P . -14.61 -24.79 -16.66
C4 CAA P . -15.34 -26.44 -18.00
N1A CAA Q . 8.30 16.86 -30.23
C2A CAA Q . 9.46 17.38 -30.58
N3A CAA Q . 10.52 17.49 -29.83
C4A CAA Q . 10.37 17.00 -28.58
C5A CAA Q . 9.24 16.42 -28.10
C6A CAA Q . 8.12 16.36 -28.99
N6A CAA Q . 6.96 15.83 -28.67
N7A CAA Q . 9.49 16.05 -26.80
C8A CAA Q . 10.70 16.34 -26.42
N9A CAA Q . 11.24 16.94 -27.53
C1B CAA Q . 12.62 17.48 -27.61
C2B CAA Q . 12.76 18.94 -27.05
O2B CAA Q . 12.59 20.03 -27.98
C3B CAA Q . 14.08 19.02 -26.30
O3B CAA Q . 14.92 19.40 -27.39
P3B CAA Q . 16.10 20.39 -27.36
O7A CAA Q . 16.16 21.07 -28.73
O8A CAA Q . 15.85 21.48 -26.29
O9A CAA Q . 17.38 19.63 -27.08
C4B CAA Q . 14.58 17.59 -26.18
O4B CAA Q . 13.70 16.78 -26.98
C5B CAA Q . 14.49 17.24 -24.72
O5B CAA Q . 13.21 17.49 -24.20
P1A CAA Q . 12.96 18.21 -22.89
O1A CAA Q . 13.99 19.33 -22.68
O2A CAA Q . 11.55 18.81 -22.85
O3A CAA Q . 13.16 17.04 -21.84
P2A CAA Q . 12.34 16.81 -20.53
O4A CAA Q . 12.90 15.58 -19.78
O5A CAA Q . 12.42 18.02 -19.58
O6A CAA Q . 10.86 16.63 -20.95
CBP CAA Q . 8.82 15.59 -21.69
CCP CAA Q . 10.24 15.37 -21.21
CDP CAA Q . 7.93 15.82 -20.48
CEP CAA Q . 8.41 14.32 -22.46
CAP CAA Q . 8.71 16.86 -22.62
OAP CAA Q . 9.69 16.79 -23.68
C9P CAA Q . 7.36 17.05 -23.26
O9P CAA Q . 6.49 17.62 -22.63
N8P CAA Q . 7.15 16.57 -24.59
C7P CAA Q . 6.27 17.15 -25.52
C6P CAA Q . 4.89 17.39 -24.90
C5P CAA Q . 3.84 17.68 -25.95
O5P CAA Q . 3.89 18.72 -26.58
N4P CAA Q . 2.88 16.68 -26.11
C3P CAA Q . 3.09 15.47 -26.81
C2P CAA Q . 3.38 15.74 -28.24
S1P CAA Q . 1.98 15.91 -29.43
C1 CAA Q . 1.02 14.42 -29.59
O1 CAA Q . 1.18 13.51 -28.77
C2 CAA Q . 0.04 14.32 -30.73
C3 CAA Q . -0.21 13.12 -31.55
O3 CAA Q . -0.27 12.02 -31.06
C4 CAA Q . -0.41 13.11 -33.05
N1A CAA R . -31.95 13.87 6.77
C2A CAA R . -32.33 14.54 7.83
N3A CAA R . -31.64 14.77 8.93
C4A CAA R . -30.38 14.24 8.88
C5A CAA R . -29.86 13.54 7.84
C6A CAA R . -30.71 13.34 6.70
N6A CAA R . -30.35 12.69 5.60
N7A CAA R . -28.58 13.18 8.17
C8A CAA R . -28.24 13.60 9.36
N9A CAA R . -29.36 14.25 9.80
C1B CAA R . -29.52 14.92 11.12
C2B CAA R . -29.95 13.97 12.28
O2B CAA R . -31.38 13.85 12.52
C3B CAA R . -29.19 14.37 13.54
O3B CAA R . -30.12 15.32 14.07
P3B CAA R . -30.50 15.58 15.55
O7A CAA R . -31.95 16.04 15.59
O8A CAA R . -30.31 14.28 16.38
O9A CAA R . -29.59 16.68 16.12
C4B CAA R . -28.11 15.35 13.06
O4B CAA R . -28.39 15.62 11.68
C5B CAA R . -26.77 14.65 13.23
O5B CAA R . -26.72 13.40 12.60
P1A CAA R . -26.23 12.12 13.27
O1A CAA R . -26.64 12.11 14.75
O2A CAA R . -26.82 10.85 12.62
O3A CAA R . -24.69 12.24 13.11
P2A CAA R . -23.69 11.11 12.72
O4A CAA R . -22.28 11.68 12.60
O5A CAA R . -23.71 9.95 13.73
O6A CAA R . -24.21 10.52 11.38
CBP CAA R . -24.49 10.09 9.01
CCP CAA R . -23.72 10.86 10.07
CDP CAA R . -23.89 8.70 8.86
CEP CAA R . -24.35 10.89 7.71
CAP CAA R . -25.99 9.89 9.42
OAP CAA R . -26.57 11.17 9.82
C9P CAA R . -26.83 9.27 8.30
O9P CAA R . -26.83 8.05 8.18
N8P CAA R . -27.59 10.12 7.45
C7P CAA R . -28.81 9.75 6.86
C6P CAA R . -28.74 8.38 6.21
C5P CAA R . -29.92 8.12 5.28
O5P CAA R . -31.04 7.97 5.77
N4P CAA R . -29.64 8.09 3.92
C3P CAA R . -29.38 9.23 3.15
C2P CAA R . -30.59 10.10 3.08
S1P CAA R . -31.88 9.80 1.81
C1 CAA R . -31.29 10.01 0.15
O1 CAA R . -30.09 10.13 -0.04
C2 CAA R . -32.26 10.02 -0.98
C3 CAA R . -32.21 10.94 -2.16
O3 CAA R . -31.18 11.17 -2.74
C4 CAA R . -33.40 11.65 -2.75
N1A CAA S . 10.21 -31.20 13.54
C2A CAA S . 9.93 -32.41 13.10
N3A CAA S . 9.12 -32.72 12.11
C4A CAA S . 8.54 -31.63 11.53
C5A CAA S . 8.76 -30.34 11.90
C6A CAA S . 9.66 -30.11 12.98
N6A CAA S . 9.96 -28.92 13.46
N7A CAA S . 8.00 -29.54 11.09
C8A CAA S . 7.31 -30.23 10.21
N9A CAA S . 7.65 -31.52 10.49
C1B CAA S . 7.15 -32.73 9.78
C2B CAA S . 5.78 -33.24 10.30
O2B CAA S . 5.84 -34.28 11.35
C3B CAA S . 4.95 -33.66 9.09
O3B CAA S . 5.36 -35.02 9.01
P3B CAA S . 4.52 -36.24 8.66
O7A CAA S . 5.10 -37.40 9.47
O8A CAA S . 3.05 -35.97 9.08
O9A CAA S . 4.60 -36.56 7.17
C4B CAA S . 5.72 -33.18 7.86
O4B CAA S . 6.97 -32.68 8.37
C5B CAA S . 4.87 -32.11 7.24
O5B CAA S . 4.52 -31.11 8.16
P1A CAA S . 3.12 -30.57 8.34
O1A CAA S . 2.09 -31.67 8.13
O2A CAA S . 2.95 -29.98 9.78
O3A CAA S . 3.07 -29.48 7.22
P2A CAA S . 2.38 -28.09 7.32
O4A CAA S . 2.49 -27.37 5.96
O5A CAA S . 0.88 -28.22 7.69
O6A CAA S . 3.08 -27.32 8.47
CBP CAA S . 4.60 -25.88 9.64
CCP CAA S . 4.14 -26.38 8.27
CDP CAA S . 3.68 -24.74 10.08
CEP CAA S . 6.06 -25.42 9.46
CAP CAA S . 4.51 -27.00 10.73
OAP CAA S . 5.14 -28.23 10.28
C9P CAA S . 5.10 -26.58 12.06
O9P CAA S . 4.44 -25.91 12.82
N8P CAA S . 6.42 -27.01 12.39
C7P CAA S . 6.87 -27.27 13.69
C6P CAA S . 6.47 -26.18 14.68
C5P CAA S . 7.24 -26.27 16.00
O5P CAA S . 7.01 -27.19 16.75
N4P CAA S . 8.18 -25.27 16.23
C3P CAA S . 9.42 -25.19 15.58
C2P CAA S . 10.28 -26.35 15.97
S1P CAA S . 11.29 -26.25 17.51
C1 CAA S . 12.54 -24.97 17.45
O1 CAA S . 12.51 -24.14 16.55
C2 CAA S . 13.58 -24.97 18.53
C3 CAA S . 15.04 -24.69 18.31
O3 CAA S . 15.39 -23.82 17.58
C4 CAA S . 16.17 -25.43 18.96
N1A CAA T . -8.62 17.89 29.46
C2A CAA T . -9.78 18.43 29.78
N3A CAA T . -10.85 18.50 29.02
C4A CAA T . -10.69 17.93 27.79
C5A CAA T . -9.54 17.34 27.35
C6A CAA T . -8.43 17.32 28.25
N6A CAA T . -7.24 16.78 27.98
N7A CAA T . -9.78 16.90 26.06
C8A CAA T . -11.00 17.16 25.65
N9A CAA T . -11.54 17.81 26.73
C1B CAA T . -12.92 18.34 26.80
C2B CAA T . -13.08 19.78 26.16
O2B CAA T . -12.97 20.91 27.06
C3B CAA T . -14.39 19.79 25.38
O3B CAA T . -15.23 20.23 26.44
P3B CAA T . -16.45 21.19 26.39
O7A CAA T . -16.52 21.88 27.73
O8A CAA T . -16.22 22.24 25.28
O9A CAA T . -17.72 20.39 26.15
C4B CAA T . -14.87 18.35 25.33
O4B CAA T . -13.98 17.61 26.18
C5B CAA T . -14.77 17.89 23.90
O5B CAA T . -13.52 18.15 23.35
P1A CAA T . -13.27 18.84 22.03
O1A CAA T . -14.30 19.96 21.80
O2A CAA T . -11.85 19.46 22.01
O3A CAA T . -13.44 17.68 21.00
P2A CAA T . -12.58 17.40 19.74
O4A CAA T . -13.16 16.15 19.05
O5A CAA T . -12.61 18.60 18.76
O6A CAA T . -11.10 17.22 20.17
CBP CAA T . -9.03 16.25 20.97
CCP CAA T . -10.46 15.98 20.49
CDP CAA T . -8.13 16.47 19.77
CEP CAA T . -8.62 15.00 21.78
CAP CAA T . -8.95 17.55 21.86
OAP CAA T . -9.97 17.54 22.90
C9P CAA T . -7.60 17.77 22.52
O9P CAA T . -6.68 18.31 21.90
N8P CAA T . -7.43 17.33 23.86
C7P CAA T . -6.52 17.93 24.76
C6P CAA T . -5.16 18.19 24.13
C5P CAA T . -4.09 18.56 25.16
O5P CAA T . -4.14 19.67 25.70
N4P CAA T . -3.13 17.58 25.38
C3P CAA T . -3.34 16.42 26.12
C2P CAA T . -3.67 16.72 27.54
S1P CAA T . -2.31 16.94 28.77
C1 CAA T . -1.31 15.49 29.00
O1 CAA T . -1.45 14.55 28.22
C2 CAA T . -0.34 15.47 30.14
C3 CAA T . -0.08 14.31 31.02
O3 CAA T . 0.00 13.19 30.58
C4 CAA T . 0.11 14.39 32.52
N1A CAA U . 31.96 14.43 -7.16
C2A CAA U . 32.35 15.07 -8.24
N3A CAA U . 31.64 15.26 -9.33
C4A CAA U . 30.40 14.70 -9.30
C5A CAA U . 29.88 14.01 -8.23
C6A CAA U . 30.73 13.87 -7.08
N6A CAA U . 30.37 13.23 -5.99
N7A CAA U . 28.62 13.62 -8.56
C8A CAA U . 28.28 14.01 -9.76
N9A CAA U . 29.38 14.67 -10.22
C1B CAA U . 29.52 15.31 -11.55
C2B CAA U . 29.99 14.33 -12.67
O2B CAA U . 31.43 14.22 -12.92
C3B CAA U . 29.20 14.66 -13.95
O3B CAA U . 30.09 15.62 -14.49
P3B CAA U . 30.48 15.82 -15.96
O7A CAA U . 31.94 16.30 -15.97
O8A CAA U . 30.35 14.49 -16.72
O9A CAA U . 29.57 16.89 -16.58
C4B CAA U . 28.10 15.63 -13.51
O4B CAA U . 28.39 15.94 -12.15
C5B CAA U . 26.80 14.88 -13.67
O5B CAA U . 26.84 13.64 -13.03
P1A CAA U . 26.32 12.34 -13.65
O1A CAA U . 26.71 12.29 -15.14
O2A CAA U . 26.95 11.11 -12.93
O3A CAA U . 24.80 12.46 -13.46
P2A CAA U . 23.83 11.30 -13.05
O4A CAA U . 22.38 11.81 -13.00
O5A CAA U . 23.93 10.11 -14.04
O6A CAA U . 24.35 10.77 -11.68
CBP CAA U . 24.64 10.40 -9.31
CCP CAA U . 23.87 11.15 -10.39
CDP CAA U . 24.04 9.01 -9.12
CEP CAA U . 24.49 11.26 -8.04
CAP CAA U . 26.15 10.23 -9.70
OAP CAA U . 26.70 11.52 -10.10
C9P CAA U . 27.00 9.67 -8.56
O9P CAA U . 27.05 8.45 -8.37
N8P CAA U . 27.72 10.57 -7.75
C7P CAA U . 28.94 10.27 -7.12
C6P CAA U . 28.91 8.91 -6.44
C5P CAA U . 30.10 8.73 -5.49
O5P CAA U . 31.21 8.58 -5.96
N4P CAA U . 29.78 8.74 -4.14
C3P CAA U . 29.50 9.90 -3.40
C2P CAA U . 30.69 10.80 -3.36
S1P CAA U . 31.95 10.57 -2.04
C1 CAA U . 31.32 10.81 -0.40
O1 CAA U . 30.12 10.88 -0.25
C2 CAA U . 32.32 10.91 0.73
C3 CAA U . 32.23 11.87 1.86
O3 CAA U . 31.20 12.12 2.42
C4 CAA U . 33.40 12.61 2.47
N1A CAA V . 57.07 -11.40 19.37
C2A CAA V . 58.20 -12.00 19.07
N3A CAA V . 59.23 -12.17 19.85
C4A CAA V . 59.06 -11.64 21.10
C5A CAA V . 57.95 -11.00 21.53
C6A CAA V . 56.88 -10.88 20.59
N6A CAA V . 55.73 -10.30 20.84
N7A CAA V . 58.16 -10.62 22.84
C8A CAA V . 59.35 -10.97 23.26
N9A CAA V . 59.90 -11.60 22.18
C1B CAA V . 61.26 -12.19 22.13
C2B CAA V . 62.39 -11.16 21.81
O2B CAA V . 62.74 -10.96 20.40
C3B CAA V . 63.60 -11.51 22.69
O3B CAA V . 64.29 -12.39 21.80
P3B CAA V . 65.79 -12.52 21.54
O7A CAA V . 65.95 -12.93 20.07
O8A CAA V . 66.48 -11.16 21.75
O9A CAA V . 66.37 -13.61 22.44
C4B CAA V . 63.10 -12.53 23.70
O4B CAA V . 61.77 -12.87 23.28
C5B CAA V . 63.10 -11.89 25.06
O5B CAA V . 62.43 -10.68 25.04
P1A CAA V . 62.99 -9.38 25.60
O1A CAA V . 64.50 -9.31 25.36
O2A CAA V . 62.32 -8.14 24.95
O3A CAA V . 62.66 -9.51 27.13
P2A CAA V . 62.12 -8.37 28.07
O4A CAA V . 62.01 -8.96 29.48
O5A CAA V . 63.07 -7.16 28.07
O6A CAA V . 60.78 -7.87 27.48
CBP CAA V . 58.43 -7.60 27.00
CCP CAA V . 59.47 -8.34 27.84
CDP CAA V . 58.16 -6.22 27.61
CEP CAA V . 57.16 -8.45 26.97
CAP CAA V . 58.95 -7.34 25.53
OAP CAA V . 59.49 -8.56 24.97
C9P CAA V . 57.88 -6.78 24.60
O9P CAA V . 57.65 -5.58 24.58
N8P CAA V . 57.17 -7.69 23.77
C7P CAA V . 56.62 -7.35 22.52
C6P CAA V . 55.92 -5.99 22.55
C5P CAA V . 55.07 -5.76 21.30
O5P CAA V . 55.64 -5.53 20.24
N4P CAA V . 53.68 -5.83 21.48
C3P CAA V . 52.97 -7.03 21.65
C2P CAA V . 53.05 -7.90 20.44
S1P CAA V . 51.87 -7.66 19.05
C1 CAA V . 50.19 -7.96 19.50
O1 CAA V . 49.93 -8.08 20.69
C2 CAA V . 49.16 -8.07 18.42
C3 CAA V . 48.04 -9.04 18.36
O3 CAA V . 47.40 -9.32 19.33
C4 CAA V . 47.58 -9.77 17.13
N1A CAA W . 32.02 32.19 41.22
C2A CAA W . 32.34 33.39 41.63
N3A CAA W . 33.19 33.69 42.58
C4A CAA W . 33.80 32.62 43.16
C5A CAA W . 33.55 31.32 42.81
C6A CAA W . 32.61 31.10 41.78
N6A CAA W . 32.27 29.90 41.32
N7A CAA W . 34.34 30.52 43.61
C8A CAA W . 35.07 31.23 44.45
N9A CAA W . 34.73 32.51 44.15
C1B CAA W . 35.29 33.72 44.82
C2B CAA W . 34.55 34.10 46.15
O2B CAA W . 33.41 35.00 46.01
C3B CAA W . 35.62 34.57 47.15
O3B CAA W . 35.64 35.96 46.84
P3B CAA W . 35.74 37.16 47.81
O7A CAA W . 34.93 38.29 47.17
O8A CAA W . 35.15 36.74 49.18
O9A CAA W . 37.20 37.59 47.94
C4B CAA W . 36.97 34.19 46.51
O4B CAA W . 36.68 33.74 45.17
C5B CAA W . 37.57 33.08 47.32
O5B CAA W . 36.68 32.02 47.46
P1A CAA W . 36.37 31.40 48.81
O1A CAA W . 36.32 32.45 49.94
O2A CAA W . 35.00 30.67 48.79
O3A CAA W . 37.54 30.39 48.98
P2A CAA W . 37.48 28.94 49.55
O4A CAA W . 38.90 28.32 49.57
O5A CAA W . 36.88 28.91 50.96
O6A CAA W . 36.50 28.14 48.65
CBP CAA W . 35.63 26.76 46.89
CCP CAA W . 36.89 27.31 47.55
CDP CAA W . 35.17 25.53 47.65
CEP CAA W . 36.00 26.40 45.42
CAP CAA W . 34.45 27.81 46.94
OAP CAA W . 34.86 29.10 46.42
C9P CAA W . 33.23 27.34 46.16
O9P CAA W . 32.44 26.55 46.68
N8P CAA W . 33.06 27.84 44.84
C7P CAA W . 31.81 28.01 44.22
C6P CAA W . 30.87 26.83 44.42
C5P CAA W . 29.66 26.89 43.51
O5P CAA W . 28.81 27.75 43.71
N4P CAA W . 29.61 25.94 42.49
C3P CAA W . 30.40 26.01 41.33
C2P CAA W . 30.05 27.21 40.53
S1P CAA W . 28.70 27.12 39.28
C1 CAA W . 28.98 25.93 38.00
O1 CAA W . 29.91 25.15 38.11
C2 CAA W . 28.04 25.93 36.83
C3 CAA W . 28.45 25.75 35.41
O3 CAA W . 29.29 24.96 35.09
C4 CAA W . 27.88 26.52 34.24
N1A CAA X . 16.57 -18.01 55.89
C2A CAA X . 16.12 -18.58 56.99
N3A CAA X . 16.77 -18.68 58.14
C4A CAA X . 18.00 -18.13 58.12
C5A CAA X . 18.57 -17.50 57.04
C6A CAA X . 17.79 -17.45 55.86
N6A CAA X . 18.22 -16.87 54.75
N7A CAA X . 19.80 -17.07 57.42
C8A CAA X . 20.09 -17.38 58.66
N9A CAA X . 18.96 -18.03 59.08
C1B CAA X . 18.75 -18.61 60.43
C2B CAA X . 19.36 -20.04 60.61
O2B CAA X . 18.49 -21.17 60.30
C3B CAA X . 19.99 -20.11 62.00
O3B CAA X . 18.86 -20.59 62.72
P3B CAA X . 18.81 -21.64 63.85
O7A CAA X . 17.48 -22.36 63.71
O8A CAA X . 19.96 -22.65 63.69
O9A CAA X . 18.87 -20.92 65.21
C4B CAA X . 19.99 -18.69 62.52
O4B CAA X . 19.26 -17.90 61.57
C5B CAA X . 21.44 -18.26 62.62
O5B CAA X . 22.11 -18.45 61.42
P1A CAA X . 23.44 -19.15 61.29
O1A CAA X . 23.55 -20.30 62.31
O2A CAA X . 23.65 -19.71 59.86
O3A CAA X . 24.43 -17.97 61.61
P2A CAA X . 25.80 -17.67 60.89
O4A CAA X . 26.40 -16.41 61.57
O5A CAA X . 26.74 -18.89 60.95
O6A CAA X . 25.48 -17.43 59.38
CBP CAA X . 24.92 -16.35 57.31
CCP CAA X . 25.22 -16.15 58.78
CDP CAA X . 26.23 -16.51 56.54
CEP CAA X . 24.13 -15.10 56.83
CAP CAA X . 24.08 -17.67 57.07
OAP CAA X . 22.93 -17.71 57.96
C9P CAA X . 23.59 -17.81 55.65
O9P CAA X . 24.32 -18.32 54.81
N8P CAA X . 22.29 -17.35 55.32
C7P CAA X . 21.50 -17.93 54.31
C6P CAA X . 22.25 -18.14 53.01
C5P CAA X . 21.32 -18.46 51.85
O5P CAA X . 20.74 -19.54 51.84
N4P CAA X . 21.18 -17.48 50.88
C3P CAA X . 20.43 -16.31 51.05
C2P CAA X . 18.99 -16.62 51.21
S1P CAA X . 17.92 -16.79 49.70
C1 CAA X . 17.79 -15.30 48.77
O1 CAA X . 18.53 -14.36 49.03
C2 CAA X . 16.76 -15.25 47.68
C3 CAA X . 15.90 -14.08 47.36
O3 CAA X . 16.33 -12.97 47.35
C4 CAA X . 14.45 -14.16 47.00
#